data_6Q4P
#
_entry.id   6Q4P
#
_cell.length_a   146.222
_cell.length_b   162.632
_cell.length_c   245.467
_cell.angle_alpha   90.00
_cell.angle_beta   90.00
_cell.angle_gamma   90.00
#
_symmetry.space_group_name_H-M   'P 21 21 21'
#
loop_
_entity.id
_entity.type
_entity.pdbx_description
1 polymer 'Multidrug efflux pump subunit AcrB'
2 polymer DARPin
3 non-polymer DODECYL-BETA-D-MALTOSIDE
4 non-polymer DODECANE
5 non-polymer DECYLAMINE-N,N-DIMETHYL-N-OXIDE
6 non-polymer GLYCEROL
7 non-polymer HEXANE
8 non-polymer 'FUSIDIC ACID'
9 non-polymer PHOSPHATIDYLETHANOLAMINE
10 non-polymer '(2S)-3-hydroxypropane-1,2-diyl didecanoate'
11 non-polymer N-OCTANE
12 non-polymer 'CHLORIDE ION'
13 non-polymer 'SULFATE ION'
14 non-polymer DECANE
15 non-polymer TETRADECANE
16 non-polymer 2-{2-[2-2-(METHOXY-ETHOXY)-ETHOXY]-ETHOXY}-ETHANOL
17 water water
#
loop_
_entity_poly.entity_id
_entity_poly.type
_entity_poly.pdbx_seq_one_letter_code
_entity_poly.pdbx_strand_id
1 'polypeptide(L)'
;MPNFFIDRPIFAWVIAIIIMLAGGLAILKLPVAQYPTIAPPAVTISASYPGADAKTVQDTVTQVIEQNMNGIDNLMYMSS
NSDSTGTVQITLTFESGTDADIAQVQVQNKLQLAMPLLPQEVQQQGVSVEKSSSSFLMVVGVINTDGTMTQEDISDYVAA
NMKDAISRTSGVGDVQLFGSQYAMRIWMNPNELNKFQLTPVDVITAIKAQNAQVAAGQLGGTPPVKGQQLNASIIAQTRL
TSTEEFGKILLKVNQDGSRVLLRDVAKIELGGENYDIIAEFNGQPASGLGIKLATGAAALDTAAAIRAELAKMEPFFPSG
LKIVYPYDTTPFVKISIHEVVKTLVEAIILVFLVMYLFLQNFRATLIPTIAVPVVLLGTFAVLAAFGFSINTLTMFGMVL
AIGLLVDDAIVVVENVERVMAEEGLPPKEATRKSMGQIQGALVGIAMVLSAVFVPMAFFGGSTGAIYRQFSITIVSAMAL
SVLVALILTPALCATMLKPIAKGDHGEGKKGFFGWFNRMFEKSTHHYTDSVGGILRSTGRYLVLYLIIVVGMAYLFVRLP
SSFLPDEDQGVFMTMVQLPAGATQERTQKVLNEVTHYYLTKEKNNVESVFAVNGFGFAGRGQNTGIAFVSLKDWADRPGE
ENKVEAITMRATRAFSQIKDAMVFAFNLPAIVELGTATGFDFELIDQAGLGHEKLTQARNQLLAEAAKHPDMLTSVRPNG
LEDTPQFKIDIDQEKAQALGVSINDINTTLGAAWGGSYVNDFIDRGRVKKVYVMSEAKYRMLPDDIGDWYVRAADGQMVP
FSAFSSSRWEYGSPRLERYNGLPSMEILGQAAPGKSTGEAMELMEQLASKLPTGVGYDWTGMSYQERLSGNQAPSLYAIS
LIVVFLCLAALYESWSIPFSVMLVVPLGVIGALLAATFRGLTNDVYFQVGLLTTIGLSAKNAILIVEFAKDLMDKEGKGL
IEATLDAVRMRLRPILMTSLAFILGVMPLVISTGAGSGAQNAVGTGVMGGMVTATVLAIFFVPVFFVVVRRRFSRKNEDI
EHSHTVDHHLEHHHHHH
;
A,B,C
2 'polypeptide(L)'
;MRGSHHHHHHGSDLGKKLLEAARAGRDDEVRILMANGADVNAADVVGWTPLHLAAYWGHLEIVEVLLKNGADVNAYDTLG
STPLHLAAHFGHLEIVEVLLKNGADVNAKDDNGITPLHLAANRGHLEIVEVLLKYGADVNAQDKFGKTAFDISINNGNED
LAEILQKLN
;
D,E
#
loop_
_chem_comp.id
_chem_comp.type
_chem_comp.name
_chem_comp.formula
C14 non-polymer TETRADECANE 'C14 H30'
CL non-polymer 'CHLORIDE ION' 'Cl -1'
D10 non-polymer DECANE 'C10 H22'
D12 non-polymer DODECANE 'C12 H26'
DDQ non-polymer DECYLAMINE-N,N-DIMETHYL-N-OXIDE 'C12 H27 N O'
DDR non-polymer '(2S)-3-hydroxypropane-1,2-diyl didecanoate' 'C23 H44 O5'
ETE non-polymer 2-{2-[2-2-(METHOXY-ETHOXY)-ETHOXY]-ETHOXY}-ETHANOL 'C9 H20 O5'
FUA non-polymer 'FUSIDIC ACID' 'C31 H48 O6'
GOL non-polymer GLYCEROL 'C3 H8 O3'
HEX non-polymer HEXANE 'C6 H14'
LMT D-saccharide DODECYL-BETA-D-MALTOSIDE 'C24 H46 O11'
OCT non-polymer N-OCTANE 'C8 H18'
PTY non-polymer PHOSPHATIDYLETHANOLAMINE 'C40 H80 N O8 P'
SO4 non-polymer 'SULFATE ION' 'O4 S -2'
#
# COMPACT_ATOMS: atom_id res chain seq x y z
N MET A 1 37.72 -17.98 -23.51
CA MET A 1 36.33 -17.92 -24.07
C MET A 1 36.37 -17.61 -25.57
N PRO A 2 37.18 -16.65 -26.07
CA PRO A 2 37.28 -16.41 -27.51
C PRO A 2 37.61 -17.67 -28.34
N ASN A 3 38.55 -18.49 -27.87
CA ASN A 3 39.04 -19.71 -28.56
C ASN A 3 37.91 -20.73 -28.68
N PHE A 4 36.95 -20.71 -27.75
CA PHE A 4 35.74 -21.58 -27.77
C PHE A 4 34.83 -21.17 -28.93
N PHE A 5 34.52 -19.87 -29.03
CA PHE A 5 33.47 -19.32 -29.94
C PHE A 5 34.02 -19.09 -31.35
N ILE A 6 35.35 -19.03 -31.52
CA ILE A 6 35.99 -19.00 -32.87
C ILE A 6 35.71 -20.33 -33.58
N ASP A 7 35.73 -21.45 -32.83
CA ASP A 7 35.48 -22.82 -33.35
C ASP A 7 33.97 -23.08 -33.47
N ARG A 8 33.14 -22.32 -32.76
CA ARG A 8 31.64 -22.44 -32.80
C ARG A 8 31.02 -21.09 -33.12
N PRO A 9 31.10 -20.62 -34.39
CA PRO A 9 30.41 -19.41 -34.83
C PRO A 9 28.90 -19.32 -34.52
N ILE A 10 28.17 -20.44 -34.70
CA ILE A 10 26.69 -20.49 -34.57
C ILE A 10 26.29 -20.29 -33.10
N PHE A 11 27.01 -20.94 -32.17
CA PHE A 11 26.83 -20.76 -30.71
C PHE A 11 26.89 -19.26 -30.39
N ALA A 12 27.96 -18.59 -30.83
CA ALA A 12 28.19 -17.14 -30.65
C ALA A 12 27.00 -16.36 -31.22
N TRP A 13 26.56 -16.71 -32.44
CA TRP A 13 25.39 -16.09 -33.12
C TRP A 13 24.13 -16.26 -32.26
N VAL A 14 23.90 -17.46 -31.71
CA VAL A 14 22.70 -17.78 -30.88
C VAL A 14 22.69 -16.84 -29.67
N ILE A 15 23.82 -16.67 -28.98
CA ILE A 15 23.92 -15.82 -27.75
C ILE A 15 23.61 -14.37 -28.13
N ALA A 16 24.05 -13.92 -29.31
CA ALA A 16 23.74 -12.57 -29.85
C ALA A 16 22.22 -12.45 -30.07
N ILE A 17 21.61 -13.49 -30.65
CA ILE A 17 20.15 -13.50 -31.01
C ILE A 17 19.30 -13.50 -29.72
N ILE A 18 19.67 -14.32 -28.72
CA ILE A 18 18.92 -14.41 -27.42
C ILE A 18 19.03 -13.05 -26.71
N ILE A 19 20.20 -12.43 -26.73
CA ILE A 19 20.43 -11.08 -26.12
C ILE A 19 19.51 -10.06 -26.81
N MET A 20 19.38 -10.14 -28.14
CA MET A 20 18.59 -9.18 -28.96
C MET A 20 17.10 -9.39 -28.74
N LEU A 21 16.63 -10.64 -28.65
CA LEU A 21 15.22 -10.99 -28.34
C LEU A 21 14.85 -10.42 -26.96
N ALA A 22 15.68 -10.72 -25.95
CA ALA A 22 15.51 -10.24 -24.55
C ALA A 22 15.38 -8.73 -24.55
N GLY A 23 16.28 -8.04 -25.28
CA GLY A 23 16.27 -6.57 -25.47
C GLY A 23 15.01 -6.10 -26.17
N GLY A 24 14.64 -6.75 -27.28
CA GLY A 24 13.44 -6.44 -28.07
C GLY A 24 12.17 -6.57 -27.24
N LEU A 25 12.03 -7.67 -26.51
CA LEU A 25 10.85 -7.97 -25.65
C LEU A 25 10.78 -6.94 -24.50
N ALA A 26 11.93 -6.49 -23.99
CA ALA A 26 12.03 -5.45 -22.95
C ALA A 26 11.50 -4.12 -23.51
N ILE A 27 11.96 -3.73 -24.70
CA ILE A 27 11.62 -2.45 -25.37
C ILE A 27 10.09 -2.31 -25.52
N LEU A 28 9.38 -3.40 -25.83
CA LEU A 28 7.91 -3.40 -26.06
C LEU A 28 7.15 -3.18 -24.75
N LYS A 29 7.65 -3.72 -23.63
CA LYS A 29 6.92 -3.76 -22.33
C LYS A 29 7.53 -2.79 -21.31
N LEU A 30 8.68 -2.15 -21.61
CA LEU A 30 9.30 -1.14 -20.71
C LEU A 30 8.46 0.14 -20.74
N PRO A 31 8.25 0.80 -19.59
CA PRO A 31 7.52 2.07 -19.54
C PRO A 31 8.38 3.20 -20.09
N VAL A 32 7.74 4.25 -20.63
CA VAL A 32 8.42 5.42 -21.25
C VAL A 32 8.00 6.69 -20.49
N ALA A 33 8.98 7.54 -20.19
CA ALA A 33 8.81 8.85 -19.52
C ALA A 33 9.91 9.80 -20.01
N GLN A 34 9.82 11.09 -19.66
CA GLN A 34 10.86 12.10 -20.00
C GLN A 34 12.04 11.95 -19.03
N TYR A 35 11.74 11.85 -17.73
CA TYR A 35 12.74 11.69 -16.63
C TYR A 35 12.23 10.68 -15.60
N PRO A 36 13.11 10.13 -14.73
CA PRO A 36 12.66 9.38 -13.56
C PRO A 36 11.98 10.31 -12.54
N THR A 37 10.99 9.81 -11.80
CA THR A 37 10.25 10.58 -10.77
C THR A 37 11.20 10.89 -9.61
N ILE A 38 11.58 12.15 -9.42
CA ILE A 38 12.45 12.64 -8.32
C ILE A 38 11.62 13.39 -7.28
N ALA A 39 10.45 13.91 -7.68
CA ALA A 39 9.58 14.77 -6.84
C ALA A 39 9.09 13.98 -5.63
N PRO A 40 9.05 14.60 -4.42
CA PRO A 40 8.55 13.94 -3.22
C PRO A 40 7.04 13.69 -3.31
N PRO A 41 6.54 12.51 -2.87
CA PRO A 41 5.11 12.27 -2.77
C PRO A 41 4.37 13.31 -1.92
N ALA A 42 3.15 13.67 -2.32
CA ALA A 42 2.28 14.65 -1.64
C ALA A 42 0.85 14.10 -1.55
N VAL A 43 0.34 13.91 -0.33
CA VAL A 43 -1.09 13.62 -0.05
C VAL A 43 -1.80 14.96 0.20
N THR A 44 -2.97 15.16 -0.42
CA THR A 44 -3.74 16.42 -0.35
C THR A 44 -5.15 16.15 0.16
N ILE A 45 -5.48 16.71 1.33
CA ILE A 45 -6.85 16.72 1.92
C ILE A 45 -7.56 17.98 1.39
N SER A 46 -8.71 17.80 0.73
CA SER A 46 -9.55 18.90 0.18
C SER A 46 -10.95 18.80 0.80
N ALA A 47 -11.46 19.92 1.33
CA ALA A 47 -12.81 20.05 1.90
C ALA A 47 -13.47 21.32 1.36
N SER A 48 -14.80 21.41 1.49
CA SER A 48 -15.62 22.51 0.91
C SER A 48 -16.76 22.86 1.88
N TYR A 49 -16.76 24.09 2.39
CA TYR A 49 -17.80 24.68 3.25
C TYR A 49 -18.55 25.73 2.45
N PRO A 50 -19.70 25.39 1.80
CA PRO A 50 -20.41 26.34 0.95
C PRO A 50 -20.77 27.65 1.67
N GLY A 51 -20.40 28.79 1.07
CA GLY A 51 -20.77 30.15 1.53
C GLY A 51 -20.06 30.53 2.81
N ALA A 52 -18.88 29.95 3.06
CA ALA A 52 -18.03 30.22 4.25
C ALA A 52 -16.88 31.14 3.85
N ASP A 53 -16.59 32.13 4.71
CA ASP A 53 -15.41 33.02 4.61
C ASP A 53 -14.15 32.24 5.04
N ALA A 54 -12.97 32.73 4.65
CA ALA A 54 -11.65 32.09 4.89
C ALA A 54 -11.47 31.74 6.37
N LYS A 55 -11.91 32.60 7.29
CA LYS A 55 -11.71 32.40 8.76
C LYS A 55 -12.61 31.26 9.26
N THR A 56 -13.91 31.31 8.95
CA THR A 56 -14.92 30.27 9.30
C THR A 56 -14.42 28.90 8.85
N VAL A 57 -13.84 28.83 7.66
CA VAL A 57 -13.29 27.59 7.04
C VAL A 57 -12.09 27.12 7.88
N GLN A 58 -11.14 28.03 8.15
CA GLN A 58 -9.90 27.74 8.91
C GLN A 58 -10.23 27.20 10.31
N ASP A 59 -11.21 27.81 10.99
CA ASP A 59 -11.44 27.62 12.45
C ASP A 59 -12.45 26.51 12.72
N THR A 60 -13.14 25.98 11.69
CA THR A 60 -14.11 24.86 11.83
C THR A 60 -13.63 23.60 11.11
N VAL A 61 -12.68 23.71 10.17
CA VAL A 61 -12.20 22.56 9.33
C VAL A 61 -10.68 22.46 9.42
N THR A 62 -9.95 23.44 8.87
CA THR A 62 -8.48 23.39 8.65
C THR A 62 -7.79 23.05 9.97
N GLN A 63 -7.99 23.85 11.00
CA GLN A 63 -7.32 23.71 12.32
C GLN A 63 -7.68 22.34 12.92
N VAL A 64 -8.94 21.93 12.83
CA VAL A 64 -9.44 20.64 13.40
C VAL A 64 -8.70 19.48 12.73
N ILE A 65 -8.60 19.51 11.40
CA ILE A 65 -7.89 18.45 10.60
C ILE A 65 -6.40 18.49 10.98
N GLU A 66 -5.78 19.67 11.00
CA GLU A 66 -4.33 19.87 11.25
C GLU A 66 -3.94 19.27 12.61
N GLN A 67 -4.77 19.49 13.63
CA GLN A 67 -4.52 19.05 15.03
C GLN A 67 -4.60 17.52 15.14
N ASN A 68 -5.25 16.84 14.19
CA ASN A 68 -5.37 15.36 14.17
C ASN A 68 -4.22 14.73 13.37
N MET A 69 -3.51 15.51 12.55
CA MET A 69 -2.37 15.03 11.72
C MET A 69 -1.14 14.87 12.60
N ASN A 70 -0.84 13.64 13.02
CA ASN A 70 0.34 13.29 13.86
C ASN A 70 0.62 11.79 13.77
N GLY A 71 1.84 11.38 14.13
CA GLY A 71 2.30 9.98 14.01
C GLY A 71 2.15 9.48 12.58
N ILE A 72 2.59 10.30 11.62
CA ILE A 72 2.55 10.01 10.15
C ILE A 72 3.99 9.91 9.66
N ASP A 73 4.38 8.74 9.17
CA ASP A 73 5.79 8.40 8.80
C ASP A 73 6.26 9.29 7.66
N ASN A 74 7.54 9.69 7.70
CA ASN A 74 8.28 10.28 6.55
C ASN A 74 7.70 11.64 6.16
N LEU A 75 6.99 12.32 7.06
CA LEU A 75 6.42 13.67 6.81
C LEU A 75 7.55 14.71 6.91
N MET A 76 7.77 15.51 5.86
CA MET A 76 8.78 16.59 5.82
C MET A 76 8.17 17.89 6.33
N TYR A 77 6.97 18.24 5.85
CA TYR A 77 6.21 19.44 6.27
C TYR A 77 4.74 19.33 5.83
N MET A 78 3.93 20.27 6.31
CA MET A 78 2.46 20.36 6.08
C MET A 78 2.09 21.84 5.84
N SER A 79 1.44 22.14 4.71
CA SER A 79 0.94 23.50 4.35
C SER A 79 -0.56 23.42 4.05
N SER A 80 -1.31 24.49 4.35
CA SER A 80 -2.78 24.57 4.13
C SER A 80 -3.20 25.97 3.69
N ASN A 81 -4.23 26.05 2.85
CA ASN A 81 -4.91 27.30 2.43
C ASN A 81 -6.40 27.20 2.76
N SER A 82 -6.91 28.14 3.55
CA SER A 82 -8.35 28.35 3.86
C SER A 82 -8.80 29.65 3.19
N ASP A 83 -9.76 29.60 2.26
CA ASP A 83 -10.11 30.78 1.43
C ASP A 83 -11.63 31.02 1.40
N SER A 84 -12.02 32.16 0.83
CA SER A 84 -13.39 32.76 0.91
C SER A 84 -14.35 32.09 -0.09
N THR A 85 -13.82 31.31 -1.04
CA THR A 85 -14.63 30.43 -1.92
C THR A 85 -15.26 29.33 -1.07
N GLY A 86 -14.71 29.08 0.13
CA GLY A 86 -15.23 28.12 1.13
C GLY A 86 -14.42 26.84 1.13
N THR A 87 -13.16 26.90 0.72
CA THR A 87 -12.32 25.73 0.36
C THR A 87 -11.11 25.64 1.30
N VAL A 88 -10.92 24.48 1.93
CA VAL A 88 -9.66 24.06 2.61
C VAL A 88 -8.85 23.25 1.59
N GLN A 89 -7.53 23.32 1.69
CA GLN A 89 -6.61 22.41 0.96
C GLN A 89 -5.32 22.25 1.78
N ILE A 90 -5.18 21.12 2.45
CA ILE A 90 -4.00 20.75 3.28
C ILE A 90 -3.12 19.79 2.48
N THR A 91 -1.84 20.15 2.27
CA THR A 91 -0.84 19.35 1.53
C THR A 91 0.21 18.81 2.52
N LEU A 92 0.23 17.50 2.74
CA LEU A 92 1.28 16.80 3.53
C LEU A 92 2.32 16.23 2.56
N THR A 93 3.51 16.84 2.53
CA THR A 93 4.64 16.47 1.63
C THR A 93 5.54 15.47 2.36
N PHE A 94 5.95 14.39 1.69
CA PHE A 94 6.62 13.22 2.28
C PHE A 94 8.05 13.08 1.76
N GLU A 95 8.91 12.42 2.55
CA GLU A 95 10.30 12.04 2.20
C GLU A 95 10.30 11.34 0.84
N SER A 96 11.33 11.59 0.03
CA SER A 96 11.56 10.90 -1.27
C SER A 96 11.70 9.39 -1.02
N GLY A 97 10.93 8.56 -1.74
CA GLY A 97 10.93 7.09 -1.60
C GLY A 97 9.81 6.57 -0.72
N THR A 98 9.01 7.45 -0.11
CA THR A 98 7.83 7.09 0.72
C THR A 98 6.79 6.40 -0.17
N ASP A 99 6.21 5.30 0.32
CA ASP A 99 5.09 4.58 -0.34
C ASP A 99 3.82 5.44 -0.19
N ALA A 100 3.40 6.09 -1.29
CA ALA A 100 2.27 7.05 -1.31
C ALA A 100 0.96 6.32 -0.95
N ASP A 101 0.84 5.04 -1.30
CA ASP A 101 -0.30 4.18 -0.88
C ASP A 101 -0.43 4.20 0.64
N ILE A 102 0.67 3.98 1.35
CA ILE A 102 0.72 3.92 2.85
C ILE A 102 0.57 5.34 3.41
N ALA A 103 1.19 6.33 2.78
CA ALA A 103 1.09 7.77 3.16
C ALA A 103 -0.38 8.20 3.13
N GLN A 104 -1.11 7.82 2.08
CA GLN A 104 -2.56 8.10 1.92
C GLN A 104 -3.32 7.41 3.06
N VAL A 105 -3.04 6.13 3.32
CA VAL A 105 -3.73 5.30 4.35
C VAL A 105 -3.52 5.95 5.73
N GLN A 106 -2.30 6.40 6.02
CA GLN A 106 -1.91 6.96 7.35
C GLN A 106 -2.57 8.32 7.54
N VAL A 107 -2.53 9.18 6.51
CA VAL A 107 -3.14 10.54 6.55
C VAL A 107 -4.65 10.40 6.79
N GLN A 108 -5.31 9.47 6.08
CA GLN A 108 -6.80 9.34 6.10
C GLN A 108 -7.23 8.71 7.43
N ASN A 109 -6.43 7.82 8.02
CA ASN A 109 -6.72 7.22 9.35
C ASN A 109 -6.89 8.33 10.38
N LYS A 110 -6.06 9.38 10.28
CA LYS A 110 -6.06 10.55 11.19
C LYS A 110 -7.23 11.47 10.83
N LEU A 111 -7.45 11.73 9.54
CA LEU A 111 -8.57 12.56 9.02
C LEU A 111 -9.90 11.99 9.54
N GLN A 112 -10.00 10.66 9.64
CA GLN A 112 -11.27 9.97 10.02
CA GLN A 112 -11.23 9.91 10.03
C GLN A 112 -11.60 10.27 11.49
N LEU A 113 -10.60 10.58 12.32
CA LEU A 113 -10.81 11.02 13.73
C LEU A 113 -11.36 12.45 13.73
N ALA A 114 -10.91 13.28 12.78
CA ALA A 114 -11.32 14.71 12.63
C ALA A 114 -12.69 14.80 11.96
N MET A 115 -13.04 13.83 11.11
CA MET A 115 -14.23 13.88 10.21
C MET A 115 -15.49 14.23 11.01
N PRO A 116 -15.86 13.47 12.07
CA PRO A 116 -17.12 13.71 12.78
C PRO A 116 -17.18 15.04 13.54
N LEU A 117 -16.02 15.65 13.82
CA LEU A 117 -15.91 16.97 14.48
C LEU A 117 -16.19 18.10 13.48
N LEU A 118 -16.11 17.81 12.17
CA LEU A 118 -16.32 18.83 11.09
C LEU A 118 -17.80 19.19 11.02
N PRO A 119 -18.15 20.36 10.46
CA PRO A 119 -19.56 20.71 10.21
C PRO A 119 -20.22 19.74 9.22
N GLN A 120 -21.51 19.47 9.43
CA GLN A 120 -22.33 18.51 8.62
C GLN A 120 -22.28 18.91 7.14
N GLU A 121 -22.33 20.21 6.85
CA GLU A 121 -22.31 20.78 5.47
C GLU A 121 -21.00 20.39 4.77
N VAL A 122 -19.89 20.36 5.51
CA VAL A 122 -18.52 20.07 4.96
C VAL A 122 -18.41 18.57 4.65
N GLN A 123 -18.95 17.73 5.54
CA GLN A 123 -19.01 16.25 5.36
C GLN A 123 -19.82 15.94 4.09
N GLN A 124 -20.96 16.62 3.92
CA GLN A 124 -21.95 16.32 2.85
C GLN A 124 -21.46 16.83 1.49
N GLN A 125 -20.45 17.70 1.46
CA GLN A 125 -19.77 18.11 0.19
C GLN A 125 -18.75 17.04 -0.22
N GLY A 126 -18.47 16.10 0.69
CA GLY A 126 -17.47 15.03 0.48
C GLY A 126 -16.07 15.57 0.63
N VAL A 127 -15.36 15.16 1.68
CA VAL A 127 -13.90 15.41 1.86
C VAL A 127 -13.16 14.39 1.00
N SER A 128 -12.07 14.81 0.34
CA SER A 128 -11.27 13.97 -0.59
C SER A 128 -9.81 13.93 -0.14
N VAL A 129 -9.21 12.74 -0.17
CA VAL A 129 -7.76 12.49 0.11
C VAL A 129 -7.16 11.95 -1.19
N GLU A 130 -6.17 12.66 -1.75
CA GLU A 130 -5.57 12.35 -3.08
C GLU A 130 -4.05 12.35 -2.98
N LYS A 131 -3.40 11.51 -3.79
CA LYS A 131 -1.93 11.37 -3.92
C LYS A 131 -1.55 11.61 -5.38
N SER A 132 -1.37 12.87 -5.77
CA SER A 132 -1.14 13.29 -7.17
C SER A 132 -0.02 14.34 -7.24
N SER A 133 0.52 14.54 -8.44
CA SER A 133 1.37 15.70 -8.80
C SER A 133 0.51 16.97 -8.70
N SER A 134 1.13 18.12 -8.45
CA SER A 134 0.47 19.45 -8.46
C SER A 134 0.18 19.86 -9.91
N SER A 135 1.09 19.54 -10.84
CA SER A 135 1.09 19.97 -12.26
C SER A 135 0.19 19.05 -13.11
N PHE A 136 -0.44 19.61 -14.14
CA PHE A 136 -1.38 18.91 -15.06
C PHE A 136 -0.61 18.08 -16.09
N LEU A 137 -0.95 16.80 -16.20
CA LEU A 137 -0.46 15.90 -17.28
C LEU A 137 -1.03 16.38 -18.62
N MET A 138 -2.34 16.61 -18.68
CA MET A 138 -3.05 17.06 -19.89
C MET A 138 -4.39 17.71 -19.52
N VAL A 139 -4.88 18.59 -20.39
CA VAL A 139 -6.26 19.15 -20.36
C VAL A 139 -7.02 18.52 -21.53
N VAL A 140 -8.08 17.74 -21.25
CA VAL A 140 -9.04 17.21 -22.25
C VAL A 140 -10.18 18.21 -22.37
N GLY A 141 -10.13 19.09 -23.38
CA GLY A 141 -11.20 20.05 -23.71
C GLY A 141 -12.33 19.37 -24.45
N VAL A 142 -13.55 19.90 -24.31
CA VAL A 142 -14.76 19.40 -25.04
C VAL A 142 -15.55 20.62 -25.52
N ILE A 143 -15.84 20.67 -26.83
CA ILE A 143 -16.58 21.78 -27.50
C ILE A 143 -17.77 21.19 -28.28
N ASN A 144 -18.67 22.05 -28.76
CA ASN A 144 -19.75 21.69 -29.70
C ASN A 144 -19.56 22.49 -31.00
N THR A 145 -19.17 21.81 -32.08
CA THR A 145 -18.84 22.42 -33.41
C THR A 145 -20.11 22.94 -34.09
N ASP A 146 -21.29 22.44 -33.70
CA ASP A 146 -22.61 22.84 -34.27
C ASP A 146 -23.31 23.84 -33.33
N GLY A 147 -22.60 24.37 -32.34
CA GLY A 147 -23.09 25.41 -31.39
C GLY A 147 -24.50 25.13 -30.90
N THR A 148 -24.82 23.86 -30.65
CA THR A 148 -26.16 23.38 -30.22
C THR A 148 -26.23 23.34 -28.68
N MET A 149 -25.08 23.35 -28.01
CA MET A 149 -24.96 23.23 -26.53
C MET A 149 -24.11 24.40 -26.00
N THR A 150 -24.59 25.03 -24.91
CA THR A 150 -23.96 26.19 -24.22
C THR A 150 -22.76 25.71 -23.40
N GLN A 151 -22.03 26.65 -22.78
CA GLN A 151 -20.92 26.37 -21.82
C GLN A 151 -21.44 25.44 -20.71
N GLU A 152 -22.62 25.77 -20.14
CA GLU A 152 -23.24 25.03 -19.01
C GLU A 152 -23.63 23.61 -19.46
N ASP A 153 -24.24 23.46 -20.64
CA ASP A 153 -24.72 22.16 -21.19
C ASP A 153 -23.55 21.20 -21.37
N ILE A 154 -22.42 21.67 -21.92
CA ILE A 154 -21.21 20.84 -22.21
C ILE A 154 -20.61 20.39 -20.87
N SER A 155 -20.44 21.32 -19.92
CA SER A 155 -19.86 21.07 -18.58
C SER A 155 -20.66 19.99 -17.85
N ASP A 156 -21.99 20.04 -17.92
CA ASP A 156 -22.89 19.01 -17.33
C ASP A 156 -22.64 17.67 -18.02
N TYR A 157 -22.58 17.65 -19.36
CA TYR A 157 -22.35 16.41 -20.14
C TYR A 157 -21.05 15.76 -19.66
N VAL A 158 -19.97 16.53 -19.61
CA VAL A 158 -18.61 16.05 -19.23
C VAL A 158 -18.67 15.50 -17.79
N ALA A 159 -19.34 16.23 -16.89
CA ALA A 159 -19.45 15.89 -15.44
C ALA A 159 -20.22 14.57 -15.25
N ALA A 160 -21.23 14.32 -16.08
CA ALA A 160 -22.25 13.27 -15.88
C ALA A 160 -21.97 12.04 -16.75
N ASN A 161 -21.20 12.16 -17.84
CA ASN A 161 -21.04 11.08 -18.86
C ASN A 161 -19.57 10.72 -19.12
N MET A 162 -18.61 11.54 -18.69
CA MET A 162 -17.16 11.36 -19.05
C MET A 162 -16.28 11.31 -17.79
N LYS A 163 -16.41 12.26 -16.88
CA LYS A 163 -15.45 12.53 -15.77
C LYS A 163 -15.22 11.27 -14.93
N ASP A 164 -16.28 10.64 -14.43
CA ASP A 164 -16.21 9.53 -13.43
C ASP A 164 -15.33 8.39 -13.96
N ALA A 165 -15.42 8.06 -15.25
CA ALA A 165 -14.66 6.97 -15.90
C ALA A 165 -13.17 7.34 -15.97
N ILE A 166 -12.85 8.60 -16.26
CA ILE A 166 -11.45 9.14 -16.29
C ILE A 166 -10.89 9.10 -14.86
N SER A 167 -11.72 9.47 -13.87
CA SER A 167 -11.38 9.53 -12.42
C SER A 167 -11.05 8.14 -11.89
N ARG A 168 -11.67 7.09 -12.44
CA ARG A 168 -11.50 5.68 -11.99
C ARG A 168 -10.30 5.04 -12.71
N THR A 169 -9.87 5.57 -13.86
CA THR A 169 -8.72 5.05 -14.65
C THR A 169 -7.48 5.02 -13.75
N SER A 170 -6.70 3.94 -13.82
CA SER A 170 -5.48 3.71 -13.00
C SER A 170 -4.40 4.71 -13.44
N GLY A 171 -3.79 5.41 -12.47
CA GLY A 171 -2.72 6.40 -12.69
C GLY A 171 -3.24 7.84 -12.63
N VAL A 172 -4.56 8.03 -12.67
CA VAL A 172 -5.20 9.38 -12.59
C VAL A 172 -5.40 9.74 -11.11
N GLY A 173 -4.55 10.63 -10.59
CA GLY A 173 -4.53 11.03 -9.17
C GLY A 173 -5.63 12.02 -8.83
N ASP A 174 -6.00 12.88 -9.78
CA ASP A 174 -6.96 14.00 -9.56
C ASP A 174 -7.49 14.49 -10.91
N VAL A 175 -8.79 14.80 -10.99
CA VAL A 175 -9.47 15.31 -12.20
C VAL A 175 -10.24 16.59 -11.82
N GLN A 176 -9.84 17.72 -12.40
CA GLN A 176 -10.53 19.03 -12.25
C GLN A 176 -11.48 19.23 -13.43
N LEU A 177 -12.79 19.35 -13.15
CA LEU A 177 -13.82 19.77 -14.14
C LEU A 177 -13.70 21.28 -14.34
N PHE A 178 -13.40 21.72 -15.56
CA PHE A 178 -13.39 23.15 -15.95
C PHE A 178 -14.82 23.57 -16.29
N GLY A 179 -15.60 23.79 -15.24
CA GLY A 179 -17.07 23.95 -15.28
C GLY A 179 -17.70 23.20 -14.12
N SER A 180 -19.02 23.04 -14.15
CA SER A 180 -19.82 22.42 -13.06
C SER A 180 -20.83 21.44 -13.63
N GLN A 181 -21.09 20.34 -12.91
CA GLN A 181 -22.27 19.47 -13.16
C GLN A 181 -23.52 20.29 -12.82
N TYR A 182 -24.65 19.98 -13.47
CA TYR A 182 -25.97 20.57 -13.14
C TYR A 182 -26.38 20.14 -11.74
N ALA A 183 -27.05 21.05 -11.03
CA ALA A 183 -27.89 20.78 -9.84
C ALA A 183 -29.28 21.34 -10.13
N MET A 184 -30.29 20.89 -9.38
CA MET A 184 -31.63 21.55 -9.38
C MET A 184 -31.50 22.86 -8.59
N ARG A 185 -31.45 24.00 -9.29
CA ARG A 185 -31.32 25.34 -8.68
C ARG A 185 -32.71 25.89 -8.35
N ILE A 186 -33.04 25.95 -7.06
CA ILE A 186 -34.21 26.72 -6.53
C ILE A 186 -33.70 28.13 -6.21
N TRP A 187 -33.99 29.10 -7.08
CA TRP A 187 -33.60 30.53 -6.93
C TRP A 187 -34.72 31.30 -6.22
N MET A 188 -34.58 31.52 -4.90
CA MET A 188 -35.66 32.07 -4.03
C MET A 188 -35.83 33.58 -4.29
N ASN A 189 -37.09 34.03 -4.19
CA ASN A 189 -37.50 35.46 -4.27
C ASN A 189 -38.04 35.87 -2.90
N PRO A 190 -37.37 36.80 -2.17
CA PRO A 190 -37.76 37.13 -0.81
C PRO A 190 -39.05 37.96 -0.71
N ASN A 191 -39.36 38.74 -1.75
CA ASN A 191 -40.61 39.55 -1.84
C ASN A 191 -41.81 38.60 -1.76
N GLU A 192 -41.78 37.51 -2.55
CA GLU A 192 -42.88 36.51 -2.67
C GLU A 192 -42.86 35.56 -1.48
N LEU A 193 -41.69 35.32 -0.87
CA LEU A 193 -41.56 34.48 0.36
C LEU A 193 -42.26 35.19 1.52
N ASN A 194 -41.97 36.48 1.69
CA ASN A 194 -42.54 37.36 2.75
C ASN A 194 -44.05 37.45 2.57
N LYS A 195 -44.52 37.49 1.31
CA LYS A 195 -45.95 37.64 0.94
C LYS A 195 -46.79 36.54 1.59
N PHE A 196 -46.34 35.28 1.52
CA PHE A 196 -47.08 34.09 2.00
C PHE A 196 -46.59 33.65 3.39
N GLN A 197 -45.92 34.55 4.13
CA GLN A 197 -45.34 34.30 5.48
C GLN A 197 -44.49 33.02 5.46
N LEU A 198 -43.53 32.93 4.53
CA LEU A 198 -42.60 31.77 4.39
C LEU A 198 -41.16 32.26 4.42
N THR A 199 -40.24 31.36 4.79
CA THR A 199 -38.77 31.59 4.86
C THR A 199 -38.05 30.52 4.03
N PRO A 200 -36.74 30.70 3.75
CA PRO A 200 -35.92 29.60 3.24
C PRO A 200 -35.94 28.31 4.07
N VAL A 201 -36.27 28.39 5.37
CA VAL A 201 -36.36 27.19 6.26
C VAL A 201 -37.56 26.34 5.80
N ASP A 202 -38.68 26.99 5.46
CA ASP A 202 -39.91 26.30 4.98
C ASP A 202 -39.64 25.65 3.62
N VAL A 203 -38.93 26.35 2.73
CA VAL A 203 -38.55 25.86 1.37
C VAL A 203 -37.71 24.58 1.53
N ILE A 204 -36.69 24.62 2.40
CA ILE A 204 -35.74 23.50 2.62
C ILE A 204 -36.49 22.30 3.21
N THR A 205 -37.40 22.53 4.16
CA THR A 205 -38.20 21.48 4.84
C THR A 205 -39.10 20.77 3.82
N ALA A 206 -39.73 21.54 2.92
CA ALA A 206 -40.67 21.05 1.88
C ALA A 206 -39.93 20.19 0.86
N ILE A 207 -38.74 20.62 0.42
CA ILE A 207 -37.89 19.89 -0.57
C ILE A 207 -37.44 18.56 0.05
N LYS A 208 -37.19 18.53 1.36
CA LYS A 208 -36.80 17.29 2.09
C LYS A 208 -38.01 16.35 2.18
N ALA A 209 -39.21 16.90 2.41
CA ALA A 209 -40.47 16.16 2.59
C ALA A 209 -40.95 15.57 1.25
N GLN A 210 -40.89 16.36 0.16
CA GLN A 210 -41.59 16.10 -1.12
C GLN A 210 -40.61 15.73 -2.25
N ASN A 211 -39.29 15.81 -2.00
CA ASN A 211 -38.23 15.24 -2.88
C ASN A 211 -37.51 14.15 -2.09
N ALA A 212 -38.20 13.05 -1.80
CA ALA A 212 -37.76 11.96 -0.89
C ALA A 212 -37.81 10.62 -1.63
N GLN A 213 -36.92 9.69 -1.25
CA GLN A 213 -36.90 8.29 -1.75
C GLN A 213 -37.16 7.37 -0.55
N VAL A 214 -38.42 6.92 -0.41
CA VAL A 214 -38.96 6.22 0.79
C VAL A 214 -38.83 4.70 0.61
N ALA A 215 -38.26 4.03 1.62
CA ALA A 215 -38.28 2.55 1.77
C ALA A 215 -39.58 2.16 2.49
N ALA A 216 -40.51 1.54 1.76
CA ALA A 216 -41.92 1.32 2.19
C ALA A 216 -42.24 -0.17 2.35
N GLY A 217 -41.24 -1.05 2.26
CA GLY A 217 -41.41 -2.50 2.48
C GLY A 217 -42.12 -3.19 1.33
N GLN A 218 -42.87 -4.26 1.62
CA GLN A 218 -43.50 -5.15 0.62
C GLN A 218 -44.90 -5.56 1.10
N LEU A 219 -45.80 -5.81 0.15
CA LEU A 219 -47.00 -6.66 0.35
C LEU A 219 -46.50 -8.10 0.45
N GLY A 220 -47.00 -8.88 1.41
CA GLY A 220 -46.63 -10.29 1.62
C GLY A 220 -45.15 -10.46 1.91
N GLY A 221 -44.58 -9.54 2.70
CA GLY A 221 -43.16 -9.58 3.12
C GLY A 221 -42.93 -10.61 4.21
N THR A 222 -41.68 -11.06 4.36
CA THR A 222 -41.26 -12.08 5.36
C THR A 222 -41.09 -11.43 6.72
N PRO A 223 -41.47 -12.11 7.84
CA PRO A 223 -42.17 -13.40 7.79
C PRO A 223 -43.63 -13.23 7.40
N PRO A 224 -44.16 -14.01 6.42
CA PRO A 224 -45.53 -13.83 5.96
C PRO A 224 -46.52 -14.66 6.79
N VAL A 225 -47.83 -14.40 6.63
CA VAL A 225 -48.90 -15.29 7.15
C VAL A 225 -48.95 -16.52 6.24
N LYS A 226 -49.55 -17.62 6.72
CA LYS A 226 -49.73 -18.88 5.94
C LYS A 226 -50.80 -18.64 4.87
N GLY A 227 -50.56 -19.14 3.66
CA GLY A 227 -51.49 -19.06 2.52
C GLY A 227 -51.42 -17.71 1.82
N GLN A 228 -50.30 -16.99 1.96
CA GLN A 228 -50.03 -15.73 1.22
C GLN A 228 -49.67 -16.09 -0.23
N GLN A 229 -50.35 -15.47 -1.20
CA GLN A 229 -50.11 -15.68 -2.66
C GLN A 229 -49.49 -14.43 -3.29
N LEU A 230 -49.67 -13.25 -2.69
CA LEU A 230 -49.16 -11.95 -3.21
C LEU A 230 -47.82 -11.62 -2.55
N ASN A 231 -46.81 -11.28 -3.36
CA ASN A 231 -45.53 -10.68 -2.92
C ASN A 231 -45.11 -9.62 -3.94
N ALA A 232 -45.16 -8.34 -3.56
CA ALA A 232 -44.81 -7.19 -4.41
C ALA A 232 -44.18 -6.09 -3.55
N SER A 233 -43.17 -5.40 -4.09
CA SER A 233 -42.53 -4.20 -3.48
C SER A 233 -43.59 -3.10 -3.33
N ILE A 234 -43.54 -2.36 -2.23
CA ILE A 234 -44.35 -1.10 -2.05
C ILE A 234 -43.48 0.08 -2.48
N ILE A 235 -43.95 0.82 -3.48
CA ILE A 235 -43.30 2.07 -4.01
C ILE A 235 -44.11 3.26 -3.51
N ALA A 236 -43.55 4.01 -2.56
CA ALA A 236 -44.09 5.31 -2.07
C ALA A 236 -43.42 6.43 -2.87
N GLN A 237 -42.98 7.51 -2.22
CA GLN A 237 -42.34 8.68 -2.88
C GLN A 237 -40.97 8.28 -3.44
N THR A 238 -40.62 8.85 -4.60
CA THR A 238 -39.32 8.68 -5.29
C THR A 238 -38.73 10.07 -5.55
N ARG A 239 -37.40 10.16 -5.71
CA ARG A 239 -36.70 11.43 -6.05
C ARG A 239 -37.43 12.10 -7.22
N LEU A 240 -37.56 13.43 -7.19
CA LEU A 240 -38.08 14.24 -8.32
C LEU A 240 -37.04 14.22 -9.44
N THR A 241 -37.46 14.42 -10.69
CA THR A 241 -36.61 14.22 -11.90
C THR A 241 -36.55 15.47 -12.78
N SER A 242 -37.38 16.50 -12.52
CA SER A 242 -37.61 17.64 -13.44
C SER A 242 -37.89 18.94 -12.67
N THR A 243 -37.65 20.07 -13.33
CA THR A 243 -38.00 21.44 -12.85
C THR A 243 -39.51 21.50 -12.58
N GLU A 244 -40.33 20.93 -13.46
CA GLU A 244 -41.82 20.91 -13.36
C GLU A 244 -42.25 20.30 -12.02
N GLU A 245 -41.65 19.17 -11.63
CA GLU A 245 -41.97 18.43 -10.37
C GLU A 245 -41.56 19.29 -9.16
N PHE A 246 -40.37 19.89 -9.20
CA PHE A 246 -39.86 20.81 -8.15
C PHE A 246 -40.77 22.04 -8.08
N GLY A 247 -41.23 22.53 -9.23
CA GLY A 247 -42.21 23.64 -9.36
C GLY A 247 -43.46 23.38 -8.54
N LYS A 248 -44.05 22.19 -8.65
CA LYS A 248 -45.37 21.86 -8.04
C LYS A 248 -45.18 21.19 -6.67
N ILE A 249 -44.05 21.43 -6.00
CA ILE A 249 -43.91 21.17 -4.53
C ILE A 249 -44.86 22.14 -3.82
N LEU A 250 -45.68 21.62 -2.91
CA LEU A 250 -46.72 22.40 -2.16
C LEU A 250 -46.12 22.89 -0.84
N LEU A 251 -45.83 24.19 -0.75
CA LEU A 251 -45.24 24.83 0.45
C LEU A 251 -46.31 24.95 1.55
N LYS A 252 -47.49 25.47 1.21
CA LYS A 252 -48.66 25.52 2.13
C LYS A 252 -49.95 25.77 1.36
N VAL A 253 -51.08 25.48 2.02
CA VAL A 253 -52.46 25.83 1.56
C VAL A 253 -52.93 27.03 2.38
N ASN A 254 -53.56 28.00 1.73
CA ASN A 254 -54.13 29.23 2.37
C ASN A 254 -55.47 28.87 3.03
N GLN A 255 -56.01 29.79 3.83
CA GLN A 255 -57.32 29.62 4.53
C GLN A 255 -58.45 29.57 3.50
N ASP A 256 -58.38 30.40 2.44
CA ASP A 256 -59.41 30.49 1.38
C ASP A 256 -59.31 29.28 0.44
N GLY A 257 -58.25 28.46 0.57
CA GLY A 257 -58.14 27.16 -0.10
C GLY A 257 -57.06 27.12 -1.18
N SER A 258 -56.64 28.29 -1.67
CA SER A 258 -55.61 28.43 -2.74
C SER A 258 -54.29 27.80 -2.29
N ARG A 259 -53.47 27.34 -3.24
CA ARG A 259 -52.20 26.62 -3.01
C ARG A 259 -51.02 27.56 -3.24
N VAL A 260 -50.04 27.55 -2.33
CA VAL A 260 -48.70 28.18 -2.51
C VAL A 260 -47.73 27.08 -2.93
N LEU A 261 -47.39 27.03 -4.23
CA LEU A 261 -46.40 26.08 -4.80
C LEU A 261 -45.00 26.73 -4.76
N LEU A 262 -43.94 25.91 -4.88
CA LEU A 262 -42.53 26.38 -4.82
C LEU A 262 -42.26 27.35 -5.99
N ARG A 263 -42.87 27.13 -7.15
CA ARG A 263 -42.66 27.96 -8.37
C ARG A 263 -43.29 29.35 -8.18
N ASP A 264 -44.12 29.53 -7.14
CA ASP A 264 -44.77 30.83 -6.80
C ASP A 264 -43.82 31.70 -5.97
N VAL A 265 -42.77 31.13 -5.36
CA VAL A 265 -41.81 31.88 -4.49
C VAL A 265 -40.37 31.70 -4.98
N ALA A 266 -40.13 31.06 -6.13
CA ALA A 266 -38.76 30.78 -6.64
C ALA A 266 -38.78 30.48 -8.14
N LYS A 267 -37.69 30.86 -8.83
CA LYS A 267 -37.39 30.44 -10.23
C LYS A 267 -36.61 29.13 -10.17
N ILE A 268 -37.02 28.15 -10.99
CA ILE A 268 -36.54 26.74 -10.92
C ILE A 268 -35.93 26.36 -12.26
N GLU A 269 -34.63 26.05 -12.29
CA GLU A 269 -33.88 25.64 -13.50
C GLU A 269 -32.77 24.66 -13.09
N LEU A 270 -32.38 23.77 -14.01
CA LEU A 270 -31.07 23.05 -13.94
C LEU A 270 -29.98 24.11 -14.11
N GLY A 271 -29.01 24.13 -13.20
CA GLY A 271 -27.86 25.06 -13.26
C GLY A 271 -26.69 24.50 -12.49
N GLY A 272 -25.48 25.00 -12.76
CA GLY A 272 -24.23 24.56 -12.11
C GLY A 272 -24.38 24.47 -10.60
N GLU A 273 -23.79 23.44 -9.98
CA GLU A 273 -23.59 23.35 -8.52
C GLU A 273 -22.94 24.65 -8.04
N ASN A 274 -21.97 25.14 -8.82
CA ASN A 274 -21.32 26.46 -8.68
C ASN A 274 -21.17 27.10 -10.06
N TYR A 275 -21.06 28.43 -10.11
CA TYR A 275 -20.91 29.23 -11.35
C TYR A 275 -19.55 29.94 -11.34
N ASP A 276 -18.52 29.27 -10.79
CA ASP A 276 -17.17 29.84 -10.57
C ASP A 276 -16.28 29.59 -11.78
N ILE A 277 -16.27 28.37 -12.32
CA ILE A 277 -15.37 27.94 -13.44
C ILE A 277 -16.14 28.06 -14.77
N ILE A 278 -15.59 28.82 -15.72
CA ILE A 278 -16.14 29.03 -17.09
C ILE A 278 -14.96 29.00 -18.09
N ALA A 279 -14.97 28.05 -19.01
CA ALA A 279 -13.86 27.77 -19.95
C ALA A 279 -14.25 28.18 -21.37
N GLU A 280 -13.26 28.61 -22.16
CA GLU A 280 -13.37 28.88 -23.61
C GLU A 280 -12.22 28.16 -24.33
N PHE A 281 -12.48 27.67 -25.55
CA PHE A 281 -11.46 27.10 -26.47
C PHE A 281 -11.44 27.93 -27.76
N ASN A 282 -10.42 28.76 -27.94
CA ASN A 282 -10.27 29.68 -29.10
C ASN A 282 -11.55 30.53 -29.22
N GLY A 283 -11.96 31.16 -28.12
CA GLY A 283 -13.10 32.11 -28.08
C GLY A 283 -14.44 31.43 -27.85
N GLN A 284 -14.68 30.26 -28.44
CA GLN A 284 -16.01 29.58 -28.40
C GLN A 284 -16.17 28.82 -27.08
N PRO A 285 -17.41 28.55 -26.62
CA PRO A 285 -17.66 27.93 -25.32
C PRO A 285 -17.12 26.50 -25.24
N ALA A 286 -16.70 26.07 -24.05
CA ALA A 286 -16.08 24.75 -23.82
C ALA A 286 -16.20 24.35 -22.35
N SER A 287 -15.97 23.06 -22.09
CA SER A 287 -15.66 22.51 -20.74
C SER A 287 -14.40 21.64 -20.88
N GLY A 288 -14.13 20.78 -19.90
CA GLY A 288 -13.03 19.81 -20.01
C GLY A 288 -12.54 19.30 -18.67
N LEU A 289 -11.52 18.44 -18.72
CA LEU A 289 -10.91 17.76 -17.56
C LEU A 289 -9.42 18.09 -17.53
N GLY A 290 -8.98 18.82 -16.50
CA GLY A 290 -7.57 18.91 -16.11
C GLY A 290 -7.19 17.66 -15.34
N ILE A 291 -6.34 16.81 -15.92
CA ILE A 291 -5.95 15.49 -15.34
C ILE A 291 -4.53 15.59 -14.79
N LYS A 292 -4.34 15.17 -13.54
CA LYS A 292 -3.01 15.11 -12.86
C LYS A 292 -2.65 13.64 -12.63
N LEU A 293 -1.39 13.27 -12.90
CA LEU A 293 -0.84 11.93 -12.61
C LEU A 293 -0.95 11.65 -11.11
N ALA A 294 -1.34 10.43 -10.75
CA ALA A 294 -1.18 9.86 -9.39
C ALA A 294 0.32 9.73 -9.10
N THR A 295 0.71 9.83 -7.83
CA THR A 295 2.13 9.78 -7.36
C THR A 295 2.80 8.52 -7.94
N GLY A 296 3.86 8.71 -8.72
CA GLY A 296 4.74 7.64 -9.24
C GLY A 296 4.16 6.93 -10.46
N ALA A 297 3.00 7.38 -10.96
CA ALA A 297 2.28 6.75 -12.10
C ALA A 297 3.05 7.00 -13.39
N ALA A 298 2.94 6.08 -14.36
CA ALA A 298 3.58 6.15 -15.69
C ALA A 298 2.82 7.15 -16.57
N ALA A 299 3.50 8.19 -17.04
CA ALA A 299 2.92 9.35 -17.77
C ALA A 299 2.25 8.88 -19.08
N LEU A 300 3.01 8.26 -19.98
CA LEU A 300 2.55 7.88 -21.34
C LEU A 300 1.53 6.74 -21.28
N ASP A 301 1.70 5.80 -20.33
CA ASP A 301 0.81 4.62 -20.17
C ASP A 301 -0.56 5.06 -19.65
N THR A 302 -0.61 6.02 -18.72
CA THR A 302 -1.86 6.59 -18.15
C THR A 302 -2.56 7.43 -19.22
N ALA A 303 -1.79 8.20 -20.00
CA ALA A 303 -2.29 9.04 -21.11
C ALA A 303 -2.95 8.16 -22.18
N ALA A 304 -2.33 7.01 -22.49
CA ALA A 304 -2.84 6.00 -23.44
C ALA A 304 -4.18 5.45 -22.96
N ALA A 305 -4.30 5.21 -21.65
CA ALA A 305 -5.50 4.65 -20.98
C ALA A 305 -6.64 5.66 -21.00
N ILE A 306 -6.33 6.95 -20.81
CA ILE A 306 -7.31 8.07 -20.85
C ILE A 306 -7.89 8.17 -22.26
N ARG A 307 -7.02 8.10 -23.28
CA ARG A 307 -7.39 8.17 -24.72
C ARG A 307 -8.27 6.98 -25.09
N ALA A 308 -8.00 5.79 -24.53
CA ALA A 308 -8.78 4.55 -24.74
C ALA A 308 -10.19 4.72 -24.16
N GLU A 309 -10.29 5.27 -22.95
CA GLU A 309 -11.57 5.46 -22.22
C GLU A 309 -12.40 6.54 -22.91
N LEU A 310 -11.76 7.60 -23.42
CA LEU A 310 -12.41 8.69 -24.19
C LEU A 310 -12.94 8.13 -25.51
N ALA A 311 -12.21 7.20 -26.14
CA ALA A 311 -12.57 6.56 -27.43
C ALA A 311 -13.86 5.74 -27.26
N LYS A 312 -14.09 5.16 -26.08
CA LYS A 312 -15.30 4.36 -25.74
C LYS A 312 -16.54 5.28 -25.66
N MET A 313 -16.35 6.56 -25.34
CA MET A 313 -17.45 7.54 -25.10
C MET A 313 -17.88 8.20 -26.41
N GLU A 314 -16.93 8.46 -27.32
CA GLU A 314 -17.13 9.26 -28.56
C GLU A 314 -18.35 8.77 -29.32
N PRO A 315 -18.49 7.45 -29.60
CA PRO A 315 -19.65 6.94 -30.36
C PRO A 315 -21.04 7.38 -29.85
N PHE A 316 -21.18 7.68 -28.56
CA PHE A 316 -22.48 7.95 -27.88
C PHE A 316 -22.62 9.44 -27.53
N PHE A 317 -21.76 10.31 -28.08
CA PHE A 317 -21.85 11.79 -27.90
C PHE A 317 -23.12 12.31 -28.56
N PRO A 318 -23.73 13.41 -28.04
CA PRO A 318 -24.77 14.11 -28.78
C PRO A 318 -24.16 14.78 -30.02
N SER A 319 -24.99 15.19 -30.98
CA SER A 319 -24.55 15.82 -32.25
C SER A 319 -23.80 17.12 -31.93
N GLY A 320 -22.64 17.32 -32.56
CA GLY A 320 -21.83 18.54 -32.44
C GLY A 320 -20.67 18.39 -31.48
N LEU A 321 -20.87 17.65 -30.37
CA LEU A 321 -19.85 17.51 -29.30
C LEU A 321 -18.60 16.85 -29.87
N LYS A 322 -17.42 17.35 -29.47
CA LYS A 322 -16.11 16.93 -30.02
C LYS A 322 -15.01 17.18 -28.97
N ILE A 323 -14.13 16.21 -28.78
CA ILE A 323 -12.93 16.31 -27.91
C ILE A 323 -11.84 17.06 -28.67
N VAL A 324 -11.18 18.01 -28.00
CA VAL A 324 -9.96 18.72 -28.48
C VAL A 324 -8.89 18.56 -27.39
N TYR A 325 -7.61 18.66 -27.75
CA TYR A 325 -6.45 18.45 -26.83
C TYR A 325 -5.61 19.73 -26.75
N PRO A 326 -6.12 20.78 -26.07
CA PRO A 326 -5.42 22.08 -26.03
C PRO A 326 -4.16 22.13 -25.16
N TYR A 327 -3.89 21.09 -24.37
CA TYR A 327 -2.68 20.99 -23.51
C TYR A 327 -2.37 19.52 -23.23
N ASP A 328 -1.18 19.06 -23.63
CA ASP A 328 -0.71 17.66 -23.44
C ASP A 328 0.82 17.67 -23.41
N THR A 329 1.41 17.17 -22.32
CA THR A 329 2.88 17.13 -22.08
C THR A 329 3.47 15.83 -22.65
N THR A 330 2.63 14.87 -23.03
CA THR A 330 3.04 13.49 -23.46
C THR A 330 3.53 13.49 -24.90
N PRO A 331 2.92 14.21 -25.87
CA PRO A 331 3.42 14.20 -27.26
C PRO A 331 4.89 14.65 -27.40
N PHE A 332 5.36 15.54 -26.52
CA PHE A 332 6.79 15.96 -26.48
C PHE A 332 7.65 14.75 -26.09
N VAL A 333 7.21 13.97 -25.10
CA VAL A 333 7.97 12.79 -24.58
C VAL A 333 8.13 11.77 -25.72
N LYS A 334 7.06 11.52 -26.48
CA LYS A 334 7.07 10.55 -27.62
C LYS A 334 8.05 11.02 -28.70
N ILE A 335 7.93 12.29 -29.13
CA ILE A 335 8.67 12.85 -30.30
C ILE A 335 10.15 13.02 -29.93
N SER A 336 10.46 13.50 -28.73
CA SER A 336 11.85 13.75 -28.25
C SER A 336 12.60 12.43 -28.06
N ILE A 337 11.94 11.40 -27.55
CA ILE A 337 12.52 10.02 -27.39
C ILE A 337 12.78 9.45 -28.78
N HIS A 338 11.80 9.54 -29.70
CA HIS A 338 11.89 9.03 -31.09
C HIS A 338 13.04 9.72 -31.83
N GLU A 339 13.27 11.01 -31.58
CA GLU A 339 14.36 11.80 -32.20
C GLU A 339 15.71 11.22 -31.75
N VAL A 340 15.83 10.81 -30.48
CA VAL A 340 17.07 10.18 -29.93
C VAL A 340 17.21 8.77 -30.50
N VAL A 341 16.11 8.03 -30.67
CA VAL A 341 16.09 6.70 -31.35
C VAL A 341 16.61 6.88 -32.77
N LYS A 342 16.19 7.94 -33.45
CA LYS A 342 16.55 8.23 -34.87
C LYS A 342 18.08 8.42 -34.98
N THR A 343 18.70 9.13 -34.03
CA THR A 343 20.15 9.43 -34.05
C THR A 343 20.97 8.17 -33.73
N LEU A 344 20.42 7.20 -32.99
CA LEU A 344 21.04 5.86 -32.81
C LEU A 344 21.15 5.18 -34.17
N VAL A 345 20.02 5.08 -34.89
CA VAL A 345 19.91 4.41 -36.22
C VAL A 345 20.84 5.11 -37.22
N GLU A 346 20.87 6.45 -37.20
CA GLU A 346 21.76 7.27 -38.06
C GLU A 346 23.23 7.00 -37.71
N ALA A 347 23.56 7.01 -36.42
CA ALA A 347 24.94 6.85 -35.89
C ALA A 347 25.51 5.48 -36.27
N ILE A 348 24.67 4.43 -36.31
CA ILE A 348 25.07 3.05 -36.71
C ILE A 348 25.41 3.06 -38.21
N ILE A 349 24.63 3.77 -39.02
CA ILE A 349 24.85 3.89 -40.51
C ILE A 349 26.14 4.68 -40.77
N LEU A 350 26.41 5.72 -39.97
CA LEU A 350 27.64 6.57 -40.09
C LEU A 350 28.87 5.75 -39.71
N VAL A 351 28.74 4.81 -38.77
CA VAL A 351 29.84 3.86 -38.40
C VAL A 351 30.12 2.95 -39.60
N PHE A 352 29.06 2.41 -40.22
CA PHE A 352 29.13 1.50 -41.40
C PHE A 352 29.92 2.16 -42.54
N LEU A 353 29.71 3.47 -42.77
CA LEU A 353 30.42 4.25 -43.81
C LEU A 353 31.90 4.43 -43.41
N VAL A 354 32.17 4.82 -42.17
CA VAL A 354 33.55 5.11 -41.66
C VAL A 354 34.34 3.79 -41.54
N MET A 355 33.65 2.67 -41.31
CA MET A 355 34.28 1.32 -41.32
C MET A 355 34.69 0.98 -42.77
N TYR A 356 33.83 1.29 -43.75
CA TYR A 356 34.01 0.94 -45.18
C TYR A 356 35.18 1.74 -45.78
N LEU A 357 35.43 2.95 -45.27
CA LEU A 357 36.56 3.81 -45.70
C LEU A 357 37.89 3.12 -45.39
N PHE A 358 38.00 2.49 -44.21
CA PHE A 358 39.26 1.93 -43.65
C PHE A 358 39.39 0.43 -43.93
N LEU A 359 38.31 -0.35 -43.78
CA LEU A 359 38.33 -1.83 -43.95
C LEU A 359 38.17 -2.20 -45.43
N GLN A 360 37.31 -1.47 -46.15
CA GLN A 360 37.19 -1.52 -47.64
C GLN A 360 36.69 -2.90 -48.10
N ASN A 361 35.86 -3.56 -47.29
CA ASN A 361 35.26 -4.88 -47.59
C ASN A 361 33.89 -4.96 -46.90
N PHE A 362 32.88 -5.49 -47.59
CA PHE A 362 31.45 -5.44 -47.19
C PHE A 362 31.21 -6.25 -45.90
N ARG A 363 31.81 -7.43 -45.78
CA ARG A 363 31.60 -8.36 -44.63
C ARG A 363 32.36 -7.85 -43.40
N ALA A 364 33.51 -7.20 -43.60
CA ALA A 364 34.39 -6.68 -42.50
C ALA A 364 33.70 -5.51 -41.79
N THR A 365 32.95 -4.68 -42.53
CA THR A 365 32.22 -3.50 -41.99
C THR A 365 31.04 -3.94 -41.12
N LEU A 366 30.42 -5.08 -41.45
CA LEU A 366 29.21 -5.59 -40.74
C LEU A 366 29.55 -5.99 -39.30
N ILE A 367 30.81 -6.34 -39.00
CA ILE A 367 31.19 -6.89 -37.67
C ILE A 367 30.94 -5.81 -36.59
N PRO A 368 31.50 -4.58 -36.71
CA PRO A 368 31.06 -3.48 -35.85
C PRO A 368 29.56 -3.12 -35.95
N THR A 369 28.98 -3.15 -37.15
CA THR A 369 27.57 -2.75 -37.41
C THR A 369 26.61 -3.74 -36.72
N ILE A 370 27.01 -5.00 -36.55
CA ILE A 370 26.22 -6.05 -35.83
C ILE A 370 26.45 -5.92 -34.33
N ALA A 371 27.71 -5.70 -33.91
CA ALA A 371 28.15 -5.70 -32.51
C ALA A 371 27.41 -4.62 -31.70
N VAL A 372 27.20 -3.43 -32.29
CA VAL A 372 26.62 -2.25 -31.60
C VAL A 372 25.17 -2.55 -31.21
N PRO A 373 24.25 -2.84 -32.17
CA PRO A 373 22.85 -3.11 -31.81
C PRO A 373 22.65 -4.30 -30.85
N VAL A 374 23.50 -5.33 -30.92
CA VAL A 374 23.44 -6.52 -30.01
C VAL A 374 23.63 -6.04 -28.57
N VAL A 375 24.59 -5.14 -28.34
CA VAL A 375 24.91 -4.60 -26.98
C VAL A 375 23.81 -3.62 -26.55
N LEU A 376 23.39 -2.72 -27.45
CA LEU A 376 22.36 -1.68 -27.16
C LEU A 376 21.04 -2.37 -26.78
N LEU A 377 20.55 -3.29 -27.60
CA LEU A 377 19.34 -4.11 -27.29
C LEU A 377 19.55 -4.83 -25.96
N GLY A 378 20.73 -5.42 -25.77
CA GLY A 378 21.14 -6.09 -24.52
C GLY A 378 20.99 -5.18 -23.31
N THR A 379 21.39 -3.91 -23.43
CA THR A 379 21.37 -2.90 -22.35
C THR A 379 19.92 -2.63 -21.93
N PHE A 380 18.99 -2.56 -22.88
CA PHE A 380 17.53 -2.37 -22.61
C PHE A 380 17.03 -3.48 -21.68
N ALA A 381 17.47 -4.73 -21.91
CA ALA A 381 17.13 -5.91 -21.10
C ALA A 381 17.71 -5.77 -19.68
N VAL A 382 18.94 -5.27 -19.57
CA VAL A 382 19.64 -5.04 -18.26
C VAL A 382 18.90 -3.95 -17.49
N LEU A 383 18.52 -2.85 -18.15
CA LEU A 383 17.73 -1.75 -17.54
C LEU A 383 16.43 -2.31 -16.97
N ALA A 384 15.71 -3.11 -17.78
CA ALA A 384 14.43 -3.76 -17.41
C ALA A 384 14.63 -4.64 -16.17
N ALA A 385 15.73 -5.41 -16.15
CA ALA A 385 16.09 -6.32 -15.03
C ALA A 385 16.33 -5.53 -13.74
N PHE A 386 16.85 -4.31 -13.85
CA PHE A 386 17.19 -3.42 -12.70
C PHE A 386 16.11 -2.34 -12.50
N GLY A 387 14.95 -2.50 -13.14
CA GLY A 387 13.71 -1.75 -12.84
C GLY A 387 13.70 -0.34 -13.40
N PHE A 388 14.63 0.01 -14.29
CA PHE A 388 14.72 1.35 -14.95
C PHE A 388 13.70 1.42 -16.09
N SER A 389 13.47 2.64 -16.59
CA SER A 389 12.52 2.95 -17.70
C SER A 389 13.28 3.57 -18.88
N ILE A 390 12.68 3.50 -20.07
CA ILE A 390 13.19 4.18 -21.30
C ILE A 390 12.83 5.67 -21.19
N ASN A 391 13.83 6.53 -20.93
CA ASN A 391 13.63 7.99 -20.76
C ASN A 391 14.76 8.74 -21.46
N THR A 392 14.68 10.08 -21.48
CA THR A 392 15.65 11.00 -22.12
C THR A 392 17.07 10.60 -21.73
N LEU A 393 17.33 10.42 -20.43
CA LEU A 393 18.69 10.27 -19.85
C LEU A 393 19.26 8.90 -20.23
N THR A 394 18.47 7.82 -20.09
CA THR A 394 18.87 6.44 -20.48
C THR A 394 19.12 6.40 -21.99
N MET A 395 18.25 7.02 -22.77
CA MET A 395 18.32 7.03 -24.26
C MET A 395 19.56 7.79 -24.74
N PHE A 396 19.99 8.83 -24.02
CA PHE A 396 21.26 9.56 -24.29
C PHE A 396 22.44 8.76 -23.74
N GLY A 397 22.20 7.98 -22.67
CA GLY A 397 23.14 6.95 -22.19
C GLY A 397 23.49 5.97 -23.30
N MET A 398 22.48 5.57 -24.09
CA MET A 398 22.64 4.66 -25.27
C MET A 398 23.52 5.34 -26.33
N VAL A 399 23.27 6.62 -26.61
CA VAL A 399 23.99 7.40 -27.67
C VAL A 399 25.48 7.45 -27.29
N LEU A 400 25.79 7.93 -26.08
CA LEU A 400 27.18 8.13 -25.59
C LEU A 400 27.89 6.77 -25.50
N ALA A 401 27.16 5.70 -25.21
CA ALA A 401 27.68 4.31 -25.13
C ALA A 401 28.28 3.88 -26.48
N ILE A 402 27.66 4.28 -27.59
CA ILE A 402 28.06 3.88 -28.98
C ILE A 402 29.57 4.12 -29.16
N GLY A 403 30.08 5.26 -28.69
CA GLY A 403 31.52 5.57 -28.66
C GLY A 403 32.31 4.43 -28.04
N LEU A 404 31.86 3.96 -26.87
CA LEU A 404 32.53 2.88 -26.08
C LEU A 404 32.23 1.51 -26.73
N LEU A 405 31.04 1.32 -27.30
CA LEU A 405 30.61 0.05 -27.96
C LEU A 405 31.43 -0.17 -29.24
N VAL A 406 31.54 0.87 -30.07
CA VAL A 406 32.20 0.84 -31.41
C VAL A 406 33.72 0.67 -31.23
N ASP A 407 34.30 1.28 -30.19
CA ASP A 407 35.77 1.18 -29.92
C ASP A 407 36.13 -0.28 -29.61
N ASP A 408 35.31 -0.97 -28.80
CA ASP A 408 35.48 -2.42 -28.48
C ASP A 408 35.45 -3.23 -29.78
N ALA A 409 34.49 -2.94 -30.67
CA ALA A 409 34.31 -3.64 -31.97
C ALA A 409 35.50 -3.34 -32.90
N ILE A 410 35.90 -2.07 -33.01
CA ILE A 410 37.02 -1.61 -33.89
C ILE A 410 38.33 -2.25 -33.40
N VAL A 411 38.68 -2.06 -32.12
CA VAL A 411 39.92 -2.61 -31.48
C VAL A 411 40.10 -4.06 -31.91
N VAL A 412 39.05 -4.87 -31.77
CA VAL A 412 39.08 -6.35 -32.03
C VAL A 412 39.32 -6.60 -33.53
N VAL A 413 38.53 -5.98 -34.41
CA VAL A 413 38.56 -6.22 -35.88
C VAL A 413 39.87 -5.66 -36.45
N GLU A 414 40.17 -4.38 -36.18
CA GLU A 414 41.39 -3.68 -36.69
C GLU A 414 42.63 -4.51 -36.38
N ASN A 415 42.77 -4.97 -35.13
CA ASN A 415 43.98 -5.67 -34.63
C ASN A 415 44.15 -7.00 -35.37
N VAL A 416 43.04 -7.67 -35.72
CA VAL A 416 43.05 -8.95 -36.49
C VAL A 416 43.53 -8.66 -37.92
N GLU A 417 42.95 -7.63 -38.56
CA GLU A 417 43.30 -7.18 -39.94
C GLU A 417 44.81 -6.87 -39.99
N ARG A 418 45.34 -6.21 -38.96
CA ARG A 418 46.77 -5.80 -38.85
C ARG A 418 47.65 -7.04 -38.72
N VAL A 419 47.24 -8.03 -37.92
CA VAL A 419 47.98 -9.31 -37.70
C VAL A 419 48.14 -10.05 -39.04
N MET A 420 47.07 -10.09 -39.84
CA MET A 420 47.05 -10.75 -41.18
C MET A 420 47.92 -9.97 -42.16
N ALA A 421 47.98 -8.64 -42.03
CA ALA A 421 48.78 -7.73 -42.90
C ALA A 421 50.27 -7.92 -42.60
N GLU A 422 50.65 -8.08 -41.33
CA GLU A 422 52.07 -8.12 -40.87
C GLU A 422 52.63 -9.55 -41.01
N GLU A 423 51.81 -10.58 -40.84
CA GLU A 423 52.28 -12.00 -40.74
C GLU A 423 51.71 -12.89 -41.86
N GLY A 424 50.58 -12.53 -42.47
CA GLY A 424 49.96 -13.29 -43.58
C GLY A 424 49.25 -14.54 -43.11
N LEU A 425 48.82 -14.58 -41.84
CA LEU A 425 48.06 -15.71 -41.23
C LEU A 425 46.63 -15.70 -41.76
N PRO A 426 45.96 -16.87 -41.89
CA PRO A 426 44.54 -16.90 -42.25
C PRO A 426 43.65 -16.35 -41.15
N PRO A 427 42.41 -15.91 -41.49
CA PRO A 427 41.47 -15.34 -40.51
C PRO A 427 41.40 -16.08 -39.15
N LYS A 428 41.13 -17.38 -39.18
CA LYS A 428 40.86 -18.21 -37.97
C LYS A 428 42.09 -18.19 -37.04
N GLU A 429 43.30 -18.35 -37.60
CA GLU A 429 44.57 -18.38 -36.83
C GLU A 429 44.90 -16.96 -36.33
N ALA A 430 44.65 -15.93 -37.15
CA ALA A 430 44.98 -14.52 -36.87
C ALA A 430 44.17 -14.02 -35.66
N THR A 431 42.89 -14.37 -35.57
CA THR A 431 41.97 -14.00 -34.45
C THR A 431 42.50 -14.58 -33.14
N ARG A 432 42.81 -15.89 -33.13
CA ARG A 432 43.36 -16.60 -31.93
C ARG A 432 44.59 -15.85 -31.41
N LYS A 433 45.49 -15.44 -32.30
CA LYS A 433 46.72 -14.66 -31.96
C LYS A 433 46.33 -13.26 -31.50
N SER A 434 45.44 -12.60 -32.26
CA SER A 434 44.96 -11.21 -32.00
C SER A 434 44.33 -11.14 -30.61
N MET A 435 43.29 -11.94 -30.37
CA MET A 435 42.52 -11.97 -29.11
C MET A 435 43.46 -12.26 -27.92
N GLY A 436 44.50 -13.07 -28.16
CA GLY A 436 45.57 -13.33 -27.17
C GLY A 436 46.23 -12.06 -26.66
N GLN A 437 46.42 -11.07 -27.55
CA GLN A 437 47.18 -9.82 -27.26
C GLN A 437 46.30 -8.80 -26.53
N ILE A 438 44.98 -8.77 -26.80
CA ILE A 438 44.08 -7.66 -26.36
C ILE A 438 43.10 -8.11 -25.26
N GLN A 439 42.68 -9.38 -25.25
CA GLN A 439 41.62 -9.92 -24.34
C GLN A 439 41.80 -9.37 -22.92
N GLY A 440 42.98 -9.56 -22.32
CA GLY A 440 43.29 -9.13 -20.94
C GLY A 440 43.05 -7.65 -20.73
N ALA A 441 43.50 -6.81 -21.67
CA ALA A 441 43.45 -5.34 -21.59
C ALA A 441 42.00 -4.84 -21.67
N LEU A 442 41.18 -5.46 -22.53
CA LEU A 442 39.74 -5.11 -22.69
C LEU A 442 39.02 -5.26 -21.35
N VAL A 443 39.23 -6.39 -20.66
CA VAL A 443 38.64 -6.69 -19.32
C VAL A 443 39.14 -5.62 -18.34
N GLY A 444 40.45 -5.33 -18.36
CA GLY A 444 41.11 -4.33 -17.50
C GLY A 444 40.60 -2.92 -17.75
N ILE A 445 40.23 -2.59 -18.99
CA ILE A 445 39.73 -1.25 -19.39
C ILE A 445 38.31 -1.07 -18.82
N ALA A 446 37.47 -2.10 -18.88
CA ALA A 446 36.09 -2.11 -18.35
C ALA A 446 36.12 -1.87 -16.83
N MET A 447 37.13 -2.40 -16.14
CA MET A 447 37.36 -2.15 -14.69
C MET A 447 37.70 -0.66 -14.50
N VAL A 448 38.60 -0.12 -15.32
CA VAL A 448 39.06 1.30 -15.24
C VAL A 448 37.89 2.23 -15.59
N LEU A 449 37.13 1.93 -16.65
CA LEU A 449 36.03 2.80 -17.15
C LEU A 449 34.87 2.78 -16.16
N SER A 450 34.56 1.62 -15.57
CA SER A 450 33.51 1.46 -14.52
C SER A 450 33.85 2.35 -13.32
N ALA A 451 35.15 2.52 -13.02
CA ALA A 451 35.65 3.40 -11.94
C ALA A 451 35.37 4.88 -12.27
N VAL A 452 35.16 5.22 -13.54
CA VAL A 452 34.84 6.61 -14.01
C VAL A 452 33.33 6.86 -13.83
N PHE A 453 32.49 5.93 -14.29
CA PHE A 453 31.02 6.11 -14.45
C PHE A 453 30.28 5.76 -13.15
N VAL A 454 30.66 4.68 -12.47
CA VAL A 454 29.91 4.13 -11.30
C VAL A 454 29.79 5.18 -10.19
N PRO A 455 30.86 5.93 -9.84
CA PRO A 455 30.77 6.98 -8.81
C PRO A 455 29.62 7.99 -8.95
N MET A 456 29.18 8.32 -10.17
CA MET A 456 28.10 9.30 -10.41
C MET A 456 26.72 8.65 -10.18
N ALA A 457 26.69 7.35 -9.85
CA ALA A 457 25.48 6.62 -9.39
C ALA A 457 25.30 6.75 -7.88
N PHE A 458 26.13 7.58 -7.21
CA PHE A 458 26.12 7.79 -5.73
C PHE A 458 25.98 9.28 -5.39
N PHE A 459 25.41 10.09 -6.29
CA PHE A 459 25.13 11.53 -6.04
C PHE A 459 23.94 11.65 -5.07
N GLY A 460 23.81 12.82 -4.43
CA GLY A 460 22.91 13.04 -3.30
C GLY A 460 21.52 13.52 -3.71
N GLY A 461 20.50 12.69 -3.46
CA GLY A 461 19.08 13.08 -3.38
C GLY A 461 18.47 13.44 -4.73
N SER A 462 17.99 14.68 -4.86
CA SER A 462 17.19 15.19 -6.01
C SER A 462 17.91 14.90 -7.33
N THR A 463 19.13 15.42 -7.48
CA THR A 463 19.97 15.33 -8.71
C THR A 463 20.53 13.91 -8.85
N GLY A 464 20.75 13.22 -7.73
CA GLY A 464 21.37 11.88 -7.66
C GLY A 464 20.67 10.85 -8.53
N ALA A 465 19.33 10.92 -8.62
CA ALA A 465 18.49 9.99 -9.42
C ALA A 465 18.72 10.23 -10.91
N ILE A 466 18.93 11.49 -11.31
CA ILE A 466 19.13 11.92 -12.73
C ILE A 466 20.45 11.34 -13.24
N TYR A 467 21.54 11.49 -12.46
CA TYR A 467 22.91 11.02 -12.81
C TYR A 467 22.95 9.48 -12.83
N ARG A 468 22.16 8.83 -11.97
CA ARG A 468 22.15 7.34 -11.82
C ARG A 468 21.66 6.68 -13.11
N GLN A 469 20.77 7.36 -13.85
CA GLN A 469 20.18 6.84 -15.12
C GLN A 469 21.31 6.61 -16.14
N PHE A 470 22.22 7.58 -16.29
CA PHE A 470 23.38 7.52 -17.23
C PHE A 470 24.33 6.41 -16.79
N SER A 471 24.76 6.45 -15.52
CA SER A 471 25.75 5.52 -14.92
C SER A 471 25.37 4.06 -15.22
N ILE A 472 24.14 3.66 -14.84
CA ILE A 472 23.68 2.24 -14.94
C ILE A 472 23.49 1.85 -16.42
N THR A 473 23.13 2.81 -17.28
CA THR A 473 22.97 2.57 -18.75
C THR A 473 24.33 2.33 -19.39
N ILE A 474 25.32 3.20 -19.09
CA ILE A 474 26.67 3.18 -19.72
C ILE A 474 27.48 1.99 -19.18
N VAL A 475 27.49 1.79 -17.85
CA VAL A 475 28.23 0.68 -17.18
C VAL A 475 27.73 -0.67 -17.71
N SER A 476 26.41 -0.84 -17.81
CA SER A 476 25.75 -2.05 -18.38
C SER A 476 26.23 -2.29 -19.81
N ALA A 477 26.20 -1.24 -20.64
CA ALA A 477 26.57 -1.28 -22.07
C ALA A 477 28.02 -1.79 -22.22
N MET A 478 28.96 -1.22 -21.46
CA MET A 478 30.39 -1.60 -21.47
C MET A 478 30.54 -3.08 -21.09
N ALA A 479 29.95 -3.47 -19.96
CA ALA A 479 29.96 -4.85 -19.42
C ALA A 479 29.52 -5.82 -20.54
N LEU A 480 28.44 -5.50 -21.25
CA LEU A 480 27.93 -6.30 -22.40
C LEU A 480 28.91 -6.20 -23.58
N SER A 481 29.44 -5.00 -23.85
CA SER A 481 30.36 -4.71 -24.98
C SER A 481 31.58 -5.63 -24.91
N VAL A 482 32.17 -5.76 -23.73
CA VAL A 482 33.36 -6.64 -23.48
C VAL A 482 32.93 -8.10 -23.66
N LEU A 483 31.81 -8.51 -23.03
CA LEU A 483 31.26 -9.89 -23.13
C LEU A 483 31.04 -10.24 -24.61
N VAL A 484 30.53 -9.30 -25.41
CA VAL A 484 30.27 -9.48 -26.88
C VAL A 484 31.61 -9.53 -27.62
N ALA A 485 32.60 -8.73 -27.20
CA ALA A 485 33.94 -8.63 -27.81
C ALA A 485 34.77 -9.91 -27.56
N LEU A 486 34.37 -10.74 -26.59
CA LEU A 486 35.03 -12.05 -26.29
C LEU A 486 34.25 -13.20 -26.93
N ILE A 487 32.93 -13.06 -27.12
CA ILE A 487 32.04 -14.15 -27.62
C ILE A 487 31.84 -14.00 -29.13
N LEU A 488 31.12 -12.96 -29.56
CA LEU A 488 30.61 -12.83 -30.96
C LEU A 488 31.68 -12.26 -31.89
N THR A 489 32.34 -11.17 -31.50
CA THR A 489 33.27 -10.40 -32.37
C THR A 489 34.43 -11.28 -32.85
N PRO A 490 35.06 -12.10 -31.98
CA PRO A 490 36.11 -13.03 -32.43
C PRO A 490 35.58 -14.11 -33.37
N ALA A 491 34.35 -14.59 -33.13
CA ALA A 491 33.65 -15.60 -33.95
C ALA A 491 33.34 -15.03 -35.34
N LEU A 492 32.96 -13.75 -35.43
CA LEU A 492 32.65 -13.05 -36.70
C LEU A 492 33.94 -12.80 -37.48
N CYS A 493 35.00 -12.36 -36.80
CA CYS A 493 36.35 -12.10 -37.40
C CYS A 493 36.91 -13.37 -38.03
N ALA A 494 36.69 -14.53 -37.39
CA ALA A 494 37.20 -15.85 -37.81
C ALA A 494 36.50 -16.33 -39.09
N THR A 495 35.22 -15.99 -39.27
CA THR A 495 34.36 -16.47 -40.39
C THR A 495 34.25 -15.42 -41.49
N MET A 496 33.98 -14.15 -41.14
CA MET A 496 33.52 -13.09 -42.09
C MET A 496 34.72 -12.36 -42.73
N LEU A 497 35.84 -12.19 -42.02
CA LEU A 497 37.03 -11.48 -42.56
C LEU A 497 37.65 -12.28 -43.71
N LYS A 498 38.05 -11.58 -44.76
CA LYS A 498 38.75 -12.15 -45.95
C LYS A 498 40.23 -12.28 -45.62
N PRO A 499 40.92 -13.37 -46.03
CA PRO A 499 42.35 -13.51 -45.82
C PRO A 499 43.14 -12.41 -46.55
N ILE A 500 44.09 -11.78 -45.86
CA ILE A 500 45.02 -10.74 -46.39
C ILE A 500 46.43 -11.34 -46.45
N ALA A 501 47.05 -11.31 -47.65
CA ALA A 501 48.44 -11.76 -47.88
C ALA A 501 49.42 -10.81 -47.19
N LYS A 502 50.58 -11.32 -46.77
CA LYS A 502 51.62 -10.58 -46.02
C LYS A 502 52.06 -9.33 -46.81
N GLY A 503 52.21 -8.20 -46.13
CA GLY A 503 52.72 -6.94 -46.70
C GLY A 503 51.66 -6.16 -47.47
N ASP A 504 50.41 -6.64 -47.50
CA ASP A 504 49.29 -6.02 -48.26
C ASP A 504 48.57 -5.02 -47.35
N HIS A 505 48.77 -3.72 -47.60
CA HIS A 505 48.00 -2.59 -47.02
C HIS A 505 47.08 -2.02 -48.10
N GLY A 506 46.59 -2.86 -49.00
CA GLY A 506 45.97 -2.40 -50.25
C GLY A 506 47.00 -1.75 -51.14
N GLU A 507 46.82 -0.47 -51.43
CA GLU A 507 47.72 0.37 -52.26
C GLU A 507 47.54 0.04 -53.74
N GLY A 508 47.77 -1.20 -54.16
CA GLY A 508 47.52 -1.61 -55.55
C GLY A 508 46.06 -1.94 -55.82
N LYS A 509 45.23 -0.91 -55.86
CA LYS A 509 43.82 -0.97 -56.32
C LYS A 509 43.48 0.35 -57.01
N LYS A 510 43.20 0.33 -58.31
CA LYS A 510 42.97 1.59 -59.05
C LYS A 510 41.61 2.17 -58.64
N GLY A 511 41.58 2.99 -57.58
CA GLY A 511 40.33 3.68 -57.15
C GLY A 511 40.58 4.72 -56.08
N PHE A 512 39.51 5.16 -55.42
CA PHE A 512 39.54 6.06 -54.24
C PHE A 512 40.23 5.34 -53.07
N PHE A 513 39.99 4.04 -52.95
CA PHE A 513 40.55 3.16 -51.88
C PHE A 513 42.08 3.09 -52.01
N GLY A 514 42.57 2.97 -53.26
CA GLY A 514 44.01 2.99 -53.59
C GLY A 514 44.68 4.27 -53.13
N TRP A 515 44.11 5.43 -53.53
CA TRP A 515 44.60 6.77 -53.14
C TRP A 515 44.62 6.90 -51.61
N PHE A 516 43.54 6.47 -50.94
CA PHE A 516 43.36 6.55 -49.47
C PHE A 516 44.46 5.74 -48.78
N ASN A 517 44.70 4.51 -49.24
CA ASN A 517 45.70 3.56 -48.66
C ASN A 517 47.11 4.14 -48.80
N ARG A 518 47.42 4.77 -49.94
CA ARG A 518 48.72 5.45 -50.19
C ARG A 518 48.84 6.67 -49.28
N MET A 519 47.77 7.50 -49.23
CA MET A 519 47.70 8.73 -48.40
C MET A 519 47.90 8.37 -46.92
N PHE A 520 47.24 7.31 -46.45
CA PHE A 520 47.24 6.89 -45.03
C PHE A 520 48.60 6.27 -44.66
N GLU A 521 49.14 5.40 -45.52
CA GLU A 521 50.45 4.73 -45.30
C GLU A 521 51.57 5.77 -45.20
N LYS A 522 51.53 6.79 -46.06
CA LYS A 522 52.52 7.91 -46.05
C LYS A 522 52.28 8.78 -44.81
N SER A 523 51.02 9.02 -44.46
CA SER A 523 50.60 9.82 -43.27
C SER A 523 51.05 9.14 -41.98
N THR A 524 50.96 7.80 -41.92
CA THR A 524 51.44 6.97 -40.78
C THR A 524 52.94 7.16 -40.61
N HIS A 525 53.70 7.16 -41.72
CA HIS A 525 55.18 7.37 -41.75
C HIS A 525 55.52 8.80 -41.30
N HIS A 526 54.73 9.79 -41.73
CA HIS A 526 54.87 11.22 -41.33
C HIS A 526 54.56 11.37 -39.83
N TYR A 527 53.56 10.63 -39.33
CA TYR A 527 53.14 10.64 -37.90
C TYR A 527 54.29 10.16 -37.01
N THR A 528 54.89 9.01 -37.35
CA THR A 528 55.99 8.37 -36.59
C THR A 528 57.23 9.28 -36.60
N ASP A 529 57.64 9.75 -37.78
CA ASP A 529 58.80 10.67 -37.96
C ASP A 529 58.61 11.92 -37.09
N SER A 530 57.39 12.45 -37.05
CA SER A 530 57.00 13.64 -36.24
C SER A 530 57.15 13.32 -34.75
N VAL A 531 56.59 12.19 -34.29
CA VAL A 531 56.66 11.73 -32.87
C VAL A 531 58.13 11.49 -32.50
N GLY A 532 58.88 10.79 -33.36
CA GLY A 532 60.33 10.56 -33.21
C GLY A 532 61.06 11.84 -32.86
N GLY A 533 60.69 12.95 -33.51
CA GLY A 533 61.22 14.31 -33.24
C GLY A 533 60.72 14.86 -31.92
N ILE A 534 59.43 14.63 -31.61
CA ILE A 534 58.77 15.10 -30.35
C ILE A 534 59.45 14.40 -29.15
N LEU A 535 59.85 13.13 -29.30
CA LEU A 535 60.45 12.31 -28.22
C LEU A 535 61.88 12.79 -27.91
N ARG A 536 62.54 13.49 -28.85
CA ARG A 536 63.87 14.12 -28.63
C ARG A 536 63.69 15.50 -27.98
N SER A 537 62.58 16.19 -28.26
CA SER A 537 62.24 17.53 -27.71
C SER A 537 61.88 17.41 -26.23
N THR A 538 60.75 16.76 -25.92
CA THR A 538 60.24 16.47 -24.54
C THR A 538 59.89 17.76 -23.80
N GLY A 539 60.90 18.52 -23.36
CA GLY A 539 60.80 19.64 -22.41
C GLY A 539 59.76 20.67 -22.80
N ARG A 540 59.70 21.04 -24.08
CA ARG A 540 58.79 22.10 -24.61
C ARG A 540 57.33 21.63 -24.53
N TYR A 541 57.09 20.31 -24.67
CA TYR A 541 55.74 19.70 -24.68
C TYR A 541 55.20 19.53 -23.25
N LEU A 542 56.09 19.50 -22.24
CA LEU A 542 55.69 19.53 -20.81
C LEU A 542 55.18 20.93 -20.46
N VAL A 543 55.83 21.97 -20.99
CA VAL A 543 55.45 23.41 -20.79
C VAL A 543 54.15 23.67 -21.55
N LEU A 544 54.02 23.12 -22.77
CA LEU A 544 52.80 23.23 -23.62
C LEU A 544 51.63 22.52 -22.92
N TYR A 545 51.90 21.42 -22.20
CA TYR A 545 50.89 20.64 -21.43
C TYR A 545 50.37 21.49 -20.26
N LEU A 546 51.27 22.14 -19.51
CA LEU A 546 50.91 23.00 -18.34
C LEU A 546 50.11 24.21 -18.82
N ILE A 547 50.29 24.66 -20.07
CA ILE A 547 49.48 25.75 -20.69
C ILE A 547 48.05 25.24 -20.89
N ILE A 548 47.88 24.05 -21.48
CA ILE A 548 46.56 23.42 -21.77
C ILE A 548 45.79 23.25 -20.45
N VAL A 549 46.46 22.80 -19.39
CA VAL A 549 45.85 22.59 -18.03
C VAL A 549 45.41 23.95 -17.47
N VAL A 550 46.23 25.00 -17.64
CA VAL A 550 45.91 26.39 -17.19
C VAL A 550 44.72 26.91 -18.00
N GLY A 551 44.70 26.62 -19.31
CA GLY A 551 43.58 26.94 -20.21
C GLY A 551 42.31 26.18 -19.82
N MET A 552 42.45 24.89 -19.51
CA MET A 552 41.36 24.01 -19.01
C MET A 552 40.79 24.60 -17.72
N ALA A 553 41.66 24.92 -16.76
CA ALA A 553 41.32 25.49 -15.44
C ALA A 553 40.56 26.81 -15.62
N TYR A 554 41.06 27.70 -16.49
CA TYR A 554 40.46 29.03 -16.75
C TYR A 554 39.03 28.87 -17.28
N LEU A 555 38.88 28.12 -18.38
CA LEU A 555 37.58 27.93 -19.09
C LEU A 555 36.56 27.27 -18.14
N PHE A 556 37.00 26.33 -17.29
CA PHE A 556 36.14 25.60 -16.34
C PHE A 556 35.50 26.59 -15.36
N VAL A 557 36.28 27.54 -14.83
CA VAL A 557 35.84 28.57 -13.84
C VAL A 557 34.99 29.64 -14.56
N ARG A 558 35.30 29.94 -15.83
CA ARG A 558 34.59 30.97 -16.64
C ARG A 558 33.21 30.46 -17.05
N LEU A 559 33.10 29.19 -17.46
CA LEU A 559 31.85 28.59 -18.01
C LEU A 559 30.82 28.44 -16.89
N PRO A 560 29.66 29.14 -16.98
CA PRO A 560 28.62 29.03 -15.95
C PRO A 560 28.05 27.60 -15.84
N SER A 561 27.62 27.23 -14.63
CA SER A 561 27.01 25.90 -14.31
C SER A 561 25.52 25.93 -14.68
N SER A 562 24.90 24.75 -14.73
CA SER A 562 23.47 24.51 -15.06
C SER A 562 23.09 23.08 -14.67
N PHE A 563 21.81 22.71 -14.78
CA PHE A 563 21.33 21.33 -14.51
C PHE A 563 20.79 20.71 -15.80
N LEU A 564 19.59 21.08 -16.23
CA LEU A 564 18.93 20.58 -17.46
C LEU A 564 18.31 21.75 -18.21
N PRO A 565 18.58 21.89 -19.53
CA PRO A 565 18.08 23.04 -20.30
C PRO A 565 16.55 23.00 -20.43
N ASP A 566 15.91 24.18 -20.44
CA ASP A 566 14.45 24.33 -20.69
C ASP A 566 14.18 23.99 -22.14
N GLU A 567 13.35 22.97 -22.38
CA GLU A 567 12.95 22.52 -23.73
C GLU A 567 11.65 23.22 -24.13
N ASP A 568 11.54 23.60 -25.40
CA ASP A 568 10.25 23.90 -26.07
C ASP A 568 9.49 22.57 -26.17
N GLN A 569 8.31 22.48 -25.52
CA GLN A 569 7.49 21.24 -25.45
C GLN A 569 6.19 21.44 -26.25
N GLY A 570 6.13 22.47 -27.10
CA GLY A 570 4.97 22.77 -27.97
C GLY A 570 3.79 23.32 -27.20
N VAL A 571 3.94 23.54 -25.89
CA VAL A 571 2.87 24.02 -24.96
C VAL A 571 3.50 24.93 -23.92
N PHE A 572 2.68 25.83 -23.35
CA PHE A 572 3.02 26.67 -22.17
C PHE A 572 1.72 27.18 -21.55
N MET A 573 1.82 27.87 -20.40
CA MET A 573 0.66 28.37 -19.64
C MET A 573 0.82 29.88 -19.38
N THR A 574 -0.30 30.59 -19.30
CA THR A 574 -0.41 32.01 -18.91
C THR A 574 -1.26 32.07 -17.63
N MET A 575 -0.79 32.82 -16.63
CA MET A 575 -1.42 32.95 -15.30
C MET A 575 -2.02 34.37 -15.18
N VAL A 576 -3.29 34.46 -14.81
CA VAL A 576 -4.05 35.74 -14.66
C VAL A 576 -4.49 35.86 -13.20
N GLN A 577 -3.90 36.80 -12.46
CA GLN A 577 -4.20 37.07 -11.02
C GLN A 577 -4.58 38.53 -10.86
N LEU A 578 -5.87 38.81 -10.60
CA LEU A 578 -6.40 40.17 -10.33
C LEU A 578 -6.35 40.42 -8.83
N PRO A 579 -6.49 41.69 -8.38
CA PRO A 579 -6.65 42.00 -6.97
C PRO A 579 -7.78 41.19 -6.32
N ALA A 580 -7.66 40.90 -5.02
CA ALA A 580 -8.71 40.24 -4.22
C ALA A 580 -9.95 41.15 -4.21
N GLY A 581 -11.14 40.56 -4.35
CA GLY A 581 -12.44 41.29 -4.42
C GLY A 581 -12.77 41.75 -5.83
N ALA A 582 -11.93 41.37 -6.81
CA ALA A 582 -12.19 41.62 -8.25
C ALA A 582 -13.31 40.69 -8.72
N THR A 583 -14.04 41.09 -9.76
CA THR A 583 -15.24 40.39 -10.27
C THR A 583 -14.86 39.38 -11.35
N GLN A 584 -15.68 38.35 -11.50
CA GLN A 584 -15.65 37.35 -12.60
C GLN A 584 -15.68 38.06 -13.95
N GLU A 585 -16.46 39.15 -14.04
CA GLU A 585 -16.66 39.94 -15.30
C GLU A 585 -15.36 40.65 -15.67
N ARG A 586 -14.61 41.16 -14.69
CA ARG A 586 -13.34 41.91 -14.95
C ARG A 586 -12.20 40.92 -15.23
N THR A 587 -12.21 39.75 -14.59
CA THR A 587 -11.24 38.65 -14.85
C THR A 587 -11.40 38.17 -16.29
N GLN A 588 -12.65 38.07 -16.77
CA GLN A 588 -12.99 37.66 -18.16
C GLN A 588 -12.47 38.73 -19.13
N LYS A 589 -12.56 40.02 -18.77
CA LYS A 589 -12.07 41.15 -19.60
C LYS A 589 -10.58 40.94 -19.88
N VAL A 590 -9.81 40.54 -18.86
CA VAL A 590 -8.34 40.32 -18.95
C VAL A 590 -8.07 39.06 -19.77
N LEU A 591 -8.79 37.96 -19.52
CA LEU A 591 -8.64 36.67 -20.23
C LEU A 591 -8.88 36.90 -21.74
N ASN A 592 -9.85 37.75 -22.08
CA ASN A 592 -10.16 38.13 -23.48
C ASN A 592 -8.94 38.79 -24.11
N GLU A 593 -8.30 39.73 -23.42
CA GLU A 593 -7.05 40.41 -23.87
C GLU A 593 -5.94 39.37 -24.09
N VAL A 594 -5.76 38.43 -23.15
CA VAL A 594 -4.72 37.37 -23.24
C VAL A 594 -5.02 36.49 -24.46
N THR A 595 -6.24 35.97 -24.56
CA THR A 595 -6.69 35.11 -25.69
C THR A 595 -6.51 35.88 -27.01
N HIS A 596 -6.92 37.16 -27.04
CA HIS A 596 -6.82 38.06 -28.23
C HIS A 596 -5.38 38.10 -28.73
N TYR A 597 -4.42 38.34 -27.83
CA TYR A 597 -2.97 38.46 -28.14
C TYR A 597 -2.50 37.22 -28.90
N TYR A 598 -2.79 36.04 -28.35
CA TYR A 598 -2.30 34.73 -28.88
C TYR A 598 -2.95 34.42 -30.24
N LEU A 599 -4.19 34.87 -30.45
CA LEU A 599 -4.98 34.57 -31.68
C LEU A 599 -4.73 35.62 -32.77
N THR A 600 -4.10 36.76 -32.45
CA THR A 600 -3.84 37.86 -33.42
C THR A 600 -2.32 38.04 -33.62
N LYS A 601 -1.59 38.42 -32.57
CA LYS A 601 -0.14 38.75 -32.65
C LYS A 601 0.69 37.48 -32.89
N GLU A 602 0.28 36.33 -32.35
CA GLU A 602 1.05 35.05 -32.40
C GLU A 602 0.25 33.96 -33.12
N LYS A 603 -0.45 34.29 -34.21
CA LYS A 603 -1.30 33.32 -34.95
C LYS A 603 -0.43 32.40 -35.82
N ASN A 604 0.84 32.76 -36.04
CA ASN A 604 1.83 31.91 -36.77
C ASN A 604 2.34 30.80 -35.85
N ASN A 605 2.36 31.02 -34.53
CA ASN A 605 2.96 30.08 -33.54
C ASN A 605 1.87 29.32 -32.76
N VAL A 606 0.81 30.01 -32.33
CA VAL A 606 -0.24 29.45 -31.42
C VAL A 606 -1.27 28.68 -32.24
N GLU A 607 -1.49 27.41 -31.89
CA GLU A 607 -2.54 26.53 -32.46
C GLU A 607 -3.86 26.81 -31.74
N SER A 608 -3.90 26.63 -30.41
CA SER A 608 -5.12 26.72 -29.58
C SER A 608 -4.83 27.44 -28.25
N VAL A 609 -5.86 28.08 -27.69
CA VAL A 609 -5.87 28.73 -26.35
C VAL A 609 -7.09 28.22 -25.58
N PHE A 610 -6.88 27.46 -24.50
CA PHE A 610 -7.94 27.02 -23.56
C PHE A 610 -7.87 27.91 -22.32
N ALA A 611 -8.63 29.00 -22.31
CA ALA A 611 -8.72 29.99 -21.20
C ALA A 611 -9.81 29.54 -20.22
N VAL A 612 -9.50 29.58 -18.92
CA VAL A 612 -10.42 29.19 -17.82
C VAL A 612 -10.56 30.39 -16.86
N ASN A 613 -11.80 30.83 -16.63
CA ASN A 613 -12.15 31.92 -15.69
C ASN A 613 -12.53 31.29 -14.34
N GLY A 614 -11.88 31.71 -13.25
CA GLY A 614 -12.22 31.32 -11.87
C GLY A 614 -11.39 30.15 -11.37
N PHE A 615 -10.33 29.78 -12.11
CA PHE A 615 -9.34 28.74 -11.74
C PHE A 615 -7.92 29.26 -11.99
N GLY A 616 -7.02 29.00 -11.05
CA GLY A 616 -5.58 29.34 -11.13
C GLY A 616 -4.75 28.38 -10.28
N PHE A 617 -3.48 28.72 -10.06
CA PHE A 617 -2.50 27.90 -9.31
C PHE A 617 -2.82 27.93 -7.81
N ALA A 618 -3.07 29.13 -7.24
CA ALA A 618 -3.37 29.35 -5.81
C ALA A 618 -4.65 28.60 -5.43
N GLY A 619 -5.69 28.70 -6.27
CA GLY A 619 -6.98 28.02 -6.06
C GLY A 619 -8.06 28.56 -6.98
N ARG A 620 -9.33 28.43 -6.59
CA ARG A 620 -10.51 28.95 -7.33
C ARG A 620 -10.80 30.38 -6.85
N GLY A 621 -11.84 31.01 -7.40
CA GLY A 621 -12.32 32.35 -7.01
C GLY A 621 -12.48 33.26 -8.21
N GLN A 622 -13.34 34.29 -8.08
CA GLN A 622 -13.72 35.24 -9.16
C GLN A 622 -12.49 35.94 -9.73
N ASN A 623 -11.44 36.17 -8.93
CA ASN A 623 -10.32 37.11 -9.24
C ASN A 623 -9.14 36.40 -9.91
N THR A 624 -9.27 35.12 -10.29
CA THR A 624 -8.14 34.32 -10.83
C THR A 624 -8.55 33.63 -12.14
N GLY A 625 -7.57 33.43 -13.03
CA GLY A 625 -7.75 32.79 -14.34
C GLY A 625 -6.44 32.19 -14.84
N ILE A 626 -6.54 31.28 -15.81
CA ILE A 626 -5.38 30.60 -16.44
C ILE A 626 -5.72 30.31 -17.91
N ALA A 627 -4.70 30.30 -18.78
CA ALA A 627 -4.83 29.99 -20.22
C ALA A 627 -3.77 28.96 -20.61
N PHE A 628 -4.20 27.79 -21.07
CA PHE A 628 -3.34 26.71 -21.60
C PHE A 628 -3.15 26.95 -23.11
N VAL A 629 -1.94 27.35 -23.49
CA VAL A 629 -1.57 27.64 -24.91
C VAL A 629 -0.90 26.38 -25.49
N SER A 630 -1.37 25.95 -26.67
CA SER A 630 -0.76 24.86 -27.48
C SER A 630 -0.20 25.49 -28.77
N LEU A 631 1.11 25.37 -28.98
CA LEU A 631 1.81 25.94 -30.17
C LEU A 631 1.67 24.98 -31.34
N LYS A 632 1.94 25.47 -32.55
CA LYS A 632 2.01 24.65 -33.79
C LYS A 632 3.28 23.78 -33.71
N ASP A 633 3.43 22.85 -34.66
CA ASP A 633 4.55 21.89 -34.69
C ASP A 633 5.88 22.66 -34.79
N TRP A 634 6.95 22.08 -34.24
CA TRP A 634 8.31 22.66 -34.10
C TRP A 634 8.85 23.09 -35.47
N ALA A 635 8.55 22.31 -36.53
CA ALA A 635 9.02 22.54 -37.92
C ALA A 635 8.36 23.80 -38.50
N ASP A 636 7.14 24.14 -38.05
CA ASP A 636 6.38 25.33 -38.51
C ASP A 636 6.78 26.58 -37.71
N ARG A 637 7.72 26.44 -36.76
CA ARG A 637 8.21 27.54 -35.90
C ARG A 637 9.74 27.60 -35.97
N PRO A 638 10.33 27.92 -37.14
CA PRO A 638 11.79 28.01 -37.28
C PRO A 638 12.33 29.30 -36.68
N GLY A 639 13.57 29.25 -36.16
CA GLY A 639 14.24 30.39 -35.51
C GLY A 639 13.97 30.45 -34.02
N GLU A 640 14.76 31.23 -33.28
CA GLU A 640 14.71 31.33 -31.81
C GLU A 640 13.49 32.18 -31.38
N GLU A 641 13.12 33.19 -32.19
CA GLU A 641 12.04 34.15 -31.90
C GLU A 641 10.68 33.42 -31.87
N ASN A 642 10.55 32.27 -32.56
CA ASN A 642 9.30 31.50 -32.67
C ASN A 642 9.29 30.31 -31.70
N LYS A 643 10.27 30.24 -30.79
CA LYS A 643 10.31 29.20 -29.70
C LYS A 643 9.68 29.78 -28.43
N VAL A 644 9.36 28.92 -27.46
CA VAL A 644 8.52 29.22 -26.27
C VAL A 644 9.13 30.40 -25.49
N GLU A 645 10.41 30.32 -25.13
CA GLU A 645 11.09 31.32 -24.26
C GLU A 645 10.86 32.73 -24.82
N ALA A 646 11.03 32.91 -26.14
CA ALA A 646 10.84 34.18 -26.87
C ALA A 646 9.34 34.57 -26.85
N ILE A 647 8.46 33.61 -27.19
CA ILE A 647 6.98 33.82 -27.26
C ILE A 647 6.48 34.29 -25.89
N THR A 648 6.88 33.59 -24.83
CA THR A 648 6.45 33.86 -23.41
C THR A 648 7.03 35.20 -22.93
N MET A 649 8.24 35.55 -23.37
CA MET A 649 8.93 36.82 -22.98
C MET A 649 8.18 38.00 -23.63
N ARG A 650 7.86 37.89 -24.92
CA ARG A 650 7.06 38.90 -25.68
C ARG A 650 5.66 39.02 -25.04
N ALA A 651 4.99 37.90 -24.79
CA ALA A 651 3.63 37.82 -24.23
C ALA A 651 3.58 38.55 -22.89
N THR A 652 4.54 38.29 -21.99
CA THR A 652 4.62 38.89 -20.64
C THR A 652 4.85 40.41 -20.76
N ARG A 653 5.77 40.82 -21.64
CA ARG A 653 6.09 42.25 -21.90
C ARG A 653 4.83 42.97 -22.37
N ALA A 654 4.07 42.35 -23.28
CA ALA A 654 2.81 42.89 -23.84
C ALA A 654 1.75 43.03 -22.72
N PHE A 655 1.67 42.04 -21.82
CA PHE A 655 0.59 41.93 -20.81
C PHE A 655 0.89 42.80 -19.58
N SER A 656 2.08 43.42 -19.50
CA SER A 656 2.45 44.38 -18.42
C SER A 656 1.61 45.66 -18.54
N GLN A 657 1.09 45.95 -19.74
CA GLN A 657 0.26 47.15 -20.03
C GLN A 657 -1.17 46.98 -19.50
N ILE A 658 -1.57 45.76 -19.14
CA ILE A 658 -2.93 45.46 -18.57
C ILE A 658 -2.97 46.01 -17.14
N LYS A 659 -4.00 46.79 -16.81
CA LYS A 659 -4.16 47.47 -15.49
C LYS A 659 -4.83 46.53 -14.49
N ASP A 660 -4.45 46.65 -13.21
CA ASP A 660 -5.05 45.92 -12.06
C ASP A 660 -5.07 44.42 -12.36
N ALA A 661 -3.93 43.85 -12.75
CA ALA A 661 -3.76 42.41 -13.04
C ALA A 661 -2.28 42.03 -13.10
N MET A 662 -1.93 40.90 -12.47
CA MET A 662 -0.65 40.16 -12.69
C MET A 662 -0.90 39.13 -13.79
N VAL A 663 -0.33 39.34 -14.99
CA VAL A 663 -0.47 38.43 -16.15
C VAL A 663 0.92 37.99 -16.59
N PHE A 664 1.33 36.78 -16.17
CA PHE A 664 2.65 36.16 -16.47
C PHE A 664 2.45 34.98 -17.42
N ALA A 665 3.13 34.99 -18.56
CA ALA A 665 3.27 33.85 -19.49
C ALA A 665 4.64 33.21 -19.24
N PHE A 666 4.68 31.91 -18.92
CA PHE A 666 5.90 31.18 -18.51
C PHE A 666 5.92 29.77 -19.07
N ASN A 667 7.12 29.31 -19.44
CA ASN A 667 7.44 27.90 -19.78
C ASN A 667 7.61 27.12 -18.47
N LEU A 668 7.25 25.83 -18.47
CA LEU A 668 7.54 24.91 -17.33
C LEU A 668 9.04 24.63 -17.32
N PRO A 669 9.68 24.43 -16.14
CA PRO A 669 11.06 23.96 -16.10
C PRO A 669 11.18 22.53 -16.61
N ALA A 670 12.41 22.03 -16.79
CA ALA A 670 12.72 20.61 -17.10
C ALA A 670 12.00 19.71 -16.10
N ILE A 671 12.25 19.98 -14.82
CA ILE A 671 11.56 19.30 -13.69
C ILE A 671 11.04 20.39 -12.77
N VAL A 672 9.74 20.61 -12.81
CA VAL A 672 9.05 21.71 -12.05
C VAL A 672 9.17 21.56 -10.53
N GLU A 673 9.33 20.34 -10.04
CA GLU A 673 9.41 20.10 -8.57
C GLU A 673 10.79 20.40 -7.99
N LEU A 674 11.82 20.52 -8.83
CA LEU A 674 13.17 20.94 -8.40
C LEU A 674 13.17 22.39 -7.93
N GLY A 675 12.73 23.30 -8.80
CA GLY A 675 12.74 24.74 -8.50
C GLY A 675 12.74 25.60 -9.74
N THR A 676 13.32 26.82 -9.62
CA THR A 676 13.42 27.78 -10.73
C THR A 676 14.83 28.34 -10.80
N ALA A 677 15.83 27.46 -10.73
CA ALA A 677 17.27 27.80 -10.82
C ALA A 677 17.77 28.64 -9.62
N THR A 678 17.39 29.91 -9.56
CA THR A 678 17.93 30.88 -8.57
C THR A 678 16.88 31.28 -7.50
N GLY A 679 15.67 30.69 -7.56
CA GLY A 679 14.52 31.06 -6.72
C GLY A 679 14.60 30.49 -5.31
N PHE A 680 13.86 31.08 -4.37
CA PHE A 680 13.70 30.58 -2.98
C PHE A 680 12.23 30.67 -2.54
N ASP A 681 11.80 29.74 -1.69
CA ASP A 681 10.43 29.64 -1.14
C ASP A 681 10.50 29.79 0.38
N PHE A 682 10.20 31.01 0.88
CA PHE A 682 10.31 31.42 2.29
C PHE A 682 8.92 31.37 2.94
N GLU A 683 8.85 30.89 4.18
CA GLU A 683 7.61 30.87 5.01
C GLU A 683 7.81 31.77 6.24
N LEU A 684 7.00 32.81 6.37
CA LEU A 684 6.93 33.65 7.59
C LEU A 684 5.90 33.02 8.53
N ILE A 685 6.31 32.70 9.76
CA ILE A 685 5.50 31.93 10.75
C ILE A 685 5.08 32.85 11.91
N ASP A 686 3.84 32.72 12.36
CA ASP A 686 3.30 33.32 13.61
C ASP A 686 3.53 32.33 14.76
N GLN A 687 4.53 32.59 15.61
CA GLN A 687 5.08 31.61 16.59
C GLN A 687 4.48 31.81 17.98
N ALA A 688 3.70 32.89 18.21
CA ALA A 688 3.27 33.32 19.56
C ALA A 688 1.83 33.84 19.57
N GLY A 689 0.99 33.42 18.62
CA GLY A 689 -0.44 33.80 18.54
C GLY A 689 -0.65 35.29 18.34
N LEU A 690 0.24 35.94 17.58
CA LEU A 690 0.19 37.40 17.29
C LEU A 690 -1.10 37.74 16.53
N GLY A 691 -1.55 36.85 15.64
CA GLY A 691 -2.75 37.03 14.80
C GLY A 691 -2.39 37.42 13.39
N HIS A 692 -3.40 37.60 12.53
CA HIS A 692 -3.25 37.85 11.07
C HIS A 692 -2.69 39.27 10.83
N GLU A 693 -3.29 40.29 11.46
CA GLU A 693 -2.93 41.72 11.25
CA GLU A 693 -2.92 41.71 11.23
C GLU A 693 -1.45 41.91 11.60
N LYS A 694 -1.02 41.44 12.78
CA LYS A 694 0.38 41.59 13.26
C LYS A 694 1.33 40.85 12.32
N LEU A 695 0.96 39.67 11.84
CA LEU A 695 1.79 38.86 10.90
C LEU A 695 1.86 39.57 9.55
N THR A 696 0.76 40.21 9.13
CA THR A 696 0.69 41.02 7.88
C THR A 696 1.70 42.17 7.98
N GLN A 697 1.72 42.88 9.11
CA GLN A 697 2.63 44.02 9.39
CA GLN A 697 2.63 44.04 9.31
C GLN A 697 4.08 43.54 9.35
N ALA A 698 4.35 42.40 9.99
CA ALA A 698 5.68 41.75 10.04
C ALA A 698 6.13 41.39 8.61
N ARG A 699 5.20 40.88 7.78
CA ARG A 699 5.45 40.55 6.36
C ARG A 699 5.84 41.81 5.60
N ASN A 700 5.05 42.89 5.75
CA ASN A 700 5.26 44.19 5.07
C ASN A 700 6.63 44.76 5.46
N GLN A 701 7.02 44.62 6.74
CA GLN A 701 8.34 45.05 7.25
C GLN A 701 9.45 44.27 6.53
N LEU A 702 9.27 42.96 6.33
CA LEU A 702 10.28 42.08 5.67
C LEU A 702 10.36 42.42 4.18
N LEU A 703 9.22 42.75 3.54
CA LEU A 703 9.14 43.08 2.09
C LEU A 703 9.81 44.44 1.83
N ALA A 704 9.60 45.41 2.73
CA ALA A 704 10.19 46.77 2.67
C ALA A 704 11.72 46.67 2.69
N GLU A 705 12.27 45.91 3.65
CA GLU A 705 13.73 45.75 3.89
C GLU A 705 14.36 44.96 2.73
N ALA A 706 13.63 44.03 2.12
CA ALA A 706 14.10 43.20 0.99
C ALA A 706 14.26 44.05 -0.26
N ALA A 707 13.39 45.06 -0.43
CA ALA A 707 13.41 46.01 -1.58
C ALA A 707 14.66 46.90 -1.51
N LYS A 708 15.20 47.14 -0.31
CA LYS A 708 16.37 48.02 -0.06
C LYS A 708 17.69 47.23 -0.23
N HIS A 709 17.65 46.07 -0.89
CA HIS A 709 18.85 45.31 -1.35
C HIS A 709 18.60 44.75 -2.74
N PRO A 710 18.49 45.60 -3.79
CA PRO A 710 18.40 45.11 -5.17
C PRO A 710 19.65 44.35 -5.64
N ASP A 711 20.80 44.62 -5.00
CA ASP A 711 22.11 43.98 -5.30
C ASP A 711 22.06 42.47 -4.99
N MET A 712 21.25 42.05 -4.01
CA MET A 712 21.21 40.65 -3.50
C MET A 712 19.88 39.97 -3.84
N LEU A 713 18.75 40.60 -3.47
CA LEU A 713 17.38 40.01 -3.60
C LEU A 713 16.62 40.68 -4.75
N THR A 714 15.87 39.89 -5.52
CA THR A 714 15.05 40.33 -6.68
C THR A 714 13.64 39.73 -6.58
N SER A 715 12.61 40.52 -6.93
CA SER A 715 11.19 40.10 -7.08
C SER A 715 10.70 39.40 -5.80
N VAL A 716 11.05 39.93 -4.63
CA VAL A 716 10.58 39.41 -3.31
C VAL A 716 9.14 39.92 -3.12
N ARG A 717 8.16 39.02 -3.28
CA ARG A 717 6.72 39.34 -3.18
C ARG A 717 5.99 38.24 -2.42
N PRO A 718 4.80 38.53 -1.85
CA PRO A 718 3.99 37.50 -1.21
C PRO A 718 3.31 36.60 -2.25
N ASN A 719 3.14 35.32 -1.93
CA ASN A 719 2.44 34.33 -2.79
C ASN A 719 0.94 34.36 -2.50
N GLY A 720 0.53 34.99 -1.39
CA GLY A 720 -0.86 35.05 -0.92
C GLY A 720 -1.63 36.23 -1.48
N LEU A 721 -2.81 36.51 -0.91
CA LEU A 721 -3.71 37.63 -1.30
C LEU A 721 -3.77 38.66 -0.17
N GLU A 722 -4.12 39.90 -0.52
CA GLU A 722 -4.28 41.04 0.42
C GLU A 722 -5.69 41.01 1.00
N ASP A 723 -5.87 41.62 2.18
CA ASP A 723 -7.19 41.77 2.86
C ASP A 723 -8.11 42.61 1.96
N THR A 724 -9.42 42.47 2.14
CA THR A 724 -10.46 43.14 1.33
C THR A 724 -11.64 43.52 2.22
N PRO A 725 -12.43 44.55 1.85
CA PRO A 725 -13.62 44.92 2.60
C PRO A 725 -14.56 43.71 2.66
N GLN A 726 -15.15 43.46 3.84
CA GLN A 726 -16.15 42.39 4.06
C GLN A 726 -17.27 42.92 4.94
N PHE A 727 -18.50 42.48 4.68
CA PHE A 727 -19.76 42.98 5.29
C PHE A 727 -19.97 42.27 6.64
N LYS A 728 -19.54 42.91 7.74
CA LYS A 728 -19.73 42.39 9.11
C LYS A 728 -21.17 42.67 9.56
N ILE A 729 -21.92 41.62 9.89
CA ILE A 729 -23.32 41.73 10.42
C ILE A 729 -23.37 41.09 11.81
N ASP A 730 -23.86 41.85 12.80
CA ASP A 730 -24.02 41.41 14.21
C ASP A 730 -25.50 41.15 14.48
N ILE A 731 -25.87 39.89 14.72
CA ILE A 731 -27.24 39.50 15.19
C ILE A 731 -27.33 39.91 16.66
N ASP A 732 -28.29 40.77 17.00
CA ASP A 732 -28.56 41.19 18.41
C ASP A 732 -29.40 40.10 19.08
N GLN A 733 -28.83 39.41 20.07
CA GLN A 733 -29.42 38.21 20.71
C GLN A 733 -30.66 38.61 21.52
N GLU A 734 -30.58 39.70 22.30
CA GLU A 734 -31.70 40.20 23.14
C GLU A 734 -32.91 40.50 22.26
N LYS A 735 -32.71 41.23 21.16
CA LYS A 735 -33.78 41.71 20.25
C LYS A 735 -34.46 40.51 19.59
N ALA A 736 -33.67 39.54 19.11
CA ALA A 736 -34.16 38.28 18.48
C ALA A 736 -35.01 37.50 19.49
N GLN A 737 -34.57 37.40 20.74
CA GLN A 737 -35.29 36.71 21.85
C GLN A 737 -36.59 37.46 22.15
N ALA A 738 -36.57 38.80 22.11
CA ALA A 738 -37.71 39.69 22.42
C ALA A 738 -38.85 39.50 21.42
N LEU A 739 -38.52 39.37 20.12
CA LEU A 739 -39.51 39.24 19.02
C LEU A 739 -39.91 37.77 18.83
N GLY A 740 -39.19 36.83 19.46
CA GLY A 740 -39.45 35.38 19.35
C GLY A 740 -38.90 34.79 18.07
N VAL A 741 -37.75 35.30 17.61
CA VAL A 741 -37.06 34.88 16.35
C VAL A 741 -35.91 33.94 16.72
N SER A 742 -36.04 32.66 16.35
CA SER A 742 -35.02 31.59 16.52
C SER A 742 -33.72 32.00 15.82
N ILE A 743 -32.57 31.70 16.42
CA ILE A 743 -31.22 32.00 15.85
C ILE A 743 -30.93 31.02 14.70
N ASN A 744 -31.40 29.78 14.81
CA ASN A 744 -31.30 28.75 13.74
C ASN A 744 -31.99 29.27 12.47
N ASP A 745 -33.18 29.87 12.62
CA ASP A 745 -33.98 30.41 11.50
C ASP A 745 -33.26 31.61 10.89
N ILE A 746 -32.61 32.44 11.71
CA ILE A 746 -31.83 33.63 11.25
C ILE A 746 -30.65 33.15 10.40
N ASN A 747 -29.79 32.29 10.96
CA ASN A 747 -28.53 31.83 10.35
C ASN A 747 -28.83 31.00 9.08
N THR A 748 -29.89 30.19 9.08
CA THR A 748 -30.33 29.39 7.91
C THR A 748 -30.83 30.34 6.81
N THR A 749 -31.62 31.36 7.17
CA THR A 749 -32.15 32.39 6.23
C THR A 749 -30.97 33.14 5.61
N LEU A 750 -30.04 33.63 6.43
CA LEU A 750 -28.84 34.38 5.97
C LEU A 750 -27.97 33.46 5.10
N GLY A 751 -27.72 32.23 5.56
CA GLY A 751 -26.79 31.28 4.92
C GLY A 751 -27.33 30.74 3.60
N ALA A 752 -28.57 30.26 3.60
CA ALA A 752 -29.24 29.65 2.43
C ALA A 752 -29.35 30.70 1.32
N ALA A 753 -29.84 31.90 1.63
CA ALA A 753 -30.11 32.99 0.66
C ALA A 753 -28.80 33.46 0.02
N TRP A 754 -27.83 33.89 0.84
CA TRP A 754 -26.62 34.62 0.39
C TRP A 754 -25.47 33.65 0.10
N GLY A 755 -25.44 32.49 0.76
CA GLY A 755 -24.37 31.49 0.63
C GLY A 755 -24.75 30.34 -0.29
N GLY A 756 -26.01 29.91 -0.26
CA GLY A 756 -26.47 28.67 -0.90
C GLY A 756 -26.50 27.53 0.10
N SER A 757 -27.37 26.54 -0.13
CA SER A 757 -27.59 25.37 0.78
C SER A 757 -27.89 24.12 -0.05
N TYR A 758 -27.03 23.10 0.08
CA TYR A 758 -27.22 21.73 -0.48
C TYR A 758 -28.26 21.00 0.38
N VAL A 759 -29.50 20.93 -0.10
CA VAL A 759 -30.68 20.39 0.66
C VAL A 759 -30.62 18.86 0.63
N ASN A 760 -30.70 18.26 -0.56
CA ASN A 760 -30.70 16.79 -0.78
C ASN A 760 -30.43 16.52 -2.26
N ASP A 761 -30.44 15.24 -2.66
CA ASP A 761 -30.16 14.79 -4.04
C ASP A 761 -31.47 14.61 -4.82
N PHE A 762 -31.37 14.59 -6.15
CA PHE A 762 -32.47 14.27 -7.11
C PHE A 762 -31.86 13.49 -8.29
N ILE A 763 -32.70 12.99 -9.19
CA ILE A 763 -32.26 12.17 -10.36
C ILE A 763 -32.47 12.98 -11.65
N ASP A 764 -31.39 13.23 -12.38
CA ASP A 764 -31.40 13.94 -13.69
C ASP A 764 -30.99 12.95 -14.79
N ARG A 765 -31.96 12.48 -15.58
CA ARG A 765 -31.76 11.50 -16.66
C ARG A 765 -30.94 10.31 -16.13
N GLY A 766 -31.38 9.73 -15.00
CA GLY A 766 -30.86 8.46 -14.45
C GLY A 766 -29.70 8.66 -13.49
N ARG A 767 -29.04 9.83 -13.50
CA ARG A 767 -27.84 10.11 -12.66
C ARG A 767 -28.25 10.91 -11.41
N VAL A 768 -27.69 10.55 -10.25
CA VAL A 768 -27.91 11.29 -8.97
C VAL A 768 -27.14 12.60 -9.04
N LYS A 769 -27.83 13.71 -8.72
CA LYS A 769 -27.25 15.08 -8.70
C LYS A 769 -27.84 15.84 -7.51
N LYS A 770 -27.26 17.00 -7.19
CA LYS A 770 -27.57 17.81 -5.99
C LYS A 770 -28.79 18.70 -6.25
N VAL A 771 -29.42 19.17 -5.17
CA VAL A 771 -30.44 20.24 -5.16
C VAL A 771 -29.91 21.38 -4.29
N TYR A 772 -29.70 22.55 -4.87
CA TYR A 772 -29.24 23.78 -4.16
C TYR A 772 -30.42 24.76 -4.06
N VAL A 773 -30.68 25.23 -2.84
CA VAL A 773 -31.58 26.38 -2.55
C VAL A 773 -30.69 27.60 -2.29
N MET A 774 -30.99 28.72 -2.95
CA MET A 774 -30.22 29.98 -2.85
C MET A 774 -31.09 31.14 -3.37
N SER A 775 -30.79 32.37 -2.95
CA SER A 775 -31.45 33.60 -3.44
C SER A 775 -31.11 33.78 -4.93
N GLU A 776 -32.09 34.24 -5.72
CA GLU A 776 -31.86 34.71 -7.11
C GLU A 776 -30.89 35.89 -7.05
N ALA A 777 -30.01 36.00 -8.04
CA ALA A 777 -28.86 36.94 -8.08
C ALA A 777 -29.28 38.34 -7.62
N LYS A 778 -30.41 38.86 -8.11
CA LYS A 778 -30.80 40.29 -7.98
C LYS A 778 -31.12 40.67 -6.53
N TYR A 779 -31.38 39.69 -5.64
CA TYR A 779 -31.75 39.94 -4.22
C TYR A 779 -30.57 39.71 -3.27
N ARG A 780 -29.37 39.45 -3.80
CA ARG A 780 -28.15 39.22 -2.98
C ARG A 780 -26.94 39.91 -3.63
N MET A 781 -27.15 41.08 -4.24
CA MET A 781 -26.09 41.88 -4.92
C MET A 781 -25.72 43.10 -4.06
N LEU A 782 -26.69 43.72 -3.38
CA LEU A 782 -26.50 45.00 -2.65
C LEU A 782 -26.56 44.77 -1.14
N PRO A 783 -25.77 45.53 -0.34
CA PRO A 783 -25.94 45.60 1.11
C PRO A 783 -27.36 45.90 1.62
N ASP A 784 -28.12 46.73 0.89
CA ASP A 784 -29.50 47.15 1.30
C ASP A 784 -30.47 45.97 1.19
N ASP A 785 -30.13 44.95 0.39
CA ASP A 785 -31.00 43.77 0.15
C ASP A 785 -31.11 42.91 1.43
N ILE A 786 -30.16 43.03 2.36
CA ILE A 786 -30.16 42.28 3.66
C ILE A 786 -31.52 42.44 4.34
N GLY A 787 -32.04 43.66 4.39
CA GLY A 787 -33.31 44.02 5.05
C GLY A 787 -34.53 43.50 4.32
N ASP A 788 -34.41 43.16 3.03
CA ASP A 788 -35.51 42.63 2.19
C ASP A 788 -35.87 41.19 2.59
N TRP A 789 -35.01 40.52 3.37
CA TRP A 789 -35.23 39.13 3.87
C TRP A 789 -35.94 39.16 5.22
N TYR A 790 -36.99 38.34 5.35
CA TYR A 790 -37.84 38.22 6.56
C TYR A 790 -37.71 36.81 7.14
N VAL A 791 -37.77 36.71 8.46
CA VAL A 791 -37.79 35.43 9.24
C VAL A 791 -39.07 35.41 10.08
N ARG A 792 -39.76 34.28 10.14
CA ARG A 792 -41.03 34.13 10.89
C ARG A 792 -40.70 33.80 12.36
N ALA A 793 -41.31 34.54 13.29
CA ALA A 793 -41.19 34.37 14.75
C ALA A 793 -42.15 33.27 15.22
N ALA A 794 -42.14 32.96 16.52
CA ALA A 794 -43.00 31.92 17.15
C ALA A 794 -44.48 32.29 17.03
N ASP A 795 -44.81 33.59 17.06
CA ASP A 795 -46.21 34.10 17.06
C ASP A 795 -46.70 34.36 15.63
N GLY A 796 -45.85 34.10 14.62
CA GLY A 796 -46.26 34.07 13.20
C GLY A 796 -45.98 35.38 12.45
N GLN A 797 -45.55 36.42 13.15
CA GLN A 797 -45.19 37.74 12.53
C GLN A 797 -43.89 37.57 11.73
N MET A 798 -43.83 38.17 10.54
CA MET A 798 -42.62 38.19 9.67
C MET A 798 -41.74 39.38 10.07
N VAL A 799 -40.54 39.10 10.59
CA VAL A 799 -39.59 40.11 11.13
C VAL A 799 -38.47 40.31 10.10
N PRO A 800 -38.25 41.55 9.62
CA PRO A 800 -37.14 41.81 8.70
C PRO A 800 -35.79 41.78 9.44
N PHE A 801 -34.70 41.49 8.71
CA PHE A 801 -33.33 41.40 9.27
C PHE A 801 -32.95 42.70 9.97
N SER A 802 -33.40 43.83 9.43
CA SER A 802 -33.13 45.20 9.94
C SER A 802 -33.61 45.35 11.39
N ALA A 803 -34.64 44.60 11.79
CA ALA A 803 -35.27 44.68 13.13
C ALA A 803 -34.31 44.20 14.23
N PHE A 804 -33.50 43.17 13.95
CA PHE A 804 -32.69 42.44 14.99
C PHE A 804 -31.22 42.32 14.58
N SER A 805 -30.73 43.11 13.62
CA SER A 805 -29.32 43.07 13.18
C SER A 805 -28.78 44.49 12.96
N SER A 806 -27.47 44.64 13.12
CA SER A 806 -26.66 45.83 12.76
C SER A 806 -25.51 45.36 11.85
N SER A 807 -24.99 46.24 11.00
CA SER A 807 -23.90 45.90 10.04
C SER A 807 -22.90 47.05 9.91
N ARG A 808 -21.69 46.74 9.46
CA ARG A 808 -20.61 47.72 9.18
C ARG A 808 -19.55 47.07 8.28
N TRP A 809 -18.82 47.88 7.52
CA TRP A 809 -17.67 47.47 6.70
C TRP A 809 -16.45 47.24 7.61
N GLU A 810 -15.67 46.21 7.31
CA GLU A 810 -14.34 45.95 7.94
C GLU A 810 -13.49 45.14 6.95
N TYR A 811 -12.20 45.03 7.22
CA TYR A 811 -11.24 44.27 6.38
C TYR A 811 -10.98 42.89 7.02
N GLY A 812 -10.80 41.88 6.17
CA GLY A 812 -10.46 40.50 6.52
C GLY A 812 -9.80 39.78 5.36
N SER A 813 -9.08 38.69 5.63
CA SER A 813 -8.31 37.93 4.61
C SER A 813 -9.24 37.04 3.78
N PRO A 814 -9.08 37.03 2.44
CA PRO A 814 -9.75 36.04 1.59
C PRO A 814 -9.01 34.70 1.47
N ARG A 815 -7.79 34.59 1.98
CA ARG A 815 -6.95 33.36 1.92
C ARG A 815 -5.97 33.33 3.10
N LEU A 816 -6.30 32.56 4.13
CA LEU A 816 -5.43 32.35 5.33
C LEU A 816 -4.57 31.11 5.12
N GLU A 817 -3.24 31.30 5.17
CA GLU A 817 -2.21 30.25 4.96
C GLU A 817 -1.73 29.74 6.32
N ARG A 818 -1.41 28.45 6.41
CA ARG A 818 -0.77 27.84 7.61
C ARG A 818 0.40 26.97 7.15
N TYR A 819 1.50 26.97 7.91
CA TYR A 819 2.69 26.13 7.67
C TYR A 819 3.03 25.36 8.94
N ASN A 820 3.04 24.02 8.84
CA ASN A 820 3.28 23.06 9.96
C ASN A 820 2.36 23.43 11.13
N GLY A 821 1.10 23.72 10.86
CA GLY A 821 0.03 23.85 11.88
C GLY A 821 -0.18 25.27 12.35
N LEU A 822 0.74 26.20 12.05
CA LEU A 822 0.71 27.60 12.57
C LEU A 822 0.36 28.57 11.44
N PRO A 823 -0.26 29.73 11.76
CA PRO A 823 -0.53 30.76 10.75
C PRO A 823 0.78 31.19 10.08
N SER A 824 0.77 31.33 8.75
CA SER A 824 1.98 31.62 7.94
C SER A 824 1.65 32.56 6.78
N MET A 825 2.68 33.03 6.08
CA MET A 825 2.59 33.81 4.82
C MET A 825 3.79 33.44 3.94
N GLU A 826 3.51 32.80 2.81
CA GLU A 826 4.54 32.31 1.85
C GLU A 826 5.09 33.51 1.09
N ILE A 827 6.42 33.67 1.08
CA ILE A 827 7.15 34.75 0.36
C ILE A 827 8.11 34.09 -0.64
N LEU A 828 7.84 34.27 -1.94
CA LEU A 828 8.73 33.84 -3.05
C LEU A 828 9.69 34.98 -3.35
N GLY A 829 10.90 34.64 -3.80
CA GLY A 829 11.93 35.58 -4.28
C GLY A 829 13.00 34.83 -5.04
N GLN A 830 14.09 35.51 -5.39
CA GLN A 830 15.20 34.92 -6.18
C GLN A 830 16.46 35.76 -6.02
N ALA A 831 17.63 35.12 -6.22
CA ALA A 831 18.96 35.75 -6.18
C ALA A 831 19.12 36.68 -7.39
N ALA A 832 19.63 37.90 -7.16
CA ALA A 832 19.93 38.91 -8.20
C ALA A 832 21.02 38.36 -9.13
N PRO A 833 21.17 38.90 -10.36
CA PRO A 833 22.13 38.35 -11.33
C PRO A 833 23.57 38.40 -10.80
N GLY A 834 24.26 37.26 -10.81
CA GLY A 834 25.64 37.12 -10.33
C GLY A 834 25.72 36.49 -8.95
N LYS A 835 24.79 36.83 -8.05
CA LYS A 835 24.74 36.33 -6.65
C LYS A 835 24.17 34.90 -6.64
N SER A 836 24.55 34.10 -5.64
CA SER A 836 24.09 32.70 -5.44
C SER A 836 22.82 32.68 -4.58
N THR A 837 22.08 31.56 -4.63
CA THR A 837 20.85 31.31 -3.84
C THR A 837 21.21 31.28 -2.34
N GLY A 838 22.35 30.69 -1.99
CA GLY A 838 22.87 30.60 -0.61
C GLY A 838 23.11 31.97 0.00
N GLU A 839 23.67 32.91 -0.78
CA GLU A 839 23.88 34.33 -0.37
C GLU A 839 22.53 35.01 -0.15
N ALA A 840 21.59 34.82 -1.09
CA ALA A 840 20.23 35.41 -1.06
C ALA A 840 19.52 34.98 0.22
N MET A 841 19.49 33.67 0.51
CA MET A 841 18.78 33.07 1.67
C MET A 841 19.38 33.57 2.99
N GLU A 842 20.72 33.70 3.07
CA GLU A 842 21.44 34.20 4.28
C GLU A 842 20.90 35.60 4.65
N LEU A 843 20.70 36.47 3.66
CA LEU A 843 20.21 37.86 3.88
C LEU A 843 18.77 37.83 4.39
N MET A 844 17.91 37.00 3.79
CA MET A 844 16.49 36.82 4.18
C MET A 844 16.43 36.38 5.65
N GLU A 845 17.31 35.47 6.07
CA GLU A 845 17.42 34.99 7.47
C GLU A 845 17.82 36.16 8.38
N GLN A 846 18.83 36.93 7.97
CA GLN A 846 19.35 38.12 8.71
C GLN A 846 18.22 39.15 8.85
N LEU A 847 17.53 39.46 7.76
CA LEU A 847 16.37 40.41 7.75
C LEU A 847 15.25 39.86 8.63
N ALA A 848 15.01 38.54 8.58
CA ALA A 848 13.94 37.84 9.32
C ALA A 848 14.21 37.90 10.83
N SER A 849 15.48 37.99 11.24
CA SER A 849 15.91 38.07 12.67
C SER A 849 15.53 39.43 13.27
N LYS A 850 15.45 40.49 12.44
CA LYS A 850 15.18 41.89 12.87
C LYS A 850 13.67 42.10 13.10
N LEU A 851 12.83 41.13 12.71
CA LEU A 851 11.34 41.28 12.71
C LEU A 851 10.81 41.26 14.15
N PRO A 852 9.55 41.69 14.38
CA PRO A 852 8.98 41.76 15.74
C PRO A 852 8.95 40.43 16.51
N THR A 853 8.64 40.52 17.81
CA THR A 853 8.57 39.38 18.77
C THR A 853 7.45 38.43 18.35
N GLY A 854 7.69 37.12 18.45
CA GLY A 854 6.71 36.06 18.16
C GLY A 854 6.64 35.71 16.68
N VAL A 855 7.53 36.28 15.87
CA VAL A 855 7.59 36.05 14.39
C VAL A 855 8.84 35.22 14.09
N GLY A 856 8.63 33.99 13.61
CA GLY A 856 9.69 33.09 13.13
C GLY A 856 9.62 32.92 11.62
N TYR A 857 10.44 32.04 11.06
CA TYR A 857 10.48 31.73 9.62
C TYR A 857 10.86 30.26 9.41
N ASP A 858 10.76 29.80 8.16
CA ASP A 858 11.21 28.45 7.73
C ASP A 858 11.35 28.44 6.21
N TRP A 859 12.07 27.46 5.67
CA TRP A 859 12.22 27.21 4.21
C TRP A 859 11.39 25.97 3.83
N THR A 860 10.79 26.00 2.64
CA THR A 860 9.90 24.93 2.11
C THR A 860 10.19 24.69 0.63
N GLY A 861 9.56 23.67 0.04
CA GLY A 861 9.63 23.34 -1.40
C GLY A 861 11.07 23.17 -1.88
N MET A 862 11.52 24.08 -2.75
CA MET A 862 12.86 24.02 -3.41
C MET A 862 13.97 24.40 -2.42
N SER A 863 13.67 25.31 -1.48
CA SER A 863 14.64 25.88 -0.50
C SER A 863 14.92 24.88 0.64
N TYR A 864 13.94 24.01 0.96
CA TYR A 864 14.06 22.92 1.97
C TYR A 864 15.08 21.88 1.46
N GLN A 865 15.02 21.56 0.15
CA GLN A 865 15.84 20.50 -0.50
C GLN A 865 17.28 20.98 -0.72
N GLU A 866 17.50 22.30 -0.83
CA GLU A 866 18.84 22.89 -1.08
C GLU A 866 19.71 22.79 0.19
N ARG A 867 19.10 22.98 1.37
CA ARG A 867 19.80 22.94 2.68
C ARG A 867 20.38 21.56 2.93
N LEU A 868 19.55 20.50 2.87
CA LEU A 868 20.00 19.09 3.03
C LEU A 868 20.81 18.68 1.78
N SER A 869 22.11 18.48 1.95
CA SER A 869 23.10 18.13 0.90
C SER A 869 23.30 19.28 -0.08
N GLY A 870 24.34 19.19 -0.91
CA GLY A 870 24.61 20.06 -2.07
C GLY A 870 25.09 19.26 -3.25
N ASN A 871 26.33 19.51 -3.70
CA ASN A 871 27.06 18.69 -4.71
C ASN A 871 28.37 18.19 -4.09
N GLN A 872 28.49 16.87 -3.88
CA GLN A 872 29.72 16.22 -3.35
C GLN A 872 30.51 15.66 -4.54
N ALA A 873 30.74 16.50 -5.56
CA ALA A 873 31.42 16.16 -6.83
C ALA A 873 32.94 16.13 -6.62
N PRO A 874 33.55 17.12 -5.91
CA PRO A 874 34.96 17.02 -5.54
C PRO A 874 35.29 15.71 -4.80
N SER A 875 34.38 15.28 -3.92
CA SER A 875 34.51 14.06 -3.07
C SER A 875 34.47 12.79 -3.94
N LEU A 876 33.50 12.70 -4.87
CA LEU A 876 33.19 11.45 -5.61
C LEU A 876 34.18 11.21 -6.76
N TYR A 877 34.69 12.27 -7.38
CA TYR A 877 35.64 12.17 -8.52
C TYR A 877 37.09 12.10 -8.00
N ALA A 878 37.31 12.47 -6.74
CA ALA A 878 38.60 12.27 -6.03
C ALA A 878 38.86 10.76 -5.87
N ILE A 879 37.86 10.02 -5.37
CA ILE A 879 37.96 8.53 -5.18
C ILE A 879 37.86 7.85 -6.55
N SER A 880 37.10 8.41 -7.49
CA SER A 880 37.01 7.95 -8.90
C SER A 880 38.41 7.93 -9.52
N LEU A 881 39.14 9.04 -9.36
CA LEU A 881 40.53 9.22 -9.87
C LEU A 881 41.45 8.16 -9.23
N ILE A 882 41.31 7.94 -7.91
CA ILE A 882 42.15 7.01 -7.10
C ILE A 882 41.92 5.57 -7.56
N VAL A 883 40.67 5.16 -7.81
CA VAL A 883 40.32 3.76 -8.20
C VAL A 883 40.80 3.51 -9.64
N VAL A 884 40.78 4.54 -10.50
CA VAL A 884 41.34 4.47 -11.89
C VAL A 884 42.86 4.24 -11.79
N PHE A 885 43.54 5.01 -10.96
CA PHE A 885 45.01 4.90 -10.69
C PHE A 885 45.35 3.47 -10.26
N LEU A 886 44.61 2.94 -9.27
CA LEU A 886 44.84 1.60 -8.67
C LEU A 886 44.56 0.50 -9.70
N CYS A 887 43.47 0.62 -10.46
CA CYS A 887 43.07 -0.34 -11.53
C CYS A 887 44.18 -0.43 -12.59
N LEU A 888 44.74 0.72 -12.99
CA LEU A 888 45.87 0.79 -13.96
C LEU A 888 47.12 0.16 -13.35
N ALA A 889 47.40 0.44 -12.07
CA ALA A 889 48.58 -0.06 -11.31
C ALA A 889 48.58 -1.60 -11.33
N ALA A 890 47.40 -2.22 -11.26
CA ALA A 890 47.23 -3.70 -11.32
C ALA A 890 47.45 -4.19 -12.76
N LEU A 891 47.00 -3.40 -13.76
CA LEU A 891 47.08 -3.76 -15.20
C LEU A 891 48.55 -3.78 -15.66
N TYR A 892 49.35 -2.80 -15.24
CA TYR A 892 50.76 -2.59 -15.69
C TYR A 892 51.75 -3.12 -14.65
N GLU A 893 51.29 -3.49 -13.45
CA GLU A 893 52.14 -3.98 -12.33
C GLU A 893 53.20 -2.92 -12.01
N SER A 894 52.76 -1.67 -11.83
CA SER A 894 53.63 -0.49 -11.58
C SER A 894 52.82 0.63 -10.91
N TRP A 895 53.42 1.30 -9.92
CA TRP A 895 52.83 2.48 -9.23
C TRP A 895 52.98 3.74 -10.07
N SER A 896 53.93 3.76 -11.02
CA SER A 896 54.35 4.97 -11.78
C SER A 896 53.70 5.01 -13.17
N ILE A 897 53.55 3.86 -13.84
CA ILE A 897 53.11 3.78 -15.27
C ILE A 897 51.67 4.28 -15.42
N PRO A 898 50.75 4.09 -14.44
CA PRO A 898 49.41 4.68 -14.54
C PRO A 898 49.35 6.16 -14.94
N PHE A 899 50.32 6.99 -14.51
CA PHE A 899 50.38 8.44 -14.77
C PHE A 899 50.41 8.73 -16.29
N SER A 900 51.11 7.88 -17.05
CA SER A 900 51.24 8.00 -18.54
C SER A 900 49.87 7.91 -19.21
N VAL A 901 48.90 7.23 -18.57
CA VAL A 901 47.49 7.12 -19.03
C VAL A 901 46.70 8.32 -18.50
N MET A 902 46.76 8.58 -17.19
CA MET A 902 45.87 9.54 -16.47
C MET A 902 46.15 10.99 -16.91
N LEU A 903 47.28 11.27 -17.56
CA LEU A 903 47.67 12.64 -18.00
C LEU A 903 46.93 13.04 -19.29
N VAL A 904 46.14 12.14 -19.90
CA VAL A 904 45.35 12.42 -21.14
C VAL A 904 44.01 13.08 -20.77
N VAL A 905 43.64 13.10 -19.49
CA VAL A 905 42.29 13.54 -19.04
C VAL A 905 42.05 14.98 -19.49
N PRO A 906 42.97 15.94 -19.25
CA PRO A 906 42.79 17.32 -19.71
C PRO A 906 42.70 17.51 -21.23
N LEU A 907 43.32 16.63 -22.03
CA LEU A 907 43.36 16.74 -23.52
C LEU A 907 41.94 16.67 -24.09
N GLY A 908 41.05 15.91 -23.45
CA GLY A 908 39.63 15.78 -23.85
C GLY A 908 38.78 16.93 -23.32
N VAL A 909 39.09 17.42 -22.13
CA VAL A 909 38.26 18.42 -21.38
C VAL A 909 38.39 19.80 -22.05
N ILE A 910 39.56 20.14 -22.58
CA ILE A 910 39.83 21.49 -23.19
C ILE A 910 38.92 21.68 -24.42
N GLY A 911 38.79 20.65 -25.27
CA GLY A 911 37.97 20.69 -26.49
C GLY A 911 36.48 20.81 -26.17
N ALA A 912 36.05 20.19 -25.07
CA ALA A 912 34.66 20.25 -24.56
C ALA A 912 34.35 21.67 -24.07
N LEU A 913 35.23 22.23 -23.23
CA LEU A 913 35.08 23.58 -22.63
C LEU A 913 35.12 24.65 -23.73
N LEU A 914 35.99 24.49 -24.73
CA LEU A 914 36.09 25.44 -25.89
C LEU A 914 34.80 25.40 -26.68
N ALA A 915 34.33 24.21 -27.05
CA ALA A 915 33.13 23.98 -27.90
C ALA A 915 31.86 24.51 -27.19
N ALA A 916 31.76 24.32 -25.87
CA ALA A 916 30.63 24.77 -25.03
C ALA A 916 30.66 26.31 -24.93
N THR A 917 31.83 26.88 -24.61
CA THR A 917 32.05 28.35 -24.52
C THR A 917 31.78 28.99 -25.88
N PHE A 918 32.25 28.36 -26.97
CA PHE A 918 32.09 28.86 -28.37
C PHE A 918 30.60 28.97 -28.72
N ARG A 919 29.81 27.94 -28.41
CA ARG A 919 28.36 27.90 -28.73
C ARG A 919 27.55 28.58 -27.61
N GLY A 920 28.19 28.92 -26.49
CA GLY A 920 27.54 29.63 -25.36
C GLY A 920 26.61 28.72 -24.58
N LEU A 921 26.87 27.41 -24.58
CA LEU A 921 26.17 26.41 -23.74
C LEU A 921 26.76 26.48 -22.32
N THR A 922 26.18 25.72 -21.38
CA THR A 922 26.53 25.73 -19.93
C THR A 922 27.10 24.37 -19.53
N ASN A 923 27.77 24.33 -18.36
CA ASN A 923 28.22 23.08 -17.68
C ASN A 923 26.99 22.45 -17.01
N ASP A 924 26.25 21.62 -17.75
CA ASP A 924 24.99 20.96 -17.29
C ASP A 924 25.20 19.44 -17.24
N VAL A 925 24.14 18.70 -16.91
CA VAL A 925 24.15 17.22 -16.75
C VAL A 925 24.69 16.57 -18.02
N TYR A 926 24.18 16.97 -19.19
CA TYR A 926 24.51 16.38 -20.51
C TYR A 926 26.00 16.61 -20.83
N PHE A 927 26.53 17.78 -20.47
CA PHE A 927 27.95 18.17 -20.70
C PHE A 927 28.87 17.31 -19.82
N GLN A 928 28.49 17.13 -18.55
CA GLN A 928 29.29 16.38 -17.53
C GLN A 928 29.39 14.91 -17.93
N VAL A 929 28.27 14.28 -18.34
CA VAL A 929 28.22 12.84 -18.74
C VAL A 929 29.00 12.69 -20.05
N GLY A 930 28.86 13.65 -20.96
CA GLY A 930 29.58 13.72 -22.25
C GLY A 930 31.09 13.80 -22.07
N LEU A 931 31.55 14.50 -21.02
CA LEU A 931 32.99 14.59 -20.66
C LEU A 931 33.51 13.19 -20.28
N LEU A 932 32.81 12.49 -19.38
CA LEU A 932 33.22 11.16 -18.84
C LEU A 932 33.35 10.17 -20.01
N THR A 933 32.48 10.29 -21.03
CA THR A 933 32.53 9.47 -22.28
C THR A 933 33.80 9.81 -23.07
N THR A 934 34.12 11.11 -23.19
CA THR A 934 35.33 11.63 -23.88
C THR A 934 36.59 11.20 -23.11
N ILE A 935 36.59 11.39 -21.78
CA ILE A 935 37.72 11.00 -20.88
C ILE A 935 37.90 9.48 -20.96
N GLY A 936 36.80 8.74 -21.00
CA GLY A 936 36.79 7.26 -21.10
C GLY A 936 37.53 6.76 -22.34
N LEU A 937 37.16 7.28 -23.52
CA LEU A 937 37.75 6.87 -24.82
C LEU A 937 39.23 7.29 -24.90
N SER A 938 39.54 8.54 -24.53
CA SER A 938 40.92 9.09 -24.54
C SER A 938 41.82 8.24 -23.63
N ALA A 939 41.31 7.85 -22.45
CA ALA A 939 42.02 7.00 -21.47
C ALA A 939 42.17 5.58 -22.03
N LYS A 940 41.15 5.08 -22.74
CA LYS A 940 41.12 3.72 -23.34
C LYS A 940 42.20 3.59 -24.42
N ASN A 941 42.33 4.61 -25.29
CA ASN A 941 43.30 4.66 -26.40
C ASN A 941 44.73 4.74 -25.84
N ALA A 942 44.92 5.52 -24.76
CA ALA A 942 46.21 5.70 -24.07
C ALA A 942 46.60 4.40 -23.34
N ILE A 943 45.62 3.65 -22.83
CA ILE A 943 45.85 2.34 -22.14
C ILE A 943 46.44 1.35 -23.15
N LEU A 944 45.90 1.29 -24.37
CA LEU A 944 46.32 0.33 -25.42
C LEU A 944 47.67 0.73 -26.03
N ILE A 945 48.01 2.04 -26.04
CA ILE A 945 49.32 2.55 -26.54
C ILE A 945 50.41 2.13 -25.54
N VAL A 946 50.19 2.38 -24.25
CA VAL A 946 51.16 2.07 -23.15
C VAL A 946 51.27 0.55 -22.98
N GLU A 947 50.15 -0.18 -23.12
CA GLU A 947 50.09 -1.67 -23.02
C GLU A 947 51.00 -2.28 -24.12
N PHE A 948 50.82 -1.84 -25.36
CA PHE A 948 51.59 -2.29 -26.56
C PHE A 948 53.07 -1.93 -26.39
N ALA A 949 53.36 -0.68 -25.99
CA ALA A 949 54.73 -0.16 -25.78
C ALA A 949 55.43 -0.98 -24.68
N LYS A 950 54.74 -1.23 -23.56
CA LYS A 950 55.26 -2.03 -22.42
C LYS A 950 55.39 -3.50 -22.84
N ASP A 951 54.45 -4.00 -23.66
CA ASP A 951 54.41 -5.42 -24.13
C ASP A 951 55.63 -5.69 -25.02
N LEU A 952 56.00 -4.74 -25.88
CA LEU A 952 57.20 -4.85 -26.77
C LEU A 952 58.46 -4.89 -25.90
N MET A 953 58.58 -3.96 -24.93
CA MET A 953 59.77 -3.83 -24.05
C MET A 953 59.94 -5.09 -23.20
N ASP A 954 58.85 -5.72 -22.77
CA ASP A 954 58.86 -6.94 -21.91
C ASP A 954 59.15 -8.17 -22.77
N LYS A 955 58.30 -8.45 -23.76
CA LYS A 955 58.31 -9.73 -24.53
C LYS A 955 59.30 -9.65 -25.70
N GLU A 956 59.19 -8.63 -26.57
CA GLU A 956 60.03 -8.48 -27.79
C GLU A 956 61.41 -7.94 -27.42
N GLY A 957 61.55 -7.33 -26.24
CA GLY A 957 62.82 -6.78 -25.73
C GLY A 957 63.30 -5.59 -26.54
N LYS A 958 62.40 -4.64 -26.80
CA LYS A 958 62.70 -3.37 -27.55
C LYS A 958 63.13 -2.28 -26.57
N GLY A 959 63.85 -1.28 -27.07
CA GLY A 959 64.22 -0.06 -26.31
C GLY A 959 63.01 0.86 -26.14
N LEU A 960 63.12 1.86 -25.26
CA LEU A 960 62.00 2.76 -24.89
C LEU A 960 61.48 3.51 -26.13
N ILE A 961 62.34 4.28 -26.81
CA ILE A 961 61.96 5.15 -27.96
C ILE A 961 61.50 4.28 -29.13
N GLU A 962 62.13 3.11 -29.34
CA GLU A 962 61.77 2.16 -30.43
C GLU A 962 60.36 1.60 -30.17
N ALA A 963 60.07 1.21 -28.93
CA ALA A 963 58.80 0.56 -28.51
C ALA A 963 57.64 1.55 -28.62
N THR A 964 57.81 2.77 -28.10
CA THR A 964 56.79 3.86 -28.14
C THR A 964 56.39 4.12 -29.60
N LEU A 965 57.38 4.31 -30.49
CA LEU A 965 57.16 4.61 -31.94
C LEU A 965 56.50 3.41 -32.63
N ASP A 966 56.85 2.18 -32.23
CA ASP A 966 56.27 0.92 -32.77
C ASP A 966 54.81 0.79 -32.29
N ALA A 967 54.51 1.25 -31.08
CA ALA A 967 53.16 1.17 -30.46
C ALA A 967 52.19 2.09 -31.21
N VAL A 968 52.54 3.36 -31.37
CA VAL A 968 51.59 4.43 -31.82
C VAL A 968 51.18 4.22 -33.28
N ARG A 969 52.09 3.75 -34.15
CA ARG A 969 51.77 3.50 -35.59
C ARG A 969 50.79 2.31 -35.69
N MET A 970 50.89 1.35 -34.76
CA MET A 970 49.97 0.18 -34.67
C MET A 970 48.59 0.65 -34.20
N ARG A 971 48.54 1.65 -33.31
CA ARG A 971 47.28 2.11 -32.64
C ARG A 971 46.69 3.34 -33.34
N LEU A 972 47.41 3.99 -34.28
CA LEU A 972 46.93 5.22 -34.96
C LEU A 972 45.63 4.95 -35.70
N ARG A 973 45.57 3.89 -36.51
CA ARG A 973 44.43 3.56 -37.40
C ARG A 973 43.15 3.38 -36.60
N PRO A 974 43.10 2.48 -35.58
CA PRO A 974 41.88 2.28 -34.81
C PRO A 974 41.42 3.54 -34.04
N ILE A 975 42.37 4.33 -33.49
CA ILE A 975 42.08 5.60 -32.76
C ILE A 975 41.30 6.54 -33.69
N LEU A 976 41.79 6.73 -34.93
CA LEU A 976 41.16 7.64 -35.93
C LEU A 976 39.83 7.03 -36.42
N MET A 977 39.78 5.71 -36.59
CA MET A 977 38.55 4.97 -37.04
C MET A 977 37.41 5.22 -36.04
N THR A 978 37.70 5.10 -34.74
CA THR A 978 36.71 5.34 -33.65
C THR A 978 36.33 6.83 -33.63
N SER A 979 37.33 7.72 -33.67
CA SER A 979 37.17 9.19 -33.55
C SER A 979 36.24 9.73 -34.66
N LEU A 980 36.55 9.43 -35.92
CA LEU A 980 35.76 9.90 -37.10
C LEU A 980 34.34 9.34 -37.03
N ALA A 981 34.20 8.04 -36.70
CA ALA A 981 32.91 7.31 -36.62
C ALA A 981 32.02 7.93 -35.54
N PHE A 982 32.60 8.31 -34.40
CA PHE A 982 31.88 8.86 -33.21
C PHE A 982 31.66 10.36 -33.36
N ILE A 983 32.63 11.10 -33.93
CA ILE A 983 32.48 12.57 -34.22
C ILE A 983 31.37 12.77 -35.25
N LEU A 984 31.30 11.92 -36.28
CA LEU A 984 30.22 11.96 -37.31
C LEU A 984 28.89 11.52 -36.69
N GLY A 985 28.91 10.51 -35.80
CA GLY A 985 27.72 9.96 -35.12
C GLY A 985 26.96 11.02 -34.36
N VAL A 986 27.66 12.00 -33.76
CA VAL A 986 27.07 13.06 -32.88
C VAL A 986 26.86 14.36 -33.68
N MET A 987 27.11 14.36 -34.99
CA MET A 987 26.87 15.54 -35.87
C MET A 987 25.36 15.82 -35.97
N PRO A 988 24.50 14.80 -36.20
CA PRO A 988 23.05 14.98 -36.06
C PRO A 988 22.66 15.80 -34.83
N LEU A 989 23.20 15.46 -33.65
CA LEU A 989 22.89 16.10 -32.34
C LEU A 989 23.32 17.57 -32.35
N VAL A 990 24.47 17.88 -32.95
CA VAL A 990 25.07 19.26 -33.00
C VAL A 990 24.20 20.14 -33.91
N ILE A 991 23.89 19.66 -35.11
CA ILE A 991 23.10 20.38 -36.14
C ILE A 991 21.63 20.44 -35.70
N SER A 992 21.18 19.45 -34.92
CA SER A 992 19.76 19.28 -34.48
C SER A 992 19.14 20.62 -34.07
N THR A 993 18.00 20.94 -34.68
CA THR A 993 17.02 21.98 -34.24
C THR A 993 15.62 21.35 -34.23
N GLY A 994 14.70 21.90 -33.43
CA GLY A 994 13.31 21.43 -33.33
C GLY A 994 13.06 20.68 -32.04
N ALA A 995 12.48 19.48 -32.12
CA ALA A 995 11.95 18.69 -30.98
C ALA A 995 13.11 18.17 -30.11
N GLY A 996 13.23 18.68 -28.88
CA GLY A 996 14.19 18.23 -27.86
C GLY A 996 15.63 18.49 -28.26
N SER A 997 15.87 19.53 -29.07
CA SER A 997 17.19 19.87 -29.66
C SER A 997 18.07 20.58 -28.61
N GLY A 998 17.46 21.13 -27.56
CA GLY A 998 18.18 21.74 -26.41
C GLY A 998 19.14 20.75 -25.78
N ALA A 999 18.63 19.57 -25.42
CA ALA A 999 19.38 18.44 -24.83
C ALA A 999 20.39 17.90 -25.86
N GLN A 1000 19.94 17.66 -27.09
CA GLN A 1000 20.76 17.06 -28.18
C GLN A 1000 22.00 17.93 -28.43
N ASN A 1001 21.81 19.25 -28.59
CA ASN A 1001 22.90 20.22 -28.85
C ASN A 1001 23.91 20.18 -27.69
N ALA A 1002 23.43 20.06 -26.45
CA ALA A 1002 24.25 20.04 -25.21
C ALA A 1002 25.11 18.76 -25.16
N VAL A 1003 24.52 17.61 -25.53
CA VAL A 1003 25.21 16.30 -25.62
C VAL A 1003 26.25 16.36 -26.75
N GLY A 1004 25.82 16.78 -27.94
CA GLY A 1004 26.59 16.71 -29.21
C GLY A 1004 27.87 17.51 -29.17
N THR A 1005 27.82 18.80 -28.81
CA THR A 1005 28.94 19.77 -28.91
C THR A 1005 30.03 19.43 -27.90
N GLY A 1006 29.67 19.15 -26.65
CA GLY A 1006 30.61 18.77 -25.57
C GLY A 1006 31.38 17.50 -25.91
N VAL A 1007 30.78 16.60 -26.68
CA VAL A 1007 31.39 15.31 -27.12
C VAL A 1007 32.22 15.55 -28.38
N MET A 1008 31.66 16.26 -29.38
CA MET A 1008 32.32 16.51 -30.69
C MET A 1008 33.61 17.32 -30.46
N GLY A 1009 33.49 18.46 -29.78
CA GLY A 1009 34.63 19.34 -29.43
C GLY A 1009 35.67 18.60 -28.61
N GLY A 1010 35.22 17.84 -27.60
CA GLY A 1010 36.07 17.03 -26.71
C GLY A 1010 36.82 15.95 -27.47
N MET A 1011 36.16 15.28 -28.42
CA MET A 1011 36.73 14.15 -29.21
C MET A 1011 37.75 14.67 -30.24
N VAL A 1012 37.60 15.92 -30.71
CA VAL A 1012 38.54 16.54 -31.70
C VAL A 1012 39.88 16.77 -31.01
N THR A 1013 39.91 17.50 -29.90
CA THR A 1013 41.15 17.81 -29.12
C THR A 1013 41.76 16.51 -28.61
N ALA A 1014 40.94 15.62 -28.02
CA ALA A 1014 41.36 14.32 -27.47
C ALA A 1014 42.07 13.49 -28.55
N THR A 1015 41.52 13.44 -29.76
CA THR A 1015 42.05 12.62 -30.89
C THR A 1015 43.41 13.18 -31.34
N VAL A 1016 43.48 14.48 -31.66
CA VAL A 1016 44.68 15.10 -32.31
C VAL A 1016 45.83 15.21 -31.29
N LEU A 1017 45.53 15.61 -30.05
CA LEU A 1017 46.57 15.90 -29.01
C LEU A 1017 47.12 14.60 -28.42
N ALA A 1018 46.26 13.62 -28.13
CA ALA A 1018 46.63 12.36 -27.45
C ALA A 1018 47.67 11.59 -28.26
N ILE A 1019 47.50 11.51 -29.58
CA ILE A 1019 48.40 10.73 -30.49
C ILE A 1019 49.83 11.29 -30.46
N PHE A 1020 50.00 12.57 -30.07
CA PHE A 1020 51.33 13.22 -29.92
C PHE A 1020 51.78 13.21 -28.46
N PHE A 1021 50.86 13.43 -27.51
CA PHE A 1021 51.18 13.66 -26.07
C PHE A 1021 51.34 12.35 -25.29
N VAL A 1022 50.68 11.26 -25.72
CA VAL A 1022 50.75 9.94 -25.00
C VAL A 1022 52.17 9.38 -25.10
N PRO A 1023 52.81 9.32 -26.30
CA PRO A 1023 54.24 9.06 -26.40
C PRO A 1023 55.09 9.86 -25.40
N VAL A 1024 54.87 11.18 -25.34
CA VAL A 1024 55.60 12.10 -24.40
C VAL A 1024 55.41 11.56 -22.97
N PHE A 1025 54.15 11.34 -22.56
CA PHE A 1025 53.78 10.92 -21.17
C PHE A 1025 54.49 9.60 -20.83
N PHE A 1026 54.39 8.59 -21.69
CA PHE A 1026 54.96 7.23 -21.44
C PHE A 1026 56.48 7.35 -21.29
N VAL A 1027 57.17 8.02 -22.22
CA VAL A 1027 58.65 8.13 -22.26
C VAL A 1027 59.13 8.98 -21.07
N VAL A 1028 58.49 10.12 -20.79
CA VAL A 1028 58.86 11.04 -19.68
C VAL A 1028 58.72 10.30 -18.34
N VAL A 1029 57.66 9.51 -18.17
CA VAL A 1029 57.35 8.79 -16.90
C VAL A 1029 58.36 7.65 -16.71
N ARG A 1030 58.65 6.87 -17.76
CA ARG A 1030 59.57 5.70 -17.69
C ARG A 1030 61.01 6.19 -17.49
N ARG A 1031 61.39 7.35 -18.04
CA ARG A 1031 62.71 7.99 -17.81
C ARG A 1031 62.89 8.24 -16.31
N ARG A 1032 61.90 8.87 -15.67
CA ARG A 1032 61.98 9.30 -14.24
C ARG A 1032 61.87 8.08 -13.33
N PHE A 1033 60.94 7.15 -13.60
CA PHE A 1033 60.67 5.96 -12.74
C PHE A 1033 61.16 4.66 -13.42
N SER A 1034 62.41 4.26 -13.10
CA SER A 1034 63.12 3.03 -13.55
C SER A 1034 64.63 3.25 -13.44
N ARG A 1035 65.45 2.24 -13.72
CA ARG A 1035 66.93 2.38 -13.60
C ARG A 1035 67.69 1.64 -14.72
N LYS A 1036 67.53 0.31 -14.83
CA LYS A 1036 68.47 -0.55 -15.61
C LYS A 1036 68.11 -0.55 -17.10
N ASN A 1037 68.89 0.23 -17.88
CA ASN A 1037 69.05 0.14 -19.36
C ASN A 1037 67.85 0.71 -20.12
N GLU A 1038 68.11 1.21 -21.33
CA GLU A 1038 67.13 1.78 -22.29
C GLU A 1038 67.41 1.18 -23.68
N ASP A 1039 68.05 0.01 -23.73
CA ASP A 1039 68.63 -0.60 -24.95
C ASP A 1039 67.92 -1.92 -25.26
N ILE A 1040 68.28 -2.56 -26.38
CA ILE A 1040 67.74 -3.88 -26.82
C ILE A 1040 68.25 -4.97 -25.87
N GLU A 1041 67.45 -6.01 -25.61
CA GLU A 1041 67.80 -7.14 -24.71
C GLU A 1041 67.03 -8.40 -25.11
N HIS A 1042 67.42 -9.55 -24.56
CA HIS A 1042 66.81 -10.88 -24.81
C HIS A 1042 66.82 -11.18 -26.32
N MET B 1 32.17 -31.16 -15.43
CA MET B 1 31.39 -31.11 -14.16
C MET B 1 31.06 -32.53 -13.69
N PRO B 2 30.56 -33.44 -14.55
CA PRO B 2 30.51 -34.86 -14.21
C PRO B 2 31.88 -35.47 -13.85
N ASN B 3 32.95 -35.06 -14.54
CA ASN B 3 34.35 -35.53 -14.27
C ASN B 3 34.76 -35.11 -12.86
N PHE B 4 34.32 -33.91 -12.42
CA PHE B 4 34.60 -33.34 -11.08
C PHE B 4 34.07 -34.27 -9.99
N PHE B 5 32.83 -34.76 -10.14
CA PHE B 5 32.07 -35.48 -9.09
C PHE B 5 32.25 -37.00 -9.21
N ILE B 6 32.82 -37.50 -10.31
CA ILE B 6 33.21 -38.94 -10.45
C ILE B 6 34.40 -39.21 -9.53
N ASP B 7 35.34 -38.25 -9.45
CA ASP B 7 36.53 -38.31 -8.56
C ASP B 7 36.15 -37.90 -7.13
N ARG B 8 35.02 -37.19 -6.96
CA ARG B 8 34.56 -36.61 -5.67
C ARG B 8 33.13 -37.09 -5.36
N PRO B 9 32.93 -38.41 -5.10
CA PRO B 9 31.59 -38.92 -4.78
C PRO B 9 31.02 -38.46 -3.42
N ILE B 10 31.86 -38.08 -2.46
CA ILE B 10 31.41 -37.61 -1.11
C ILE B 10 30.76 -36.23 -1.26
N PHE B 11 31.42 -35.32 -1.97
CA PHE B 11 30.86 -33.99 -2.35
C PHE B 11 29.46 -34.21 -2.95
N ALA B 12 29.37 -35.12 -3.94
CA ALA B 12 28.12 -35.46 -4.66
C ALA B 12 27.05 -35.86 -3.63
N TRP B 13 27.41 -36.72 -2.66
CA TRP B 13 26.50 -37.19 -1.59
C TRP B 13 26.05 -36.02 -0.70
N VAL B 14 26.95 -35.08 -0.41
CA VAL B 14 26.66 -33.89 0.45
C VAL B 14 25.58 -33.04 -0.24
N ILE B 15 25.78 -32.72 -1.52
CA ILE B 15 24.81 -31.91 -2.33
C ILE B 15 23.45 -32.62 -2.30
N ALA B 16 23.44 -33.94 -2.52
CA ALA B 16 22.23 -34.79 -2.46
C ALA B 16 21.57 -34.68 -1.08
N ILE B 17 22.38 -34.71 -0.01
CA ILE B 17 21.91 -34.60 1.40
C ILE B 17 21.31 -33.21 1.63
N ILE B 18 22.01 -32.14 1.22
CA ILE B 18 21.54 -30.73 1.41
C ILE B 18 20.21 -30.56 0.66
N ILE B 19 20.10 -31.10 -0.57
CA ILE B 19 18.85 -31.06 -1.38
C ILE B 19 17.75 -31.82 -0.63
N MET B 20 18.08 -32.97 -0.03
CA MET B 20 17.11 -33.88 0.65
C MET B 20 16.55 -33.20 1.91
N LEU B 21 17.39 -32.55 2.72
CA LEU B 21 16.97 -31.88 3.98
C LEU B 21 16.15 -30.64 3.64
N ALA B 22 16.66 -29.79 2.74
CA ALA B 22 15.98 -28.57 2.23
C ALA B 22 14.56 -28.93 1.75
N GLY B 23 14.42 -30.03 1.02
CA GLY B 23 13.14 -30.54 0.51
C GLY B 23 12.27 -31.11 1.61
N GLY B 24 12.86 -31.91 2.51
CA GLY B 24 12.19 -32.50 3.68
C GLY B 24 11.60 -31.42 4.57
N LEU B 25 12.39 -30.39 4.88
CA LEU B 25 11.96 -29.19 5.66
C LEU B 25 10.76 -28.54 4.95
N ALA B 26 10.84 -28.36 3.63
CA ALA B 26 9.80 -27.72 2.79
C ALA B 26 8.50 -28.51 2.90
N ILE B 27 8.55 -29.85 2.91
CA ILE B 27 7.36 -30.73 2.93
C ILE B 27 6.65 -30.60 4.29
N LEU B 28 7.38 -30.37 5.38
CA LEU B 28 6.78 -30.15 6.73
C LEU B 28 5.96 -28.86 6.71
N LYS B 29 6.54 -27.74 6.26
CA LYS B 29 5.96 -26.37 6.43
C LYS B 29 5.59 -25.74 5.08
N LEU B 30 5.14 -26.54 4.10
CA LEU B 30 4.49 -26.05 2.86
C LEU B 30 2.99 -26.01 3.09
N PRO B 31 2.28 -24.92 2.69
CA PRO B 31 0.82 -24.91 2.76
C PRO B 31 0.21 -25.96 1.83
N VAL B 32 -0.86 -26.62 2.30
CA VAL B 32 -1.65 -27.62 1.54
C VAL B 32 -3.07 -27.07 1.37
N ALA B 33 -3.53 -26.98 0.11
CA ALA B 33 -4.91 -26.59 -0.28
C ALA B 33 -5.32 -27.40 -1.50
N GLN B 34 -6.61 -27.38 -1.84
CA GLN B 34 -7.16 -28.07 -3.03
C GLN B 34 -6.64 -27.38 -4.29
N TYR B 35 -6.84 -26.05 -4.37
CA TYR B 35 -6.38 -25.18 -5.49
C TYR B 35 -5.78 -23.91 -4.91
N PRO B 36 -4.84 -23.26 -5.64
CA PRO B 36 -4.29 -21.97 -5.21
C PRO B 36 -5.19 -20.81 -5.65
N THR B 37 -4.78 -19.57 -5.37
CA THR B 37 -5.42 -18.33 -5.85
C THR B 37 -5.23 -18.25 -7.38
N ILE B 38 -6.34 -18.14 -8.11
CA ILE B 38 -6.37 -18.19 -9.61
C ILE B 38 -7.11 -16.95 -10.12
N ALA B 39 -8.33 -16.72 -9.63
CA ALA B 39 -9.16 -15.53 -9.94
C ALA B 39 -8.41 -14.27 -9.52
N PRO B 40 -8.50 -13.16 -10.31
CA PRO B 40 -7.81 -11.92 -9.97
C PRO B 40 -8.44 -11.27 -8.75
N PRO B 41 -7.73 -10.36 -8.04
CA PRO B 41 -8.25 -9.79 -6.80
C PRO B 41 -9.49 -8.94 -7.11
N ALA B 42 -10.60 -9.23 -6.42
CA ALA B 42 -11.85 -8.46 -6.48
C ALA B 42 -12.26 -8.08 -5.05
N VAL B 43 -12.73 -6.85 -4.86
CA VAL B 43 -13.26 -6.33 -3.56
C VAL B 43 -14.76 -6.10 -3.73
N THR B 44 -15.56 -6.53 -2.76
CA THR B 44 -17.04 -6.43 -2.79
C THR B 44 -17.52 -5.52 -1.65
N ILE B 45 -18.07 -4.35 -2.02
CA ILE B 45 -18.85 -3.47 -1.11
C ILE B 45 -20.27 -4.03 -1.04
N SER B 46 -20.81 -4.19 0.18
CA SER B 46 -22.15 -4.75 0.46
C SER B 46 -22.87 -3.86 1.48
N ALA B 47 -24.16 -3.60 1.28
CA ALA B 47 -25.00 -2.79 2.20
C ALA B 47 -26.44 -3.28 2.15
N SER B 48 -27.20 -2.96 3.21
CA SER B 48 -28.65 -3.28 3.38
C SER B 48 -29.40 -2.00 3.75
N TYR B 49 -30.43 -1.66 2.97
CA TYR B 49 -31.45 -0.63 3.27
C TYR B 49 -32.76 -1.36 3.60
N PRO B 50 -33.03 -1.68 4.88
CA PRO B 50 -34.22 -2.45 5.27
C PRO B 50 -35.54 -1.90 4.70
N GLY B 51 -36.29 -2.73 3.99
CA GLY B 51 -37.61 -2.41 3.42
C GLY B 51 -37.51 -1.57 2.16
N ALA B 52 -36.34 -1.52 1.53
CA ALA B 52 -36.06 -0.68 0.34
C ALA B 52 -36.27 -1.51 -0.94
N ASP B 53 -36.88 -0.89 -1.95
CA ASP B 53 -37.02 -1.44 -3.33
C ASP B 53 -35.71 -1.20 -4.09
N ALA B 54 -35.53 -1.92 -5.20
CA ALA B 54 -34.29 -1.92 -6.03
C ALA B 54 -33.90 -0.49 -6.41
N LYS B 55 -34.87 0.35 -6.79
CA LYS B 55 -34.59 1.72 -7.31
C LYS B 55 -34.11 2.62 -6.16
N THR B 56 -34.82 2.60 -5.02
CA THR B 56 -34.48 3.37 -3.80
C THR B 56 -33.00 3.10 -3.44
N VAL B 57 -32.61 1.82 -3.39
CA VAL B 57 -31.24 1.37 -3.03
C VAL B 57 -30.25 1.93 -4.05
N GLN B 58 -30.56 1.78 -5.34
CA GLN B 58 -29.67 2.22 -6.46
C GLN B 58 -29.46 3.74 -6.37
N ASP B 59 -30.55 4.50 -6.21
CA ASP B 59 -30.58 5.98 -6.42
C ASP B 59 -30.15 6.72 -5.15
N THR B 60 -30.06 6.05 -3.99
CA THR B 60 -29.62 6.68 -2.71
C THR B 60 -28.30 6.07 -2.21
N VAL B 61 -27.95 4.85 -2.62
CA VAL B 61 -26.74 4.12 -2.12
C VAL B 61 -25.79 3.82 -3.28
N THR B 62 -26.22 3.00 -4.25
CA THR B 62 -25.33 2.40 -5.28
C THR B 62 -24.64 3.51 -6.09
N GLN B 63 -25.40 4.48 -6.59
CA GLN B 63 -24.86 5.57 -7.47
C GLN B 63 -23.91 6.46 -6.66
N VAL B 64 -24.26 6.79 -5.42
CA VAL B 64 -23.44 7.65 -4.51
C VAL B 64 -22.09 6.97 -4.26
N ILE B 65 -22.10 5.68 -3.93
CA ILE B 65 -20.85 4.88 -3.69
C ILE B 65 -20.05 4.82 -5.01
N GLU B 66 -20.70 4.43 -6.11
CA GLU B 66 -20.08 4.29 -7.46
C GLU B 66 -19.40 5.61 -7.86
N GLN B 67 -20.05 6.75 -7.62
CA GLN B 67 -19.55 8.10 -7.99
C GLN B 67 -18.28 8.45 -7.19
N ASN B 68 -18.03 7.76 -6.08
CA ASN B 68 -16.94 8.07 -5.12
C ASN B 68 -15.77 7.08 -5.25
N MET B 69 -15.82 6.14 -6.19
CA MET B 69 -14.80 5.06 -6.34
C MET B 69 -13.64 5.56 -7.22
N ASN B 70 -13.12 6.75 -6.95
CA ASN B 70 -12.07 7.43 -7.75
C ASN B 70 -10.71 7.30 -7.05
N GLY B 71 -9.61 7.42 -7.81
CA GLY B 71 -8.23 7.46 -7.29
C GLY B 71 -7.81 6.17 -6.62
N ILE B 72 -8.44 5.05 -7.00
CA ILE B 72 -8.08 3.66 -6.56
C ILE B 72 -7.24 3.04 -7.69
N ASP B 73 -6.10 2.44 -7.36
CA ASP B 73 -5.08 1.94 -8.32
C ASP B 73 -5.49 0.56 -8.86
N ASN B 74 -5.23 0.33 -10.16
CA ASN B 74 -5.24 -1.00 -10.84
C ASN B 74 -6.67 -1.58 -10.90
N LEU B 75 -7.69 -0.75 -11.04
CA LEU B 75 -9.09 -1.19 -11.24
C LEU B 75 -9.30 -1.50 -12.74
N MET B 76 -9.69 -2.74 -13.05
CA MET B 76 -10.03 -3.17 -14.43
C MET B 76 -11.46 -2.75 -14.76
N TYR B 77 -12.41 -3.10 -13.90
CA TYR B 77 -13.85 -2.78 -14.05
C TYR B 77 -14.59 -2.92 -12.73
N MET B 78 -15.79 -2.33 -12.69
CA MET B 78 -16.69 -2.23 -11.53
C MET B 78 -18.10 -2.60 -11.99
N SER B 79 -18.78 -3.49 -11.28
CA SER B 79 -20.18 -3.92 -11.55
C SER B 79 -20.97 -3.90 -10.24
N SER B 80 -22.29 -3.70 -10.30
CA SER B 80 -23.15 -3.64 -9.09
C SER B 80 -24.57 -4.17 -9.38
N ASN B 81 -25.20 -4.71 -8.33
CA ASN B 81 -26.64 -5.09 -8.27
C ASN B 81 -27.31 -4.28 -7.16
N SER B 82 -28.54 -3.84 -7.40
CA SER B 82 -29.45 -3.22 -6.40
C SER B 82 -30.81 -3.93 -6.50
N ASP B 83 -31.25 -4.62 -5.45
CA ASP B 83 -32.42 -5.54 -5.54
C ASP B 83 -33.47 -5.20 -4.47
N SER B 84 -34.63 -5.85 -4.58
CA SER B 84 -35.86 -5.52 -3.81
CA SER B 84 -35.88 -5.57 -3.83
C SER B 84 -35.82 -6.09 -2.39
N THR B 85 -34.76 -6.84 -2.05
CA THR B 85 -34.51 -7.34 -0.67
C THR B 85 -33.74 -6.28 0.13
N GLY B 86 -33.63 -5.05 -0.40
CA GLY B 86 -33.00 -3.91 0.26
C GLY B 86 -31.48 -3.96 0.20
N THR B 87 -30.92 -4.84 -0.64
CA THR B 87 -29.47 -5.14 -0.71
C THR B 87 -28.83 -4.48 -1.94
N VAL B 88 -27.59 -4.00 -1.79
CA VAL B 88 -26.68 -3.61 -2.90
C VAL B 88 -25.39 -4.41 -2.73
N GLN B 89 -24.81 -4.87 -3.85
CA GLN B 89 -23.46 -5.47 -3.92
C GLN B 89 -22.69 -4.79 -5.06
N ILE B 90 -21.61 -4.07 -4.73
CA ILE B 90 -20.67 -3.48 -5.73
C ILE B 90 -19.38 -4.31 -5.71
N THR B 91 -19.03 -4.95 -6.83
CA THR B 91 -17.78 -5.73 -7.00
C THR B 91 -16.80 -4.94 -7.88
N LEU B 92 -15.67 -4.52 -7.29
CA LEU B 92 -14.52 -3.92 -8.00
C LEU B 92 -13.48 -5.01 -8.25
N THR B 93 -13.27 -5.36 -9.52
CA THR B 93 -12.30 -6.39 -9.98
C THR B 93 -11.01 -5.66 -10.41
N PHE B 94 -9.86 -6.12 -9.93
CA PHE B 94 -8.54 -5.44 -10.10
C PHE B 94 -7.63 -6.28 -11.00
N GLU B 95 -6.56 -5.64 -11.50
CA GLU B 95 -5.49 -6.25 -12.33
C GLU B 95 -4.88 -7.43 -11.55
N SER B 96 -4.61 -8.54 -12.24
CA SER B 96 -3.84 -9.70 -11.69
C SER B 96 -2.47 -9.21 -11.24
N GLY B 97 -2.06 -9.57 -10.01
CA GLY B 97 -0.79 -9.14 -9.41
C GLY B 97 -0.96 -7.94 -8.49
N THR B 98 -2.18 -7.40 -8.38
CA THR B 98 -2.54 -6.30 -7.45
C THR B 98 -2.52 -6.85 -6.02
N ASP B 99 -1.97 -6.09 -5.07
CA ASP B 99 -2.03 -6.41 -3.62
C ASP B 99 -3.49 -6.24 -3.16
N ALA B 100 -4.16 -7.35 -2.86
CA ALA B 100 -5.61 -7.40 -2.49
C ALA B 100 -5.88 -6.55 -1.24
N ASP B 101 -4.94 -6.54 -0.29
CA ASP B 101 -5.04 -5.77 0.98
C ASP B 101 -5.03 -4.27 0.65
N ILE B 102 -4.12 -3.85 -0.23
CA ILE B 102 -4.00 -2.43 -0.69
C ILE B 102 -5.30 -2.06 -1.44
N ALA B 103 -5.74 -2.93 -2.36
CA ALA B 103 -6.97 -2.72 -3.16
C ALA B 103 -8.18 -2.52 -2.22
N GLN B 104 -8.28 -3.33 -1.16
CA GLN B 104 -9.44 -3.32 -0.23
C GLN B 104 -9.45 -2.03 0.58
N VAL B 105 -8.31 -1.64 1.17
CA VAL B 105 -8.22 -0.43 2.04
C VAL B 105 -8.51 0.82 1.21
N GLN B 106 -8.01 0.89 -0.03
CA GLN B 106 -8.22 2.03 -0.95
C GLN B 106 -9.71 2.18 -1.27
N VAL B 107 -10.42 1.07 -1.46
CA VAL B 107 -11.88 1.02 -1.75
C VAL B 107 -12.62 1.45 -0.48
N GLN B 108 -12.27 0.86 0.66
CA GLN B 108 -12.93 1.10 1.98
C GLN B 108 -12.72 2.57 2.39
N ASN B 109 -11.55 3.13 2.10
CA ASN B 109 -11.20 4.55 2.41
C ASN B 109 -12.10 5.50 1.63
N LYS B 110 -12.33 5.23 0.35
CA LYS B 110 -13.20 6.07 -0.53
C LYS B 110 -14.66 5.94 -0.07
N LEU B 111 -15.05 4.76 0.41
CA LEU B 111 -16.42 4.51 0.96
C LEU B 111 -16.60 5.32 2.26
N GLN B 112 -15.62 5.27 3.16
CA GLN B 112 -15.63 6.02 4.45
C GLN B 112 -16.02 7.48 4.18
N LEU B 113 -15.39 8.11 3.19
CA LEU B 113 -15.58 9.55 2.86
C LEU B 113 -16.95 9.76 2.19
N ALA B 114 -17.56 8.71 1.64
CA ALA B 114 -18.87 8.71 0.96
C ALA B 114 -20.01 8.45 1.97
N MET B 115 -19.70 7.92 3.17
CA MET B 115 -20.70 7.49 4.18
C MET B 115 -21.64 8.64 4.55
N PRO B 116 -21.15 9.88 4.76
CA PRO B 116 -22.03 11.01 5.06
C PRO B 116 -23.06 11.35 3.97
N LEU B 117 -22.87 10.85 2.75
CA LEU B 117 -23.76 11.11 1.58
C LEU B 117 -24.86 10.04 1.48
N LEU B 118 -24.76 8.96 2.25
CA LEU B 118 -25.74 7.83 2.24
C LEU B 118 -26.87 8.14 3.22
N PRO B 119 -28.01 7.42 3.16
CA PRO B 119 -29.10 7.61 4.11
C PRO B 119 -28.71 7.20 5.54
N GLN B 120 -29.38 7.78 6.55
CA GLN B 120 -29.22 7.45 7.99
C GLN B 120 -29.33 5.93 8.17
N GLU B 121 -30.38 5.33 7.61
CA GLU B 121 -30.76 3.90 7.79
C GLU B 121 -29.63 3.00 7.29
N VAL B 122 -28.92 3.41 6.23
CA VAL B 122 -27.79 2.63 5.61
C VAL B 122 -26.54 2.81 6.47
N GLN B 123 -26.22 4.04 6.87
CA GLN B 123 -25.08 4.39 7.77
C GLN B 123 -25.21 3.56 9.05
N GLN B 124 -26.42 3.48 9.61
CA GLN B 124 -26.75 2.75 10.86
C GLN B 124 -26.47 1.25 10.65
N GLN B 125 -26.90 0.68 9.52
CA GLN B 125 -26.72 -0.75 9.17
C GLN B 125 -25.23 -1.04 8.93
N GLY B 126 -24.50 -0.09 8.37
CA GLY B 126 -23.08 -0.25 7.99
C GLY B 126 -22.94 -0.80 6.59
N VAL B 127 -21.79 -0.54 5.96
CA VAL B 127 -21.46 -0.97 4.57
C VAL B 127 -20.16 -1.78 4.62
N SER B 128 -20.27 -3.09 4.37
CA SER B 128 -19.15 -4.07 4.47
C SER B 128 -18.30 -4.04 3.20
N VAL B 129 -16.99 -3.82 3.34
CA VAL B 129 -15.98 -3.94 2.24
C VAL B 129 -15.07 -5.12 2.58
N GLU B 130 -15.11 -6.18 1.76
CA GLU B 130 -14.34 -7.43 2.00
C GLU B 130 -13.77 -7.97 0.68
N LYS B 131 -12.70 -8.75 0.78
CA LYS B 131 -12.05 -9.46 -0.36
C LYS B 131 -12.98 -10.59 -0.83
N SER B 132 -13.36 -10.57 -2.11
CA SER B 132 -14.30 -11.52 -2.75
C SER B 132 -13.56 -12.81 -3.12
N SER B 133 -12.95 -13.46 -2.12
CA SER B 133 -12.14 -14.71 -2.25
C SER B 133 -12.92 -15.89 -1.67
N SER B 134 -14.03 -16.24 -2.32
CA SER B 134 -15.01 -17.28 -1.88
C SER B 134 -14.48 -18.69 -2.19
N SER B 135 -13.85 -19.33 -1.20
CA SER B 135 -13.25 -20.68 -1.29
C SER B 135 -13.30 -21.36 0.08
N PHE B 136 -14.41 -22.05 0.38
CA PHE B 136 -14.67 -22.69 1.70
C PHE B 136 -13.84 -23.96 1.85
N LEU B 137 -13.13 -24.09 2.97
CA LEU B 137 -12.48 -25.34 3.43
C LEU B 137 -13.57 -26.38 3.73
N MET B 138 -14.64 -25.95 4.41
CA MET B 138 -15.80 -26.81 4.77
C MET B 138 -16.99 -25.93 5.23
N VAL B 139 -18.20 -26.50 5.17
CA VAL B 139 -19.44 -25.93 5.74
C VAL B 139 -19.90 -26.85 6.87
N VAL B 140 -19.78 -26.40 8.12
CA VAL B 140 -20.28 -27.13 9.33
C VAL B 140 -21.76 -26.77 9.52
N GLY B 141 -22.65 -27.74 9.31
CA GLY B 141 -24.11 -27.58 9.56
C GLY B 141 -24.44 -27.87 11.01
N VAL B 142 -25.33 -27.08 11.61
CA VAL B 142 -25.84 -27.26 13.00
C VAL B 142 -27.36 -27.33 12.92
N ILE B 143 -27.94 -28.42 13.44
CA ILE B 143 -29.39 -28.74 13.31
C ILE B 143 -29.97 -29.08 14.68
N ASN B 144 -31.30 -29.21 14.77
CA ASN B 144 -32.04 -29.59 15.99
C ASN B 144 -32.99 -30.74 15.65
N THR B 145 -32.80 -31.91 16.28
CA THR B 145 -33.46 -33.19 15.90
C THR B 145 -34.74 -33.42 16.71
N ASP B 146 -34.88 -32.82 17.91
CA ASP B 146 -36.00 -33.08 18.84
C ASP B 146 -37.05 -31.95 18.78
N GLY B 147 -37.01 -31.11 17.73
CA GLY B 147 -38.05 -30.12 17.40
C GLY B 147 -38.23 -29.03 18.44
N THR B 148 -37.22 -28.81 19.31
CA THR B 148 -37.29 -27.84 20.44
C THR B 148 -36.86 -26.45 19.98
N MET B 149 -36.06 -26.34 18.91
CA MET B 149 -35.43 -25.09 18.44
C MET B 149 -35.88 -24.76 17.01
N THR B 150 -36.12 -23.47 16.73
CA THR B 150 -36.29 -22.91 15.37
C THR B 150 -34.89 -22.67 14.77
N GLN B 151 -34.82 -22.29 13.49
CA GLN B 151 -33.53 -21.99 12.80
C GLN B 151 -32.89 -20.76 13.43
N GLU B 152 -33.72 -19.81 13.88
CA GLU B 152 -33.27 -18.54 14.53
C GLU B 152 -32.63 -18.87 15.89
N ASP B 153 -33.20 -19.83 16.62
CA ASP B 153 -32.69 -20.30 17.94
C ASP B 153 -31.32 -20.94 17.75
N ILE B 154 -31.15 -21.77 16.70
CA ILE B 154 -29.89 -22.49 16.39
C ILE B 154 -28.82 -21.48 16.00
N SER B 155 -29.13 -20.57 15.06
CA SER B 155 -28.22 -19.52 14.55
C SER B 155 -27.64 -18.73 15.74
N ASP B 156 -28.48 -18.33 16.70
CA ASP B 156 -28.09 -17.53 17.88
C ASP B 156 -27.13 -18.34 18.78
N TYR B 157 -27.43 -19.63 18.99
CA TYR B 157 -26.55 -20.52 19.81
C TYR B 157 -25.16 -20.57 19.17
N VAL B 158 -25.11 -20.77 17.84
CA VAL B 158 -23.86 -20.90 17.04
C VAL B 158 -23.10 -19.57 17.12
N ALA B 159 -23.80 -18.43 17.07
CA ALA B 159 -23.21 -17.07 17.17
C ALA B 159 -22.52 -16.92 18.53
N ALA B 160 -23.23 -17.24 19.63
CA ALA B 160 -22.82 -16.97 21.02
C ALA B 160 -21.71 -17.95 21.45
N ASN B 161 -21.90 -19.25 21.21
CA ASN B 161 -21.15 -20.35 21.89
C ASN B 161 -20.09 -20.96 20.97
N MET B 162 -20.31 -20.99 19.65
CA MET B 162 -19.47 -21.78 18.70
C MET B 162 -18.59 -20.86 17.84
N LYS B 163 -19.17 -19.87 17.17
CA LYS B 163 -18.55 -19.08 16.06
C LYS B 163 -17.17 -18.55 16.47
N ASP B 164 -17.06 -17.90 17.63
CA ASP B 164 -15.84 -17.18 18.08
C ASP B 164 -14.70 -18.18 18.32
N ALA B 165 -15.00 -19.34 18.90
CA ALA B 165 -14.00 -20.40 19.21
C ALA B 165 -13.47 -21.02 17.92
N ILE B 166 -14.31 -21.15 16.87
CA ILE B 166 -13.89 -21.64 15.53
C ILE B 166 -12.97 -20.58 14.89
N SER B 167 -13.34 -19.30 14.99
CA SER B 167 -12.55 -18.14 14.48
C SER B 167 -11.16 -18.13 15.11
N ARG B 168 -11.04 -18.52 16.38
CA ARG B 168 -9.78 -18.52 17.17
C ARG B 168 -8.96 -19.80 16.92
N THR B 169 -9.57 -20.83 16.30
CA THR B 169 -8.91 -22.14 16.01
C THR B 169 -7.78 -21.94 14.99
N SER B 170 -6.70 -22.71 15.12
CA SER B 170 -5.46 -22.63 14.30
C SER B 170 -5.78 -22.91 12.83
N GLY B 171 -5.32 -22.04 11.94
CA GLY B 171 -5.43 -22.20 10.47
C GLY B 171 -6.76 -21.70 9.92
N VAL B 172 -7.67 -21.24 10.79
CA VAL B 172 -9.00 -20.70 10.40
C VAL B 172 -8.85 -19.20 10.12
N GLY B 173 -9.02 -18.81 8.85
CA GLY B 173 -8.83 -17.43 8.38
C GLY B 173 -10.11 -16.61 8.48
N ASP B 174 -11.22 -17.17 8.01
CA ASP B 174 -12.54 -16.48 7.97
C ASP B 174 -13.64 -17.47 8.37
N VAL B 175 -14.65 -16.99 9.09
CA VAL B 175 -15.83 -17.78 9.55
C VAL B 175 -17.10 -16.98 9.25
N GLN B 176 -18.04 -17.58 8.53
CA GLN B 176 -19.30 -16.94 8.08
C GLN B 176 -20.49 -17.70 8.69
N LEU B 177 -21.29 -17.01 9.51
CA LEU B 177 -22.53 -17.54 10.11
C LEU B 177 -23.62 -17.60 9.03
N PHE B 178 -24.27 -18.75 8.87
CA PHE B 178 -25.40 -18.96 7.93
C PHE B 178 -26.72 -18.73 8.69
N GLY B 179 -27.08 -17.45 8.85
CA GLY B 179 -28.18 -16.97 9.70
C GLY B 179 -27.75 -15.78 10.52
N SER B 180 -28.62 -15.28 11.39
CA SER B 180 -28.36 -14.12 12.29
C SER B 180 -28.48 -14.56 13.75
N GLN B 181 -27.72 -13.91 14.64
CA GLN B 181 -27.96 -13.94 16.10
C GLN B 181 -29.34 -13.30 16.36
N TYR B 182 -29.90 -13.47 17.55
CA TYR B 182 -31.24 -12.94 17.90
C TYR B 182 -31.28 -11.44 17.64
N ALA B 183 -32.50 -10.93 17.41
CA ALA B 183 -32.87 -9.51 17.44
C ALA B 183 -34.13 -9.36 18.29
N MET B 184 -34.22 -8.31 19.11
CA MET B 184 -35.45 -7.97 19.85
C MET B 184 -36.50 -7.51 18.83
N ARG B 185 -37.50 -8.35 18.56
CA ARG B 185 -38.58 -8.07 17.58
C ARG B 185 -39.79 -7.51 18.32
N ILE B 186 -40.15 -6.25 18.04
CA ILE B 186 -41.44 -5.63 18.44
C ILE B 186 -42.40 -5.78 17.26
N TRP B 187 -43.34 -6.73 17.36
CA TRP B 187 -44.37 -7.01 16.32
C TRP B 187 -45.61 -6.17 16.61
N MET B 188 -45.74 -5.01 15.96
CA MET B 188 -46.78 -3.98 16.26
C MET B 188 -48.14 -4.43 15.73
N ASN B 189 -49.21 -3.97 16.38
CA ASN B 189 -50.63 -4.22 16.03
C ASN B 189 -51.31 -2.87 15.80
N PRO B 190 -51.77 -2.57 14.57
CA PRO B 190 -52.30 -1.24 14.25
C PRO B 190 -53.63 -0.92 14.94
N ASN B 191 -54.41 -1.96 15.28
CA ASN B 191 -55.73 -1.84 15.97
C ASN B 191 -55.49 -1.40 17.42
N GLU B 192 -54.52 -2.03 18.09
CA GLU B 192 -54.12 -1.70 19.49
C GLU B 192 -53.52 -0.30 19.53
N LEU B 193 -52.69 0.05 18.55
CA LEU B 193 -52.02 1.38 18.45
C LEU B 193 -53.09 2.47 18.30
N ASN B 194 -54.05 2.28 17.40
CA ASN B 194 -55.12 3.28 17.07
C ASN B 194 -56.01 3.49 18.31
N LYS B 195 -56.22 2.45 19.11
CA LYS B 195 -57.11 2.48 20.31
C LYS B 195 -56.55 3.45 21.35
N PHE B 196 -55.22 3.55 21.47
CA PHE B 196 -54.51 4.41 22.45
C PHE B 196 -53.93 5.65 21.76
N GLN B 197 -54.31 5.92 20.51
CA GLN B 197 -53.88 7.08 19.70
C GLN B 197 -52.34 7.12 19.60
N LEU B 198 -51.72 6.01 19.19
CA LEU B 198 -50.25 5.89 19.04
C LEU B 198 -49.90 5.42 17.62
N THR B 199 -48.63 5.62 17.24
CA THR B 199 -48.06 5.27 15.92
C THR B 199 -46.71 4.57 16.12
N PRO B 200 -46.15 3.93 15.08
CA PRO B 200 -44.77 3.44 15.13
C PRO B 200 -43.75 4.52 15.52
N VAL B 201 -44.01 5.80 15.20
CA VAL B 201 -43.14 6.95 15.56
C VAL B 201 -43.03 7.03 17.08
N ASP B 202 -44.15 6.82 17.78
CA ASP B 202 -44.23 6.87 19.27
C ASP B 202 -43.48 5.68 19.87
N VAL B 203 -43.60 4.51 19.24
CA VAL B 203 -42.91 3.25 19.67
C VAL B 203 -41.39 3.45 19.54
N ILE B 204 -40.93 4.02 18.42
CA ILE B 204 -39.48 4.24 18.13
C ILE B 204 -38.94 5.28 19.12
N THR B 205 -39.69 6.35 19.40
CA THR B 205 -39.31 7.43 20.36
C THR B 205 -39.12 6.81 21.76
N ALA B 206 -40.05 5.95 22.18
CA ALA B 206 -40.05 5.32 23.52
C ALA B 206 -38.88 4.34 23.66
N ILE B 207 -38.64 3.50 22.64
CA ILE B 207 -37.56 2.47 22.66
C ILE B 207 -36.19 3.19 22.76
N LYS B 208 -36.02 4.29 22.04
CA LYS B 208 -34.73 5.06 22.00
C LYS B 208 -34.48 5.71 23.36
N ALA B 209 -35.52 6.17 24.04
CA ALA B 209 -35.45 6.87 25.35
C ALA B 209 -35.14 5.88 26.47
N GLN B 210 -35.76 4.70 26.44
CA GLN B 210 -35.82 3.74 27.58
C GLN B 210 -34.93 2.52 27.34
N ASN B 211 -34.29 2.42 26.16
CA ASN B 211 -33.22 1.43 25.87
C ASN B 211 -31.99 2.18 25.33
N ALA B 212 -31.19 2.76 26.22
CA ALA B 212 -30.03 3.61 25.89
C ALA B 212 -29.00 3.57 27.02
N GLN B 213 -27.81 4.10 26.74
CA GLN B 213 -26.65 4.20 27.67
C GLN B 213 -26.46 5.69 28.03
N VAL B 214 -26.88 6.09 29.23
CA VAL B 214 -26.79 7.50 29.71
C VAL B 214 -25.45 7.68 30.42
N ALA B 215 -24.64 8.64 29.96
CA ALA B 215 -23.38 9.07 30.60
C ALA B 215 -23.74 9.94 31.82
N ALA B 216 -23.15 9.65 32.97
CA ALA B 216 -23.31 10.42 34.23
C ALA B 216 -22.01 11.21 34.48
N GLY B 217 -21.13 10.68 35.33
CA GLY B 217 -19.82 11.30 35.66
C GLY B 217 -19.14 10.57 36.80
N GLN B 218 -18.69 11.32 37.81
CA GLN B 218 -17.94 10.79 38.98
C GLN B 218 -18.34 11.55 40.24
N LEU B 219 -18.42 10.83 41.37
CA LEU B 219 -18.33 11.41 42.74
C LEU B 219 -16.87 11.77 43.00
N GLY B 220 -16.62 12.94 43.57
CA GLY B 220 -15.26 13.42 43.92
C GLY B 220 -14.32 13.36 42.72
N GLY B 221 -14.81 13.74 41.55
CA GLY B 221 -14.00 13.82 40.31
C GLY B 221 -13.15 15.08 40.30
N THR B 222 -12.07 15.08 39.52
CA THR B 222 -11.15 16.23 39.38
C THR B 222 -11.81 17.30 38.50
N PRO B 223 -11.62 18.61 38.78
CA PRO B 223 -10.92 19.08 39.97
C PRO B 223 -11.80 18.96 41.21
N PRO B 224 -11.28 18.43 42.35
CA PRO B 224 -12.09 18.19 43.53
C PRO B 224 -12.09 19.36 44.52
N VAL B 225 -12.84 19.21 45.61
CA VAL B 225 -12.65 19.97 46.88
C VAL B 225 -11.60 19.21 47.70
N LYS B 226 -10.47 19.86 48.00
CA LYS B 226 -9.35 19.25 48.79
C LYS B 226 -9.92 18.72 50.11
N GLY B 227 -9.59 17.49 50.47
CA GLY B 227 -10.12 16.79 51.66
C GLY B 227 -11.13 15.72 51.29
N GLN B 228 -11.47 15.63 49.99
CA GLN B 228 -12.38 14.58 49.43
C GLN B 228 -11.78 13.20 49.73
N GLN B 229 -12.56 12.31 50.35
CA GLN B 229 -12.13 10.96 50.80
C GLN B 229 -12.35 9.95 49.66
N LEU B 230 -13.44 10.07 48.92
CA LEU B 230 -13.92 9.04 47.95
C LEU B 230 -13.95 9.61 46.52
N ASN B 231 -13.44 8.83 45.56
CA ASN B 231 -13.65 9.00 44.10
C ASN B 231 -14.34 7.74 43.56
N ALA B 232 -15.56 7.87 43.01
CA ALA B 232 -16.34 6.75 42.44
C ALA B 232 -17.02 7.19 41.14
N SER B 233 -17.14 6.25 40.19
CA SER B 233 -17.89 6.44 38.91
C SER B 233 -19.39 6.37 39.21
N ILE B 234 -20.18 7.23 38.57
CA ILE B 234 -21.67 7.23 38.65
C ILE B 234 -22.22 6.47 37.44
N ILE B 235 -22.98 5.40 37.70
CA ILE B 235 -23.69 4.58 36.68
C ILE B 235 -25.15 5.06 36.61
N ALA B 236 -25.56 5.61 35.47
CA ALA B 236 -26.95 6.06 35.21
C ALA B 236 -27.70 4.92 34.50
N GLN B 237 -28.60 5.26 33.57
CA GLN B 237 -29.39 4.28 32.77
C GLN B 237 -28.45 3.51 31.84
N THR B 238 -28.62 2.19 31.75
CA THR B 238 -27.91 1.29 30.81
C THR B 238 -28.94 0.51 29.98
N ARG B 239 -28.49 -0.10 28.88
CA ARG B 239 -29.34 -0.81 27.88
C ARG B 239 -30.15 -1.91 28.57
N LEU B 240 -31.34 -2.20 28.03
CA LEU B 240 -32.26 -3.27 28.50
C LEU B 240 -31.72 -4.63 28.03
N THR B 241 -32.13 -5.72 28.69
CA THR B 241 -31.50 -7.06 28.54
C THR B 241 -32.53 -8.17 28.30
N SER B 242 -33.84 -7.88 28.34
CA SER B 242 -34.90 -8.92 28.29
C SER B 242 -36.13 -8.44 27.49
N THR B 243 -36.89 -9.41 26.96
CA THR B 243 -38.22 -9.22 26.32
C THR B 243 -39.19 -8.59 27.34
N GLU B 244 -39.08 -8.99 28.61
CA GLU B 244 -39.95 -8.49 29.71
CA GLU B 244 -39.96 -8.49 29.71
C GLU B 244 -39.71 -6.99 29.90
N GLU B 245 -38.44 -6.57 29.88
CA GLU B 245 -38.02 -5.15 30.07
C GLU B 245 -38.54 -4.29 28.91
N PHE B 246 -38.49 -4.79 27.67
CA PHE B 246 -39.04 -4.11 26.47
C PHE B 246 -40.57 -4.05 26.56
N GLY B 247 -41.17 -5.08 27.15
CA GLY B 247 -42.62 -5.16 27.43
C GLY B 247 -43.09 -4.02 28.32
N LYS B 248 -42.27 -3.62 29.29
CA LYS B 248 -42.62 -2.62 30.34
C LYS B 248 -42.30 -1.19 29.89
N ILE B 249 -41.84 -0.99 28.65
CA ILE B 249 -41.57 0.37 28.08
C ILE B 249 -42.89 1.15 28.06
N LEU B 250 -42.89 2.34 28.65
CA LEU B 250 -44.08 3.21 28.81
C LEU B 250 -44.27 4.05 27.54
N LEU B 251 -45.43 3.92 26.88
CA LEU B 251 -45.77 4.64 25.63
C LEU B 251 -46.55 5.92 25.98
N LYS B 252 -47.54 5.82 26.87
CA LYS B 252 -48.24 7.02 27.44
C LYS B 252 -49.00 6.64 28.71
N VAL B 253 -49.31 7.65 29.53
CA VAL B 253 -50.19 7.57 30.73
C VAL B 253 -51.55 8.16 30.33
N ASN B 254 -52.61 7.35 30.39
CA ASN B 254 -54.00 7.79 30.08
C ASN B 254 -54.49 8.73 31.18
N GLN B 255 -55.52 9.53 30.89
CA GLN B 255 -56.07 10.56 31.80
C GLN B 255 -56.74 9.90 33.01
N ASP B 256 -57.32 8.71 32.83
CA ASP B 256 -58.06 7.96 33.89
C ASP B 256 -57.08 7.43 34.94
N GLY B 257 -55.82 7.19 34.55
CA GLY B 257 -54.72 6.79 35.47
C GLY B 257 -53.91 5.62 34.95
N SER B 258 -54.53 4.74 34.16
CA SER B 258 -53.92 3.48 33.64
C SER B 258 -52.76 3.80 32.68
N ARG B 259 -51.79 2.89 32.62
CA ARG B 259 -50.54 3.03 31.82
C ARG B 259 -50.67 2.18 30.55
N VAL B 260 -50.28 2.74 29.39
CA VAL B 260 -50.15 2.00 28.10
C VAL B 260 -48.67 1.59 27.95
N LEU B 261 -48.40 0.29 27.98
CA LEU B 261 -47.03 -0.28 27.82
C LEU B 261 -46.88 -0.80 26.38
N LEU B 262 -45.65 -1.15 25.99
CA LEU B 262 -45.32 -1.63 24.62
C LEU B 262 -45.95 -3.01 24.38
N ARG B 263 -46.10 -3.82 25.43
CA ARG B 263 -46.68 -5.20 25.34
C ARG B 263 -48.19 -5.11 25.09
N ASP B 264 -48.80 -3.95 25.30
CA ASP B 264 -50.26 -3.71 25.08
C ASP B 264 -50.56 -3.42 23.61
N VAL B 265 -49.54 -3.10 22.79
CA VAL B 265 -49.71 -2.74 21.35
C VAL B 265 -48.81 -3.59 20.45
N ALA B 266 -48.04 -4.55 20.99
CA ALA B 266 -47.08 -5.35 20.20
C ALA B 266 -46.74 -6.67 20.93
N LYS B 267 -46.61 -7.74 20.15
CA LYS B 267 -45.99 -9.03 20.58
C LYS B 267 -44.47 -8.83 20.56
N ILE B 268 -43.79 -9.23 21.64
CA ILE B 268 -42.34 -9.00 21.86
C ILE B 268 -41.65 -10.35 22.02
N GLU B 269 -40.64 -10.63 21.19
CA GLU B 269 -39.88 -11.91 21.22
C GLU B 269 -38.48 -11.70 20.63
N LEU B 270 -37.54 -12.53 21.07
CA LEU B 270 -36.22 -12.72 20.39
C LEU B 270 -36.48 -13.53 19.10
N GLY B 271 -36.18 -12.94 17.95
CA GLY B 271 -36.28 -13.59 16.63
C GLY B 271 -35.02 -13.36 15.81
N GLY B 272 -35.08 -13.66 14.51
CA GLY B 272 -33.98 -13.42 13.56
C GLY B 272 -33.95 -11.96 13.13
N GLU B 273 -32.81 -11.51 12.57
CA GLU B 273 -32.64 -10.13 12.04
C GLU B 273 -33.48 -9.96 10.77
N ASN B 274 -33.63 -11.03 9.97
CA ASN B 274 -34.52 -11.07 8.79
C ASN B 274 -35.00 -12.50 8.54
N TYR B 275 -36.09 -12.66 7.79
CA TYR B 275 -36.81 -13.94 7.56
C TYR B 275 -36.89 -14.25 6.06
N ASP B 276 -35.96 -13.71 5.27
CA ASP B 276 -35.89 -13.93 3.80
C ASP B 276 -35.53 -15.39 3.51
N ILE B 277 -34.60 -15.96 4.29
CA ILE B 277 -34.05 -17.33 4.07
C ILE B 277 -34.63 -18.29 5.11
N ILE B 278 -35.10 -19.46 4.65
CA ILE B 278 -35.46 -20.63 5.50
C ILE B 278 -34.51 -21.78 5.13
N ALA B 279 -33.49 -22.01 5.98
CA ALA B 279 -32.53 -23.12 5.86
C ALA B 279 -33.12 -24.36 6.55
N GLU B 280 -33.08 -25.51 5.88
CA GLU B 280 -33.52 -26.82 6.43
C GLU B 280 -32.55 -27.92 5.99
N PHE B 281 -32.24 -28.84 6.91
CA PHE B 281 -31.34 -30.01 6.69
C PHE B 281 -32.15 -31.29 6.88
N ASN B 282 -32.55 -31.92 5.77
CA ASN B 282 -33.46 -33.10 5.76
C ASN B 282 -34.75 -32.76 6.52
N GLY B 283 -35.34 -31.60 6.21
CA GLY B 283 -36.67 -31.18 6.71
C GLY B 283 -36.61 -30.50 8.07
N GLN B 284 -35.48 -30.60 8.78
CA GLN B 284 -35.31 -30.06 10.16
C GLN B 284 -34.72 -28.66 10.09
N PRO B 285 -35.11 -27.73 11.01
CA PRO B 285 -34.47 -26.42 11.10
C PRO B 285 -32.95 -26.53 11.26
N ALA B 286 -32.21 -25.59 10.66
CA ALA B 286 -30.73 -25.64 10.58
C ALA B 286 -30.12 -24.24 10.55
N SER B 287 -28.84 -24.17 10.95
CA SER B 287 -27.91 -23.03 10.74
C SER B 287 -26.56 -23.62 10.31
N GLY B 288 -25.48 -22.84 10.35
CA GLY B 288 -24.14 -23.39 10.03
C GLY B 288 -23.04 -22.36 10.02
N LEU B 289 -21.82 -22.84 9.78
CA LEU B 289 -20.56 -22.04 9.72
C LEU B 289 -19.82 -22.38 8.42
N GLY B 290 -19.69 -21.40 7.51
CA GLY B 290 -18.80 -21.47 6.34
C GLY B 290 -17.39 -21.06 6.74
N ILE B 291 -16.45 -22.02 6.71
CA ILE B 291 -15.06 -21.83 7.22
C ILE B 291 -14.10 -21.79 6.03
N LYS B 292 -13.11 -20.90 6.08
CA LYS B 292 -12.06 -20.70 5.06
C LYS B 292 -10.68 -20.79 5.71
N LEU B 293 -9.68 -21.27 4.96
CA LEU B 293 -8.26 -21.35 5.40
C LEU B 293 -7.67 -19.94 5.50
N ALA B 294 -6.82 -19.72 6.50
CA ALA B 294 -5.89 -18.56 6.58
C ALA B 294 -4.77 -18.79 5.56
N THR B 295 -4.27 -17.72 4.94
CA THR B 295 -3.16 -17.76 3.94
C THR B 295 -1.97 -18.52 4.56
N GLY B 296 -1.43 -19.50 3.83
CA GLY B 296 -0.22 -20.25 4.22
C GLY B 296 -0.49 -21.38 5.20
N ALA B 297 -1.77 -21.72 5.43
CA ALA B 297 -2.20 -22.75 6.40
C ALA B 297 -2.27 -24.12 5.72
N ALA B 298 -2.38 -25.18 6.54
CA ALA B 298 -2.51 -26.59 6.10
C ALA B 298 -3.97 -27.04 6.22
N ALA B 299 -4.57 -27.50 5.12
CA ALA B 299 -5.99 -27.90 5.02
C ALA B 299 -6.28 -29.05 5.99
N LEU B 300 -5.42 -30.09 6.00
CA LEU B 300 -5.63 -31.33 6.80
C LEU B 300 -5.58 -30.99 8.29
N ASP B 301 -4.55 -30.24 8.73
CA ASP B 301 -4.32 -29.86 10.15
C ASP B 301 -5.49 -29.00 10.64
N THR B 302 -5.86 -27.96 9.88
CA THR B 302 -6.96 -27.01 10.22
C THR B 302 -8.27 -27.80 10.42
N ALA B 303 -8.63 -28.65 9.45
CA ALA B 303 -9.87 -29.46 9.45
C ALA B 303 -9.92 -30.34 10.70
N ALA B 304 -8.78 -30.93 11.09
CA ALA B 304 -8.64 -31.78 12.30
C ALA B 304 -8.85 -30.92 13.56
N ALA B 305 -8.31 -29.70 13.57
CA ALA B 305 -8.37 -28.74 14.70
C ALA B 305 -9.80 -28.22 14.86
N ILE B 306 -10.52 -27.99 13.75
CA ILE B 306 -11.95 -27.54 13.76
C ILE B 306 -12.79 -28.62 14.43
N ARG B 307 -12.56 -29.89 14.07
CA ARG B 307 -13.30 -31.07 14.60
C ARG B 307 -12.98 -31.27 16.10
N ALA B 308 -11.72 -31.03 16.50
CA ALA B 308 -11.24 -31.15 17.88
C ALA B 308 -11.91 -30.10 18.78
N GLU B 309 -12.13 -28.89 18.25
CA GLU B 309 -12.78 -27.76 18.98
C GLU B 309 -14.29 -28.01 19.06
N LEU B 310 -14.90 -28.47 17.96
CA LEU B 310 -16.34 -28.86 17.93
C LEU B 310 -16.58 -29.99 18.95
N ALA B 311 -15.63 -30.94 19.05
CA ALA B 311 -15.70 -32.10 19.96
C ALA B 311 -15.86 -31.64 21.42
N LYS B 312 -15.08 -30.64 21.86
CA LYS B 312 -15.09 -30.15 23.26
C LYS B 312 -16.18 -29.08 23.44
N MET B 313 -16.96 -28.79 22.40
CA MET B 313 -18.22 -28.00 22.49
C MET B 313 -19.42 -28.94 22.68
N GLU B 314 -19.26 -30.23 22.35
CA GLU B 314 -20.34 -31.26 22.38
C GLU B 314 -21.03 -31.25 23.76
N PRO B 315 -20.29 -31.33 24.89
CA PRO B 315 -20.93 -31.50 26.20
C PRO B 315 -21.90 -30.38 26.62
N PHE B 316 -21.77 -29.18 26.06
CA PHE B 316 -22.51 -27.95 26.51
C PHE B 316 -23.71 -27.67 25.59
N PHE B 317 -23.88 -28.41 24.49
CA PHE B 317 -25.00 -28.25 23.54
C PHE B 317 -26.32 -28.53 24.26
N PRO B 318 -27.39 -27.74 24.03
CA PRO B 318 -28.72 -28.12 24.50
C PRO B 318 -29.19 -29.40 23.80
N SER B 319 -30.15 -30.11 24.41
CA SER B 319 -30.67 -31.42 23.93
C SER B 319 -31.22 -31.27 22.51
N GLY B 320 -30.87 -32.21 21.63
CA GLY B 320 -31.36 -32.27 20.24
C GLY B 320 -30.42 -31.61 19.24
N LEU B 321 -29.45 -30.82 19.71
CA LEU B 321 -28.48 -30.11 18.82
C LEU B 321 -27.40 -31.09 18.37
N LYS B 322 -27.10 -31.08 17.06
CA LYS B 322 -26.14 -32.00 16.42
C LYS B 322 -25.30 -31.24 15.38
N ILE B 323 -24.04 -31.61 15.24
CA ILE B 323 -23.12 -31.12 14.17
C ILE B 323 -23.23 -32.08 12.97
N VAL B 324 -23.18 -31.53 11.76
CA VAL B 324 -23.14 -32.30 10.47
C VAL B 324 -22.14 -31.60 9.55
N TYR B 325 -21.66 -32.31 8.52
CA TYR B 325 -20.57 -31.87 7.61
C TYR B 325 -21.01 -32.04 6.16
N PRO B 326 -22.03 -31.27 5.69
CA PRO B 326 -22.56 -31.41 4.34
C PRO B 326 -21.56 -31.11 3.20
N TYR B 327 -20.52 -30.32 3.48
CA TYR B 327 -19.42 -29.99 2.52
C TYR B 327 -18.09 -29.99 3.26
N ASP B 328 -17.10 -30.72 2.74
CA ASP B 328 -15.74 -30.83 3.32
C ASP B 328 -14.76 -31.22 2.20
N THR B 329 -13.84 -30.32 1.85
CA THR B 329 -12.82 -30.51 0.79
C THR B 329 -11.70 -31.43 1.28
N THR B 330 -11.54 -31.57 2.61
CA THR B 330 -10.38 -32.26 3.25
C THR B 330 -10.33 -33.73 2.81
N PRO B 331 -11.42 -34.52 2.93
CA PRO B 331 -11.47 -35.86 2.35
C PRO B 331 -10.97 -35.95 0.89
N PHE B 332 -11.37 -34.99 0.03
CA PHE B 332 -11.00 -34.95 -1.41
C PHE B 332 -9.49 -34.68 -1.54
N VAL B 333 -8.97 -33.70 -0.79
CA VAL B 333 -7.53 -33.30 -0.80
C VAL B 333 -6.68 -34.43 -0.20
N LYS B 334 -7.21 -35.13 0.81
CA LYS B 334 -6.57 -36.29 1.50
C LYS B 334 -6.29 -37.39 0.47
N ILE B 335 -7.21 -37.62 -0.47
CA ILE B 335 -7.11 -38.67 -1.52
C ILE B 335 -6.23 -38.14 -2.67
N SER B 336 -6.45 -36.89 -3.10
CA SER B 336 -5.68 -36.20 -4.18
C SER B 336 -4.17 -36.37 -3.93
N ILE B 337 -3.72 -36.12 -2.70
CA ILE B 337 -2.29 -36.20 -2.29
C ILE B 337 -1.86 -37.68 -2.34
N HIS B 338 -2.53 -38.55 -1.60
CA HIS B 338 -2.19 -39.99 -1.44
C HIS B 338 -2.04 -40.66 -2.81
N GLU B 339 -3.00 -40.42 -3.72
CA GLU B 339 -3.05 -41.06 -5.07
C GLU B 339 -1.87 -40.58 -5.93
N VAL B 340 -1.33 -39.38 -5.66
CA VAL B 340 -0.13 -38.83 -6.34
C VAL B 340 1.13 -39.48 -5.74
N VAL B 341 1.21 -39.56 -4.42
CA VAL B 341 2.35 -40.19 -3.68
C VAL B 341 2.47 -41.65 -4.10
N LYS B 342 1.32 -42.33 -4.29
CA LYS B 342 1.24 -43.74 -4.76
C LYS B 342 1.85 -43.85 -6.15
N THR B 343 1.53 -42.92 -7.05
CA THR B 343 2.04 -42.87 -8.45
C THR B 343 3.56 -42.67 -8.44
N LEU B 344 4.07 -41.79 -7.57
CA LEU B 344 5.52 -41.45 -7.48
C LEU B 344 6.30 -42.64 -6.91
N VAL B 345 5.71 -43.41 -5.99
CA VAL B 345 6.34 -44.61 -5.35
C VAL B 345 6.27 -45.78 -6.33
N GLU B 346 5.09 -46.03 -6.93
CA GLU B 346 4.87 -47.10 -7.95
C GLU B 346 5.82 -46.89 -9.13
N ALA B 347 5.94 -45.65 -9.62
CA ALA B 347 6.82 -45.26 -10.75
C ALA B 347 8.26 -45.65 -10.44
N ILE B 348 8.71 -45.46 -9.19
CA ILE B 348 10.08 -45.82 -8.73
C ILE B 348 10.21 -47.34 -8.65
N ILE B 349 9.14 -48.05 -8.24
CA ILE B 349 9.10 -49.54 -8.19
C ILE B 349 9.17 -50.10 -9.61
N LEU B 350 8.42 -49.52 -10.55
CA LEU B 350 8.37 -49.98 -11.97
C LEU B 350 9.75 -49.80 -12.62
N VAL B 351 10.43 -48.69 -12.35
CA VAL B 351 11.82 -48.41 -12.85
C VAL B 351 12.74 -49.50 -12.33
N PHE B 352 12.64 -49.86 -11.04
CA PHE B 352 13.44 -50.94 -10.40
C PHE B 352 13.28 -52.23 -11.23
N LEU B 353 12.04 -52.62 -11.53
CA LEU B 353 11.71 -53.88 -12.25
C LEU B 353 12.24 -53.82 -13.69
N VAL B 354 11.99 -52.72 -14.41
CA VAL B 354 12.44 -52.51 -15.82
C VAL B 354 13.98 -52.46 -15.86
N MET B 355 14.60 -51.73 -14.92
CA MET B 355 16.07 -51.60 -14.81
C MET B 355 16.69 -52.99 -14.62
N TYR B 356 16.08 -53.80 -13.74
CA TYR B 356 16.54 -55.19 -13.45
C TYR B 356 16.30 -56.08 -14.68
N LEU B 357 15.16 -55.93 -15.35
CA LEU B 357 14.78 -56.78 -16.52
C LEU B 357 15.88 -56.72 -17.60
N PHE B 358 16.40 -55.53 -17.89
CA PHE B 358 17.38 -55.29 -18.99
C PHE B 358 18.82 -55.41 -18.46
N LEU B 359 19.15 -54.70 -17.37
CA LEU B 359 20.56 -54.58 -16.87
C LEU B 359 20.90 -55.75 -15.93
N GLN B 360 19.93 -56.25 -15.17
CA GLN B 360 19.99 -57.57 -14.47
C GLN B 360 21.07 -57.60 -13.39
N ASN B 361 21.25 -56.50 -12.66
CA ASN B 361 22.07 -56.44 -11.42
C ASN B 361 21.47 -55.38 -10.49
N PHE B 362 21.43 -55.66 -9.19
CA PHE B 362 20.74 -54.84 -8.15
C PHE B 362 21.45 -53.50 -7.95
N ARG B 363 22.77 -53.45 -8.16
CA ARG B 363 23.61 -52.24 -7.97
C ARG B 363 23.15 -51.13 -8.93
N ALA B 364 22.76 -51.49 -10.16
CA ALA B 364 22.28 -50.54 -11.19
C ALA B 364 20.89 -50.01 -10.81
N THR B 365 20.01 -50.89 -10.30
CA THR B 365 18.59 -50.56 -9.98
C THR B 365 18.51 -49.54 -8.84
N LEU B 366 19.52 -49.48 -7.96
CA LEU B 366 19.57 -48.55 -6.80
C LEU B 366 19.75 -47.10 -7.28
N ILE B 367 20.47 -46.90 -8.38
CA ILE B 367 20.99 -45.55 -8.78
C ILE B 367 19.82 -44.63 -9.13
N PRO B 368 18.82 -45.05 -9.96
CA PRO B 368 17.60 -44.26 -10.12
C PRO B 368 16.75 -44.18 -8.84
N THR B 369 16.67 -45.26 -8.07
CA THR B 369 15.87 -45.38 -6.82
C THR B 369 16.35 -44.34 -5.80
N ILE B 370 17.64 -43.97 -5.84
CA ILE B 370 18.23 -42.87 -5.02
C ILE B 370 17.90 -41.52 -5.69
N ALA B 371 18.29 -41.37 -6.96
CA ALA B 371 18.37 -40.08 -7.68
C ALA B 371 16.99 -39.42 -7.87
N VAL B 372 15.92 -40.22 -8.09
CA VAL B 372 14.57 -39.66 -8.41
C VAL B 372 13.98 -39.02 -7.15
N PRO B 373 13.90 -39.70 -5.98
CA PRO B 373 13.54 -39.03 -4.73
C PRO B 373 14.32 -37.74 -4.43
N VAL B 374 15.63 -37.73 -4.67
CA VAL B 374 16.52 -36.55 -4.41
C VAL B 374 16.02 -35.36 -5.23
N VAL B 375 15.60 -35.60 -6.49
CA VAL B 375 15.11 -34.54 -7.42
C VAL B 375 13.71 -34.09 -7.00
N LEU B 376 12.83 -35.03 -6.62
CA LEU B 376 11.42 -34.73 -6.20
C LEU B 376 11.44 -33.92 -4.90
N LEU B 377 12.22 -34.32 -3.89
CA LEU B 377 12.39 -33.56 -2.62
C LEU B 377 12.90 -32.15 -2.95
N GLY B 378 13.98 -32.06 -3.74
CA GLY B 378 14.56 -30.79 -4.22
C GLY B 378 13.50 -29.89 -4.84
N THR B 379 12.58 -30.45 -5.62
CA THR B 379 11.50 -29.72 -6.33
C THR B 379 10.62 -28.98 -5.30
N PHE B 380 10.28 -29.65 -4.20
CA PHE B 380 9.44 -29.10 -3.10
C PHE B 380 10.11 -27.86 -2.49
N ALA B 381 11.43 -27.91 -2.31
CA ALA B 381 12.24 -26.78 -1.79
C ALA B 381 12.12 -25.58 -2.73
N VAL B 382 12.11 -25.82 -4.04
CA VAL B 382 12.04 -24.74 -5.09
C VAL B 382 10.60 -24.23 -5.20
N LEU B 383 9.59 -25.09 -4.96
CA LEU B 383 8.17 -24.66 -4.84
C LEU B 383 8.06 -23.67 -3.67
N ALA B 384 8.59 -24.07 -2.51
CA ALA B 384 8.58 -23.28 -1.25
C ALA B 384 9.29 -21.94 -1.46
N ALA B 385 10.43 -21.95 -2.17
CA ALA B 385 11.24 -20.75 -2.50
C ALA B 385 10.43 -19.77 -3.35
N PHE B 386 9.63 -20.29 -4.29
CA PHE B 386 8.76 -19.48 -5.22
C PHE B 386 7.43 -19.14 -4.53
N GLY B 387 7.24 -19.58 -3.29
CA GLY B 387 6.05 -19.27 -2.46
C GLY B 387 4.80 -19.99 -2.96
N PHE B 388 4.97 -21.19 -3.52
CA PHE B 388 3.87 -22.06 -4.02
C PHE B 388 3.38 -22.95 -2.88
N SER B 389 2.21 -23.56 -3.07
CA SER B 389 1.56 -24.52 -2.14
C SER B 389 1.54 -25.91 -2.79
N ILE B 390 1.36 -26.93 -1.96
CA ILE B 390 1.04 -28.33 -2.40
C ILE B 390 -0.47 -28.37 -2.69
N ASN B 391 -0.85 -28.36 -3.97
CA ASN B 391 -2.27 -28.32 -4.41
C ASN B 391 -2.46 -29.27 -5.60
N THR B 392 -3.70 -29.47 -6.03
CA THR B 392 -4.11 -30.40 -7.12
C THR B 392 -3.26 -30.14 -8.38
N LEU B 393 -2.99 -28.86 -8.70
CA LEU B 393 -2.28 -28.47 -9.94
C LEU B 393 -0.79 -28.79 -9.83
N THR B 394 -0.14 -28.40 -8.74
CA THR B 394 1.33 -28.61 -8.52
C THR B 394 1.62 -30.10 -8.35
N MET B 395 0.69 -30.85 -7.76
CA MET B 395 0.85 -32.30 -7.49
C MET B 395 0.83 -33.09 -8.81
N PHE B 396 -0.16 -32.85 -9.67
CA PHE B 396 -0.28 -33.51 -11.00
C PHE B 396 0.81 -32.98 -11.94
N GLY B 397 1.33 -31.78 -11.68
CA GLY B 397 2.50 -31.21 -12.37
C GLY B 397 3.73 -32.08 -12.21
N MET B 398 3.92 -32.67 -11.02
CA MET B 398 5.04 -33.59 -10.69
C MET B 398 4.79 -34.95 -11.35
N VAL B 399 3.55 -35.43 -11.36
CA VAL B 399 3.15 -36.73 -11.97
C VAL B 399 3.45 -36.68 -13.48
N LEU B 400 3.19 -35.54 -14.12
CA LEU B 400 3.43 -35.34 -15.58
C LEU B 400 4.94 -35.25 -15.85
N ALA B 401 5.72 -34.85 -14.84
CA ALA B 401 7.19 -34.65 -14.92
C ALA B 401 7.94 -35.96 -14.61
N ILE B 402 7.26 -36.98 -14.06
CA ILE B 402 7.91 -38.24 -13.58
C ILE B 402 8.55 -38.97 -14.76
N GLY B 403 7.97 -38.87 -15.96
CA GLY B 403 8.54 -39.42 -17.20
C GLY B 403 9.90 -38.80 -17.52
N LEU B 404 10.02 -37.49 -17.34
CA LEU B 404 11.28 -36.72 -17.62
C LEU B 404 12.33 -37.04 -16.56
N LEU B 405 11.93 -37.17 -15.28
CA LEU B 405 12.83 -37.45 -14.13
C LEU B 405 13.44 -38.85 -14.28
N VAL B 406 12.58 -39.85 -14.50
CA VAL B 406 12.94 -41.29 -14.64
C VAL B 406 13.92 -41.43 -15.83
N ASP B 407 13.67 -40.71 -16.93
CA ASP B 407 14.49 -40.79 -18.18
C ASP B 407 15.93 -40.36 -17.86
N ASP B 408 16.11 -39.22 -17.17
CA ASP B 408 17.44 -38.66 -16.82
C ASP B 408 18.26 -39.72 -16.05
N ALA B 409 17.62 -40.44 -15.12
CA ALA B 409 18.25 -41.50 -14.31
C ALA B 409 18.61 -42.70 -15.20
N ILE B 410 17.66 -43.16 -16.03
CA ILE B 410 17.84 -44.35 -16.93
C ILE B 410 18.93 -44.05 -17.96
N VAL B 411 18.82 -42.92 -18.67
CA VAL B 411 19.74 -42.53 -19.78
C VAL B 411 21.20 -42.66 -19.31
N VAL B 412 21.51 -42.09 -18.13
CA VAL B 412 22.91 -41.95 -17.62
C VAL B 412 23.46 -43.34 -17.26
N VAL B 413 22.71 -44.14 -16.50
CA VAL B 413 23.13 -45.50 -16.03
C VAL B 413 23.26 -46.43 -17.25
N GLU B 414 22.23 -46.45 -18.11
CA GLU B 414 22.16 -47.30 -19.32
C GLU B 414 23.43 -47.11 -20.17
N ASN B 415 23.80 -45.84 -20.41
CA ASN B 415 24.91 -45.48 -21.33
C ASN B 415 26.25 -45.95 -20.74
N VAL B 416 26.39 -45.96 -19.42
CA VAL B 416 27.61 -46.48 -18.72
C VAL B 416 27.64 -48.00 -18.88
N GLU B 417 26.50 -48.68 -18.67
CA GLU B 417 26.37 -50.15 -18.77
C GLU B 417 26.70 -50.62 -20.19
N ARG B 418 26.30 -49.83 -21.20
CA ARG B 418 26.58 -50.13 -22.64
C ARG B 418 28.09 -49.97 -22.89
N VAL B 419 28.65 -48.79 -22.58
CA VAL B 419 30.08 -48.45 -22.81
C VAL B 419 30.97 -49.51 -22.17
N MET B 420 30.60 -50.02 -20.98
CA MET B 420 31.37 -51.09 -20.27
C MET B 420 31.32 -52.39 -21.08
N ALA B 421 30.17 -52.73 -21.66
CA ALA B 421 29.93 -53.99 -22.42
C ALA B 421 30.70 -53.96 -23.75
N GLU B 422 30.69 -52.82 -24.45
CA GLU B 422 31.19 -52.70 -25.85
C GLU B 422 32.72 -52.52 -25.85
N GLU B 423 33.28 -51.78 -24.88
CA GLU B 423 34.71 -51.39 -24.88
C GLU B 423 35.46 -52.03 -23.71
N GLY B 424 34.76 -52.60 -22.73
CA GLY B 424 35.35 -53.40 -21.64
C GLY B 424 36.02 -52.57 -20.56
N LEU B 425 35.80 -51.25 -20.56
CA LEU B 425 36.44 -50.31 -19.59
C LEU B 425 35.87 -50.54 -18.20
N PRO B 426 36.64 -50.26 -17.12
CA PRO B 426 36.12 -50.34 -15.75
C PRO B 426 35.13 -49.23 -15.44
N PRO B 427 34.25 -49.41 -14.43
CA PRO B 427 33.18 -48.45 -14.13
C PRO B 427 33.58 -46.97 -14.11
N LYS B 428 34.67 -46.62 -13.43
CA LYS B 428 35.09 -45.20 -13.22
C LYS B 428 35.47 -44.56 -14.56
N GLU B 429 36.26 -45.26 -15.38
CA GLU B 429 36.70 -44.77 -16.72
C GLU B 429 35.51 -44.80 -17.69
N ALA B 430 34.67 -45.83 -17.60
CA ALA B 430 33.48 -46.05 -18.47
C ALA B 430 32.45 -44.94 -18.24
N THR B 431 32.20 -44.59 -16.97
CA THR B 431 31.32 -43.46 -16.55
C THR B 431 31.89 -42.15 -17.13
N ARG B 432 33.21 -41.98 -17.05
CA ARG B 432 33.92 -40.74 -17.49
C ARG B 432 33.73 -40.55 -18.99
N LYS B 433 33.83 -41.63 -19.78
CA LYS B 433 33.62 -41.60 -21.26
C LYS B 433 32.13 -41.41 -21.56
N SER B 434 31.27 -42.22 -20.92
CA SER B 434 29.79 -42.20 -21.05
C SER B 434 29.24 -40.79 -20.86
N MET B 435 29.59 -40.13 -19.76
CA MET B 435 29.15 -38.74 -19.45
C MET B 435 29.70 -37.79 -20.51
N GLY B 436 30.92 -38.03 -21.01
CA GLY B 436 31.52 -37.29 -22.13
C GLY B 436 30.64 -37.29 -23.36
N GLN B 437 29.83 -38.34 -23.55
CA GLN B 437 28.98 -38.57 -24.76
C GLN B 437 27.61 -37.89 -24.61
N ILE B 438 27.16 -37.59 -23.40
CA ILE B 438 25.75 -37.11 -23.15
C ILE B 438 25.71 -35.78 -22.38
N GLN B 439 26.80 -35.36 -21.72
CA GLN B 439 26.77 -34.18 -20.81
C GLN B 439 26.36 -32.92 -21.60
N GLY B 440 26.91 -32.73 -22.80
CA GLY B 440 26.57 -31.60 -23.69
C GLY B 440 25.10 -31.64 -24.09
N ALA B 441 24.58 -32.85 -24.40
CA ALA B 441 23.19 -33.09 -24.81
C ALA B 441 22.23 -32.77 -23.65
N LEU B 442 22.54 -33.24 -22.44
CA LEU B 442 21.68 -33.07 -21.23
C LEU B 442 21.49 -31.58 -20.94
N VAL B 443 22.56 -30.79 -21.02
CA VAL B 443 22.53 -29.30 -20.83
C VAL B 443 21.71 -28.68 -21.97
N GLY B 444 21.86 -29.18 -23.20
CA GLY B 444 21.05 -28.78 -24.37
C GLY B 444 19.59 -29.08 -24.15
N ILE B 445 19.26 -30.25 -23.59
CA ILE B 445 17.88 -30.72 -23.31
C ILE B 445 17.24 -29.80 -22.26
N ALA B 446 17.99 -29.43 -21.23
CA ALA B 446 17.54 -28.53 -20.13
C ALA B 446 17.05 -27.20 -20.71
N MET B 447 17.79 -26.65 -21.70
CA MET B 447 17.49 -25.36 -22.35
C MET B 447 16.25 -25.50 -23.24
N VAL B 448 16.17 -26.58 -24.04
CA VAL B 448 15.03 -26.87 -24.95
C VAL B 448 13.74 -26.97 -24.11
N LEU B 449 13.74 -27.79 -23.06
CA LEU B 449 12.56 -28.06 -22.20
C LEU B 449 12.14 -26.80 -21.44
N SER B 450 13.10 -25.96 -21.04
CA SER B 450 12.85 -24.62 -20.44
C SER B 450 12.08 -23.75 -21.46
N ALA B 451 12.53 -23.76 -22.73
CA ALA B 451 11.89 -23.02 -23.84
C ALA B 451 10.47 -23.55 -24.10
N VAL B 452 10.22 -24.83 -23.85
CA VAL B 452 8.87 -25.47 -24.02
C VAL B 452 7.95 -25.00 -22.89
N PHE B 453 8.43 -24.97 -21.65
CA PHE B 453 7.60 -24.86 -20.42
C PHE B 453 7.56 -23.42 -19.88
N VAL B 454 8.68 -22.69 -19.90
CA VAL B 454 8.78 -21.36 -19.22
C VAL B 454 7.78 -20.37 -19.83
N PRO B 455 7.65 -20.27 -21.17
CA PRO B 455 6.71 -19.32 -21.78
C PRO B 455 5.25 -19.54 -21.35
N MET B 456 4.91 -20.78 -20.98
CA MET B 456 3.56 -21.19 -20.50
C MET B 456 3.17 -20.43 -19.22
N ALA B 457 4.17 -19.98 -18.43
CA ALA B 457 3.97 -19.27 -17.15
C ALA B 457 3.54 -17.81 -17.36
N PHE B 458 3.71 -17.27 -18.57
CA PHE B 458 3.54 -15.82 -18.89
C PHE B 458 2.18 -15.53 -19.54
N PHE B 459 1.25 -16.50 -19.51
CA PHE B 459 -0.18 -16.25 -19.83
C PHE B 459 -0.78 -15.39 -18.72
N GLY B 460 -1.71 -14.49 -19.08
CA GLY B 460 -2.33 -13.51 -18.16
C GLY B 460 -3.66 -14.01 -17.61
N GLY B 461 -4.10 -13.42 -16.50
CA GLY B 461 -5.43 -13.67 -15.89
C GLY B 461 -5.51 -15.03 -15.22
N SER B 462 -6.71 -15.62 -15.20
CA SER B 462 -7.06 -16.86 -14.46
C SER B 462 -6.38 -18.07 -15.10
N THR B 463 -6.56 -18.25 -16.41
CA THR B 463 -6.01 -19.40 -17.19
C THR B 463 -4.48 -19.41 -17.07
N GLY B 464 -3.85 -18.23 -17.16
CA GLY B 464 -2.39 -18.06 -17.05
C GLY B 464 -1.86 -18.45 -15.68
N ALA B 465 -2.62 -18.16 -14.62
CA ALA B 465 -2.30 -18.51 -13.22
C ALA B 465 -2.29 -20.03 -13.05
N ILE B 466 -3.20 -20.74 -13.73
CA ILE B 466 -3.30 -22.23 -13.70
C ILE B 466 -2.10 -22.84 -14.42
N TYR B 467 -1.72 -22.27 -15.59
CA TYR B 467 -0.59 -22.76 -16.43
C TYR B 467 0.74 -22.51 -15.70
N ARG B 468 0.81 -21.45 -14.90
CA ARG B 468 2.03 -21.05 -14.15
C ARG B 468 2.32 -22.06 -13.03
N GLN B 469 1.30 -22.75 -12.52
CA GLN B 469 1.45 -23.79 -11.46
C GLN B 469 2.20 -25.00 -12.03
N PHE B 470 1.83 -25.44 -13.23
CA PHE B 470 2.44 -26.59 -13.96
C PHE B 470 3.85 -26.20 -14.43
N SER B 471 3.98 -24.99 -15.00
CA SER B 471 5.24 -24.44 -15.57
C SER B 471 6.36 -24.50 -14.54
N ILE B 472 6.20 -23.82 -13.40
CA ILE B 472 7.26 -23.70 -12.35
C ILE B 472 7.58 -25.09 -11.78
N THR B 473 6.56 -25.94 -11.58
CA THR B 473 6.74 -27.31 -11.02
C THR B 473 7.56 -28.18 -11.97
N ILE B 474 7.23 -28.18 -13.26
CA ILE B 474 7.86 -29.04 -14.30
C ILE B 474 9.27 -28.51 -14.61
N VAL B 475 9.42 -27.20 -14.79
CA VAL B 475 10.74 -26.55 -15.09
C VAL B 475 11.71 -26.81 -13.94
N SER B 476 11.24 -26.71 -12.69
CA SER B 476 12.07 -26.89 -11.46
C SER B 476 12.52 -28.35 -11.34
N ALA B 477 11.58 -29.29 -11.42
CA ALA B 477 11.83 -30.76 -11.34
C ALA B 477 12.82 -31.16 -12.45
N MET B 478 12.58 -30.70 -13.67
CA MET B 478 13.39 -31.00 -14.87
C MET B 478 14.82 -30.43 -14.68
N ALA B 479 14.93 -29.19 -14.18
CA ALA B 479 16.21 -28.47 -14.00
C ALA B 479 17.07 -29.18 -12.95
N LEU B 480 16.49 -29.54 -11.80
CA LEU B 480 17.18 -30.30 -10.72
C LEU B 480 17.65 -31.66 -11.24
N SER B 481 16.79 -32.36 -11.99
CA SER B 481 17.07 -33.69 -12.60
C SER B 481 18.35 -33.64 -13.42
N VAL B 482 18.55 -32.56 -14.17
CA VAL B 482 19.75 -32.32 -15.02
C VAL B 482 20.96 -32.04 -14.12
N LEU B 483 20.80 -31.16 -13.12
CA LEU B 483 21.87 -30.87 -12.12
C LEU B 483 22.28 -32.18 -11.43
N VAL B 484 21.31 -33.01 -11.04
CA VAL B 484 21.52 -34.32 -10.36
C VAL B 484 22.18 -35.30 -11.35
N ALA B 485 21.79 -35.25 -12.62
CA ALA B 485 22.30 -36.14 -13.70
C ALA B 485 23.77 -35.83 -14.03
N LEU B 486 24.26 -34.65 -13.64
CA LEU B 486 25.65 -34.19 -13.94
C LEU B 486 26.52 -34.24 -12.68
N ILE B 487 25.91 -34.28 -11.49
CA ILE B 487 26.63 -34.24 -10.18
C ILE B 487 26.60 -35.63 -9.53
N LEU B 488 25.40 -36.13 -9.24
CA LEU B 488 25.18 -37.29 -8.32
C LEU B 488 25.30 -38.62 -9.08
N THR B 489 24.52 -38.84 -10.14
CA THR B 489 24.39 -40.16 -10.83
C THR B 489 25.73 -40.57 -11.44
N PRO B 490 26.49 -39.70 -12.15
CA PRO B 490 27.88 -40.01 -12.51
C PRO B 490 28.66 -40.61 -11.34
N ALA B 491 28.71 -39.90 -10.20
CA ALA B 491 29.42 -40.32 -8.97
C ALA B 491 28.95 -41.71 -8.55
N LEU B 492 27.63 -41.91 -8.45
CA LEU B 492 27.00 -43.20 -8.04
C LEU B 492 27.41 -44.30 -9.03
N CYS B 493 27.33 -44.02 -10.34
CA CYS B 493 27.68 -44.97 -11.43
C CYS B 493 29.14 -45.42 -11.29
N ALA B 494 30.05 -44.49 -10.99
CA ALA B 494 31.52 -44.72 -10.93
C ALA B 494 31.91 -45.52 -9.68
N THR B 495 31.06 -45.55 -8.65
CA THR B 495 31.39 -46.14 -7.31
C THR B 495 30.52 -47.38 -7.01
N MET B 496 29.43 -47.61 -7.74
CA MET B 496 28.43 -48.66 -7.40
C MET B 496 28.34 -49.75 -8.48
N LEU B 497 28.50 -49.39 -9.77
CA LEU B 497 28.34 -50.35 -10.89
C LEU B 497 29.50 -51.35 -10.91
N LYS B 498 29.19 -52.62 -11.19
CA LYS B 498 30.17 -53.72 -11.38
C LYS B 498 30.74 -53.64 -12.79
N PRO B 499 32.02 -54.03 -13.01
CA PRO B 499 32.57 -54.11 -14.37
C PRO B 499 31.84 -55.17 -15.21
N ILE B 500 31.86 -54.98 -16.54
CA ILE B 500 31.38 -55.97 -17.55
C ILE B 500 32.51 -56.21 -18.55
N ALA B 501 32.94 -57.46 -18.72
CA ALA B 501 33.97 -57.87 -19.69
C ALA B 501 33.47 -57.58 -21.11
N LYS B 502 34.37 -57.14 -22.00
CA LYS B 502 34.04 -56.73 -23.39
C LYS B 502 33.27 -57.86 -24.09
N GLY B 503 32.11 -57.55 -24.67
CA GLY B 503 31.31 -58.47 -25.50
C GLY B 503 30.23 -59.19 -24.71
N ASP B 504 30.28 -59.14 -23.37
CA ASP B 504 29.31 -59.82 -22.47
C ASP B 504 27.97 -59.06 -22.51
N HIS B 505 27.04 -59.50 -23.37
CA HIS B 505 25.67 -58.94 -23.52
C HIS B 505 24.65 -59.86 -22.83
N GLY B 506 25.12 -60.78 -21.96
CA GLY B 506 24.28 -61.68 -21.15
C GLY B 506 23.64 -62.79 -21.98
N GLU B 507 24.19 -63.08 -23.16
CA GLU B 507 23.69 -64.14 -24.08
C GLU B 507 24.11 -65.52 -23.55
N GLY B 508 25.25 -65.59 -22.86
CA GLY B 508 25.81 -66.82 -22.26
C GLY B 508 25.06 -67.24 -20.99
N LYS B 509 24.31 -66.33 -20.36
CA LYS B 509 23.52 -66.61 -19.12
C LYS B 509 22.43 -67.64 -19.43
N LYS B 510 21.85 -68.23 -18.38
CA LYS B 510 20.82 -69.31 -18.46
C LYS B 510 19.47 -68.77 -17.97
N GLY B 511 18.42 -69.61 -18.02
CA GLY B 511 17.08 -69.31 -17.49
C GLY B 511 16.35 -68.27 -18.31
N PHE B 512 15.54 -67.43 -17.66
CA PHE B 512 14.68 -66.40 -18.29
C PHE B 512 15.55 -65.25 -18.82
N PHE B 513 16.48 -64.75 -18.00
CA PHE B 513 17.32 -63.56 -18.28
C PHE B 513 18.25 -63.84 -19.47
N GLY B 514 18.74 -65.08 -19.57
CA GLY B 514 19.52 -65.57 -20.72
C GLY B 514 18.71 -65.54 -22.01
N TRP B 515 17.49 -66.09 -21.95
CA TRP B 515 16.50 -66.09 -23.08
C TRP B 515 16.20 -64.66 -23.51
N PHE B 516 15.99 -63.76 -22.54
CA PHE B 516 15.60 -62.34 -22.77
C PHE B 516 16.72 -61.59 -23.51
N ASN B 517 17.96 -61.76 -23.06
CA ASN B 517 19.16 -61.12 -23.65
C ASN B 517 19.27 -61.54 -25.12
N ARG B 518 19.17 -62.85 -25.40
CA ARG B 518 19.25 -63.41 -26.78
C ARG B 518 18.02 -62.97 -27.59
N MET B 519 16.85 -62.84 -26.95
CA MET B 519 15.60 -62.35 -27.58
C MET B 519 15.76 -60.87 -27.97
N PHE B 520 16.27 -60.04 -27.06
CA PHE B 520 16.39 -58.56 -27.26
C PHE B 520 17.50 -58.26 -28.28
N GLU B 521 18.55 -59.07 -28.32
CA GLU B 521 19.70 -58.91 -29.26
C GLU B 521 19.23 -59.20 -30.69
N LYS B 522 18.37 -60.21 -30.88
CA LYS B 522 17.71 -60.51 -32.18
C LYS B 522 16.88 -59.29 -32.61
N SER B 523 15.99 -58.84 -31.72
CA SER B 523 15.02 -57.73 -31.93
C SER B 523 15.76 -56.44 -32.30
N THR B 524 16.95 -56.22 -31.73
CA THR B 524 17.82 -55.04 -32.02
C THR B 524 18.32 -55.13 -33.47
N HIS B 525 18.72 -56.33 -33.92
CA HIS B 525 19.19 -56.59 -35.31
C HIS B 525 18.00 -56.49 -36.27
N HIS B 526 16.84 -57.02 -35.90
CA HIS B 526 15.56 -56.87 -36.64
C HIS B 526 15.23 -55.38 -36.80
N TYR B 527 15.42 -54.59 -35.74
CA TYR B 527 15.13 -53.14 -35.71
C TYR B 527 16.06 -52.41 -36.69
N THR B 528 17.37 -52.67 -36.63
CA THR B 528 18.41 -51.96 -37.44
C THR B 528 18.26 -52.32 -38.91
N ASP B 529 17.96 -53.59 -39.23
CA ASP B 529 17.65 -54.05 -40.61
C ASP B 529 16.42 -53.29 -41.11
N SER B 530 15.38 -53.19 -40.28
CA SER B 530 14.08 -52.53 -40.59
C SER B 530 14.31 -51.04 -40.92
N VAL B 531 15.15 -50.35 -40.14
CA VAL B 531 15.50 -48.91 -40.37
C VAL B 531 16.33 -48.80 -41.66
N GLY B 532 17.22 -49.76 -41.91
CA GLY B 532 17.98 -49.87 -43.16
C GLY B 532 17.09 -49.84 -44.38
N GLY B 533 16.00 -50.62 -44.35
CA GLY B 533 14.97 -50.69 -45.40
C GLY B 533 14.18 -49.39 -45.51
N ILE B 534 13.88 -48.77 -44.37
CA ILE B 534 13.14 -47.47 -44.29
C ILE B 534 14.01 -46.37 -44.93
N LEU B 535 15.33 -46.42 -44.71
CA LEU B 535 16.28 -45.36 -45.15
C LEU B 535 16.59 -45.49 -46.64
N ARG B 536 16.25 -46.62 -47.27
CA ARG B 536 16.31 -46.81 -48.75
C ARG B 536 15.13 -46.07 -49.41
N SER B 537 13.94 -46.14 -48.79
CA SER B 537 12.68 -45.58 -49.32
C SER B 537 12.13 -44.49 -48.36
N THR B 538 12.86 -43.37 -48.22
CA THR B 538 12.54 -42.25 -47.31
C THR B 538 11.32 -41.47 -47.84
N GLY B 539 11.23 -41.30 -49.17
CA GLY B 539 10.15 -40.56 -49.86
C GLY B 539 8.76 -40.99 -49.40
N ARG B 540 8.55 -42.29 -49.19
CA ARG B 540 7.25 -42.87 -48.77
C ARG B 540 6.88 -42.38 -47.36
N TYR B 541 7.86 -42.32 -46.46
CA TYR B 541 7.65 -42.03 -45.02
C TYR B 541 7.39 -40.53 -44.81
N LEU B 542 7.87 -39.67 -45.72
CA LEU B 542 7.51 -38.23 -45.74
C LEU B 542 6.02 -38.09 -46.07
N VAL B 543 5.50 -38.91 -46.99
CA VAL B 543 4.06 -38.93 -47.36
C VAL B 543 3.25 -39.47 -46.18
N LEU B 544 3.74 -40.51 -45.50
CA LEU B 544 3.10 -41.10 -44.29
C LEU B 544 3.12 -40.07 -43.14
N TYR B 545 4.18 -39.25 -43.06
CA TYR B 545 4.36 -38.19 -42.03
C TYR B 545 3.32 -37.07 -42.24
N LEU B 546 3.15 -36.62 -43.48
CA LEU B 546 2.17 -35.55 -43.83
C LEU B 546 0.74 -36.04 -43.57
N ILE B 547 0.49 -37.34 -43.66
CA ILE B 547 -0.82 -37.96 -43.27
C ILE B 547 -0.98 -37.85 -41.75
N ILE B 548 0.10 -38.11 -40.99
CA ILE B 548 0.11 -38.00 -39.50
C ILE B 548 -0.13 -36.53 -39.12
N VAL B 549 0.48 -35.57 -39.81
CA VAL B 549 0.36 -34.11 -39.53
C VAL B 549 -1.05 -33.63 -39.90
N VAL B 550 -1.65 -34.18 -40.96
CA VAL B 550 -3.05 -33.86 -41.38
C VAL B 550 -4.02 -34.55 -40.40
N GLY B 551 -3.78 -35.83 -40.10
CA GLY B 551 -4.54 -36.60 -39.10
C GLY B 551 -4.59 -35.89 -37.76
N MET B 552 -3.46 -35.32 -37.34
CA MET B 552 -3.34 -34.49 -36.11
C MET B 552 -4.26 -33.27 -36.23
N ALA B 553 -4.04 -32.46 -37.28
CA ALA B 553 -4.74 -31.17 -37.54
C ALA B 553 -6.26 -31.37 -37.48
N TYR B 554 -6.77 -32.51 -37.99
CA TYR B 554 -8.22 -32.83 -37.98
C TYR B 554 -8.69 -33.05 -36.54
N LEU B 555 -8.08 -34.01 -35.84
CA LEU B 555 -8.44 -34.39 -34.44
C LEU B 555 -8.33 -33.17 -33.52
N PHE B 556 -7.31 -32.32 -33.72
CA PHE B 556 -7.03 -31.10 -32.92
C PHE B 556 -8.24 -30.16 -32.99
N VAL B 557 -8.91 -30.10 -34.14
CA VAL B 557 -10.09 -29.22 -34.40
C VAL B 557 -11.36 -29.92 -33.92
N ARG B 558 -11.48 -31.24 -34.13
CA ARG B 558 -12.70 -32.04 -33.84
C ARG B 558 -12.87 -32.23 -32.33
N LEU B 559 -11.76 -32.33 -31.58
CA LEU B 559 -11.76 -32.59 -30.11
C LEU B 559 -12.27 -31.33 -29.39
N PRO B 560 -13.39 -31.41 -28.64
CA PRO B 560 -13.95 -30.24 -27.96
C PRO B 560 -13.14 -29.89 -26.70
N SER B 561 -12.80 -28.61 -26.53
CA SER B 561 -11.93 -28.10 -25.44
C SER B 561 -12.77 -27.67 -24.22
N SER B 562 -12.18 -27.79 -23.03
CA SER B 562 -12.73 -27.32 -21.73
C SER B 562 -11.57 -26.75 -20.91
N PHE B 563 -11.79 -26.46 -19.62
CA PHE B 563 -10.74 -25.96 -18.69
C PHE B 563 -10.28 -27.10 -17.78
N LEU B 564 -11.17 -27.59 -16.91
CA LEU B 564 -10.88 -28.70 -15.97
C LEU B 564 -12.07 -29.66 -15.96
N PRO B 565 -11.84 -30.99 -15.86
CA PRO B 565 -12.92 -31.97 -15.90
C PRO B 565 -13.76 -31.96 -14.60
N ASP B 566 -15.08 -32.01 -14.75
CA ASP B 566 -16.05 -32.14 -13.62
C ASP B 566 -15.68 -33.39 -12.81
N GLU B 567 -15.79 -33.30 -11.49
CA GLU B 567 -15.40 -34.37 -10.53
C GLU B 567 -16.61 -34.76 -9.69
N ASP B 568 -16.74 -36.05 -9.37
CA ASP B 568 -17.62 -36.55 -8.27
C ASP B 568 -17.00 -36.04 -6.96
N GLN B 569 -17.40 -34.85 -6.51
CA GLN B 569 -16.82 -34.16 -5.33
C GLN B 569 -17.55 -34.58 -4.06
N GLY B 570 -18.55 -35.46 -4.16
CA GLY B 570 -19.36 -35.96 -3.03
C GLY B 570 -20.55 -35.07 -2.75
N VAL B 571 -20.71 -34.01 -3.54
CA VAL B 571 -21.79 -32.98 -3.41
C VAL B 571 -22.19 -32.49 -4.80
N PHE B 572 -23.39 -31.94 -4.91
CA PHE B 572 -23.91 -31.18 -6.08
C PHE B 572 -25.11 -30.36 -5.58
N MET B 573 -25.69 -29.52 -6.43
CA MET B 573 -26.84 -28.67 -6.02
C MET B 573 -27.93 -28.64 -7.08
N THR B 574 -29.16 -28.40 -6.62
CA THR B 574 -30.42 -28.32 -7.40
C THR B 574 -30.95 -26.90 -7.30
N MET B 575 -31.09 -26.19 -8.43
CA MET B 575 -31.68 -24.84 -8.50
C MET B 575 -33.21 -24.97 -8.54
N VAL B 576 -33.91 -24.29 -7.62
CA VAL B 576 -35.40 -24.16 -7.61
C VAL B 576 -35.76 -22.71 -7.94
N GLN B 577 -36.47 -22.50 -9.05
CA GLN B 577 -36.76 -21.17 -9.63
C GLN B 577 -38.25 -21.10 -9.99
N LEU B 578 -39.09 -20.59 -9.08
CA LEU B 578 -40.54 -20.39 -9.30
C LEU B 578 -40.77 -19.10 -10.08
N PRO B 579 -41.94 -18.94 -10.73
CA PRO B 579 -42.29 -17.70 -11.43
C PRO B 579 -42.20 -16.45 -10.53
N ALA B 580 -41.96 -15.29 -11.15
CA ALA B 580 -41.81 -13.97 -10.48
C ALA B 580 -43.14 -13.59 -9.81
N GLY B 581 -43.09 -13.25 -8.50
CA GLY B 581 -44.27 -12.89 -7.69
C GLY B 581 -44.66 -14.00 -6.73
N ALA B 582 -44.09 -15.20 -6.91
CA ALA B 582 -44.36 -16.40 -6.07
C ALA B 582 -43.80 -16.17 -4.67
N THR B 583 -44.51 -16.66 -3.65
CA THR B 583 -44.23 -16.41 -2.21
C THR B 583 -43.26 -17.47 -1.65
N GLN B 584 -42.77 -17.22 -0.43
CA GLN B 584 -41.80 -18.08 0.30
C GLN B 584 -42.40 -19.49 0.49
N GLU B 585 -43.69 -19.58 0.82
CA GLU B 585 -44.41 -20.84 1.12
C GLU B 585 -44.44 -21.74 -0.12
N ARG B 586 -44.80 -21.17 -1.27
CA ARG B 586 -44.86 -21.88 -2.59
C ARG B 586 -43.49 -22.48 -2.90
N THR B 587 -42.41 -21.72 -2.69
CA THR B 587 -41.01 -22.15 -2.93
C THR B 587 -40.67 -23.31 -1.99
N GLN B 588 -41.11 -23.23 -0.73
CA GLN B 588 -40.85 -24.27 0.32
C GLN B 588 -41.49 -25.60 -0.12
N LYS B 589 -42.70 -25.55 -0.69
CA LYS B 589 -43.45 -26.75 -1.18
C LYS B 589 -42.63 -27.49 -2.24
N VAL B 590 -41.95 -26.75 -3.13
CA VAL B 590 -41.12 -27.33 -4.23
C VAL B 590 -39.86 -27.95 -3.62
N LEU B 591 -39.17 -27.23 -2.73
CA LEU B 591 -37.94 -27.71 -2.05
C LEU B 591 -38.25 -28.99 -1.25
N ASN B 592 -39.45 -29.07 -0.66
CA ASN B 592 -39.91 -30.24 0.14
C ASN B 592 -40.07 -31.46 -0.77
N GLU B 593 -40.62 -31.28 -1.97
CA GLU B 593 -40.73 -32.35 -3.02
C GLU B 593 -39.32 -32.78 -3.44
N VAL B 594 -38.41 -31.81 -3.63
CA VAL B 594 -37.00 -32.04 -4.04
C VAL B 594 -36.29 -32.84 -2.95
N THR B 595 -36.39 -32.39 -1.69
CA THR B 595 -35.79 -33.05 -0.50
C THR B 595 -36.37 -34.46 -0.36
N HIS B 596 -37.67 -34.63 -0.64
CA HIS B 596 -38.40 -35.93 -0.56
C HIS B 596 -37.83 -36.90 -1.60
N TYR B 597 -37.70 -36.45 -2.85
CA TYR B 597 -37.16 -37.26 -3.99
C TYR B 597 -35.81 -37.87 -3.57
N TYR B 598 -34.87 -37.03 -3.11
CA TYR B 598 -33.45 -37.40 -2.89
C TYR B 598 -33.32 -38.43 -1.75
N LEU B 599 -34.13 -38.32 -0.69
CA LEU B 599 -34.10 -39.24 0.48
C LEU B 599 -34.93 -40.49 0.20
N THR B 600 -35.77 -40.49 -0.85
CA THR B 600 -36.64 -41.61 -1.26
C THR B 600 -35.97 -42.41 -2.37
N LYS B 601 -35.73 -41.77 -3.53
CA LYS B 601 -35.33 -42.43 -4.80
C LYS B 601 -33.81 -42.65 -4.82
N GLU B 602 -33.04 -41.77 -4.17
CA GLU B 602 -31.55 -41.86 -4.07
C GLU B 602 -31.14 -42.10 -2.61
N LYS B 603 -31.90 -42.92 -1.87
CA LYS B 603 -31.72 -43.12 -0.41
C LYS B 603 -30.42 -43.89 -0.13
N ASN B 604 -29.92 -44.64 -1.11
CA ASN B 604 -28.62 -45.36 -1.04
C ASN B 604 -27.47 -44.37 -1.20
N ASN B 605 -27.62 -43.41 -2.12
CA ASN B 605 -26.56 -42.44 -2.52
C ASN B 605 -26.56 -41.24 -1.56
N VAL B 606 -27.69 -40.53 -1.47
CA VAL B 606 -27.80 -39.20 -0.79
C VAL B 606 -27.72 -39.39 0.72
N GLU B 607 -26.83 -38.64 1.37
CA GLU B 607 -26.68 -38.59 2.85
C GLU B 607 -27.60 -37.50 3.42
N SER B 608 -27.64 -36.33 2.79
CA SER B 608 -28.44 -35.15 3.24
C SER B 608 -28.75 -34.19 2.09
N VAL B 609 -29.86 -33.46 2.22
CA VAL B 609 -30.25 -32.29 1.37
C VAL B 609 -30.32 -31.06 2.27
N PHE B 610 -29.55 -30.01 1.93
CA PHE B 610 -29.54 -28.70 2.62
C PHE B 610 -30.40 -27.72 1.80
N ALA B 611 -31.71 -27.72 2.04
CA ALA B 611 -32.69 -26.85 1.35
C ALA B 611 -32.58 -25.43 1.88
N VAL B 612 -32.31 -24.46 0.99
CA VAL B 612 -32.20 -23.02 1.32
C VAL B 612 -33.24 -22.25 0.50
N ASN B 613 -34.38 -21.93 1.12
CA ASN B 613 -35.47 -21.12 0.54
C ASN B 613 -35.08 -19.64 0.61
N GLY B 614 -35.03 -18.95 -0.53
CA GLY B 614 -34.90 -17.48 -0.61
C GLY B 614 -33.57 -17.02 -1.18
N PHE B 615 -32.67 -17.93 -1.56
CA PHE B 615 -31.32 -17.61 -2.09
C PHE B 615 -31.06 -18.40 -3.38
N GLY B 616 -31.27 -17.75 -4.53
CA GLY B 616 -30.78 -18.17 -5.85
C GLY B 616 -29.57 -17.34 -6.25
N PHE B 617 -28.74 -17.86 -7.16
CA PHE B 617 -27.50 -17.18 -7.63
C PHE B 617 -27.86 -16.06 -8.61
N ALA B 618 -28.95 -16.23 -9.38
CA ALA B 618 -29.48 -15.23 -10.33
C ALA B 618 -29.98 -14.00 -9.59
N GLY B 619 -30.38 -14.16 -8.32
CA GLY B 619 -30.82 -13.06 -7.42
C GLY B 619 -31.62 -13.59 -6.25
N ARG B 620 -31.52 -12.93 -5.09
CA ARG B 620 -32.33 -13.22 -3.87
C ARG B 620 -33.80 -12.92 -4.16
N GLY B 621 -34.71 -13.45 -3.33
CA GLY B 621 -36.17 -13.29 -3.48
C GLY B 621 -36.93 -14.49 -2.96
N GLN B 622 -38.21 -14.31 -2.65
CA GLN B 622 -39.10 -15.36 -2.06
C GLN B 622 -39.33 -16.49 -3.08
N ASN B 623 -39.21 -16.20 -4.38
CA ASN B 623 -39.61 -17.08 -5.51
C ASN B 623 -38.43 -17.95 -5.99
N THR B 624 -37.40 -18.14 -5.16
CA THR B 624 -36.17 -18.88 -5.56
C THR B 624 -35.55 -19.57 -4.34
N GLY B 625 -34.73 -20.59 -4.58
CA GLY B 625 -33.99 -21.35 -3.55
C GLY B 625 -33.04 -22.34 -4.18
N ILE B 626 -32.14 -22.92 -3.38
CA ILE B 626 -31.18 -23.98 -3.81
C ILE B 626 -31.12 -25.06 -2.72
N ALA B 627 -31.09 -26.32 -3.15
CA ALA B 627 -30.85 -27.52 -2.31
C ALA B 627 -29.43 -28.01 -2.58
N PHE B 628 -28.58 -28.08 -1.54
CA PHE B 628 -27.19 -28.60 -1.60
C PHE B 628 -27.19 -30.07 -1.14
N VAL B 629 -27.14 -31.00 -2.09
CA VAL B 629 -27.23 -32.47 -1.84
C VAL B 629 -25.84 -32.98 -1.47
N SER B 630 -25.69 -33.51 -0.24
CA SER B 630 -24.48 -34.21 0.25
C SER B 630 -24.68 -35.72 0.11
N LEU B 631 -23.71 -36.41 -0.49
CA LEU B 631 -23.78 -37.87 -0.79
C LEU B 631 -23.05 -38.66 0.29
N LYS B 632 -23.30 -39.98 0.34
CA LYS B 632 -22.51 -40.95 1.14
C LYS B 632 -21.13 -41.11 0.50
N ASP B 633 -20.22 -41.79 1.18
CA ASP B 633 -18.78 -41.91 0.78
C ASP B 633 -18.70 -42.63 -0.57
N TRP B 634 -17.63 -42.37 -1.33
CA TRP B 634 -17.35 -42.93 -2.68
C TRP B 634 -17.38 -44.47 -2.66
N ALA B 635 -16.94 -45.08 -1.56
CA ALA B 635 -16.88 -46.55 -1.36
C ALA B 635 -18.29 -47.15 -1.33
N ASP B 636 -19.25 -46.45 -0.71
CA ASP B 636 -20.65 -46.92 -0.49
C ASP B 636 -21.48 -46.72 -1.76
N ARG B 637 -20.96 -45.97 -2.75
CA ARG B 637 -21.65 -45.69 -4.05
C ARG B 637 -20.88 -46.36 -5.18
N PRO B 638 -21.05 -47.68 -5.40
CA PRO B 638 -20.35 -48.40 -6.47
C PRO B 638 -20.95 -48.15 -7.86
N GLY B 639 -20.10 -48.17 -8.90
CA GLY B 639 -20.50 -48.09 -10.32
C GLY B 639 -20.81 -46.67 -10.74
N GLU B 640 -20.85 -46.44 -12.06
CA GLU B 640 -21.08 -45.12 -12.70
C GLU B 640 -22.54 -44.67 -12.50
N GLU B 641 -23.47 -45.61 -12.34
CA GLU B 641 -24.92 -45.33 -12.20
C GLU B 641 -25.20 -44.63 -10.85
N ASN B 642 -24.30 -44.75 -9.86
CA ASN B 642 -24.43 -44.14 -8.52
C ASN B 642 -23.37 -43.04 -8.34
N LYS B 643 -23.06 -42.27 -9.39
CA LYS B 643 -22.12 -41.11 -9.34
C LYS B 643 -22.92 -39.81 -9.51
N VAL B 644 -22.27 -38.66 -9.36
CA VAL B 644 -22.90 -37.31 -9.47
C VAL B 644 -23.40 -37.11 -10.91
N GLU B 645 -22.67 -37.64 -11.89
CA GLU B 645 -23.04 -37.59 -13.34
C GLU B 645 -24.44 -38.19 -13.53
N ALA B 646 -24.65 -39.43 -13.08
CA ALA B 646 -25.90 -40.20 -13.28
C ALA B 646 -27.04 -39.60 -12.46
N ILE B 647 -26.80 -39.26 -11.19
CA ILE B 647 -27.84 -38.73 -10.25
C ILE B 647 -28.35 -37.37 -10.76
N THR B 648 -27.44 -36.52 -11.26
CA THR B 648 -27.75 -35.21 -11.88
C THR B 648 -28.81 -35.40 -12.97
N MET B 649 -28.54 -36.28 -13.93
CA MET B 649 -29.36 -36.48 -15.16
C MET B 649 -30.73 -37.07 -14.80
N ARG B 650 -30.78 -37.99 -13.83
CA ARG B 650 -32.04 -38.61 -13.32
C ARG B 650 -32.88 -37.54 -12.61
N ALA B 651 -32.26 -36.76 -11.71
CA ALA B 651 -32.92 -35.71 -10.89
C ALA B 651 -33.54 -34.65 -11.81
N THR B 652 -32.77 -34.13 -12.78
CA THR B 652 -33.23 -33.13 -13.78
C THR B 652 -34.44 -33.70 -14.54
N ARG B 653 -34.33 -34.93 -15.02
CA ARG B 653 -35.39 -35.66 -15.77
C ARG B 653 -36.64 -35.79 -14.88
N ALA B 654 -36.46 -36.19 -13.62
CA ALA B 654 -37.55 -36.39 -12.63
C ALA B 654 -38.27 -35.07 -12.35
N PHE B 655 -37.52 -33.99 -12.11
CA PHE B 655 -38.06 -32.68 -11.61
C PHE B 655 -38.64 -31.85 -12.76
N SER B 656 -38.45 -32.26 -14.01
CA SER B 656 -39.02 -31.59 -15.22
C SER B 656 -40.55 -31.80 -15.26
N GLN B 657 -41.07 -32.77 -14.51
CA GLN B 657 -42.53 -33.03 -14.35
C GLN B 657 -43.20 -31.86 -13.61
N ILE B 658 -42.50 -31.29 -12.60
CA ILE B 658 -43.06 -30.28 -11.67
C ILE B 658 -43.51 -29.05 -12.47
N LYS B 659 -44.75 -28.60 -12.25
CA LYS B 659 -45.35 -27.41 -12.93
C LYS B 659 -45.20 -26.18 -12.03
N ASP B 660 -45.09 -25.00 -12.64
CA ASP B 660 -44.95 -23.67 -11.97
C ASP B 660 -43.64 -23.63 -11.17
N ALA B 661 -42.59 -24.25 -11.69
CA ALA B 661 -41.24 -24.31 -11.08
C ALA B 661 -40.23 -24.90 -12.08
N MET B 662 -39.24 -24.11 -12.48
CA MET B 662 -38.06 -24.56 -13.27
C MET B 662 -37.03 -25.13 -12.29
N VAL B 663 -36.91 -26.46 -12.23
CA VAL B 663 -36.06 -27.20 -11.24
C VAL B 663 -35.14 -28.15 -12.00
N PHE B 664 -33.84 -28.10 -11.70
CA PHE B 664 -32.79 -28.94 -12.35
C PHE B 664 -31.57 -29.07 -11.43
N ALA B 665 -30.95 -30.24 -11.44
CA ALA B 665 -29.70 -30.56 -10.70
C ALA B 665 -28.50 -30.36 -11.63
N PHE B 666 -27.32 -30.07 -11.07
CA PHE B 666 -26.05 -29.88 -11.82
C PHE B 666 -24.86 -30.03 -10.87
N ASN B 667 -23.77 -30.59 -11.38
CA ASN B 667 -22.50 -30.85 -10.63
C ASN B 667 -21.78 -29.53 -10.39
N LEU B 668 -20.93 -29.46 -9.36
CA LEU B 668 -20.06 -28.29 -9.08
C LEU B 668 -18.91 -28.27 -10.09
N PRO B 669 -18.44 -27.08 -10.51
CA PRO B 669 -17.24 -26.97 -11.33
C PRO B 669 -15.99 -27.31 -10.51
N ALA B 670 -14.93 -27.76 -11.19
CA ALA B 670 -13.66 -28.24 -10.57
C ALA B 670 -13.12 -27.18 -9.60
N ILE B 671 -13.00 -25.93 -10.08
CA ILE B 671 -12.56 -24.75 -9.28
C ILE B 671 -13.79 -23.85 -9.07
N VAL B 672 -14.41 -23.95 -7.88
CA VAL B 672 -15.62 -23.18 -7.47
C VAL B 672 -15.25 -21.69 -7.40
N GLU B 673 -14.02 -21.39 -6.96
CA GLU B 673 -13.42 -20.02 -6.89
C GLU B 673 -13.49 -19.34 -8.26
N LEU B 674 -13.19 -20.07 -9.34
CA LEU B 674 -13.08 -19.55 -10.73
C LEU B 674 -14.47 -19.36 -11.35
N GLY B 675 -15.50 -20.00 -10.78
CA GLY B 675 -16.86 -20.03 -11.34
C GLY B 675 -17.02 -21.20 -12.32
N THR B 676 -17.96 -21.09 -13.25
CA THR B 676 -18.30 -22.16 -14.25
C THR B 676 -17.32 -22.09 -15.42
N ALA B 677 -17.16 -20.91 -16.02
CA ALA B 677 -16.19 -20.59 -17.10
C ALA B 677 -16.44 -21.49 -18.32
N THR B 678 -17.53 -21.23 -19.06
CA THR B 678 -17.83 -21.81 -20.40
C THR B 678 -18.63 -20.77 -21.19
N GLY B 679 -18.28 -20.56 -22.46
CA GLY B 679 -18.93 -19.57 -23.35
C GLY B 679 -18.43 -18.17 -23.08
N PHE B 680 -19.34 -17.19 -22.95
CA PHE B 680 -19.01 -15.75 -22.85
C PHE B 680 -19.89 -15.05 -21.80
N ASP B 681 -19.54 -13.81 -21.51
CA ASP B 681 -20.17 -12.93 -20.49
C ASP B 681 -20.25 -11.50 -21.06
N PHE B 682 -21.44 -11.09 -21.50
CA PHE B 682 -21.70 -9.84 -22.26
C PHE B 682 -22.39 -8.82 -21.35
N GLU B 683 -22.05 -7.54 -21.48
CA GLU B 683 -22.66 -6.41 -20.75
C GLU B 683 -23.24 -5.43 -21.76
N LEU B 684 -24.58 -5.27 -21.76
CA LEU B 684 -25.32 -4.25 -22.57
C LEU B 684 -25.52 -3.00 -21.70
N ILE B 685 -25.11 -1.83 -22.21
CA ILE B 685 -24.89 -0.60 -21.39
C ILE B 685 -25.70 0.57 -21.95
N ASP B 686 -26.38 1.29 -21.05
CA ASP B 686 -27.11 2.56 -21.31
C ASP B 686 -26.10 3.72 -21.24
N GLN B 687 -25.64 4.21 -22.40
CA GLN B 687 -24.53 5.19 -22.52
C GLN B 687 -25.06 6.63 -22.72
N ALA B 688 -26.39 6.82 -22.73
CA ALA B 688 -27.03 8.11 -23.11
C ALA B 688 -28.30 8.38 -22.29
N GLY B 689 -28.37 7.88 -21.05
CA GLY B 689 -29.47 8.12 -20.10
C GLY B 689 -30.83 7.74 -20.68
N LEU B 690 -30.91 6.64 -21.43
CA LEU B 690 -32.15 6.12 -22.08
C LEU B 690 -33.17 5.73 -21.01
N GLY B 691 -32.73 5.05 -19.95
CA GLY B 691 -33.58 4.56 -18.85
C GLY B 691 -33.76 3.06 -18.90
N HIS B 692 -34.36 2.48 -17.86
CA HIS B 692 -34.51 1.00 -17.66
C HIS B 692 -35.26 0.38 -18.84
N GLU B 693 -36.42 0.95 -19.20
CA GLU B 693 -37.39 0.36 -20.15
C GLU B 693 -36.79 0.33 -21.57
N LYS B 694 -36.11 1.41 -21.98
CA LYS B 694 -35.47 1.50 -23.32
C LYS B 694 -34.26 0.55 -23.39
N LEU B 695 -33.59 0.31 -22.27
CA LEU B 695 -32.49 -0.69 -22.18
C LEU B 695 -33.07 -2.10 -22.24
N THR B 696 -34.26 -2.31 -21.64
CA THR B 696 -35.01 -3.60 -21.69
C THR B 696 -35.35 -3.93 -23.14
N GLN B 697 -35.95 -2.98 -23.87
CA GLN B 697 -36.39 -3.12 -25.28
C GLN B 697 -35.18 -3.42 -26.16
N ALA B 698 -34.03 -2.77 -25.91
CA ALA B 698 -32.76 -2.96 -26.63
C ALA B 698 -32.21 -4.36 -26.35
N ARG B 699 -32.32 -4.84 -25.11
CA ARG B 699 -31.89 -6.18 -24.67
C ARG B 699 -32.71 -7.25 -25.40
N ASN B 700 -34.04 -7.08 -25.42
CA ASN B 700 -35.00 -8.01 -26.07
C ASN B 700 -34.73 -8.08 -27.58
N GLN B 701 -34.40 -6.94 -28.19
CA GLN B 701 -34.01 -6.82 -29.62
C GLN B 701 -32.74 -7.66 -29.86
N LEU B 702 -31.76 -7.58 -28.96
CA LEU B 702 -30.46 -8.31 -29.07
C LEU B 702 -30.70 -9.81 -28.85
N LEU B 703 -31.56 -10.18 -27.90
CA LEU B 703 -31.87 -11.60 -27.55
C LEU B 703 -32.61 -12.27 -28.71
N ALA B 704 -33.60 -11.58 -29.30
CA ALA B 704 -34.39 -12.06 -30.45
C ALA B 704 -33.48 -12.30 -31.66
N GLU B 705 -32.55 -11.37 -31.92
CA GLU B 705 -31.54 -11.45 -33.02
C GLU B 705 -30.59 -12.62 -32.77
N ALA B 706 -30.19 -12.86 -31.52
CA ALA B 706 -29.28 -13.96 -31.11
C ALA B 706 -29.94 -15.32 -31.39
N ALA B 707 -31.25 -15.42 -31.18
CA ALA B 707 -32.06 -16.66 -31.35
C ALA B 707 -32.15 -17.06 -32.82
N LYS B 708 -31.93 -16.10 -33.75
CA LYS B 708 -32.00 -16.32 -35.22
C LYS B 708 -30.68 -16.93 -35.75
N HIS B 709 -29.67 -17.11 -34.89
CA HIS B 709 -28.37 -17.74 -35.26
C HIS B 709 -28.05 -18.88 -34.31
N PRO B 710 -28.88 -19.96 -34.28
CA PRO B 710 -28.61 -21.11 -33.40
C PRO B 710 -27.37 -21.90 -33.87
N ASP B 711 -26.99 -21.74 -35.15
CA ASP B 711 -25.76 -22.31 -35.77
C ASP B 711 -24.51 -21.75 -35.07
N MET B 712 -24.57 -20.53 -34.52
CA MET B 712 -23.40 -19.82 -33.93
C MET B 712 -23.57 -19.68 -32.40
N LEU B 713 -24.72 -19.21 -31.93
CA LEU B 713 -25.00 -18.88 -30.50
C LEU B 713 -26.06 -19.83 -29.95
N THR B 714 -25.86 -20.34 -28.72
CA THR B 714 -26.80 -21.23 -28.00
C THR B 714 -26.92 -20.77 -26.55
N SER B 715 -28.14 -20.82 -26.00
CA SER B 715 -28.50 -20.45 -24.60
C SER B 715 -28.16 -18.98 -24.32
N VAL B 716 -28.46 -18.08 -25.25
CA VAL B 716 -28.26 -16.61 -25.09
C VAL B 716 -29.44 -16.07 -24.27
N ARG B 717 -29.19 -15.71 -23.01
CA ARG B 717 -30.25 -15.27 -22.06
C ARG B 717 -29.67 -14.22 -21.11
N PRO B 718 -30.53 -13.38 -20.47
CA PRO B 718 -30.08 -12.45 -19.45
C PRO B 718 -29.76 -13.16 -18.13
N ASN B 719 -28.74 -12.70 -17.42
CA ASN B 719 -28.35 -13.19 -16.06
C ASN B 719 -29.28 -12.56 -15.02
N GLY B 720 -29.88 -11.41 -15.33
CA GLY B 720 -30.70 -10.62 -14.40
C GLY B 720 -32.14 -11.10 -14.29
N LEU B 721 -32.96 -10.37 -13.52
CA LEU B 721 -34.40 -10.67 -13.28
C LEU B 721 -35.27 -9.81 -14.20
N GLU B 722 -36.56 -10.14 -14.28
CA GLU B 722 -37.57 -9.44 -15.11
C GLU B 722 -38.40 -8.52 -14.21
N ASP B 723 -38.97 -7.46 -14.79
CA ASP B 723 -39.85 -6.49 -14.08
C ASP B 723 -41.05 -7.26 -13.50
N THR B 724 -41.49 -6.87 -12.30
CA THR B 724 -42.61 -7.51 -11.55
C THR B 724 -43.65 -6.46 -11.22
N PRO B 725 -44.93 -6.84 -11.04
CA PRO B 725 -45.93 -5.94 -10.48
C PRO B 725 -45.45 -5.43 -9.11
N GLN B 726 -45.50 -4.10 -8.91
CA GLN B 726 -45.22 -3.44 -7.61
C GLN B 726 -46.35 -2.46 -7.29
N PHE B 727 -46.64 -2.31 -6.01
CA PHE B 727 -47.80 -1.54 -5.45
C PHE B 727 -47.37 -0.08 -5.27
N LYS B 728 -47.64 0.75 -6.29
CA LYS B 728 -47.37 2.21 -6.25
C LYS B 728 -48.42 2.89 -5.36
N ILE B 729 -47.98 3.60 -4.32
CA ILE B 729 -48.88 4.33 -3.37
C ILE B 729 -48.45 5.80 -3.36
N ASP B 730 -49.35 6.71 -3.73
CA ASP B 730 -49.11 8.18 -3.82
C ASP B 730 -49.72 8.86 -2.59
N ILE B 731 -48.86 9.47 -1.75
CA ILE B 731 -49.28 10.29 -0.58
C ILE B 731 -49.74 11.65 -1.12
N ASP B 732 -51.00 12.03 -0.87
CA ASP B 732 -51.55 13.35 -1.25
C ASP B 732 -51.02 14.41 -0.27
N GLN B 733 -50.14 15.29 -0.74
CA GLN B 733 -49.46 16.32 0.10
C GLN B 733 -50.50 17.33 0.61
N GLU B 734 -51.39 17.80 -0.28
CA GLU B 734 -52.44 18.81 0.04
C GLU B 734 -53.34 18.27 1.16
N LYS B 735 -53.83 17.04 1.01
CA LYS B 735 -54.76 16.40 1.98
C LYS B 735 -54.06 16.22 3.33
N ALA B 736 -52.80 15.81 3.33
CA ALA B 736 -51.98 15.60 4.55
C ALA B 736 -51.83 16.92 5.32
N GLN B 737 -51.52 18.00 4.60
CA GLN B 737 -51.36 19.37 5.17
C GLN B 737 -52.71 19.87 5.72
N ALA B 738 -53.81 19.54 5.03
CA ALA B 738 -55.19 19.94 5.39
C ALA B 738 -55.60 19.30 6.72
N LEU B 739 -55.42 17.98 6.87
CA LEU B 739 -55.77 17.22 8.09
C LEU B 739 -54.73 17.45 9.19
N GLY B 740 -53.60 18.08 8.86
CA GLY B 740 -52.52 18.40 9.82
C GLY B 740 -51.69 17.17 10.15
N VAL B 741 -51.44 16.32 9.16
CA VAL B 741 -50.60 15.09 9.25
C VAL B 741 -49.26 15.40 8.58
N SER B 742 -48.15 15.25 9.31
CA SER B 742 -46.77 15.43 8.79
C SER B 742 -46.41 14.24 7.90
N ILE B 743 -45.60 14.48 6.86
CA ILE B 743 -45.19 13.46 5.86
C ILE B 743 -44.19 12.51 6.53
N ASN B 744 -43.35 13.03 7.42
CA ASN B 744 -42.32 12.25 8.17
C ASN B 744 -43.01 11.20 9.04
N ASP B 745 -44.17 11.52 9.64
CA ASP B 745 -44.98 10.59 10.45
C ASP B 745 -45.61 9.54 9.52
N ILE B 746 -46.13 9.96 8.37
CA ILE B 746 -46.76 9.06 7.35
C ILE B 746 -45.69 8.05 6.89
N ASN B 747 -44.57 8.55 6.36
CA ASN B 747 -43.51 7.72 5.72
C ASN B 747 -42.84 6.80 6.76
N THR B 748 -42.63 7.27 7.99
CA THR B 748 -42.08 6.45 9.10
C THR B 748 -43.07 5.33 9.44
N THR B 749 -44.35 5.67 9.61
CA THR B 749 -45.44 4.72 9.93
C THR B 749 -45.50 3.62 8.86
N LEU B 750 -45.48 4.01 7.58
CA LEU B 750 -45.56 3.07 6.42
C LEU B 750 -44.31 2.18 6.43
N GLY B 751 -43.12 2.79 6.50
CA GLY B 751 -41.82 2.09 6.42
C GLY B 751 -41.59 1.17 7.61
N ALA B 752 -41.76 1.68 8.82
CA ALA B 752 -41.52 0.94 10.08
C ALA B 752 -42.41 -0.32 10.12
N ALA B 753 -43.71 -0.15 9.85
CA ALA B 753 -44.72 -1.24 9.89
C ALA B 753 -44.46 -2.24 8.77
N TRP B 754 -44.45 -1.79 7.51
CA TRP B 754 -44.46 -2.66 6.31
C TRP B 754 -43.05 -3.14 5.95
N GLY B 755 -42.03 -2.30 6.14
CA GLY B 755 -40.64 -2.59 5.76
C GLY B 755 -39.81 -3.09 6.93
N GLY B 756 -40.15 -2.68 8.16
CA GLY B 756 -39.31 -2.86 9.35
C GLY B 756 -38.40 -1.66 9.53
N SER B 757 -37.90 -1.46 10.76
CA SER B 757 -37.03 -0.32 11.14
C SER B 757 -36.06 -0.76 12.25
N TYR B 758 -34.76 -0.70 11.97
CA TYR B 758 -33.67 -0.92 12.95
C TYR B 758 -33.58 0.33 13.84
N VAL B 759 -34.06 0.22 15.08
CA VAL B 759 -34.18 1.35 16.05
C VAL B 759 -32.82 1.61 16.71
N ASN B 760 -32.30 0.62 17.45
CA ASN B 760 -31.05 0.73 18.25
C ASN B 760 -30.67 -0.66 18.76
N ASP B 761 -29.62 -0.74 19.59
CA ASP B 761 -29.07 -2.01 20.14
C ASP B 761 -29.52 -2.21 21.59
N PHE B 762 -29.53 -3.47 22.03
CA PHE B 762 -29.74 -3.93 23.43
C PHE B 762 -28.71 -5.02 23.70
N ILE B 763 -28.62 -5.51 24.95
CA ILE B 763 -27.59 -6.50 25.37
C ILE B 763 -28.29 -7.75 25.91
N ASP B 764 -28.18 -8.86 25.16
CA ASP B 764 -28.78 -10.18 25.47
C ASP B 764 -27.68 -11.11 25.99
N ARG B 765 -27.71 -11.44 27.29
CA ARG B 765 -26.74 -12.35 27.96
C ARG B 765 -25.32 -11.87 27.64
N GLY B 766 -25.04 -10.60 27.91
CA GLY B 766 -23.71 -9.96 27.78
C GLY B 766 -23.22 -9.91 26.34
N ARG B 767 -24.13 -9.81 25.37
CA ARG B 767 -23.82 -9.81 23.92
C ARG B 767 -24.75 -8.81 23.22
N VAL B 768 -24.17 -7.80 22.54
CA VAL B 768 -24.94 -6.67 21.94
C VAL B 768 -25.64 -7.16 20.67
N LYS B 769 -26.93 -6.84 20.53
CA LYS B 769 -27.82 -7.32 19.45
C LYS B 769 -28.84 -6.23 19.08
N LYS B 770 -29.44 -6.33 17.90
CA LYS B 770 -30.26 -5.25 17.29
C LYS B 770 -31.71 -5.35 17.75
N VAL B 771 -32.38 -4.19 17.85
CA VAL B 771 -33.84 -4.06 18.14
C VAL B 771 -34.53 -3.60 16.85
N TYR B 772 -35.49 -4.39 16.37
CA TYR B 772 -36.33 -4.08 15.18
C TYR B 772 -37.78 -3.90 15.63
N VAL B 773 -38.45 -2.84 15.14
CA VAL B 773 -39.93 -2.72 15.16
C VAL B 773 -40.44 -3.01 13.74
N MET B 774 -41.51 -3.78 13.64
CA MET B 774 -42.18 -4.13 12.36
C MET B 774 -43.61 -4.57 12.67
N SER B 775 -44.52 -4.44 11.71
CA SER B 775 -45.92 -4.94 11.82
C SER B 775 -45.90 -6.46 11.97
N GLU B 776 -46.77 -6.99 12.82
CA GLU B 776 -47.12 -8.43 12.87
C GLU B 776 -47.69 -8.81 11.50
N ALA B 777 -47.30 -9.97 10.97
CA ALA B 777 -47.57 -10.43 9.58
C ALA B 777 -49.02 -10.13 9.18
N LYS B 778 -49.99 -10.45 10.04
CA LYS B 778 -51.46 -10.27 9.81
C LYS B 778 -51.80 -8.93 9.12
N TYR B 779 -51.09 -7.87 9.46
CA TYR B 779 -51.50 -6.48 9.13
C TYR B 779 -50.63 -5.85 8.06
N ARG B 780 -49.77 -6.63 7.40
CA ARG B 780 -48.92 -6.10 6.31
C ARG B 780 -48.84 -7.09 5.13
N MET B 781 -49.96 -7.68 4.75
CA MET B 781 -50.01 -8.74 3.71
C MET B 781 -50.63 -8.23 2.40
N LEU B 782 -51.73 -7.48 2.45
CA LEU B 782 -52.55 -7.13 1.25
C LEU B 782 -52.86 -5.63 1.22
N PRO B 783 -53.17 -5.07 0.01
CA PRO B 783 -53.56 -3.67 -0.13
C PRO B 783 -54.62 -3.15 0.85
N ASP B 784 -55.56 -4.02 1.27
CA ASP B 784 -56.66 -3.66 2.20
C ASP B 784 -56.09 -3.27 3.56
N ASP B 785 -54.96 -3.89 3.95
CA ASP B 785 -54.32 -3.68 5.28
C ASP B 785 -53.79 -2.24 5.40
N ILE B 786 -53.47 -1.59 4.27
CA ILE B 786 -52.96 -0.18 4.23
C ILE B 786 -53.92 0.74 4.98
N GLY B 787 -55.22 0.54 4.82
CA GLY B 787 -56.30 1.37 5.41
C GLY B 787 -56.40 1.21 6.92
N ASP B 788 -55.87 0.12 7.48
CA ASP B 788 -55.98 -0.21 8.92
C ASP B 788 -54.90 0.52 9.74
N TRP B 789 -53.94 1.18 9.08
CA TRP B 789 -52.85 1.96 9.73
C TRP B 789 -53.28 3.42 9.89
N TYR B 790 -53.19 3.93 11.12
CA TYR B 790 -53.61 5.30 11.50
C TYR B 790 -52.37 6.12 11.89
N VAL B 791 -52.42 7.42 11.57
CA VAL B 791 -51.37 8.43 11.88
C VAL B 791 -52.04 9.57 12.64
N ARG B 792 -51.46 9.98 13.78
CA ARG B 792 -52.00 11.11 14.60
C ARG B 792 -51.67 12.43 13.89
N ALA B 793 -52.68 13.29 13.72
CA ALA B 793 -52.52 14.67 13.21
C ALA B 793 -52.07 15.58 14.34
N ALA B 794 -51.76 16.84 14.03
CA ALA B 794 -51.32 17.89 14.98
C ALA B 794 -52.40 18.09 16.06
N ASP B 795 -53.67 18.02 15.69
CA ASP B 795 -54.83 18.33 16.57
C ASP B 795 -55.22 17.10 17.40
N GLY B 796 -54.57 15.95 17.18
CA GLY B 796 -54.69 14.75 18.04
C GLY B 796 -55.64 13.71 17.47
N GLN B 797 -56.31 13.99 16.34
CA GLN B 797 -57.23 13.03 15.67
C GLN B 797 -56.40 11.97 14.94
N MET B 798 -56.87 10.71 14.96
CA MET B 798 -56.23 9.56 14.26
C MET B 798 -56.82 9.44 12.86
N VAL B 799 -55.96 9.47 11.84
CA VAL B 799 -56.33 9.49 10.38
C VAL B 799 -55.84 8.20 9.74
N PRO B 800 -56.72 7.43 9.05
CA PRO B 800 -56.28 6.25 8.31
C PRO B 800 -55.60 6.64 6.99
N PHE B 801 -54.71 5.78 6.47
CA PHE B 801 -53.94 5.98 5.21
C PHE B 801 -54.90 6.22 4.04
N SER B 802 -56.08 5.61 4.06
CA SER B 802 -57.13 5.73 3.01
C SER B 802 -57.49 7.20 2.78
N ALA B 803 -57.42 8.04 3.82
CA ALA B 803 -57.85 9.45 3.81
C ALA B 803 -56.91 10.31 2.94
N PHE B 804 -55.61 10.01 2.90
CA PHE B 804 -54.57 10.86 2.27
C PHE B 804 -53.68 10.09 1.28
N SER B 805 -54.11 8.91 0.81
CA SER B 805 -53.34 8.08 -0.15
C SER B 805 -54.24 7.55 -1.27
N SER B 806 -53.66 7.36 -2.45
CA SER B 806 -54.20 6.56 -3.58
C SER B 806 -53.13 5.55 -4.00
N SER B 807 -53.54 4.40 -4.55
CA SER B 807 -52.61 3.33 -4.98
C SER B 807 -53.04 2.75 -6.33
N ARG B 808 -52.09 2.15 -7.05
CA ARG B 808 -52.29 1.49 -8.36
C ARG B 808 -51.18 0.46 -8.59
N TRP B 809 -51.42 -0.51 -9.47
CA TRP B 809 -50.40 -1.48 -9.93
C TRP B 809 -49.60 -0.86 -11.09
N GLU B 810 -48.27 -0.94 -11.03
CA GLU B 810 -47.39 -0.72 -12.19
C GLU B 810 -46.17 -1.64 -12.07
N TYR B 811 -45.41 -1.78 -13.16
CA TYR B 811 -44.25 -2.70 -13.28
C TYR B 811 -42.95 -1.94 -13.02
N GLY B 812 -42.05 -2.55 -12.25
CA GLY B 812 -40.68 -2.04 -11.99
C GLY B 812 -39.71 -3.17 -11.72
N SER B 813 -38.40 -2.88 -11.75
CA SER B 813 -37.31 -3.89 -11.65
C SER B 813 -37.10 -4.31 -10.20
N PRO B 814 -37.07 -5.64 -9.90
CA PRO B 814 -36.66 -6.11 -8.58
C PRO B 814 -35.15 -6.31 -8.42
N ARG B 815 -34.37 -5.96 -9.46
CA ARG B 815 -32.88 -6.08 -9.47
C ARG B 815 -32.32 -5.23 -10.61
N LEU B 816 -31.74 -4.08 -10.27
CA LEU B 816 -31.13 -3.12 -11.22
C LEU B 816 -29.62 -3.33 -11.24
N GLU B 817 -29.07 -3.69 -12.39
CA GLU B 817 -27.61 -3.97 -12.58
C GLU B 817 -26.95 -2.70 -13.08
N ARG B 818 -25.66 -2.53 -12.81
CA ARG B 818 -24.81 -1.43 -13.35
C ARG B 818 -23.41 -1.99 -13.65
N TYR B 819 -22.77 -1.46 -14.69
CA TYR B 819 -21.39 -1.82 -15.11
C TYR B 819 -20.61 -0.52 -15.42
N ASN B 820 -19.51 -0.29 -14.69
CA ASN B 820 -18.62 0.89 -14.80
C ASN B 820 -19.44 2.19 -14.66
N GLY B 821 -20.36 2.21 -13.69
CA GLY B 821 -21.08 3.42 -13.24
C GLY B 821 -22.33 3.73 -14.05
N LEU B 822 -22.56 3.00 -15.16
CA LEU B 822 -23.72 3.19 -16.06
C LEU B 822 -24.69 2.03 -15.91
N PRO B 823 -26.01 2.23 -16.13
CA PRO B 823 -26.99 1.14 -16.03
C PRO B 823 -26.67 0.09 -17.10
N SER B 824 -26.85 -1.20 -16.76
CA SER B 824 -26.46 -2.34 -17.62
C SER B 824 -27.42 -3.51 -17.45
N MET B 825 -27.29 -4.50 -18.33
CA MET B 825 -27.98 -5.81 -18.28
C MET B 825 -27.00 -6.88 -18.77
N GLU B 826 -26.59 -7.78 -17.87
CA GLU B 826 -25.62 -8.86 -18.16
C GLU B 826 -26.34 -9.92 -19.00
N ILE B 827 -25.74 -10.31 -20.14
CA ILE B 827 -26.24 -11.39 -21.03
C ILE B 827 -25.20 -12.51 -21.04
N LEU B 828 -25.62 -13.73 -20.66
CA LEU B 828 -24.79 -14.95 -20.76
C LEU B 828 -25.15 -15.70 -22.05
N GLY B 829 -24.34 -16.70 -22.39
CA GLY B 829 -24.46 -17.50 -23.63
C GLY B 829 -23.14 -18.15 -23.97
N GLN B 830 -23.15 -19.10 -24.90
CA GLN B 830 -21.94 -19.87 -25.32
C GLN B 830 -22.02 -20.11 -26.83
N ALA B 831 -20.86 -20.43 -27.44
CA ALA B 831 -20.74 -20.81 -28.87
C ALA B 831 -21.48 -22.13 -29.10
N ALA B 832 -22.16 -22.25 -30.24
CA ALA B 832 -22.90 -23.46 -30.67
C ALA B 832 -21.90 -24.57 -30.96
N PRO B 833 -22.27 -25.86 -30.74
CA PRO B 833 -21.33 -26.97 -30.93
C PRO B 833 -20.65 -26.94 -32.31
N GLY B 834 -19.31 -26.96 -32.32
CA GLY B 834 -18.48 -26.91 -33.54
C GLY B 834 -17.78 -25.57 -33.70
N LYS B 835 -18.46 -24.46 -33.37
CA LYS B 835 -17.92 -23.08 -33.44
C LYS B 835 -17.11 -22.79 -32.16
N SER B 836 -16.13 -21.89 -32.26
CA SER B 836 -15.30 -21.38 -31.13
C SER B 836 -16.00 -20.17 -30.49
N THR B 837 -15.72 -19.90 -29.21
CA THR B 837 -16.29 -18.78 -28.43
C THR B 837 -15.85 -17.43 -29.05
N GLY B 838 -14.68 -17.40 -29.70
CA GLY B 838 -14.18 -16.23 -30.45
C GLY B 838 -15.15 -15.80 -31.53
N GLU B 839 -15.68 -16.76 -32.32
CA GLU B 839 -16.66 -16.51 -33.41
C GLU B 839 -17.97 -15.98 -32.81
N ALA B 840 -18.45 -16.62 -31.72
CA ALA B 840 -19.69 -16.26 -31.00
C ALA B 840 -19.63 -14.79 -30.56
N MET B 841 -18.50 -14.38 -29.95
CA MET B 841 -18.25 -12.99 -29.49
C MET B 841 -18.29 -12.04 -30.70
N GLU B 842 -17.67 -12.43 -31.82
CA GLU B 842 -17.56 -11.59 -33.04
C GLU B 842 -18.96 -11.31 -33.62
N LEU B 843 -19.88 -12.27 -33.51
CA LEU B 843 -21.29 -12.13 -33.97
C LEU B 843 -22.06 -11.23 -33.02
N MET B 844 -21.92 -11.44 -31.70
CA MET B 844 -22.60 -10.65 -30.64
C MET B 844 -22.21 -9.17 -30.78
N GLU B 845 -20.95 -8.88 -31.14
CA GLU B 845 -20.45 -7.50 -31.39
C GLU B 845 -21.16 -6.90 -32.62
N GLN B 846 -21.32 -7.69 -33.68
CA GLN B 846 -21.97 -7.28 -34.96
C GLN B 846 -23.46 -7.00 -34.70
N LEU B 847 -24.17 -7.93 -34.06
CA LEU B 847 -25.62 -7.81 -33.69
C LEU B 847 -25.83 -6.55 -32.83
N ALA B 848 -24.87 -6.26 -31.93
CA ALA B 848 -24.93 -5.16 -30.93
C ALA B 848 -24.83 -3.81 -31.63
N SER B 849 -24.03 -3.69 -32.69
CA SER B 849 -23.81 -2.43 -33.46
C SER B 849 -25.08 -2.02 -34.21
N LYS B 850 -26.08 -2.91 -34.29
CA LYS B 850 -27.42 -2.65 -34.89
C LYS B 850 -28.48 -2.65 -33.80
N LEU B 851 -28.21 -1.96 -32.68
CA LEU B 851 -29.17 -1.69 -31.58
C LEU B 851 -29.48 -0.19 -31.56
N PRO B 852 -30.55 0.26 -30.85
CA PRO B 852 -30.92 1.68 -30.86
C PRO B 852 -29.77 2.61 -30.42
N THR B 853 -29.83 3.87 -30.86
CA THR B 853 -28.84 4.93 -30.54
C THR B 853 -28.70 5.06 -29.01
N GLY B 854 -27.46 5.12 -28.52
CA GLY B 854 -27.13 5.34 -27.10
C GLY B 854 -26.98 4.03 -26.33
N VAL B 855 -27.17 2.88 -26.99
CA VAL B 855 -26.95 1.54 -26.38
C VAL B 855 -25.57 1.04 -26.79
N GLY B 856 -24.66 0.92 -25.82
CA GLY B 856 -23.31 0.37 -25.99
C GLY B 856 -23.20 -1.00 -25.37
N TYR B 857 -22.00 -1.58 -25.38
CA TYR B 857 -21.72 -2.94 -24.84
C TYR B 857 -20.26 -3.04 -24.40
N ASP B 858 -19.96 -4.06 -23.58
CA ASP B 858 -18.59 -4.41 -23.14
C ASP B 858 -18.55 -5.88 -22.74
N TRP B 859 -17.36 -6.48 -22.75
CA TRP B 859 -17.09 -7.87 -22.30
C TRP B 859 -16.56 -7.83 -20.87
N THR B 860 -17.00 -8.76 -20.02
CA THR B 860 -16.62 -8.84 -18.58
C THR B 860 -16.22 -10.28 -18.23
N GLY B 861 -15.59 -10.45 -17.06
CA GLY B 861 -15.23 -11.76 -16.47
C GLY B 861 -14.37 -12.60 -17.38
N MET B 862 -14.78 -13.86 -17.61
CA MET B 862 -14.05 -14.86 -18.43
C MET B 862 -13.79 -14.31 -19.84
N SER B 863 -14.72 -13.53 -20.40
CA SER B 863 -14.64 -12.95 -21.77
C SER B 863 -13.60 -11.83 -21.82
N TYR B 864 -13.53 -10.99 -20.78
CA TYR B 864 -12.48 -9.97 -20.59
C TYR B 864 -11.11 -10.67 -20.52
N GLN B 865 -11.04 -11.75 -19.72
CA GLN B 865 -9.81 -12.54 -19.46
C GLN B 865 -9.37 -13.26 -20.74
N GLU B 866 -10.30 -13.92 -21.44
CA GLU B 866 -10.03 -14.75 -22.65
C GLU B 866 -9.62 -13.87 -23.83
N ARG B 867 -10.23 -12.68 -23.98
CA ARG B 867 -9.99 -11.78 -25.14
C ARG B 867 -8.58 -11.18 -25.08
N LEU B 868 -7.98 -11.06 -23.89
CA LEU B 868 -6.59 -10.52 -23.70
C LEU B 868 -5.58 -11.65 -23.51
N SER B 869 -6.02 -12.86 -23.15
CA SER B 869 -5.18 -14.09 -23.06
C SER B 869 -4.92 -14.64 -24.48
N GLY B 870 -5.88 -14.47 -25.39
CA GLY B 870 -5.79 -14.88 -26.80
C GLY B 870 -4.77 -14.06 -27.57
N ASN B 871 -4.58 -12.79 -27.19
CA ASN B 871 -3.62 -11.85 -27.82
C ASN B 871 -2.19 -12.34 -27.58
N GLN B 872 -1.90 -12.80 -26.36
CA GLN B 872 -0.57 -13.32 -25.92
C GLN B 872 -0.22 -14.61 -26.66
N ALA B 873 -1.19 -15.50 -26.82
CA ALA B 873 -1.03 -16.91 -27.28
C ALA B 873 -0.04 -16.99 -28.44
N PRO B 874 -0.27 -16.35 -29.61
CA PRO B 874 0.60 -16.50 -30.77
C PRO B 874 2.07 -16.12 -30.50
N SER B 875 2.31 -15.05 -29.74
CA SER B 875 3.67 -14.52 -29.43
C SER B 875 4.46 -15.51 -28.56
N LEU B 876 3.78 -16.18 -27.61
CA LEU B 876 4.41 -17.16 -26.68
C LEU B 876 4.74 -18.44 -27.45
N TYR B 877 3.82 -18.93 -28.30
CA TYR B 877 4.03 -20.10 -29.19
C TYR B 877 5.26 -19.85 -30.08
N ALA B 878 5.37 -18.64 -30.64
CA ALA B 878 6.46 -18.21 -31.54
C ALA B 878 7.80 -18.25 -30.79
N ILE B 879 7.88 -17.55 -29.65
CA ILE B 879 9.12 -17.42 -28.82
C ILE B 879 9.61 -18.82 -28.44
N SER B 880 8.70 -19.72 -28.05
CA SER B 880 9.00 -21.12 -27.66
C SER B 880 9.75 -21.83 -28.79
N LEU B 881 9.19 -21.84 -30.01
CA LEU B 881 9.79 -22.50 -31.20
C LEU B 881 11.13 -21.82 -31.55
N ILE B 882 11.18 -20.48 -31.52
CA ILE B 882 12.40 -19.70 -31.87
C ILE B 882 13.53 -20.08 -30.92
N VAL B 883 13.26 -20.16 -29.62
CA VAL B 883 14.30 -20.45 -28.58
C VAL B 883 14.71 -21.93 -28.68
N VAL B 884 13.73 -22.84 -28.84
CA VAL B 884 14.01 -24.30 -29.03
C VAL B 884 14.97 -24.47 -30.21
N PHE B 885 14.66 -23.85 -31.35
CA PHE B 885 15.49 -23.88 -32.59
C PHE B 885 16.91 -23.39 -32.27
N LEU B 886 17.02 -22.24 -31.59
CA LEU B 886 18.31 -21.56 -31.29
C LEU B 886 19.15 -22.41 -30.33
N CYS B 887 18.51 -23.09 -29.37
CA CYS B 887 19.18 -23.98 -28.38
C CYS B 887 19.77 -25.20 -29.11
N LEU B 888 18.99 -25.84 -29.98
CA LEU B 888 19.42 -27.01 -30.79
C LEU B 888 20.52 -26.60 -31.78
N ALA B 889 20.42 -25.39 -32.35
CA ALA B 889 21.41 -24.85 -33.31
C ALA B 889 22.77 -24.67 -32.63
N ALA B 890 22.77 -24.23 -31.37
CA ALA B 890 23.99 -24.03 -30.55
C ALA B 890 24.57 -25.38 -30.11
N LEU B 891 23.70 -26.35 -29.80
CA LEU B 891 24.08 -27.73 -29.37
C LEU B 891 24.84 -28.43 -30.50
N TYR B 892 24.28 -28.40 -31.72
CA TYR B 892 24.76 -29.18 -32.89
C TYR B 892 25.71 -28.37 -33.77
N GLU B 893 25.77 -27.04 -33.58
CA GLU B 893 26.58 -26.12 -34.43
C GLU B 893 26.09 -26.26 -35.88
N SER B 894 24.78 -26.10 -36.09
CA SER B 894 24.08 -26.30 -37.39
C SER B 894 22.73 -25.59 -37.37
N TRP B 895 22.40 -24.85 -38.44
CA TRP B 895 21.10 -24.15 -38.62
C TRP B 895 20.03 -25.11 -39.16
N SER B 896 20.44 -26.27 -39.71
CA SER B 896 19.56 -27.23 -40.43
C SER B 896 19.20 -28.42 -39.53
N ILE B 897 20.18 -29.01 -38.84
CA ILE B 897 20.02 -30.26 -38.05
C ILE B 897 18.88 -30.10 -37.04
N PRO B 898 18.77 -28.95 -36.33
CA PRO B 898 17.61 -28.69 -35.47
C PRO B 898 16.27 -29.23 -36.00
N PHE B 899 16.01 -29.09 -37.30
CA PHE B 899 14.74 -29.50 -37.95
C PHE B 899 14.52 -31.01 -37.77
N SER B 900 15.59 -31.81 -37.77
CA SER B 900 15.55 -33.28 -37.59
C SER B 900 14.91 -33.64 -36.25
N VAL B 901 15.18 -32.84 -35.21
CA VAL B 901 14.61 -32.99 -33.84
C VAL B 901 13.18 -32.43 -33.84
N MET B 902 13.03 -31.16 -34.25
CA MET B 902 11.77 -30.38 -34.14
C MET B 902 10.63 -31.04 -34.95
N LEU B 903 10.96 -31.92 -35.90
CA LEU B 903 9.97 -32.66 -36.74
C LEU B 903 9.30 -33.79 -35.93
N VAL B 904 9.77 -34.09 -34.71
CA VAL B 904 9.26 -35.22 -33.88
C VAL B 904 7.90 -34.86 -33.26
N VAL B 905 7.57 -33.56 -33.16
CA VAL B 905 6.45 -33.01 -32.33
C VAL B 905 5.14 -33.73 -32.65
N PRO B 906 4.72 -33.85 -33.94
CA PRO B 906 3.43 -34.47 -34.27
C PRO B 906 3.30 -35.96 -33.86
N LEU B 907 4.42 -36.67 -33.71
CA LEU B 907 4.44 -38.13 -33.42
C LEU B 907 3.88 -38.41 -32.02
N GLY B 908 4.19 -37.55 -31.05
CA GLY B 908 3.63 -37.61 -29.69
C GLY B 908 2.18 -37.18 -29.66
N VAL B 909 1.85 -36.12 -30.40
CA VAL B 909 0.52 -35.42 -30.32
C VAL B 909 -0.58 -36.31 -30.92
N ILE B 910 -0.29 -37.09 -31.98
CA ILE B 910 -1.31 -37.90 -32.71
C ILE B 910 -1.93 -38.94 -31.75
N GLY B 911 -1.11 -39.70 -31.04
CA GLY B 911 -1.56 -40.78 -30.14
C GLY B 911 -2.36 -40.25 -28.97
N ALA B 912 -1.96 -39.07 -28.46
CA ALA B 912 -2.66 -38.32 -27.39
C ALA B 912 -4.07 -37.97 -27.85
N LEU B 913 -4.20 -37.45 -29.08
CA LEU B 913 -5.49 -37.05 -29.70
C LEU B 913 -6.34 -38.30 -29.99
N LEU B 914 -5.72 -39.41 -30.42
CA LEU B 914 -6.44 -40.69 -30.68
C LEU B 914 -7.00 -41.23 -29.36
N ALA B 915 -6.20 -41.23 -28.29
CA ALA B 915 -6.56 -41.74 -26.94
C ALA B 915 -7.68 -40.88 -26.34
N ALA B 916 -7.57 -39.55 -26.43
CA ALA B 916 -8.54 -38.57 -25.89
C ALA B 916 -9.88 -38.72 -26.64
N THR B 917 -9.84 -38.74 -27.98
CA THR B 917 -11.03 -38.88 -28.86
C THR B 917 -11.71 -40.23 -28.60
N PHE B 918 -10.93 -41.31 -28.60
CA PHE B 918 -11.41 -42.71 -28.38
C PHE B 918 -12.17 -42.80 -27.05
N ARG B 919 -11.59 -42.25 -25.97
CA ARG B 919 -12.11 -42.42 -24.59
C ARG B 919 -13.23 -41.41 -24.28
N GLY B 920 -13.50 -40.47 -25.18
CA GLY B 920 -14.57 -39.47 -25.03
C GLY B 920 -14.21 -38.42 -23.98
N LEU B 921 -13.04 -37.80 -24.13
CA LEU B 921 -12.52 -36.74 -23.22
C LEU B 921 -12.36 -35.43 -24.01
N THR B 922 -11.89 -34.38 -23.34
CA THR B 922 -11.79 -32.99 -23.86
C THR B 922 -10.33 -32.54 -23.91
N ASN B 923 -10.06 -31.49 -24.70
CA ASN B 923 -8.77 -30.76 -24.76
C ASN B 923 -8.72 -29.78 -23.57
N ASP B 924 -8.45 -30.31 -22.36
CA ASP B 924 -8.43 -29.55 -21.09
C ASP B 924 -6.97 -29.26 -20.72
N VAL B 925 -6.73 -28.56 -19.60
CA VAL B 925 -5.37 -28.10 -19.17
C VAL B 925 -4.48 -29.34 -18.92
N TYR B 926 -5.01 -30.37 -18.25
CA TYR B 926 -4.26 -31.61 -17.91
C TYR B 926 -3.78 -32.29 -19.20
N PHE B 927 -4.63 -32.34 -20.22
CA PHE B 927 -4.33 -32.89 -21.58
C PHE B 927 -3.22 -32.05 -22.22
N GLN B 928 -3.33 -30.72 -22.15
CA GLN B 928 -2.44 -29.75 -22.84
C GLN B 928 -1.02 -29.80 -22.24
N VAL B 929 -0.91 -29.79 -20.90
CA VAL B 929 0.40 -29.89 -20.20
C VAL B 929 0.97 -31.30 -20.45
N GLY B 930 0.09 -32.29 -20.54
CA GLY B 930 0.41 -33.69 -20.91
C GLY B 930 1.07 -33.77 -22.28
N LEU B 931 0.56 -33.01 -23.26
CA LEU B 931 1.14 -32.94 -24.63
C LEU B 931 2.59 -32.43 -24.54
N LEU B 932 2.85 -31.39 -23.74
CA LEU B 932 4.19 -30.74 -23.62
C LEU B 932 5.20 -31.75 -23.06
N THR B 933 4.82 -32.54 -22.04
CA THR B 933 5.71 -33.55 -21.40
C THR B 933 5.94 -34.72 -22.36
N THR B 934 4.95 -35.06 -23.18
CA THR B 934 5.06 -36.09 -24.26
C THR B 934 6.03 -35.57 -25.33
N ILE B 935 5.81 -34.33 -25.81
CA ILE B 935 6.66 -33.66 -26.83
C ILE B 935 8.09 -33.53 -26.29
N GLY B 936 8.22 -33.16 -25.01
CA GLY B 936 9.53 -32.97 -24.33
C GLY B 936 10.36 -34.25 -24.32
N LEU B 937 9.74 -35.37 -23.97
CA LEU B 937 10.42 -36.68 -23.79
C LEU B 937 10.76 -37.29 -25.16
N SER B 938 9.88 -37.13 -26.15
CA SER B 938 10.11 -37.58 -27.56
C SER B 938 11.21 -36.72 -28.20
N ALA B 939 11.20 -35.41 -27.93
CA ALA B 939 12.24 -34.45 -28.36
C ALA B 939 13.58 -34.81 -27.71
N LYS B 940 13.56 -35.22 -26.44
CA LYS B 940 14.76 -35.61 -25.66
C LYS B 940 15.37 -36.86 -26.29
N ASN B 941 14.55 -37.87 -26.59
CA ASN B 941 14.95 -39.14 -27.26
C ASN B 941 15.60 -38.81 -28.60
N ALA B 942 14.95 -37.98 -29.41
CA ALA B 942 15.40 -37.54 -30.75
C ALA B 942 16.75 -36.82 -30.66
N ILE B 943 16.94 -36.00 -29.61
CA ILE B 943 18.19 -35.18 -29.43
C ILE B 943 19.40 -36.11 -29.26
N LEU B 944 19.27 -37.17 -28.45
CA LEU B 944 20.37 -38.12 -28.15
C LEU B 944 20.68 -38.98 -29.38
N ILE B 945 19.65 -39.36 -30.15
CA ILE B 945 19.81 -40.11 -31.44
C ILE B 945 20.65 -39.26 -32.40
N VAL B 946 20.24 -38.00 -32.61
CA VAL B 946 20.92 -37.04 -33.54
C VAL B 946 22.33 -36.75 -33.03
N GLU B 947 22.51 -36.54 -31.72
CA GLU B 947 23.81 -36.23 -31.08
C GLU B 947 24.79 -37.36 -31.36
N PHE B 948 24.38 -38.61 -31.11
CA PHE B 948 25.19 -39.84 -31.30
C PHE B 948 25.55 -40.00 -32.79
N ALA B 949 24.59 -39.77 -33.69
CA ALA B 949 24.76 -39.88 -35.16
C ALA B 949 25.79 -38.84 -35.63
N LYS B 950 25.60 -37.56 -35.26
CA LYS B 950 26.47 -36.43 -35.69
C LYS B 950 27.89 -36.64 -35.18
N ASP B 951 28.05 -37.10 -33.93
CA ASP B 951 29.39 -37.30 -33.30
C ASP B 951 30.13 -38.43 -34.02
N LEU B 952 29.43 -39.50 -34.41
CA LEU B 952 30.01 -40.64 -35.19
C LEU B 952 30.51 -40.12 -36.55
N MET B 953 29.72 -39.24 -37.19
CA MET B 953 30.10 -38.61 -38.49
C MET B 953 31.27 -37.65 -38.29
N ASP B 954 31.25 -36.83 -37.23
CA ASP B 954 32.24 -35.75 -36.96
C ASP B 954 33.55 -36.35 -36.46
N LYS B 955 33.50 -37.24 -35.45
CA LYS B 955 34.69 -37.76 -34.74
C LYS B 955 35.29 -38.97 -35.48
N GLU B 956 34.49 -40.02 -35.68
CA GLU B 956 34.95 -41.34 -36.22
C GLU B 956 34.81 -41.38 -37.76
N GLY B 957 34.44 -40.26 -38.39
CA GLY B 957 34.43 -40.08 -39.86
C GLY B 957 33.56 -41.10 -40.57
N LYS B 958 32.42 -41.48 -39.98
CA LYS B 958 31.49 -42.50 -40.53
C LYS B 958 30.55 -41.84 -41.55
N GLY B 959 29.89 -42.66 -42.37
CA GLY B 959 28.89 -42.22 -43.38
C GLY B 959 27.56 -41.90 -42.73
N LEU B 960 26.69 -41.18 -43.45
CA LEU B 960 25.38 -40.71 -42.96
C LEU B 960 24.54 -41.89 -42.45
N ILE B 961 24.33 -42.89 -43.31
CA ILE B 961 23.45 -44.06 -43.02
C ILE B 961 24.13 -44.94 -41.96
N GLU B 962 25.44 -45.11 -42.04
CA GLU B 962 26.25 -45.91 -41.07
C GLU B 962 26.06 -45.35 -39.67
N ALA B 963 26.26 -44.03 -39.52
CA ALA B 963 26.20 -43.29 -38.22
C ALA B 963 24.77 -43.33 -37.67
N THR B 964 23.77 -43.11 -38.54
CA THR B 964 22.33 -43.10 -38.17
C THR B 964 21.91 -44.49 -37.68
N LEU B 965 22.28 -45.55 -38.41
CA LEU B 965 21.93 -46.96 -38.07
C LEU B 965 22.62 -47.34 -36.75
N ASP B 966 23.86 -46.90 -36.54
CA ASP B 966 24.66 -47.19 -35.32
C ASP B 966 24.07 -46.42 -34.13
N ALA B 967 23.65 -45.17 -34.34
CA ALA B 967 23.06 -44.28 -33.33
C ALA B 967 21.78 -44.91 -32.76
N VAL B 968 20.79 -45.20 -33.63
CA VAL B 968 19.44 -45.71 -33.22
C VAL B 968 19.60 -47.09 -32.55
N ARG B 969 20.62 -47.87 -32.94
CA ARG B 969 20.94 -49.19 -32.35
C ARG B 969 21.32 -49.00 -30.87
N MET B 970 22.17 -48.00 -30.59
CA MET B 970 22.67 -47.68 -29.24
C MET B 970 21.54 -47.10 -28.36
N ARG B 971 20.57 -46.39 -28.95
CA ARG B 971 19.53 -45.64 -28.22
C ARG B 971 18.23 -46.45 -28.11
N LEU B 972 18.13 -47.63 -28.73
CA LEU B 972 16.89 -48.44 -28.72
C LEU B 972 16.54 -48.84 -27.27
N ARG B 973 17.50 -49.39 -26.52
CA ARG B 973 17.27 -49.95 -25.16
C ARG B 973 16.77 -48.86 -24.21
N PRO B 974 17.51 -47.74 -24.00
CA PRO B 974 17.08 -46.74 -23.03
C PRO B 974 15.70 -46.14 -23.34
N ILE B 975 15.40 -45.88 -24.61
CA ILE B 975 14.08 -45.36 -25.08
C ILE B 975 12.99 -46.34 -24.66
N LEU B 976 13.17 -47.63 -24.96
CA LEU B 976 12.16 -48.70 -24.65
C LEU B 976 12.04 -48.86 -23.13
N MET B 977 13.14 -48.74 -22.40
CA MET B 977 13.17 -48.89 -20.92
C MET B 977 12.34 -47.78 -20.26
N THR B 978 12.58 -46.52 -20.64
CA THR B 978 11.81 -45.34 -20.14
C THR B 978 10.34 -45.49 -20.53
N SER B 979 10.06 -45.84 -21.79
CA SER B 979 8.69 -45.96 -22.36
C SER B 979 7.91 -47.06 -21.64
N LEU B 980 8.55 -48.21 -21.37
CA LEU B 980 7.91 -49.37 -20.70
C LEU B 980 7.50 -48.97 -19.27
N ALA B 981 8.44 -48.38 -18.51
CA ALA B 981 8.25 -47.93 -17.10
C ALA B 981 7.18 -46.83 -17.04
N PHE B 982 7.29 -45.82 -17.90
CA PHE B 982 6.45 -44.59 -17.84
C PHE B 982 5.02 -44.89 -18.29
N ILE B 983 4.84 -45.80 -19.27
CA ILE B 983 3.49 -46.19 -19.78
C ILE B 983 2.77 -47.05 -18.72
N LEU B 984 3.49 -47.99 -18.08
CA LEU B 984 2.96 -48.79 -16.95
C LEU B 984 2.70 -47.87 -15.74
N GLY B 985 3.51 -46.81 -15.58
CA GLY B 985 3.42 -45.84 -14.49
C GLY B 985 2.12 -45.04 -14.52
N VAL B 986 1.61 -44.72 -15.71
CA VAL B 986 0.40 -43.87 -15.92
C VAL B 986 -0.82 -44.74 -16.22
N MET B 987 -0.68 -46.07 -16.17
CA MET B 987 -1.78 -47.04 -16.50
C MET B 987 -2.88 -46.98 -15.44
N PRO B 988 -2.56 -46.94 -14.13
CA PRO B 988 -3.60 -46.84 -13.10
C PRO B 988 -4.44 -45.56 -13.18
N LEU B 989 -3.82 -44.43 -13.56
CA LEU B 989 -4.48 -43.10 -13.73
C LEU B 989 -5.56 -43.20 -14.82
N VAL B 990 -5.28 -43.96 -15.90
CA VAL B 990 -6.17 -44.12 -17.09
C VAL B 990 -7.44 -44.87 -16.69
N ILE B 991 -7.28 -46.05 -16.06
CA ILE B 991 -8.41 -46.98 -15.71
C ILE B 991 -9.18 -46.46 -14.49
N SER B 992 -8.52 -45.67 -13.62
CA SER B 992 -9.08 -45.13 -12.35
C SER B 992 -10.52 -44.65 -12.54
N THR B 993 -11.42 -45.06 -11.63
CA THR B 993 -12.87 -44.72 -11.62
C THR B 993 -13.26 -43.92 -10.38
N GLY B 994 -12.44 -43.93 -9.32
CA GLY B 994 -12.80 -43.46 -7.97
C GLY B 994 -12.83 -41.93 -7.86
N ALA B 995 -12.58 -41.41 -6.66
CA ALA B 995 -12.58 -39.97 -6.34
C ALA B 995 -11.39 -39.30 -7.04
N GLY B 996 -11.64 -38.16 -7.71
CA GLY B 996 -10.63 -37.36 -8.42
C GLY B 996 -10.12 -38.06 -9.68
N SER B 997 -10.91 -38.97 -10.24
CA SER B 997 -10.55 -39.81 -11.42
C SER B 997 -10.64 -38.99 -12.72
N GLY B 998 -11.53 -38.01 -12.78
CA GLY B 998 -11.69 -37.09 -13.93
C GLY B 998 -10.38 -36.40 -14.27
N ALA B 999 -9.66 -35.93 -13.25
CA ALA B 999 -8.32 -35.29 -13.36
C ALA B 999 -7.28 -36.35 -13.76
N GLN B 1000 -7.27 -37.50 -13.06
CA GLN B 1000 -6.32 -38.62 -13.29
C GLN B 1000 -6.47 -39.15 -14.73
N ASN B 1001 -7.72 -39.30 -15.20
CA ASN B 1001 -8.05 -39.75 -16.58
C ASN B 1001 -7.48 -38.73 -17.58
N ALA B 1002 -7.73 -37.44 -17.35
CA ALA B 1002 -7.29 -36.30 -18.21
C ALA B 1002 -5.77 -36.29 -18.32
N VAL B 1003 -5.06 -36.63 -17.24
CA VAL B 1003 -3.57 -36.69 -17.17
C VAL B 1003 -3.10 -37.94 -17.92
N GLY B 1004 -3.52 -39.12 -17.46
CA GLY B 1004 -3.00 -40.44 -17.89
C GLY B 1004 -3.23 -40.71 -19.38
N THR B 1005 -4.47 -40.59 -19.85
CA THR B 1005 -4.93 -41.07 -21.18
C THR B 1005 -4.20 -40.31 -22.30
N GLY B 1006 -4.03 -39.00 -22.14
CA GLY B 1006 -3.33 -38.12 -23.10
C GLY B 1006 -1.82 -38.36 -23.10
N VAL B 1007 -1.30 -38.99 -22.04
CA VAL B 1007 0.16 -39.33 -21.89
C VAL B 1007 0.38 -40.75 -22.41
N MET B 1008 -0.40 -41.73 -21.93
CA MET B 1008 -0.30 -43.16 -22.34
C MET B 1008 -0.42 -43.24 -23.87
N GLY B 1009 -1.49 -42.65 -24.42
CA GLY B 1009 -1.77 -42.59 -25.87
C GLY B 1009 -0.65 -41.90 -26.62
N GLY B 1010 -0.23 -40.71 -26.14
CA GLY B 1010 0.86 -39.92 -26.71
C GLY B 1010 2.19 -40.66 -26.69
N MET B 1011 2.45 -41.42 -25.62
CA MET B 1011 3.74 -42.14 -25.41
C MET B 1011 3.81 -43.39 -26.30
N VAL B 1012 2.70 -44.08 -26.54
CA VAL B 1012 2.65 -45.31 -27.39
C VAL B 1012 3.05 -44.94 -28.81
N THR B 1013 2.52 -43.83 -29.36
CA THR B 1013 2.84 -43.34 -30.73
C THR B 1013 4.25 -42.72 -30.72
N ALA B 1014 4.55 -41.83 -29.75
CA ALA B 1014 5.83 -41.11 -29.64
C ALA B 1014 7.02 -42.09 -29.62
N THR B 1015 6.83 -43.27 -29.00
CA THR B 1015 7.87 -44.33 -28.92
C THR B 1015 7.92 -45.09 -30.25
N VAL B 1016 6.82 -45.75 -30.62
CA VAL B 1016 6.73 -46.68 -31.78
C VAL B 1016 7.12 -45.93 -33.06
N LEU B 1017 6.62 -44.69 -33.25
CA LEU B 1017 6.84 -43.89 -34.48
C LEU B 1017 8.26 -43.29 -34.50
N ALA B 1018 8.75 -42.73 -33.38
CA ALA B 1018 10.02 -41.99 -33.31
C ALA B 1018 11.22 -42.90 -33.61
N ILE B 1019 11.20 -44.16 -33.13
CA ILE B 1019 12.34 -45.12 -33.34
C ILE B 1019 12.54 -45.38 -34.83
N PHE B 1020 11.50 -45.18 -35.66
CA PHE B 1020 11.55 -45.36 -37.14
C PHE B 1020 11.65 -44.02 -37.87
N PHE B 1021 10.98 -42.96 -37.37
CA PHE B 1021 10.82 -41.67 -38.08
C PHE B 1021 12.00 -40.73 -37.81
N VAL B 1022 12.63 -40.79 -36.63
CA VAL B 1022 13.76 -39.89 -36.26
C VAL B 1022 14.93 -40.12 -37.23
N PRO B 1023 15.41 -41.37 -37.44
CA PRO B 1023 16.45 -41.63 -38.44
C PRO B 1023 16.10 -41.08 -39.83
N VAL B 1024 14.82 -41.17 -40.24
CA VAL B 1024 14.31 -40.62 -41.52
C VAL B 1024 14.53 -39.10 -41.51
N PHE B 1025 14.09 -38.41 -40.44
CA PHE B 1025 14.19 -36.94 -40.30
C PHE B 1025 15.65 -36.51 -40.42
N PHE B 1026 16.56 -37.19 -39.70
CA PHE B 1026 18.00 -36.85 -39.67
C PHE B 1026 18.59 -36.97 -41.07
N VAL B 1027 18.37 -38.12 -41.73
CA VAL B 1027 18.94 -38.44 -43.07
C VAL B 1027 18.37 -37.44 -44.11
N VAL B 1028 17.05 -37.26 -44.14
CA VAL B 1028 16.35 -36.38 -45.13
C VAL B 1028 16.82 -34.93 -44.93
N VAL B 1029 17.02 -34.48 -43.69
CA VAL B 1029 17.48 -33.09 -43.36
C VAL B 1029 18.95 -32.95 -43.78
N ARG B 1030 19.80 -33.90 -43.39
CA ARG B 1030 21.26 -33.90 -43.67
C ARG B 1030 21.50 -33.95 -45.18
N ARG B 1031 20.64 -34.64 -45.94
CA ARG B 1031 20.72 -34.72 -47.43
C ARG B 1031 20.32 -33.37 -48.04
N ARG B 1032 19.24 -32.77 -47.54
CA ARG B 1032 18.63 -31.54 -48.12
C ARG B 1032 19.56 -30.34 -47.95
N PHE B 1033 20.34 -30.28 -46.87
CA PHE B 1033 21.23 -29.15 -46.52
C PHE B 1033 22.68 -29.64 -46.37
N SER B 1034 23.64 -28.88 -46.91
CA SER B 1034 25.11 -29.11 -46.79
C SER B 1034 25.47 -30.49 -47.36
N MET C 1 46.06 -19.21 -7.61
CA MET C 1 45.82 -17.79 -7.23
C MET C 1 46.96 -17.27 -6.36
N PRO C 2 47.44 -18.00 -5.32
CA PRO C 2 48.57 -17.52 -4.50
C PRO C 2 49.85 -17.26 -5.30
N ASN C 3 50.20 -18.14 -6.25
CA ASN C 3 51.39 -18.00 -7.13
C ASN C 3 51.26 -16.73 -7.97
N PHE C 4 50.05 -16.46 -8.49
CA PHE C 4 49.72 -15.28 -9.33
C PHE C 4 50.14 -13.99 -8.60
N PHE C 5 49.74 -13.85 -7.34
CA PHE C 5 49.88 -12.60 -6.55
C PHE C 5 51.26 -12.52 -5.88
N ILE C 6 52.02 -13.62 -5.82
CA ILE C 6 53.43 -13.59 -5.35
C ILE C 6 54.26 -12.82 -6.38
N ASP C 7 54.08 -13.14 -7.67
CA ASP C 7 54.76 -12.47 -8.81
C ASP C 7 54.21 -11.05 -8.98
N ARG C 8 52.95 -10.80 -8.60
CA ARG C 8 52.24 -9.51 -8.79
C ARG C 8 51.85 -8.92 -7.44
N PRO C 9 52.83 -8.39 -6.65
CA PRO C 9 52.52 -7.81 -5.34
C PRO C 9 51.68 -6.51 -5.40
N ILE C 10 51.80 -5.73 -6.48
CA ILE C 10 51.06 -4.44 -6.64
C ILE C 10 49.57 -4.75 -6.87
N PHE C 11 49.25 -5.72 -7.73
CA PHE C 11 47.87 -6.21 -7.95
C PHE C 11 47.26 -6.59 -6.59
N ALA C 12 47.99 -7.39 -5.80
CA ALA C 12 47.58 -7.84 -4.45
C ALA C 12 47.32 -6.62 -3.55
N TRP C 13 48.22 -5.63 -3.56
CA TRP C 13 48.06 -4.35 -2.81
C TRP C 13 46.85 -3.58 -3.33
N VAL C 14 46.66 -3.53 -4.65
CA VAL C 14 45.55 -2.81 -5.32
C VAL C 14 44.21 -3.34 -4.78
N ILE C 15 44.02 -4.66 -4.76
CA ILE C 15 42.75 -5.32 -4.32
C ILE C 15 42.48 -4.93 -2.86
N ALA C 16 43.51 -4.96 -2.00
CA ALA C 16 43.41 -4.65 -0.56
C ALA C 16 42.99 -3.19 -0.35
N ILE C 17 43.57 -2.26 -1.11
CA ILE C 17 43.32 -0.78 -0.96
C ILE C 17 41.90 -0.46 -1.45
N ILE C 18 41.43 -1.11 -2.53
CA ILE C 18 40.04 -0.94 -3.05
C ILE C 18 39.05 -1.39 -1.95
N ILE C 19 39.31 -2.54 -1.33
CA ILE C 19 38.46 -3.08 -0.21
C ILE C 19 38.49 -2.08 0.95
N MET C 20 39.66 -1.54 1.28
CA MET C 20 39.86 -0.67 2.47
C MET C 20 39.10 0.65 2.29
N LEU C 21 39.25 1.33 1.14
CA LEU C 21 38.63 2.67 0.93
C LEU C 21 37.14 2.50 0.58
N ALA C 22 36.71 1.31 0.14
CA ALA C 22 35.28 0.94 0.01
C ALA C 22 34.64 0.89 1.41
N GLY C 23 35.38 0.37 2.40
CA GLY C 23 34.98 0.32 3.80
C GLY C 23 35.02 1.70 4.45
N GLY C 24 36.02 2.51 4.08
CA GLY C 24 36.15 3.91 4.52
C GLY C 24 34.97 4.74 4.05
N LEU C 25 34.58 4.59 2.78
CA LEU C 25 33.39 5.23 2.17
C LEU C 25 32.13 4.77 2.91
N ALA C 26 32.07 3.49 3.29
CA ALA C 26 30.91 2.87 3.98
C ALA C 26 30.75 3.45 5.39
N ILE C 27 31.84 3.67 6.12
CA ILE C 27 31.84 4.15 7.54
C ILE C 27 31.24 5.56 7.60
N LEU C 28 31.42 6.37 6.55
CA LEU C 28 30.83 7.73 6.43
C LEU C 28 29.31 7.61 6.24
N LYS C 29 28.86 6.72 5.34
CA LYS C 29 27.42 6.55 4.97
C LYS C 29 26.66 5.80 6.08
N LEU C 30 27.26 4.76 6.68
CA LEU C 30 26.59 3.78 7.57
C LEU C 30 25.95 4.48 8.76
N PRO C 31 24.70 4.14 9.14
CA PRO C 31 24.09 4.64 10.37
C PRO C 31 24.71 3.98 11.60
N VAL C 32 24.63 4.65 12.76
CA VAL C 32 25.08 4.14 14.09
C VAL C 32 23.85 4.09 15.01
N ALA C 33 23.68 2.98 15.72
CA ALA C 33 22.60 2.74 16.70
C ALA C 33 23.10 1.80 17.80
N GLN C 34 22.29 1.59 18.84
CA GLN C 34 22.58 0.61 19.93
C GLN C 34 22.31 -0.79 19.39
N TYR C 35 21.08 -1.01 18.89
CA TYR C 35 20.58 -2.31 18.37
C TYR C 35 19.91 -2.07 17.03
N PRO C 36 19.66 -3.14 16.24
CA PRO C 36 18.69 -3.08 15.14
C PRO C 36 17.27 -3.10 15.71
N THR C 37 16.26 -3.20 14.85
CA THR C 37 14.86 -3.49 15.26
C THR C 37 14.81 -4.95 15.72
N ILE C 38 14.74 -5.18 17.03
CA ILE C 38 14.68 -6.53 17.65
C ILE C 38 13.22 -6.83 18.02
N ALA C 39 12.53 -5.86 18.64
CA ALA C 39 11.13 -5.98 19.10
C ALA C 39 10.23 -6.23 17.89
N PRO C 40 9.18 -7.09 18.04
CA PRO C 40 8.27 -7.37 16.93
C PRO C 40 7.32 -6.19 16.71
N PRO C 41 6.78 -5.99 15.49
CA PRO C 41 5.88 -4.86 15.23
C PRO C 41 4.52 -5.10 15.89
N ALA C 42 3.79 -4.01 16.18
CA ALA C 42 2.47 -4.05 16.85
C ALA C 42 1.56 -2.95 16.30
N VAL C 43 0.27 -3.27 16.15
CA VAL C 43 -0.81 -2.34 15.71
C VAL C 43 -1.81 -2.21 16.87
N THR C 44 -2.11 -0.99 17.31
CA THR C 44 -3.10 -0.71 18.40
C THR C 44 -4.37 -0.11 17.78
N ILE C 45 -5.52 -0.70 18.13
CA ILE C 45 -6.88 -0.16 17.83
C ILE C 45 -7.35 0.60 19.07
N SER C 46 -7.54 1.92 18.94
CA SER C 46 -8.03 2.81 20.02
C SER C 46 -9.47 3.23 19.72
N ALA C 47 -10.39 2.96 20.64
CA ALA C 47 -11.82 3.38 20.59
C ALA C 47 -12.19 4.06 21.91
N SER C 48 -13.37 4.69 21.97
CA SER C 48 -13.84 5.49 23.12
C SER C 48 -15.38 5.51 23.14
N TYR C 49 -15.97 5.05 24.25
CA TYR C 49 -17.43 5.09 24.53
C TYR C 49 -17.65 6.05 25.70
N PRO C 50 -17.69 7.39 25.46
CA PRO C 50 -17.88 8.36 26.53
C PRO C 50 -18.94 8.01 27.57
N GLY C 51 -18.55 7.93 28.84
CA GLY C 51 -19.45 7.80 30.00
C GLY C 51 -19.76 6.36 30.38
N ALA C 52 -19.26 5.38 29.63
CA ALA C 52 -19.55 3.93 29.80
C ALA C 52 -18.49 3.28 30.69
N ASP C 53 -18.91 2.30 31.50
CA ASP C 53 -18.04 1.51 32.41
C ASP C 53 -17.37 0.39 31.61
N ALA C 54 -16.26 -0.16 32.14
CA ALA C 54 -15.41 -1.21 31.52
C ALA C 54 -16.27 -2.34 30.95
N LYS C 55 -17.20 -2.87 31.76
CA LYS C 55 -18.03 -4.06 31.43
C LYS C 55 -18.91 -3.75 30.20
N THR C 56 -19.59 -2.60 30.18
CA THR C 56 -20.43 -2.15 29.04
C THR C 56 -19.54 -1.99 27.79
N VAL C 57 -18.40 -1.33 27.94
CA VAL C 57 -17.43 -1.03 26.84
C VAL C 57 -16.91 -2.34 26.26
N GLN C 58 -16.58 -3.31 27.12
CA GLN C 58 -16.02 -4.63 26.72
C GLN C 58 -17.06 -5.39 25.88
N ASP C 59 -18.32 -5.39 26.31
CA ASP C 59 -19.42 -6.17 25.68
C ASP C 59 -19.81 -5.54 24.34
N THR C 60 -19.82 -4.21 24.24
CA THR C 60 -20.35 -3.45 23.08
C THR C 60 -19.25 -3.10 22.07
N VAL C 61 -17.97 -3.08 22.46
CA VAL C 61 -16.85 -2.60 21.60
C VAL C 61 -15.74 -3.65 21.52
N THR C 62 -15.10 -3.99 22.65
CA THR C 62 -13.86 -4.81 22.71
C THR C 62 -14.10 -6.20 22.09
N GLN C 63 -15.14 -6.92 22.53
CA GLN C 63 -15.47 -8.29 22.04
C GLN C 63 -15.88 -8.21 20.56
N VAL C 64 -16.67 -7.20 20.19
CA VAL C 64 -17.18 -6.97 18.80
C VAL C 64 -15.97 -6.83 17.86
N ILE C 65 -14.96 -6.03 18.24
CA ILE C 65 -13.73 -5.81 17.43
C ILE C 65 -12.90 -7.10 17.44
N GLU C 66 -12.64 -7.66 18.63
CA GLU C 66 -11.74 -8.82 18.84
C GLU C 66 -12.20 -10.04 18.02
N GLN C 67 -13.50 -10.29 17.95
CA GLN C 67 -14.08 -11.48 17.25
C GLN C 67 -14.05 -11.28 15.74
N ASN C 68 -13.63 -10.10 15.26
CA ASN C 68 -13.43 -9.79 13.81
C ASN C 68 -11.93 -9.75 13.48
N MET C 69 -11.04 -10.01 14.45
CA MET C 69 -9.56 -9.94 14.27
C MET C 69 -8.99 -11.33 13.97
N ASN C 70 -9.83 -12.29 13.59
CA ASN C 70 -9.42 -13.67 13.22
C ASN C 70 -8.74 -13.63 11.85
N GLY C 71 -7.77 -14.54 11.62
CA GLY C 71 -7.13 -14.81 10.33
C GLY C 71 -6.50 -13.56 9.74
N ILE C 72 -5.69 -12.86 10.52
CA ILE C 72 -4.76 -11.80 10.04
C ILE C 72 -3.37 -12.42 9.96
N ASP C 73 -2.63 -12.14 8.89
CA ASP C 73 -1.33 -12.79 8.58
C ASP C 73 -0.30 -12.44 9.66
N ASN C 74 0.43 -13.44 10.15
CA ASN C 74 1.63 -13.29 11.03
C ASN C 74 1.23 -12.69 12.39
N LEU C 75 0.06 -13.05 12.92
CA LEU C 75 -0.45 -12.57 14.24
C LEU C 75 0.04 -13.52 15.34
N MET C 76 0.95 -13.04 16.20
CA MET C 76 1.53 -13.83 17.33
C MET C 76 0.52 -13.90 18.47
N TYR C 77 0.03 -12.75 18.92
CA TYR C 77 -0.96 -12.65 20.03
C TYR C 77 -1.62 -11.26 20.04
N MET C 78 -2.70 -11.15 20.82
CA MET C 78 -3.59 -9.96 20.90
C MET C 78 -4.01 -9.75 22.37
N SER C 79 -3.43 -8.73 23.02
CA SER C 79 -3.86 -8.23 24.34
C SER C 79 -4.76 -7.01 24.14
N SER C 80 -5.65 -6.73 25.10
CA SER C 80 -6.59 -5.59 25.07
C SER C 80 -7.13 -5.32 26.48
N ASN C 81 -7.54 -4.08 26.75
CA ASN C 81 -8.20 -3.71 28.03
C ASN C 81 -9.31 -2.68 27.76
N SER C 82 -10.39 -2.79 28.54
CA SER C 82 -11.58 -1.91 28.56
C SER C 82 -11.71 -1.36 29.98
N ASP C 83 -11.73 -0.03 30.16
CA ASP C 83 -11.64 0.60 31.51
C ASP C 83 -12.80 1.59 31.73
N SER C 84 -12.88 2.13 32.95
CA SER C 84 -14.01 2.91 33.51
C SER C 84 -14.23 4.23 32.76
N THR C 85 -13.19 4.77 32.11
CA THR C 85 -13.23 6.05 31.35
C THR C 85 -13.90 5.85 29.99
N GLY C 86 -14.16 4.60 29.58
CA GLY C 86 -14.84 4.27 28.32
C GLY C 86 -13.85 3.87 27.22
N THR C 87 -12.54 3.97 27.50
CA THR C 87 -11.45 3.73 26.52
C THR C 87 -11.33 2.23 26.25
N VAL C 88 -11.11 1.86 24.99
CA VAL C 88 -10.65 0.51 24.54
C VAL C 88 -9.29 0.69 23.87
N GLN C 89 -8.33 -0.18 24.20
CA GLN C 89 -7.07 -0.35 23.45
C GLN C 89 -6.88 -1.84 23.17
N ILE C 90 -6.77 -2.21 21.88
CA ILE C 90 -6.52 -3.60 21.42
C ILE C 90 -5.20 -3.59 20.65
N THR C 91 -4.13 -4.13 21.25
CA THR C 91 -2.79 -4.28 20.63
C THR C 91 -2.64 -5.67 20.03
N LEU C 92 -2.50 -5.75 18.70
CA LEU C 92 -2.13 -6.97 17.95
C LEU C 92 -0.62 -6.91 17.67
N THR C 93 0.14 -7.86 18.22
CA THR C 93 1.60 -8.00 18.01
C THR C 93 1.83 -9.07 16.93
N PHE C 94 2.73 -8.80 15.98
CA PHE C 94 2.97 -9.62 14.78
C PHE C 94 4.38 -10.25 14.84
N GLU C 95 4.58 -11.30 14.04
CA GLU C 95 5.84 -12.09 14.02
C GLU C 95 6.96 -11.18 13.50
N SER C 96 8.20 -11.43 13.94
CA SER C 96 9.40 -10.63 13.57
C SER C 96 9.65 -10.75 12.07
N GLY C 97 9.86 -9.63 11.39
CA GLY C 97 10.03 -9.55 9.92
C GLY C 97 8.73 -9.23 9.20
N THR C 98 7.62 -9.10 9.93
CA THR C 98 6.30 -8.67 9.38
C THR C 98 6.40 -7.22 8.92
N ASP C 99 5.88 -6.92 7.72
CA ASP C 99 5.71 -5.54 7.20
C ASP C 99 4.63 -4.85 8.04
N ALA C 100 5.04 -3.95 8.95
CA ALA C 100 4.15 -3.30 9.94
C ALA C 100 3.06 -2.51 9.21
N ASP C 101 3.35 -2.02 7.99
CA ASP C 101 2.41 -1.20 7.18
C ASP C 101 1.29 -2.10 6.65
N ILE C 102 1.62 -3.29 6.13
CA ILE C 102 0.63 -4.30 5.65
C ILE C 102 -0.19 -4.80 6.85
N ALA C 103 0.47 -5.04 7.99
CA ALA C 103 -0.18 -5.44 9.26
C ALA C 103 -1.29 -4.43 9.59
N GLN C 104 -0.91 -3.14 9.66
CA GLN C 104 -1.84 -2.01 9.90
C GLN C 104 -3.04 -2.10 8.95
N VAL C 105 -2.77 -2.28 7.64
CA VAL C 105 -3.79 -2.29 6.55
C VAL C 105 -4.77 -3.45 6.78
N GLN C 106 -4.25 -4.66 7.04
CA GLN C 106 -5.07 -5.89 7.29
C GLN C 106 -5.94 -5.69 8.53
N VAL C 107 -5.42 -5.03 9.58
CA VAL C 107 -6.14 -4.75 10.86
C VAL C 107 -7.26 -3.73 10.58
N GLN C 108 -6.95 -2.66 9.83
CA GLN C 108 -7.91 -1.58 9.48
C GLN C 108 -9.08 -2.20 8.70
N ASN C 109 -8.80 -3.03 7.70
CA ASN C 109 -9.81 -3.69 6.83
C ASN C 109 -10.73 -4.56 7.70
N LYS C 110 -10.17 -5.33 8.62
CA LYS C 110 -10.92 -6.22 9.55
C LYS C 110 -11.77 -5.39 10.51
N LEU C 111 -11.23 -4.27 11.02
CA LEU C 111 -11.94 -3.40 11.99
C LEU C 111 -13.20 -2.81 11.35
N GLN C 112 -13.12 -2.42 10.08
CA GLN C 112 -14.19 -1.65 9.40
C GLN C 112 -15.38 -2.57 9.07
N LEU C 113 -15.20 -3.90 9.16
CA LEU C 113 -16.33 -4.87 9.18
C LEU C 113 -17.07 -4.74 10.52
N ALA C 114 -16.34 -4.59 11.62
CA ALA C 114 -16.88 -4.49 13.00
C ALA C 114 -17.48 -3.09 13.24
N MET C 115 -16.95 -2.05 12.59
CA MET C 115 -17.24 -0.62 12.88
C MET C 115 -18.75 -0.37 13.02
N PRO C 116 -19.60 -0.80 12.07
CA PRO C 116 -21.03 -0.54 12.17
C PRO C 116 -21.77 -1.36 13.25
N LEU C 117 -21.16 -2.43 13.76
CA LEU C 117 -21.72 -3.24 14.89
C LEU C 117 -21.47 -2.51 16.22
N LEU C 118 -20.55 -1.54 16.25
CA LEU C 118 -20.23 -0.75 17.46
C LEU C 118 -21.38 0.21 17.75
N PRO C 119 -21.50 0.72 19.00
CA PRO C 119 -22.41 1.83 19.31
C PRO C 119 -22.06 3.07 18.47
N GLN C 120 -23.06 3.89 18.16
CA GLN C 120 -22.92 5.05 17.24
C GLN C 120 -22.14 6.18 17.92
N GLU C 121 -22.15 6.26 19.26
CA GLU C 121 -21.30 7.22 20.02
C GLU C 121 -19.82 6.83 19.86
N VAL C 122 -19.53 5.53 19.79
CA VAL C 122 -18.15 4.99 19.59
C VAL C 122 -17.71 5.34 18.16
N GLN C 123 -18.62 5.22 17.18
CA GLN C 123 -18.37 5.54 15.76
C GLN C 123 -18.14 7.06 15.58
N GLN C 124 -18.89 7.89 16.31
CA GLN C 124 -18.88 9.37 16.17
C GLN C 124 -17.63 9.95 16.86
N GLN C 125 -16.93 9.16 17.69
CA GLN C 125 -15.66 9.55 18.34
C GLN C 125 -14.48 9.25 17.40
N GLY C 126 -14.63 8.27 16.51
CA GLY C 126 -13.58 7.80 15.60
C GLY C 126 -12.75 6.68 16.23
N VAL C 127 -12.27 5.73 15.42
CA VAL C 127 -11.45 4.56 15.85
C VAL C 127 -10.14 4.60 15.07
N SER C 128 -9.02 4.84 15.76
CA SER C 128 -7.66 4.90 15.17
C SER C 128 -7.05 3.49 15.12
N VAL C 129 -6.58 3.08 13.94
CA VAL C 129 -5.77 1.85 13.71
C VAL C 129 -4.40 2.29 13.20
N GLU C 130 -3.35 2.09 13.99
CA GLU C 130 -1.99 2.58 13.70
C GLU C 130 -0.96 1.71 14.42
N LYS C 131 0.27 1.72 13.92
CA LYS C 131 1.45 1.08 14.55
C LYS C 131 1.68 1.72 15.92
N SER C 132 2.07 0.93 16.91
CA SER C 132 2.22 1.34 18.33
C SER C 132 3.59 0.93 18.86
N SER C 133 3.99 1.52 19.99
CA SER C 133 5.18 1.15 20.80
C SER C 133 4.83 1.37 22.28
N SER C 134 5.33 0.51 23.16
CA SER C 134 4.95 0.44 24.61
C SER C 134 5.80 1.40 25.45
N SER C 135 7.10 1.54 25.14
CA SER C 135 8.11 2.19 26.02
C SER C 135 8.32 3.67 25.62
N PHE C 136 8.48 4.53 26.64
CA PHE C 136 8.88 5.95 26.50
C PHE C 136 10.36 6.01 26.13
N LEU C 137 10.68 6.65 25.00
CA LEU C 137 12.07 6.96 24.56
C LEU C 137 12.69 7.93 25.58
N MET C 138 11.97 9.02 25.86
CA MET C 138 12.36 10.05 26.86
C MET C 138 11.10 10.71 27.43
N VAL C 139 11.27 11.48 28.50
CA VAL C 139 10.28 12.47 29.01
C VAL C 139 10.92 13.85 28.93
N VAL C 140 10.38 14.73 28.08
CA VAL C 140 10.77 16.17 28.01
C VAL C 140 9.96 16.91 29.07
N GLY C 141 10.62 17.40 30.12
CA GLY C 141 10.01 18.17 31.21
C GLY C 141 10.02 19.65 30.90
N VAL C 142 8.99 20.37 31.33
CA VAL C 142 8.89 21.86 31.21
C VAL C 142 8.50 22.43 32.58
N ILE C 143 9.25 23.43 33.03
CA ILE C 143 9.03 24.14 34.33
C ILE C 143 9.10 25.65 34.07
N ASN C 144 8.52 26.44 34.98
CA ASN C 144 8.65 27.91 35.04
C ASN C 144 9.58 28.26 36.20
N THR C 145 10.59 29.13 35.96
CA THR C 145 11.67 29.44 36.93
C THR C 145 11.46 30.81 37.60
N ASP C 146 10.61 31.67 37.04
CA ASP C 146 10.37 33.04 37.58
C ASP C 146 8.95 33.16 38.14
N GLY C 147 8.26 32.03 38.36
CA GLY C 147 7.02 31.93 39.14
C GLY C 147 5.84 32.70 38.55
N THR C 148 5.96 33.21 37.31
CA THR C 148 4.88 33.96 36.60
C THR C 148 3.79 32.98 36.16
N MET C 149 4.19 31.87 35.53
CA MET C 149 3.30 30.81 34.99
C MET C 149 3.07 29.73 36.06
N THR C 150 1.82 29.30 36.25
CA THR C 150 1.43 28.19 37.15
C THR C 150 1.71 26.86 36.44
N GLN C 151 1.42 25.74 37.10
CA GLN C 151 1.52 24.36 36.54
C GLN C 151 0.57 24.23 35.35
N GLU C 152 -0.66 24.75 35.49
CA GLU C 152 -1.73 24.70 34.45
C GLU C 152 -1.32 25.55 33.24
N ASP C 153 -0.69 26.71 33.46
CA ASP C 153 -0.20 27.62 32.39
C ASP C 153 0.90 26.93 31.57
N ILE C 154 1.79 26.17 32.22
CA ILE C 154 2.91 25.45 31.53
C ILE C 154 2.32 24.34 30.64
N SER C 155 1.39 23.55 31.17
CA SER C 155 0.72 22.43 30.45
C SER C 155 0.00 22.96 29.20
N ASP C 156 -0.73 24.07 29.33
CA ASP C 156 -1.44 24.71 28.19
C ASP C 156 -0.41 25.17 27.15
N TYR C 157 0.63 25.89 27.56
CA TYR C 157 1.67 26.38 26.63
C TYR C 157 2.22 25.19 25.83
N VAL C 158 2.55 24.09 26.51
CA VAL C 158 3.10 22.85 25.88
C VAL C 158 2.08 22.31 24.89
N ALA C 159 0.85 22.06 25.35
CA ALA C 159 -0.26 21.50 24.52
C ALA C 159 -0.49 22.38 23.29
N ALA C 160 -0.55 23.70 23.47
CA ALA C 160 -0.98 24.67 22.44
C ALA C 160 0.16 25.00 21.48
N ASN C 161 1.42 24.95 21.92
CA ASN C 161 2.56 25.55 21.17
C ASN C 161 3.69 24.55 20.88
N MET C 162 3.74 23.39 21.55
CA MET C 162 4.90 22.45 21.45
C MET C 162 4.45 21.06 20.97
N LYS C 163 3.36 20.52 21.53
CA LYS C 163 2.99 19.08 21.41
C LYS C 163 2.82 18.66 19.94
N ASP C 164 2.02 19.40 19.17
CA ASP C 164 1.66 19.04 17.77
C ASP C 164 2.92 18.93 16.91
N ALA C 165 3.81 19.93 16.96
CA ALA C 165 5.08 19.96 16.22
C ALA C 165 5.93 18.73 16.58
N ILE C 166 6.02 18.41 17.88
CA ILE C 166 6.78 17.24 18.39
C ILE C 166 6.13 15.94 17.89
N SER C 167 4.79 15.88 17.87
CA SER C 167 4.01 14.67 17.46
C SER C 167 4.19 14.39 15.97
N ARG C 168 4.58 15.40 15.17
CA ARG C 168 4.82 15.29 13.71
C ARG C 168 6.32 15.22 13.40
N THR C 169 7.20 15.29 14.41
CA THR C 169 8.67 15.26 14.25
C THR C 169 9.09 13.86 13.79
N SER C 170 10.19 13.78 13.03
CA SER C 170 10.73 12.54 12.41
C SER C 170 10.97 11.46 13.47
N GLY C 171 10.24 10.33 13.37
CA GLY C 171 10.48 9.11 14.18
C GLY C 171 9.68 9.10 15.48
N VAL C 172 8.91 10.15 15.77
CA VAL C 172 8.06 10.25 16.99
C VAL C 172 6.77 9.45 16.75
N GLY C 173 6.57 8.39 17.54
CA GLY C 173 5.45 7.43 17.38
C GLY C 173 4.18 7.92 18.07
N ASP C 174 4.31 8.40 19.31
CA ASP C 174 3.17 8.81 20.17
C ASP C 174 3.67 9.79 21.23
N VAL C 175 2.85 10.78 21.59
CA VAL C 175 3.22 11.88 22.54
C VAL C 175 2.13 12.01 23.61
N GLN C 176 2.47 11.67 24.85
CA GLN C 176 1.59 11.77 26.05
C GLN C 176 1.88 13.10 26.76
N LEU C 177 0.88 13.99 26.86
CA LEU C 177 0.99 15.25 27.63
C LEU C 177 0.78 14.92 29.12
N PHE C 178 1.72 15.35 29.97
CA PHE C 178 1.63 15.19 31.45
C PHE C 178 1.00 16.46 32.03
N GLY C 179 -0.32 16.56 31.87
CA GLY C 179 -1.15 17.75 32.12
C GLY C 179 -2.30 17.81 31.14
N SER C 180 -2.84 19.01 30.90
CA SER C 180 -3.99 19.23 30.00
C SER C 180 -3.87 20.60 29.32
N GLN C 181 -4.36 20.70 28.09
CA GLN C 181 -4.57 22.00 27.38
C GLN C 181 -5.73 22.72 28.05
N TYR C 182 -5.70 24.05 28.10
CA TYR C 182 -6.83 24.87 28.60
C TYR C 182 -8.03 24.65 27.69
N ALA C 183 -9.22 24.55 28.28
CA ALA C 183 -10.53 24.70 27.63
C ALA C 183 -11.22 25.90 28.29
N MET C 184 -12.32 26.37 27.70
CA MET C 184 -13.22 27.36 28.36
C MET C 184 -14.12 26.60 29.34
N ARG C 185 -13.81 26.69 30.63
CA ARG C 185 -14.55 25.95 31.71
C ARG C 185 -15.70 26.82 32.22
N ILE C 186 -16.93 26.37 32.01
CA ILE C 186 -18.18 26.95 32.58
C ILE C 186 -18.51 26.15 33.84
N TRP C 187 -18.11 26.66 35.02
CA TRP C 187 -18.36 26.01 36.33
C TRP C 187 -19.73 26.46 36.85
N MET C 188 -20.76 25.64 36.66
CA MET C 188 -22.18 25.98 36.95
C MET C 188 -22.45 25.87 38.45
N ASN C 189 -23.33 26.73 38.96
CA ASN C 189 -23.83 26.73 40.36
C ASN C 189 -25.30 26.33 40.34
N PRO C 190 -25.69 25.16 40.90
CA PRO C 190 -27.06 24.65 40.77
C PRO C 190 -28.12 25.52 41.47
N ASN C 191 -27.72 26.27 42.51
CA ASN C 191 -28.62 27.14 43.32
C ASN C 191 -29.04 28.34 42.46
N GLU C 192 -28.07 29.00 41.82
CA GLU C 192 -28.31 30.20 40.96
C GLU C 192 -29.01 29.78 39.66
N LEU C 193 -28.80 28.54 39.19
CA LEU C 193 -29.56 27.96 38.06
C LEU C 193 -31.03 27.81 38.47
N ASN C 194 -31.28 27.28 39.67
CA ASN C 194 -32.63 27.06 40.24
C ASN C 194 -33.30 28.42 40.50
N LYS C 195 -32.53 29.43 40.90
CA LYS C 195 -33.02 30.79 41.25
C LYS C 195 -33.71 31.44 40.03
N PHE C 196 -33.13 31.27 38.84
CA PHE C 196 -33.63 31.85 37.56
C PHE C 196 -34.40 30.81 36.75
N GLN C 197 -34.77 29.68 37.36
CA GLN C 197 -35.48 28.55 36.71
C GLN C 197 -34.74 28.15 35.43
N LEU C 198 -33.51 27.64 35.57
CA LEU C 198 -32.64 27.22 34.44
C LEU C 198 -32.00 25.85 34.76
N THR C 199 -31.52 25.17 33.71
CA THR C 199 -30.77 23.88 33.79
C THR C 199 -29.51 24.01 32.94
N PRO C 200 -28.57 23.04 33.04
CA PRO C 200 -27.46 22.95 32.09
C PRO C 200 -27.90 22.90 30.62
N VAL C 201 -29.10 22.40 30.32
CA VAL C 201 -29.66 22.34 28.93
C VAL C 201 -29.73 23.77 28.37
N ASP C 202 -30.23 24.71 29.19
CA ASP C 202 -30.37 26.15 28.85
C ASP C 202 -28.98 26.75 28.61
N VAL C 203 -28.00 26.37 29.44
CA VAL C 203 -26.59 26.84 29.34
C VAL C 203 -25.98 26.33 28.02
N ILE C 204 -26.19 25.03 27.71
CA ILE C 204 -25.64 24.39 26.47
C ILE C 204 -26.29 25.04 25.25
N THR C 205 -27.63 25.12 25.21
CA THR C 205 -28.42 25.73 24.10
C THR C 205 -27.92 27.16 23.85
N ALA C 206 -27.69 27.92 24.93
CA ALA C 206 -27.23 29.33 24.86
C ALA C 206 -25.82 29.40 24.25
N ILE C 207 -24.92 28.52 24.67
CA ILE C 207 -23.48 28.54 24.26
C ILE C 207 -23.39 28.18 22.77
N LYS C 208 -24.15 27.18 22.31
CA LYS C 208 -24.18 26.77 20.88
C LYS C 208 -24.72 27.93 20.02
N ALA C 209 -25.70 28.66 20.55
CA ALA C 209 -26.38 29.79 19.87
C ALA C 209 -25.44 31.01 19.76
N GLN C 210 -24.68 31.31 20.82
CA GLN C 210 -23.93 32.60 20.96
C GLN C 210 -22.42 32.38 20.87
N ASN C 211 -21.94 31.13 20.84
CA ASN C 211 -20.55 30.77 20.45
C ASN C 211 -20.62 29.95 19.15
N ALA C 212 -20.93 30.62 18.04
CA ALA C 212 -21.15 30.01 16.71
C ALA C 212 -20.16 30.62 15.70
N GLN C 213 -19.88 29.88 14.63
CA GLN C 213 -19.09 30.34 13.46
C GLN C 213 -19.92 30.06 12.21
N VAL C 214 -20.68 31.07 11.76
CA VAL C 214 -21.73 30.95 10.70
C VAL C 214 -21.10 31.18 9.33
N ALA C 215 -21.42 30.29 8.37
CA ALA C 215 -21.26 30.52 6.91
C ALA C 215 -22.45 31.35 6.43
N ALA C 216 -22.21 32.62 6.08
CA ALA C 216 -23.26 33.63 5.79
C ALA C 216 -23.28 34.04 4.31
N GLY C 217 -22.32 33.59 3.50
CA GLY C 217 -22.31 33.78 2.04
C GLY C 217 -21.63 35.08 1.63
N GLN C 218 -22.03 35.64 0.48
CA GLN C 218 -21.35 36.80 -0.16
C GLN C 218 -22.37 37.80 -0.72
N LEU C 219 -21.95 39.07 -0.82
CA LEU C 219 -22.52 40.09 -1.71
C LEU C 219 -21.82 39.95 -3.07
N GLY C 220 -22.59 39.93 -4.17
CA GLY C 220 -22.06 39.86 -5.55
C GLY C 220 -21.40 38.53 -5.85
N GLY C 221 -21.85 37.46 -5.19
CA GLY C 221 -21.34 36.08 -5.39
C GLY C 221 -21.93 35.48 -6.65
N THR C 222 -21.26 34.46 -7.20
CA THR C 222 -21.66 33.76 -8.47
C THR C 222 -22.91 32.93 -8.22
N PRO C 223 -23.87 32.87 -9.17
CA PRO C 223 -23.85 33.71 -10.37
C PRO C 223 -24.30 35.14 -10.05
N PRO C 224 -23.58 36.17 -10.56
CA PRO C 224 -23.93 37.55 -10.26
C PRO C 224 -24.89 38.14 -11.31
N VAL C 225 -25.59 39.23 -10.96
CA VAL C 225 -26.22 40.13 -11.95
C VAL C 225 -25.08 40.83 -12.69
N LYS C 226 -24.98 40.64 -14.01
CA LYS C 226 -23.86 41.18 -14.84
C LYS C 226 -23.84 42.69 -14.69
N GLY C 227 -22.67 43.26 -14.41
CA GLY C 227 -22.46 44.69 -14.11
C GLY C 227 -22.19 44.94 -12.64
N GLN C 228 -22.22 43.89 -11.81
CA GLN C 228 -21.87 43.95 -10.36
C GLN C 228 -20.45 44.48 -10.20
N GLN C 229 -20.23 45.41 -9.26
CA GLN C 229 -18.91 46.01 -8.94
C GLN C 229 -18.35 45.38 -7.66
N LEU C 230 -19.21 45.15 -6.66
CA LEU C 230 -18.82 44.71 -5.29
C LEU C 230 -18.86 43.18 -5.21
N ASN C 231 -17.76 42.58 -4.73
CA ASN C 231 -17.70 41.15 -4.31
C ASN C 231 -17.10 41.09 -2.90
N ALA C 232 -17.95 40.98 -1.88
CA ALA C 232 -17.57 40.98 -0.45
C ALA C 232 -18.17 39.78 0.27
N SER C 233 -17.36 39.12 1.12
CA SER C 233 -17.79 38.07 2.08
C SER C 233 -18.73 38.70 3.12
N ILE C 234 -19.82 38.02 3.45
CA ILE C 234 -20.69 38.39 4.61
C ILE C 234 -20.13 37.66 5.84
N ILE C 235 -19.74 38.42 6.87
CA ILE C 235 -19.26 37.89 8.17
C ILE C 235 -20.38 38.05 9.20
N ALA C 236 -20.94 36.93 9.68
CA ALA C 236 -21.94 36.89 10.77
C ALA C 236 -21.19 36.60 12.09
N GLN C 237 -21.74 35.73 12.92
CA GLN C 237 -21.15 35.37 14.24
C GLN C 237 -19.79 34.69 14.03
N THR C 238 -18.82 34.99 14.89
CA THR C 238 -17.52 34.31 15.01
C THR C 238 -17.42 33.67 16.41
N ARG C 239 -16.55 32.68 16.55
CA ARG C 239 -16.30 31.97 17.84
C ARG C 239 -15.85 33.01 18.87
N LEU C 240 -16.40 32.95 20.09
CA LEU C 240 -15.96 33.77 21.24
C LEU C 240 -14.50 33.43 21.56
N THR C 241 -13.74 34.39 22.11
CA THR C 241 -12.25 34.32 22.20
C THR C 241 -11.74 34.49 23.63
N SER C 242 -12.63 34.69 24.61
CA SER C 242 -12.26 35.11 26.00
C SER C 242 -13.35 34.76 27.01
N THR C 243 -13.00 34.77 28.30
CA THR C 243 -13.92 34.51 29.44
C THR C 243 -14.94 35.66 29.54
N GLU C 244 -14.50 36.90 29.28
CA GLU C 244 -15.35 38.11 29.30
C GLU C 244 -16.57 37.89 28.40
N GLU C 245 -16.34 37.42 27.17
CA GLU C 245 -17.38 37.24 26.12
C GLU C 245 -18.33 36.12 26.51
N PHE C 246 -17.80 35.00 27.03
CA PHE C 246 -18.61 33.84 27.49
C PHE C 246 -19.49 34.27 28.67
N GLY C 247 -18.95 35.13 29.55
CA GLY C 247 -19.64 35.66 30.74
C GLY C 247 -20.91 36.43 30.37
N LYS C 248 -20.85 37.24 29.31
CA LYS C 248 -21.97 38.13 28.89
C LYS C 248 -22.88 37.43 27.88
N ILE C 249 -22.79 36.09 27.73
CA ILE C 249 -23.78 35.27 26.99
C ILE C 249 -25.13 35.44 27.68
N LEU C 250 -26.18 35.77 26.92
CA LEU C 250 -27.55 36.03 27.42
C LEU C 250 -28.32 34.71 27.50
N LEU C 251 -28.72 34.29 28.70
CA LEU C 251 -29.51 33.06 28.94
C LEU C 251 -31.00 33.36 28.78
N LYS C 252 -31.48 34.46 29.40
CA LYS C 252 -32.89 34.91 29.30
C LYS C 252 -33.01 36.38 29.68
N VAL C 253 -34.14 37.01 29.31
CA VAL C 253 -34.57 38.36 29.76
C VAL C 253 -35.81 38.16 30.63
N ASN C 254 -35.82 38.73 31.85
CA ASN C 254 -36.93 38.59 32.83
C ASN C 254 -38.07 39.55 32.45
N GLN C 255 -39.23 39.38 33.08
CA GLN C 255 -40.46 40.21 32.87
C GLN C 255 -40.16 41.67 33.21
N ASP C 256 -39.33 41.93 34.22
CA ASP C 256 -39.03 43.30 34.73
C ASP C 256 -37.91 43.96 33.91
N GLY C 257 -37.42 43.30 32.86
CA GLY C 257 -36.47 43.88 31.88
C GLY C 257 -35.02 43.51 32.17
N SER C 258 -34.71 43.06 33.39
CA SER C 258 -33.35 42.65 33.83
C SER C 258 -32.93 41.38 33.06
N ARG C 259 -31.63 41.23 32.81
CA ARG C 259 -31.04 40.12 32.02
C ARG C 259 -30.33 39.14 32.95
N VAL C 260 -30.40 37.84 32.62
CA VAL C 260 -29.62 36.73 33.25
C VAL C 260 -28.48 36.37 32.30
N LEU C 261 -27.26 36.78 32.64
CA LEU C 261 -26.02 36.42 31.88
C LEU C 261 -25.48 35.10 32.43
N LEU C 262 -24.53 34.48 31.71
CA LEU C 262 -23.96 33.15 32.07
C LEU C 262 -23.10 33.29 33.34
N ARG C 263 -22.44 34.43 33.52
CA ARG C 263 -21.57 34.74 34.69
C ARG C 263 -22.43 34.88 35.96
N ASP C 264 -23.76 34.98 35.82
CA ASP C 264 -24.71 35.09 36.96
C ASP C 264 -25.08 33.71 37.49
N VAL C 265 -24.83 32.63 36.73
CA VAL C 265 -25.16 31.23 37.16
C VAL C 265 -23.89 30.35 37.17
N ALA C 266 -22.73 30.88 36.77
CA ALA C 266 -21.48 30.09 36.64
C ALA C 266 -20.24 30.98 36.76
N LYS C 267 -19.10 30.36 37.09
CA LYS C 267 -17.75 30.98 37.08
C LYS C 267 -17.09 30.63 35.74
N ILE C 268 -16.64 31.65 35.00
CA ILE C 268 -16.00 31.51 33.66
C ILE C 268 -14.49 31.65 33.86
N GLU C 269 -13.71 30.66 33.41
CA GLU C 269 -12.22 30.69 33.48
C GLU C 269 -11.63 29.69 32.49
N LEU C 270 -10.46 30.01 31.93
CA LEU C 270 -9.58 29.03 31.24
C LEU C 270 -9.14 27.99 32.28
N GLY C 271 -9.33 26.71 31.96
CA GLY C 271 -8.93 25.57 32.80
C GLY C 271 -8.76 24.31 31.96
N GLY C 272 -8.10 23.29 32.50
CA GLY C 272 -7.76 22.04 31.79
C GLY C 272 -9.00 21.38 31.19
N GLU C 273 -8.82 20.66 30.07
CA GLU C 273 -9.84 19.76 29.49
C GLU C 273 -10.21 18.69 30.53
N ASN C 274 -9.19 18.12 31.19
CA ASN C 274 -9.33 17.29 32.41
C ASN C 274 -8.25 17.69 33.42
N TYR C 275 -8.44 17.33 34.69
CA TYR C 275 -7.58 17.72 35.84
C TYR C 275 -7.00 16.46 36.51
N ASP C 276 -6.96 15.33 35.81
CA ASP C 276 -6.53 14.03 36.37
C ASP C 276 -5.01 14.01 36.52
N ILE C 277 -4.27 14.40 35.47
CA ILE C 277 -2.78 14.31 35.42
C ILE C 277 -2.18 15.58 36.02
N ILE C 278 -1.36 15.42 37.07
CA ILE C 278 -0.55 16.49 37.72
C ILE C 278 0.88 15.97 37.87
N ALA C 279 1.83 16.63 37.20
CA ALA C 279 3.27 16.25 37.17
C ALA C 279 4.06 17.15 38.12
N GLU C 280 5.25 16.69 38.50
CA GLU C 280 6.14 17.34 39.49
C GLU C 280 7.59 16.95 39.18
N PHE C 281 8.48 17.95 39.03
CA PHE C 281 9.92 17.76 38.72
C PHE C 281 10.76 18.15 39.94
N ASN C 282 11.20 17.15 40.71
CA ASN C 282 12.02 17.30 41.95
C ASN C 282 11.22 18.07 43.01
N GLY C 283 9.89 17.88 43.05
CA GLY C 283 8.99 18.52 44.03
C GLY C 283 8.41 19.83 43.53
N GLN C 284 8.95 20.38 42.44
CA GLN C 284 8.54 21.67 41.83
C GLN C 284 7.45 21.42 40.79
N PRO C 285 6.37 22.24 40.74
CA PRO C 285 5.32 22.07 39.72
C PRO C 285 5.89 22.07 38.29
N ALA C 286 5.42 21.13 37.46
CA ALA C 286 5.94 20.91 36.09
C ALA C 286 4.83 20.36 35.18
N SER C 287 5.07 20.46 33.87
CA SER C 287 4.40 19.68 32.79
C SER C 287 5.48 18.91 32.03
N GLY C 288 5.10 18.18 30.99
CA GLY C 288 6.06 17.49 30.11
C GLY C 288 5.39 16.69 29.02
N LEU C 289 6.21 16.13 28.12
CA LEU C 289 5.79 15.23 27.03
C LEU C 289 6.46 13.87 27.23
N GLY C 290 5.66 12.81 27.36
CA GLY C 290 6.11 11.41 27.29
C GLY C 290 6.17 10.95 25.85
N ILE C 291 7.36 10.98 25.25
CA ILE C 291 7.58 10.70 23.80
C ILE C 291 7.92 9.22 23.63
N LYS C 292 7.30 8.57 22.64
CA LYS C 292 7.56 7.17 22.23
C LYS C 292 8.17 7.15 20.83
N LEU C 293 9.10 6.22 20.61
CA LEU C 293 9.76 5.97 19.30
C LEU C 293 8.75 5.25 18.39
N ALA C 294 8.64 5.68 17.13
CA ALA C 294 7.78 5.05 16.10
C ALA C 294 8.39 3.69 15.72
N THR C 295 7.53 2.74 15.31
CA THR C 295 7.93 1.39 14.83
C THR C 295 9.02 1.54 13.77
N GLY C 296 10.19 0.96 14.00
CA GLY C 296 11.30 0.86 13.02
C GLY C 296 12.11 2.14 12.90
N ALA C 297 11.80 3.18 13.69
CA ALA C 297 12.54 4.47 13.71
C ALA C 297 13.82 4.31 14.52
N ALA C 298 14.80 5.19 14.27
CA ALA C 298 16.13 5.20 14.93
C ALA C 298 16.10 6.09 16.17
N ALA C 299 16.52 5.54 17.32
CA ALA C 299 16.44 6.18 18.66
C ALA C 299 17.26 7.48 18.68
N LEU C 300 18.51 7.44 18.24
CA LEU C 300 19.46 8.59 18.27
C LEU C 300 18.98 9.70 17.32
N ASP C 301 18.60 9.33 16.08
CA ASP C 301 18.12 10.28 15.04
C ASP C 301 16.85 11.00 15.55
N THR C 302 15.91 10.25 16.11
CA THR C 302 14.64 10.78 16.69
C THR C 302 14.97 11.71 17.85
N ALA C 303 15.88 11.31 18.73
CA ALA C 303 16.32 12.10 19.91
C ALA C 303 16.90 13.45 19.44
N ALA C 304 17.75 13.41 18.41
CA ALA C 304 18.40 14.59 17.80
C ALA C 304 17.35 15.49 17.15
N ALA C 305 16.32 14.89 16.54
CA ALA C 305 15.22 15.59 15.85
C ALA C 305 14.34 16.32 16.88
N ILE C 306 14.05 15.68 18.01
CA ILE C 306 13.26 16.27 19.13
C ILE C 306 14.01 17.47 19.68
N ARG C 307 15.35 17.39 19.79
CA ARG C 307 16.22 18.46 20.33
C ARG C 307 16.33 19.60 19.31
N ALA C 308 16.49 19.28 18.03
CA ALA C 308 16.53 20.26 16.91
C ALA C 308 15.22 21.05 16.89
N GLU C 309 14.09 20.37 17.03
CA GLU C 309 12.73 20.95 16.97
C GLU C 309 12.47 21.80 18.22
N LEU C 310 12.90 21.33 19.40
CA LEU C 310 12.73 22.08 20.69
C LEU C 310 13.59 23.34 20.67
N ALA C 311 14.77 23.29 20.03
CA ALA C 311 15.72 24.42 19.88
C ALA C 311 15.08 25.55 19.05
N LYS C 312 14.28 25.19 18.03
CA LYS C 312 13.55 26.15 17.15
C LYS C 312 12.48 26.88 17.97
N MET C 313 11.88 26.21 18.97
CA MET C 313 10.75 26.73 19.77
C MET C 313 11.25 27.67 20.88
N GLU C 314 12.37 27.33 21.53
CA GLU C 314 12.89 27.99 22.76
C GLU C 314 12.86 29.51 22.62
N PRO C 315 13.39 30.10 21.51
CA PRO C 315 13.41 31.54 21.34
C PRO C 315 12.06 32.27 21.46
N PHE C 316 10.94 31.57 21.33
CA PHE C 316 9.56 32.16 21.34
C PHE C 316 8.83 31.80 22.65
N PHE C 317 9.55 31.31 23.67
CA PHE C 317 8.99 30.93 24.98
C PHE C 317 8.67 32.18 25.80
N PRO C 318 7.68 32.12 26.72
CA PRO C 318 7.48 33.18 27.71
C PRO C 318 8.64 33.26 28.70
N SER C 319 8.60 34.27 29.58
CA SER C 319 9.62 34.56 30.62
C SER C 319 9.86 33.31 31.49
N GLY C 320 11.09 32.80 31.46
CA GLY C 320 11.59 31.77 32.40
C GLY C 320 10.86 30.44 32.29
N LEU C 321 10.35 30.11 31.10
CA LEU C 321 9.93 28.72 30.76
C LEU C 321 11.19 27.95 30.34
N LYS C 322 11.56 26.92 31.10
CA LYS C 322 12.80 26.13 30.85
C LYS C 322 12.42 24.68 30.55
N ILE C 323 12.99 24.12 29.47
CA ILE C 323 12.93 22.66 29.18
C ILE C 323 13.99 21.97 30.05
N VAL C 324 13.60 20.88 30.70
CA VAL C 324 14.51 19.98 31.48
C VAL C 324 14.34 18.56 30.94
N TYR C 325 15.34 17.69 31.16
CA TYR C 325 15.41 16.33 30.59
C TYR C 325 15.48 15.32 31.74
N PRO C 326 14.35 15.08 32.44
CA PRO C 326 14.31 14.20 33.62
C PRO C 326 14.43 12.69 33.39
N TYR C 327 14.31 12.21 32.14
CA TYR C 327 14.29 10.77 31.80
C TYR C 327 14.58 10.59 30.31
N ASP C 328 15.71 9.98 29.97
CA ASP C 328 16.18 9.78 28.57
C ASP C 328 16.97 8.46 28.51
N THR C 329 16.61 7.58 27.56
CA THR C 329 17.28 6.28 27.33
C THR C 329 18.55 6.47 26.47
N THR C 330 18.63 7.56 25.71
CA THR C 330 19.62 7.73 24.60
C THR C 330 21.02 8.04 25.13
N PRO C 331 21.20 8.70 26.31
CA PRO C 331 22.53 8.79 26.91
C PRO C 331 23.19 7.42 27.15
N PHE C 332 22.41 6.41 27.55
CA PHE C 332 22.89 5.01 27.72
C PHE C 332 23.32 4.43 26.37
N VAL C 333 22.52 4.68 25.32
CA VAL C 333 22.82 4.24 23.92
C VAL C 333 24.20 4.79 23.54
N LYS C 334 24.41 6.10 23.67
CA LYS C 334 25.67 6.80 23.29
C LYS C 334 26.86 6.17 24.03
N ILE C 335 26.76 6.03 25.36
CA ILE C 335 27.91 5.56 26.21
C ILE C 335 28.19 4.08 25.92
N SER C 336 27.15 3.25 25.76
CA SER C 336 27.31 1.77 25.55
C SER C 336 27.96 1.50 24.19
N ILE C 337 27.70 2.34 23.17
CA ILE C 337 28.35 2.25 21.83
C ILE C 337 29.83 2.63 21.99
N HIS C 338 30.12 3.71 22.71
CA HIS C 338 31.50 4.20 23.00
C HIS C 338 32.30 3.08 23.68
N GLU C 339 31.70 2.37 24.63
CA GLU C 339 32.37 1.32 25.45
C GLU C 339 32.66 0.08 24.58
N VAL C 340 31.85 -0.19 23.55
CA VAL C 340 32.10 -1.30 22.59
C VAL C 340 33.25 -0.90 21.67
N VAL C 341 33.27 0.35 21.20
CA VAL C 341 34.36 0.92 20.35
C VAL C 341 35.67 0.83 21.14
N LYS C 342 35.64 1.16 22.42
CA LYS C 342 36.80 1.01 23.35
C LYS C 342 37.25 -0.46 23.36
N THR C 343 36.31 -1.38 23.58
CA THR C 343 36.56 -2.85 23.63
C THR C 343 37.17 -3.34 22.32
N LEU C 344 36.65 -2.85 21.17
CA LEU C 344 37.09 -3.29 19.81
C LEU C 344 38.51 -2.80 19.54
N VAL C 345 38.84 -1.55 19.91
CA VAL C 345 40.19 -0.94 19.75
C VAL C 345 41.17 -1.68 20.68
N GLU C 346 40.74 -1.96 21.92
CA GLU C 346 41.55 -2.73 22.91
C GLU C 346 41.82 -4.13 22.39
N ALA C 347 40.81 -4.76 21.76
CA ALA C 347 40.90 -6.13 21.17
C ALA C 347 41.96 -6.14 20.07
N ILE C 348 42.00 -5.11 19.21
CA ILE C 348 42.96 -4.99 18.07
C ILE C 348 44.38 -4.80 18.63
N ILE C 349 44.53 -4.01 19.70
CA ILE C 349 45.85 -3.75 20.36
C ILE C 349 46.37 -5.05 20.97
N LEU C 350 45.52 -5.80 21.68
CA LEU C 350 45.92 -7.06 22.38
C LEU C 350 46.26 -8.14 21.34
N VAL C 351 45.49 -8.25 20.26
CA VAL C 351 45.74 -9.23 19.15
C VAL C 351 47.08 -8.89 18.48
N PHE C 352 47.39 -7.60 18.32
CA PHE C 352 48.67 -7.11 17.77
C PHE C 352 49.82 -7.57 18.67
N LEU C 353 49.66 -7.44 19.99
CA LEU C 353 50.71 -7.80 20.99
C LEU C 353 50.93 -9.32 21.00
N VAL C 354 49.87 -10.11 20.84
CA VAL C 354 49.96 -11.60 20.79
C VAL C 354 50.80 -11.99 19.56
N MET C 355 50.50 -11.42 18.40
CA MET C 355 51.22 -11.69 17.13
C MET C 355 52.66 -11.19 17.24
N TYR C 356 52.88 -10.06 17.93
CA TYR C 356 54.22 -9.46 18.16
C TYR C 356 55.06 -10.42 19.03
N LEU C 357 54.45 -10.99 20.08
CA LEU C 357 55.12 -11.93 21.03
C LEU C 357 55.77 -13.08 20.23
N PHE C 358 55.03 -13.68 19.29
CA PHE C 358 55.43 -14.93 18.58
C PHE C 358 56.31 -14.59 17.37
N LEU C 359 55.96 -13.57 16.57
CA LEU C 359 56.65 -13.25 15.29
C LEU C 359 57.87 -12.35 15.54
N GLN C 360 57.80 -11.47 16.55
CA GLN C 360 58.96 -10.79 17.19
C GLN C 360 59.52 -9.69 16.26
N ASN C 361 59.97 -10.03 15.05
CA ASN C 361 60.47 -9.05 14.04
C ASN C 361 59.29 -8.17 13.60
N PHE C 362 59.56 -6.88 13.33
CA PHE C 362 58.52 -5.87 13.01
C PHE C 362 57.90 -6.14 11.63
N ARG C 363 58.71 -6.60 10.67
CA ARG C 363 58.28 -6.90 9.28
C ARG C 363 57.36 -8.12 9.26
N ALA C 364 57.73 -9.19 9.96
CA ALA C 364 56.97 -10.46 10.08
C ALA C 364 55.62 -10.19 10.76
N THR C 365 55.60 -9.32 11.79
CA THR C 365 54.40 -8.97 12.60
C THR C 365 53.42 -8.13 11.78
N LEU C 366 53.94 -7.22 10.95
CA LEU C 366 53.11 -6.26 10.17
C LEU C 366 52.23 -7.02 9.16
N ILE C 367 52.74 -8.10 8.57
CA ILE C 367 52.09 -8.83 7.45
C ILE C 367 50.69 -9.28 7.86
N PRO C 368 50.51 -10.04 8.97
CA PRO C 368 49.16 -10.40 9.43
C PRO C 368 48.39 -9.26 10.10
N THR C 369 49.09 -8.23 10.60
CA THR C 369 48.47 -7.02 11.20
C THR C 369 47.68 -6.25 10.12
N ILE C 370 48.19 -6.25 8.88
CA ILE C 370 47.59 -5.52 7.72
C ILE C 370 46.23 -6.12 7.37
N ALA C 371 46.00 -7.40 7.69
CA ALA C 371 44.72 -8.11 7.45
C ALA C 371 43.60 -7.49 8.30
N VAL C 372 43.92 -6.86 9.44
CA VAL C 372 42.92 -6.28 10.38
C VAL C 372 42.17 -5.14 9.69
N PRO C 373 42.84 -4.05 9.22
CA PRO C 373 42.13 -2.99 8.52
C PRO C 373 41.42 -3.48 7.24
N VAL C 374 42.10 -4.32 6.44
CA VAL C 374 41.59 -4.81 5.13
C VAL C 374 40.28 -5.59 5.36
N VAL C 375 40.26 -6.51 6.33
CA VAL C 375 39.07 -7.38 6.60
C VAL C 375 37.96 -6.55 7.24
N LEU C 376 38.27 -5.73 8.26
CA LEU C 376 37.26 -4.95 9.02
C LEU C 376 36.58 -3.93 8.10
N LEU C 377 37.36 -3.12 7.37
CA LEU C 377 36.83 -2.14 6.40
C LEU C 377 36.00 -2.89 5.33
N GLY C 378 36.52 -3.99 4.81
CA GLY C 378 35.79 -4.89 3.90
C GLY C 378 34.44 -5.30 4.49
N THR C 379 34.41 -5.65 5.78
CA THR C 379 33.21 -6.10 6.52
C THR C 379 32.21 -4.94 6.60
N PHE C 380 32.68 -3.74 6.98
CA PHE C 380 31.87 -2.49 7.04
C PHE C 380 31.17 -2.25 5.70
N ALA C 381 31.90 -2.48 4.60
CA ALA C 381 31.41 -2.32 3.21
C ALA C 381 30.29 -3.33 2.94
N VAL C 382 30.40 -4.56 3.44
CA VAL C 382 29.37 -5.63 3.26
C VAL C 382 28.13 -5.28 4.08
N LEU C 383 28.30 -4.76 5.32
CA LEU C 383 27.18 -4.30 6.18
C LEU C 383 26.35 -3.26 5.40
N ALA C 384 27.04 -2.23 4.87
CA ALA C 384 26.44 -1.11 4.10
C ALA C 384 25.67 -1.64 2.89
N ALA C 385 26.25 -2.61 2.17
CA ALA C 385 25.69 -3.21 0.94
C ALA C 385 24.40 -3.98 1.27
N PHE C 386 24.31 -4.58 2.47
CA PHE C 386 23.16 -5.41 2.91
C PHE C 386 22.25 -4.62 3.86
N GLY C 387 22.52 -3.33 4.08
CA GLY C 387 21.64 -2.39 4.80
C GLY C 387 21.62 -2.64 6.30
N PHE C 388 22.74 -3.09 6.87
CA PHE C 388 22.95 -3.24 8.33
C PHE C 388 23.56 -1.94 8.88
N SER C 389 23.37 -1.69 10.17
CA SER C 389 23.89 -0.50 10.90
C SER C 389 25.14 -0.90 11.69
N ILE C 390 25.98 0.09 12.02
CA ILE C 390 27.06 -0.04 13.04
C ILE C 390 26.38 0.02 14.42
N ASN C 391 26.04 -1.16 14.96
CA ASN C 391 25.37 -1.31 16.27
C ASN C 391 26.25 -2.17 17.19
N THR C 392 25.85 -2.34 18.45
CA THR C 392 26.60 -3.08 19.49
C THR C 392 26.72 -4.55 19.09
N LEU C 393 25.68 -5.12 18.46
CA LEU C 393 25.62 -6.57 18.11
C LEU C 393 26.56 -6.88 16.93
N THR C 394 26.58 -6.02 15.90
CA THR C 394 27.48 -6.15 14.72
C THR C 394 28.93 -5.92 15.15
N MET C 395 29.16 -5.07 16.15
CA MET C 395 30.53 -4.71 16.62
C MET C 395 31.02 -5.77 17.62
N PHE C 396 30.14 -6.42 18.39
CA PHE C 396 30.47 -7.63 19.17
C PHE C 396 30.97 -8.71 18.20
N GLY C 397 30.28 -8.86 17.07
CA GLY C 397 30.71 -9.71 15.94
C GLY C 397 32.14 -9.40 15.51
N MET C 398 32.50 -8.12 15.43
CA MET C 398 33.84 -7.66 15.00
C MET C 398 34.88 -7.95 16.09
N VAL C 399 34.52 -7.83 17.38
CA VAL C 399 35.44 -8.15 18.51
C VAL C 399 35.79 -9.64 18.46
N LEU C 400 34.78 -10.51 18.31
CA LEU C 400 34.96 -11.98 18.13
C LEU C 400 35.85 -12.22 16.89
N ALA C 401 35.67 -11.43 15.84
CA ALA C 401 36.32 -11.62 14.51
C ALA C 401 37.82 -11.30 14.59
N ILE C 402 38.24 -10.31 15.39
CA ILE C 402 39.65 -9.81 15.38
C ILE C 402 40.60 -11.00 15.57
N GLY C 403 40.32 -11.84 16.57
CA GLY C 403 41.15 -13.00 16.95
C GLY C 403 41.11 -14.11 15.92
N LEU C 404 40.15 -14.08 14.98
CA LEU C 404 39.91 -15.14 13.97
C LEU C 404 40.36 -14.70 12.57
N LEU C 405 40.14 -13.43 12.20
CA LEU C 405 40.44 -12.94 10.82
C LEU C 405 41.96 -12.90 10.59
N VAL C 406 42.77 -12.85 11.64
CA VAL C 406 44.26 -12.85 11.55
C VAL C 406 44.76 -14.30 11.38
N ASP C 407 43.96 -15.31 11.75
CA ASP C 407 44.40 -16.72 11.86
C ASP C 407 45.05 -17.20 10.56
N ASP C 408 44.33 -17.12 9.44
CA ASP C 408 44.82 -17.61 8.12
C ASP C 408 46.14 -16.92 7.77
N ALA C 409 46.22 -15.59 7.94
CA ALA C 409 47.43 -14.78 7.68
C ALA C 409 48.59 -15.31 8.53
N ILE C 410 48.36 -15.52 9.84
CA ILE C 410 49.36 -16.06 10.80
C ILE C 410 49.83 -17.43 10.31
N VAL C 411 48.90 -18.33 9.98
CA VAL C 411 49.21 -19.72 9.51
C VAL C 411 50.14 -19.64 8.30
N VAL C 412 49.92 -18.68 7.39
CA VAL C 412 50.77 -18.46 6.17
C VAL C 412 52.16 -18.01 6.63
N VAL C 413 52.24 -16.86 7.33
CA VAL C 413 53.51 -16.20 7.75
C VAL C 413 54.33 -17.17 8.60
N GLU C 414 53.68 -17.93 9.50
CA GLU C 414 54.36 -18.89 10.41
C GLU C 414 54.95 -20.04 9.58
N ASN C 415 54.16 -20.61 8.66
CA ASN C 415 54.56 -21.76 7.81
C ASN C 415 55.75 -21.37 6.93
N VAL C 416 55.80 -20.12 6.44
CA VAL C 416 56.91 -19.61 5.59
C VAL C 416 58.19 -19.54 6.44
N GLU C 417 58.11 -18.95 7.63
CA GLU C 417 59.27 -18.79 8.56
C GLU C 417 59.77 -20.17 9.01
N ARG C 418 58.89 -21.16 9.13
CA ARG C 418 59.25 -22.56 9.48
C ARG C 418 60.06 -23.16 8.32
N VAL C 419 59.56 -23.02 7.08
CA VAL C 419 60.17 -23.59 5.84
C VAL C 419 61.56 -22.96 5.63
N MET C 420 61.73 -21.68 5.98
CA MET C 420 63.04 -20.98 5.90
C MET C 420 63.98 -21.52 6.98
N ALA C 421 63.45 -21.84 8.18
CA ALA C 421 64.22 -22.39 9.32
C ALA C 421 64.67 -23.83 9.03
N GLU C 422 63.82 -24.62 8.37
CA GLU C 422 64.06 -26.07 8.12
C GLU C 422 64.96 -26.27 6.88
N GLU C 423 64.66 -25.59 5.78
CA GLU C 423 65.29 -25.84 4.45
C GLU C 423 66.23 -24.70 4.04
N GLY C 424 66.21 -23.56 4.72
CA GLY C 424 67.12 -22.42 4.45
C GLY C 424 66.83 -21.73 3.13
N LEU C 425 65.61 -21.87 2.60
CA LEU C 425 65.17 -21.30 1.29
C LEU C 425 65.03 -19.79 1.42
N PRO C 426 65.17 -19.02 0.31
CA PRO C 426 64.78 -17.61 0.29
C PRO C 426 63.29 -17.37 0.53
N PRO C 427 62.90 -16.17 1.00
CA PRO C 427 61.49 -15.84 1.27
C PRO C 427 60.49 -16.26 0.19
N LYS C 428 60.80 -15.98 -1.09
CA LYS C 428 59.88 -16.24 -2.23
C LYS C 428 59.71 -17.76 -2.43
N GLU C 429 60.82 -18.51 -2.46
CA GLU C 429 60.81 -19.99 -2.68
C GLU C 429 60.06 -20.66 -1.52
N ALA C 430 60.25 -20.16 -0.29
CA ALA C 430 59.60 -20.65 0.94
C ALA C 430 58.09 -20.45 0.86
N THR C 431 57.64 -19.26 0.43
CA THR C 431 56.21 -18.89 0.31
C THR C 431 55.54 -19.78 -0.74
N ARG C 432 56.13 -19.90 -1.94
CA ARG C 432 55.61 -20.73 -3.05
C ARG C 432 55.37 -22.17 -2.54
N LYS C 433 56.35 -22.72 -1.81
CA LYS C 433 56.27 -24.08 -1.21
C LYS C 433 55.20 -24.10 -0.12
N SER C 434 55.20 -23.09 0.76
CA SER C 434 54.29 -22.97 1.94
C SER C 434 52.83 -23.05 1.50
N MET C 435 52.42 -22.22 0.52
CA MET C 435 51.01 -22.10 0.06
C MET C 435 50.50 -23.47 -0.42
N GLY C 436 51.37 -24.27 -1.05
CA GLY C 436 51.03 -25.59 -1.61
C GLY C 436 50.64 -26.61 -0.56
N GLN C 437 51.00 -26.40 0.71
CA GLN C 437 50.79 -27.39 1.80
C GLN C 437 49.87 -26.83 2.91
N ILE C 438 49.35 -25.61 2.78
CA ILE C 438 48.50 -24.98 3.84
C ILE C 438 47.11 -24.59 3.31
N GLN C 439 46.92 -24.43 1.99
CA GLN C 439 45.64 -23.95 1.40
C GLN C 439 44.45 -24.71 2.01
N GLY C 440 44.58 -26.02 2.17
CA GLY C 440 43.54 -26.89 2.76
C GLY C 440 43.12 -26.44 4.15
N ALA C 441 44.08 -26.03 4.98
CA ALA C 441 43.86 -25.51 6.35
C ALA C 441 43.24 -24.12 6.27
N LEU C 442 43.80 -23.22 5.46
CA LEU C 442 43.35 -21.81 5.30
C LEU C 442 41.86 -21.79 4.91
N VAL C 443 41.46 -22.63 3.96
CA VAL C 443 40.06 -22.71 3.44
C VAL C 443 39.16 -23.36 4.50
N GLY C 444 39.66 -24.40 5.18
CA GLY C 444 38.92 -25.13 6.24
C GLY C 444 38.57 -24.24 7.40
N ILE C 445 39.55 -23.46 7.91
CA ILE C 445 39.38 -22.52 9.05
C ILE C 445 38.26 -21.54 8.73
N ALA C 446 38.35 -20.85 7.59
CA ALA C 446 37.37 -19.86 7.10
C ALA C 446 36.00 -20.53 6.89
N MET C 447 35.98 -21.77 6.40
CA MET C 447 34.74 -22.52 6.09
C MET C 447 33.95 -22.79 7.37
N VAL C 448 34.58 -23.41 8.38
CA VAL C 448 33.89 -23.87 9.63
C VAL C 448 33.45 -22.66 10.46
N LEU C 449 34.26 -21.59 10.50
CA LEU C 449 33.96 -20.36 11.27
C LEU C 449 33.00 -19.45 10.48
N SER C 450 32.70 -19.78 9.22
CA SER C 450 31.65 -19.14 8.40
C SER C 450 30.35 -19.95 8.54
N ALA C 451 30.42 -21.23 8.18
CA ALA C 451 29.26 -22.14 8.00
C ALA C 451 28.47 -22.28 9.30
N VAL C 452 29.12 -22.17 10.46
CA VAL C 452 28.49 -22.37 11.80
C VAL C 452 27.53 -21.22 12.10
N PHE C 453 27.75 -20.03 11.51
CA PHE C 453 26.93 -18.81 11.72
C PHE C 453 25.89 -18.64 10.60
N VAL C 454 25.80 -19.59 9.66
CA VAL C 454 24.87 -19.49 8.49
C VAL C 454 23.46 -19.93 8.90
N PRO C 455 23.25 -21.14 9.47
CA PRO C 455 21.91 -21.57 9.88
C PRO C 455 21.17 -20.58 10.80
N MET C 456 21.87 -19.98 11.77
CA MET C 456 21.28 -19.09 12.81
C MET C 456 20.56 -17.90 12.14
N ALA C 457 21.04 -17.46 10.97
CA ALA C 457 20.51 -16.31 10.21
C ALA C 457 19.06 -16.57 9.77
N PHE C 458 18.70 -17.84 9.53
CA PHE C 458 17.37 -18.26 9.02
C PHE C 458 16.35 -18.38 10.17
N PHE C 459 16.79 -18.35 11.44
CA PHE C 459 15.89 -18.45 12.62
C PHE C 459 15.16 -17.12 12.81
N GLY C 460 14.03 -17.17 13.53
CA GLY C 460 13.06 -16.07 13.65
C GLY C 460 12.96 -15.54 15.08
N GLY C 461 11.96 -14.68 15.32
CA GLY C 461 11.75 -13.97 16.59
C GLY C 461 12.80 -12.89 16.80
N SER C 462 12.79 -12.25 17.96
CA SER C 462 13.79 -11.25 18.40
C SER C 462 15.19 -11.88 18.38
N THR C 463 15.27 -13.16 18.77
CA THR C 463 16.52 -13.97 18.81
C THR C 463 17.17 -13.95 17.43
N GLY C 464 16.38 -14.26 16.38
CA GLY C 464 16.83 -14.25 14.97
C GLY C 464 17.44 -12.92 14.56
N ALA C 465 16.75 -11.81 14.85
CA ALA C 465 17.21 -10.43 14.57
C ALA C 465 18.59 -10.22 15.19
N ILE C 466 18.79 -10.67 16.43
CA ILE C 466 20.09 -10.60 17.16
C ILE C 466 21.11 -11.49 16.44
N TYR C 467 20.76 -12.76 16.19
CA TYR C 467 21.64 -13.77 15.55
C TYR C 467 22.25 -13.19 14.26
N ARG C 468 21.43 -12.57 13.42
CA ARG C 468 21.81 -12.12 12.06
C ARG C 468 22.90 -11.04 12.13
N GLN C 469 22.92 -10.21 13.19
CA GLN C 469 23.94 -9.13 13.35
C GLN C 469 25.33 -9.77 13.43
N PHE C 470 25.48 -10.83 14.23
CA PHE C 470 26.73 -11.62 14.38
C PHE C 470 27.03 -12.35 13.07
N SER C 471 25.99 -12.98 12.50
CA SER C 471 26.07 -13.83 11.28
C SER C 471 26.73 -13.06 10.12
N ILE C 472 26.16 -11.91 9.73
CA ILE C 472 26.65 -11.09 8.59
C ILE C 472 28.10 -10.64 8.86
N THR C 473 28.42 -10.23 10.09
CA THR C 473 29.74 -9.65 10.46
C THR C 473 30.83 -10.73 10.38
N ILE C 474 30.63 -11.88 11.02
CA ILE C 474 31.67 -12.94 11.15
C ILE C 474 31.83 -13.67 9.80
N VAL C 475 30.74 -13.98 9.11
CA VAL C 475 30.78 -14.69 7.80
C VAL C 475 31.55 -13.83 6.78
N SER C 476 31.26 -12.53 6.74
CA SER C 476 31.97 -11.53 5.89
C SER C 476 33.46 -11.54 6.25
N ALA C 477 33.76 -11.31 7.54
CA ALA C 477 35.13 -11.20 8.10
C ALA C 477 35.95 -12.44 7.74
N MET C 478 35.38 -13.64 7.92
CA MET C 478 36.09 -14.93 7.71
C MET C 478 36.30 -15.18 6.20
N ALA C 479 35.33 -14.80 5.37
CA ALA C 479 35.41 -14.90 3.89
C ALA C 479 36.50 -13.97 3.36
N LEU C 480 36.56 -12.75 3.88
CA LEU C 480 37.59 -11.74 3.49
C LEU C 480 38.97 -12.19 3.99
N SER C 481 39.03 -12.80 5.19
CA SER C 481 40.30 -13.19 5.86
C SER C 481 41.04 -14.26 5.03
N VAL C 482 40.31 -15.21 4.44
CA VAL C 482 40.90 -16.27 3.57
C VAL C 482 41.37 -15.65 2.25
N LEU C 483 40.61 -14.70 1.68
CA LEU C 483 40.96 -14.02 0.40
C LEU C 483 42.23 -13.19 0.60
N VAL C 484 42.37 -12.51 1.75
CA VAL C 484 43.60 -11.73 2.11
C VAL C 484 44.79 -12.70 2.24
N ALA C 485 44.58 -13.85 2.88
CA ALA C 485 45.61 -14.89 3.13
C ALA C 485 46.01 -15.57 1.81
N LEU C 486 45.15 -15.55 0.80
CA LEU C 486 45.42 -16.17 -0.53
C LEU C 486 46.04 -15.13 -1.50
N ILE C 487 45.78 -13.84 -1.30
CA ILE C 487 46.15 -12.76 -2.26
C ILE C 487 47.28 -11.92 -1.68
N LEU C 488 47.03 -11.20 -0.59
CA LEU C 488 47.96 -10.15 -0.08
C LEU C 488 49.10 -10.78 0.72
N THR C 489 48.78 -11.64 1.70
CA THR C 489 49.75 -12.19 2.69
C THR C 489 50.91 -12.86 1.96
N PRO C 490 50.68 -13.73 0.95
CA PRO C 490 51.77 -14.35 0.19
C PRO C 490 52.67 -13.31 -0.49
N ALA C 491 52.08 -12.30 -1.13
CA ALA C 491 52.79 -11.20 -1.81
C ALA C 491 53.71 -10.48 -0.83
N LEU C 492 53.25 -10.26 0.40
CA LEU C 492 54.03 -9.56 1.47
C LEU C 492 55.16 -10.48 1.97
N CYS C 493 54.86 -11.77 2.21
CA CYS C 493 55.84 -12.79 2.63
C CYS C 493 56.99 -12.87 1.62
N ALA C 494 56.68 -12.77 0.33
CA ALA C 494 57.63 -12.99 -0.79
C ALA C 494 58.46 -11.73 -1.07
N THR C 495 58.05 -10.56 -0.57
CA THR C 495 58.66 -9.25 -0.94
C THR C 495 59.17 -8.46 0.27
N MET C 496 58.62 -8.63 1.47
CA MET C 496 59.02 -7.81 2.67
C MET C 496 59.14 -8.66 3.94
N LEU C 497 59.64 -9.90 3.81
CA LEU C 497 60.00 -10.80 4.95
C LEU C 497 61.49 -11.14 4.85
N LYS C 498 62.25 -10.93 5.92
CA LYS C 498 63.72 -11.13 5.95
C LYS C 498 64.04 -12.62 5.92
N PRO C 499 65.10 -13.06 5.19
CA PRO C 499 65.54 -14.46 5.23
C PRO C 499 65.92 -14.93 6.64
N ILE C 500 65.58 -16.19 6.96
CA ILE C 500 65.99 -16.90 8.21
C ILE C 500 66.90 -18.06 7.78
N ALA C 501 68.14 -18.07 8.26
CA ALA C 501 69.18 -19.06 7.92
C ALA C 501 68.79 -20.44 8.46
N LYS C 502 69.09 -21.50 7.71
CA LYS C 502 68.79 -22.92 8.05
C LYS C 502 69.33 -23.23 9.45
N GLY C 503 68.45 -23.62 10.37
CA GLY C 503 68.80 -23.95 11.78
C GLY C 503 68.29 -22.90 12.76
N ASP C 504 68.24 -21.63 12.35
CA ASP C 504 67.82 -20.49 13.21
C ASP C 504 66.33 -20.63 13.54
N HIS C 505 66.01 -20.92 14.82
CA HIS C 505 64.64 -20.92 15.39
C HIS C 505 64.52 -19.79 16.43
N GLY C 506 65.31 -18.72 16.27
CA GLY C 506 65.32 -17.53 17.14
C GLY C 506 65.73 -17.85 18.57
N GLU C 507 66.46 -18.95 18.78
CA GLU C 507 66.90 -19.42 20.13
C GLU C 507 68.02 -18.52 20.65
N GLY C 508 68.82 -17.93 19.77
CA GLY C 508 69.97 -17.07 20.12
C GLY C 508 69.66 -15.59 19.99
N LYS C 509 68.38 -15.21 19.97
CA LYS C 509 67.94 -13.78 19.90
C LYS C 509 68.27 -13.09 21.23
N LYS C 510 68.41 -11.76 21.18
CA LYS C 510 68.80 -10.89 22.32
C LYS C 510 67.60 -10.71 23.25
N GLY C 511 67.82 -10.83 24.57
CA GLY C 511 66.85 -10.45 25.61
C GLY C 511 65.72 -11.45 25.75
N PHE C 512 64.48 -10.96 25.83
CA PHE C 512 63.26 -11.72 26.23
C PHE C 512 62.87 -12.72 25.12
N PHE C 513 62.78 -12.27 23.87
CA PHE C 513 62.34 -13.10 22.72
C PHE C 513 63.21 -14.35 22.60
N GLY C 514 64.51 -14.21 22.91
CA GLY C 514 65.46 -15.33 23.00
C GLY C 514 65.04 -16.35 24.05
N TRP C 515 64.71 -15.88 25.26
CA TRP C 515 64.23 -16.73 26.38
C TRP C 515 62.93 -17.42 25.98
N PHE C 516 62.00 -16.67 25.39
CA PHE C 516 60.66 -17.15 24.94
C PHE C 516 60.81 -18.28 23.92
N ASN C 517 61.65 -18.06 22.90
CA ASN C 517 61.89 -19.01 21.78
C ASN C 517 62.56 -20.28 22.32
N ARG C 518 63.54 -20.14 23.22
CA ARG C 518 64.20 -21.28 23.91
C ARG C 518 63.16 -22.04 24.74
N MET C 519 62.31 -21.30 25.47
CA MET C 519 61.21 -21.85 26.31
C MET C 519 60.19 -22.58 25.44
N PHE C 520 59.81 -22.00 24.30
CA PHE C 520 58.77 -22.55 23.40
C PHE C 520 59.29 -23.80 22.68
N GLU C 521 60.52 -23.76 22.15
CA GLU C 521 61.17 -24.91 21.48
C GLU C 521 61.27 -26.08 22.45
N LYS C 522 61.59 -25.80 23.72
CA LYS C 522 61.69 -26.80 24.82
C LYS C 522 60.32 -27.44 25.07
N SER C 523 59.27 -26.61 25.16
CA SER C 523 57.87 -27.03 25.45
C SER C 523 57.31 -27.85 24.28
N THR C 524 57.72 -27.53 23.05
CA THR C 524 57.32 -28.28 21.81
C THR C 524 57.84 -29.72 21.92
N HIS C 525 59.10 -29.89 22.35
CA HIS C 525 59.74 -31.21 22.56
C HIS C 525 58.97 -31.98 23.64
N HIS C 526 58.69 -31.34 24.78
CA HIS C 526 57.84 -31.89 25.88
C HIS C 526 56.52 -32.38 25.29
N TYR C 527 55.85 -31.52 24.53
CA TYR C 527 54.49 -31.72 23.98
C TYR C 527 54.48 -32.92 23.03
N THR C 528 55.42 -32.95 22.07
CA THR C 528 55.51 -34.02 21.03
C THR C 528 55.82 -35.36 21.69
N ASP C 529 56.74 -35.40 22.66
CA ASP C 529 57.02 -36.59 23.51
C ASP C 529 55.72 -37.03 24.18
N SER C 530 54.97 -36.08 24.75
CA SER C 530 53.71 -36.30 25.49
C SER C 530 52.69 -37.00 24.59
N VAL C 531 52.41 -36.42 23.40
CA VAL C 531 51.41 -36.96 22.43
C VAL C 531 51.84 -38.38 22.03
N GLY C 532 53.12 -38.56 21.68
CA GLY C 532 53.73 -39.86 21.36
C GLY C 532 53.36 -40.91 22.40
N GLY C 533 53.43 -40.53 23.68
CA GLY C 533 52.99 -41.38 24.82
C GLY C 533 51.50 -41.59 24.82
N ILE C 534 50.72 -40.52 24.55
CA ILE C 534 49.22 -40.55 24.54
C ILE C 534 48.74 -41.54 23.46
N LEU C 535 49.40 -41.58 22.30
CA LEU C 535 48.98 -42.41 21.14
C LEU C 535 49.26 -43.90 21.40
N ARG C 536 50.13 -44.22 22.35
CA ARG C 536 50.44 -45.62 22.77
C ARG C 536 49.39 -46.11 23.78
N SER C 537 48.61 -45.20 24.37
CA SER C 537 47.59 -45.50 25.41
C SER C 537 46.28 -44.76 25.09
N THR C 538 45.74 -44.93 23.88
CA THR C 538 44.53 -44.23 23.36
C THR C 538 43.29 -44.68 24.13
N GLY C 539 43.23 -45.97 24.51
CA GLY C 539 42.11 -46.56 25.28
C GLY C 539 41.81 -45.80 26.56
N ARG C 540 42.84 -45.27 27.22
CA ARG C 540 42.71 -44.46 28.47
C ARG C 540 41.93 -43.18 28.15
N TYR C 541 42.27 -42.49 27.06
CA TYR C 541 41.79 -41.12 26.72
C TYR C 541 40.40 -41.16 26.09
N LEU C 542 39.96 -42.30 25.55
CA LEU C 542 38.56 -42.47 25.08
C LEU C 542 37.62 -42.53 26.30
N VAL C 543 38.11 -43.03 27.44
CA VAL C 543 37.36 -43.07 28.72
C VAL C 543 37.30 -41.65 29.30
N LEU C 544 38.42 -40.92 29.31
CA LEU C 544 38.49 -39.51 29.78
C LEU C 544 37.56 -38.64 28.93
N TYR C 545 37.45 -38.94 27.62
CA TYR C 545 36.58 -38.22 26.67
C TYR C 545 35.10 -38.39 27.07
N LEU C 546 34.69 -39.62 27.40
CA LEU C 546 33.27 -39.94 27.75
C LEU C 546 32.90 -39.27 29.09
N ILE C 547 33.86 -39.07 30.00
CA ILE C 547 33.64 -38.31 31.27
C ILE C 547 33.36 -36.85 30.91
N ILE C 548 34.19 -36.25 30.04
CA ILE C 548 34.07 -34.83 29.59
C ILE C 548 32.70 -34.62 28.94
N VAL C 549 32.24 -35.56 28.10
CA VAL C 549 30.91 -35.51 27.42
C VAL C 549 29.81 -35.57 28.48
N VAL C 550 29.97 -36.43 29.50
CA VAL C 550 28.99 -36.59 30.63
C VAL C 550 29.02 -35.31 31.46
N GLY C 551 30.21 -34.82 31.82
CA GLY C 551 30.42 -33.57 32.57
C GLY C 551 29.85 -32.37 31.83
N MET C 552 29.97 -32.37 30.50
CA MET C 552 29.43 -31.30 29.60
C MET C 552 27.89 -31.30 29.71
N ALA C 553 27.26 -32.47 29.57
CA ALA C 553 25.78 -32.66 29.61
C ALA C 553 25.24 -32.29 30.99
N TYR C 554 25.98 -32.57 32.06
CA TYR C 554 25.56 -32.22 33.45
C TYR C 554 25.56 -30.69 33.59
N LEU C 555 26.68 -30.04 33.26
CA LEU C 555 26.87 -28.56 33.38
C LEU C 555 25.81 -27.84 32.55
N PHE C 556 25.40 -28.41 31.41
CA PHE C 556 24.42 -27.80 30.47
C PHE C 556 23.03 -27.75 31.11
N VAL C 557 22.51 -28.90 31.57
CA VAL C 557 21.13 -29.00 32.15
C VAL C 557 21.08 -28.19 33.45
N ARG C 558 22.18 -28.14 34.20
CA ARG C 558 22.30 -27.41 35.50
C ARG C 558 22.22 -25.90 35.25
N LEU C 559 22.92 -25.40 34.23
CA LEU C 559 23.06 -23.94 33.94
C LEU C 559 21.67 -23.33 33.72
N PRO C 560 21.22 -22.40 34.60
CA PRO C 560 19.92 -21.75 34.41
C PRO C 560 19.92 -20.86 33.15
N SER C 561 18.72 -20.61 32.60
CA SER C 561 18.51 -19.87 31.32
C SER C 561 17.88 -18.50 31.57
N SER C 562 18.17 -17.54 30.69
CA SER C 562 17.57 -16.19 30.63
C SER C 562 17.49 -15.76 29.16
N PHE C 563 17.09 -14.51 28.88
CA PHE C 563 17.00 -13.94 27.51
C PHE C 563 18.22 -13.04 27.26
N LEU C 564 18.21 -11.82 27.79
CA LEU C 564 19.34 -10.85 27.69
C LEU C 564 19.61 -10.26 29.07
N PRO C 565 20.89 -10.00 29.43
CA PRO C 565 21.23 -9.43 30.74
C PRO C 565 20.61 -8.04 30.91
N ASP C 566 20.07 -7.75 32.09
CA ASP C 566 19.67 -6.39 32.51
C ASP C 566 20.91 -5.50 32.51
N GLU C 567 20.72 -4.19 32.35
CA GLU C 567 21.80 -3.18 32.34
C GLU C 567 21.40 -2.03 33.28
N ASP C 568 22.39 -1.32 33.81
CA ASP C 568 22.21 0.04 34.40
C ASP C 568 22.18 1.03 33.22
N GLN C 569 21.00 1.56 32.90
CA GLN C 569 20.78 2.48 31.74
C GLN C 569 20.64 3.92 32.24
N GLY C 570 21.06 4.20 33.48
CA GLY C 570 21.06 5.55 34.08
C GLY C 570 19.67 6.02 34.46
N VAL C 571 18.64 5.21 34.16
CA VAL C 571 17.21 5.56 34.37
C VAL C 571 16.48 4.31 34.87
N PHE C 572 15.41 4.51 35.66
CA PHE C 572 14.45 3.45 36.04
C PHE C 572 13.12 4.10 36.42
N MET C 573 12.09 3.30 36.65
CA MET C 573 10.70 3.77 36.89
C MET C 573 10.14 3.14 38.16
N THR C 574 9.21 3.86 38.80
CA THR C 574 8.47 3.44 40.02
C THR C 574 6.98 3.50 39.72
N MET C 575 6.25 2.38 39.84
CA MET C 575 4.78 2.35 39.74
C MET C 575 4.19 2.65 41.12
N VAL C 576 3.06 3.35 41.15
CA VAL C 576 2.27 3.65 42.39
C VAL C 576 0.81 3.32 42.08
N GLN C 577 0.20 2.43 42.88
CA GLN C 577 -1.22 2.03 42.72
C GLN C 577 -1.88 2.00 44.10
N LEU C 578 -2.84 2.90 44.34
CA LEU C 578 -3.60 2.99 45.61
C LEU C 578 -4.88 2.17 45.48
N PRO C 579 -5.53 1.81 46.61
CA PRO C 579 -6.77 1.04 46.60
C PRO C 579 -7.89 1.66 45.75
N ALA C 580 -8.88 0.83 45.41
CA ALA C 580 -10.13 1.25 44.73
C ALA C 580 -10.72 2.44 45.48
N GLY C 581 -11.05 3.52 44.74
CA GLY C 581 -11.78 4.68 45.27
C GLY C 581 -10.89 5.76 45.84
N ALA C 582 -9.57 5.52 45.95
CA ALA C 582 -8.59 6.47 46.51
C ALA C 582 -8.50 7.70 45.60
N THR C 583 -8.25 8.87 46.20
CA THR C 583 -8.33 10.20 45.55
C THR C 583 -6.93 10.71 45.16
N GLN C 584 -6.91 11.74 44.31
CA GLN C 584 -5.70 12.42 43.77
C GLN C 584 -4.83 12.92 44.93
N GLU C 585 -5.46 13.36 46.03
CA GLU C 585 -4.78 13.90 47.24
C GLU C 585 -4.01 12.77 47.94
N ARG C 586 -4.64 11.60 48.11
CA ARG C 586 -4.03 10.41 48.75
C ARG C 586 -2.84 9.92 47.93
N THR C 587 -2.96 9.91 46.60
CA THR C 587 -1.89 9.48 45.66
C THR C 587 -0.70 10.43 45.79
N GLN C 588 -0.95 11.74 45.90
CA GLN C 588 0.11 12.79 45.98
C GLN C 588 0.91 12.61 47.27
N LYS C 589 0.28 12.10 48.34
CA LYS C 589 0.97 11.80 49.62
C LYS C 589 2.02 10.70 49.39
N VAL C 590 1.65 9.66 48.63
CA VAL C 590 2.53 8.48 48.36
C VAL C 590 3.67 8.92 47.42
N LEU C 591 3.36 9.70 46.39
CA LEU C 591 4.37 10.23 45.42
C LEU C 591 5.36 11.14 46.15
N ASN C 592 4.91 11.87 47.17
CA ASN C 592 5.78 12.69 48.06
C ASN C 592 6.76 11.76 48.77
N GLU C 593 6.24 10.72 49.45
CA GLU C 593 7.03 9.71 50.19
C GLU C 593 8.03 9.00 49.26
N VAL C 594 7.64 8.77 47.99
CA VAL C 594 8.49 8.13 46.95
C VAL C 594 9.56 9.14 46.50
N THR C 595 9.14 10.34 46.08
CA THR C 595 10.05 11.44 45.67
C THR C 595 11.02 11.74 46.80
N HIS C 596 10.52 11.83 48.04
CA HIS C 596 11.30 12.09 49.27
C HIS C 596 12.48 11.13 49.35
N TYR C 597 12.21 9.82 49.29
CA TYR C 597 13.22 8.73 49.39
C TYR C 597 14.35 8.99 48.41
N TYR C 598 14.03 9.27 47.14
CA TYR C 598 15.03 9.46 46.05
C TYR C 598 15.82 10.74 46.27
N LEU C 599 15.19 11.77 46.84
CA LEU C 599 15.80 13.11 47.03
C LEU C 599 16.60 13.17 48.34
N THR C 600 16.39 12.25 49.28
CA THR C 600 17.06 12.24 50.61
C THR C 600 18.02 11.04 50.72
N LYS C 601 17.48 9.81 50.76
CA LYS C 601 18.29 8.58 51.00
CA LYS C 601 18.29 8.57 50.99
C LYS C 601 19.22 8.31 49.81
N GLU C 602 18.76 8.54 48.58
CA GLU C 602 19.51 8.21 47.34
C GLU C 602 19.96 9.48 46.60
N LYS C 603 20.24 10.58 47.32
CA LYS C 603 20.58 11.89 46.72
C LYS C 603 21.95 11.82 46.06
N ASN C 604 22.82 10.90 46.48
CA ASN C 604 24.18 10.72 45.90
C ASN C 604 24.09 10.02 44.54
N ASN C 605 23.01 9.27 44.28
CA ASN C 605 22.86 8.46 43.03
C ASN C 605 21.78 9.06 42.12
N VAL C 606 20.71 9.64 42.67
CA VAL C 606 19.56 10.20 41.87
C VAL C 606 19.87 11.65 41.52
N GLU C 607 19.68 12.02 40.23
CA GLU C 607 19.82 13.41 39.71
C GLU C 607 18.44 14.08 39.72
N SER C 608 17.45 13.50 39.04
CA SER C 608 16.09 14.07 38.90
C SER C 608 15.01 13.00 39.06
N VAL C 609 13.86 13.41 39.64
CA VAL C 609 12.62 12.60 39.79
C VAL C 609 11.49 13.37 39.10
N PHE C 610 10.89 12.78 38.07
CA PHE C 610 9.67 13.29 37.39
C PHE C 610 8.49 12.41 37.77
N ALA C 611 7.74 12.81 38.80
CA ALA C 611 6.57 12.08 39.33
C ALA C 611 5.30 12.62 38.68
N VAL C 612 4.42 11.72 38.25
CA VAL C 612 3.13 12.05 37.58
C VAL C 612 1.99 11.43 38.40
N ASN C 613 1.11 12.27 38.94
CA ASN C 613 -0.12 11.87 39.67
C ASN C 613 -1.28 11.78 38.68
N GLY C 614 -1.95 10.62 38.61
CA GLY C 614 -3.16 10.40 37.78
C GLY C 614 -2.83 9.73 36.45
N PHE C 615 -1.65 9.11 36.34
CA PHE C 615 -1.19 8.36 35.14
C PHE C 615 -0.23 7.25 35.56
N GLY C 616 -0.33 6.08 34.94
CA GLY C 616 0.54 4.93 35.22
C GLY C 616 0.35 3.79 34.23
N PHE C 617 0.65 2.57 34.66
CA PHE C 617 0.68 1.34 33.81
C PHE C 617 -0.71 0.69 33.78
N ALA C 618 -1.63 1.13 34.66
CA ALA C 618 -3.05 0.72 34.68
C ALA C 618 -3.94 1.92 34.31
N GLY C 619 -3.57 2.62 33.24
CA GLY C 619 -4.32 3.76 32.66
C GLY C 619 -4.33 4.97 33.58
N ARG C 620 -5.10 6.00 33.22
CA ARG C 620 -5.36 7.19 34.07
C ARG C 620 -6.20 6.77 35.27
N GLY C 621 -6.43 7.69 36.21
CA GLY C 621 -7.23 7.47 37.43
C GLY C 621 -6.55 8.04 38.65
N GLN C 622 -7.33 8.65 39.55
CA GLN C 622 -6.84 9.40 40.73
C GLN C 622 -5.94 8.51 41.60
N ASN C 623 -6.21 7.20 41.64
CA ASN C 623 -5.52 6.21 42.54
C ASN C 623 -4.29 5.61 41.86
N THR C 624 -3.77 6.24 40.79
CA THR C 624 -2.63 5.75 39.99
C THR C 624 -1.56 6.84 39.88
N GLY C 625 -0.28 6.45 39.95
CA GLY C 625 0.87 7.34 39.79
C GLY C 625 2.05 6.62 39.17
N ILE C 626 3.07 7.37 38.76
CA ILE C 626 4.34 6.84 38.18
C ILE C 626 5.44 7.88 38.43
N ALA C 627 6.67 7.43 38.68
CA ALA C 627 7.84 8.28 38.93
C ALA C 627 8.99 7.84 38.00
N PHE C 628 9.38 8.72 37.08
CA PHE C 628 10.56 8.57 36.19
C PHE C 628 11.79 9.10 36.94
N VAL C 629 12.76 8.23 37.21
CA VAL C 629 14.03 8.55 37.93
C VAL C 629 15.18 8.43 36.93
N SER C 630 15.98 9.49 36.77
CA SER C 630 17.29 9.44 36.08
C SER C 630 18.41 9.63 37.11
N LEU C 631 19.45 8.80 37.03
CA LEU C 631 20.60 8.79 37.97
C LEU C 631 21.67 9.75 37.49
N LYS C 632 22.62 10.07 38.36
CA LYS C 632 23.85 10.82 38.02
C LYS C 632 24.69 9.94 37.09
N ASP C 633 25.68 10.53 36.41
CA ASP C 633 26.52 9.82 35.41
C ASP C 633 27.14 8.58 36.06
N TRP C 634 27.33 7.52 35.27
CA TRP C 634 27.85 6.19 35.69
C TRP C 634 29.20 6.34 36.43
N ALA C 635 30.04 7.29 35.99
CA ALA C 635 31.39 7.56 36.53
C ALA C 635 31.33 7.99 38.00
N ASP C 636 30.25 8.68 38.40
CA ASP C 636 30.07 9.23 39.77
C ASP C 636 29.28 8.24 40.63
N ARG C 637 29.02 7.02 40.14
CA ARG C 637 28.31 5.95 40.88
C ARG C 637 29.15 4.67 40.86
N PRO C 638 30.32 4.64 41.53
CA PRO C 638 31.15 3.43 41.57
C PRO C 638 30.60 2.42 42.59
N GLY C 639 30.91 1.14 42.41
CA GLY C 639 30.45 0.04 43.28
C GLY C 639 29.03 -0.35 42.96
N GLU C 640 28.70 -1.65 43.06
CA GLU C 640 27.43 -2.23 42.56
C GLU C 640 26.26 -1.82 43.46
N GLU C 641 26.52 -1.34 44.69
CA GLU C 641 25.47 -0.87 45.64
C GLU C 641 24.91 0.48 45.17
N ASN C 642 25.58 1.15 44.22
CA ASN C 642 25.16 2.45 43.63
C ASN C 642 24.67 2.24 42.18
N LYS C 643 24.33 1.00 41.81
CA LYS C 643 23.78 0.65 40.48
C LYS C 643 22.28 0.38 40.60
N VAL C 644 21.56 0.45 39.48
CA VAL C 644 20.07 0.44 39.40
C VAL C 644 19.54 -0.82 40.10
N GLU C 645 20.19 -1.97 39.91
CA GLU C 645 19.73 -3.25 40.52
C GLU C 645 19.65 -3.07 42.04
N ALA C 646 20.73 -2.57 42.66
CA ALA C 646 20.84 -2.35 44.12
C ALA C 646 19.89 -1.24 44.57
N ILE C 647 19.82 -0.12 43.83
CA ILE C 647 18.98 1.07 44.18
C ILE C 647 17.50 0.65 44.16
N THR C 648 17.05 -0.02 43.10
CA THR C 648 15.64 -0.46 42.92
C THR C 648 15.27 -1.49 44.01
N MET C 649 16.21 -2.36 44.38
CA MET C 649 16.01 -3.39 45.44
C MET C 649 15.80 -2.68 46.79
N ARG C 650 16.70 -1.76 47.16
CA ARG C 650 16.60 -0.96 48.41
C ARG C 650 15.30 -0.14 48.38
N ALA C 651 15.06 0.56 47.26
CA ALA C 651 13.89 1.45 47.06
C ALA C 651 12.59 0.68 47.28
N THR C 652 12.45 -0.51 46.68
CA THR C 652 11.23 -1.37 46.79
C THR C 652 11.05 -1.83 48.23
N ARG C 653 12.13 -2.27 48.88
CA ARG C 653 12.12 -2.68 50.32
C ARG C 653 11.61 -1.52 51.17
N ALA C 654 12.16 -0.32 50.95
CA ALA C 654 11.79 0.92 51.67
C ALA C 654 10.30 1.23 51.48
N PHE C 655 9.77 1.07 50.26
CA PHE C 655 8.40 1.49 49.87
C PHE C 655 7.37 0.45 50.34
N SER C 656 7.80 -0.77 50.70
CA SER C 656 6.92 -1.82 51.28
C SER C 656 6.32 -1.31 52.60
N GLN C 657 7.02 -0.38 53.27
CA GLN C 657 6.59 0.23 54.56
C GLN C 657 5.51 1.30 54.33
N ILE C 658 5.28 1.73 53.08
CA ILE C 658 4.18 2.68 52.74
C ILE C 658 2.87 1.90 52.79
N LYS C 659 1.95 2.27 53.68
CA LYS C 659 0.71 1.52 53.97
C LYS C 659 -0.37 1.90 52.94
N ASP C 660 -1.21 0.92 52.58
CA ASP C 660 -2.36 1.08 51.65
C ASP C 660 -1.87 1.68 50.33
N ALA C 661 -0.88 1.05 49.69
CA ALA C 661 -0.35 1.39 48.35
C ALA C 661 0.64 0.32 47.89
N MET C 662 0.41 -0.26 46.71
CA MET C 662 1.42 -1.07 45.97
C MET C 662 2.41 -0.10 45.32
N VAL C 663 3.67 -0.15 45.75
CA VAL C 663 4.78 0.70 45.21
C VAL C 663 5.97 -0.21 44.90
N PHE C 664 6.44 -0.19 43.66
CA PHE C 664 7.58 -1.02 43.16
C PHE C 664 8.49 -0.15 42.29
N ALA C 665 9.77 -0.05 42.65
CA ALA C 665 10.86 0.50 41.82
C ALA C 665 11.52 -0.66 41.07
N PHE C 666 11.67 -0.54 39.75
CA PHE C 666 12.16 -1.64 38.87
C PHE C 666 13.04 -1.08 37.75
N ASN C 667 14.06 -1.85 37.39
CA ASN C 667 14.99 -1.60 36.25
C ASN C 667 14.25 -1.85 34.94
N LEU C 668 14.74 -1.27 33.84
CA LEU C 668 14.27 -1.57 32.46
C LEU C 668 14.90 -2.88 31.99
N PRO C 669 14.26 -3.59 31.05
CA PRO C 669 14.89 -4.74 30.38
C PRO C 669 15.94 -4.23 29.37
N ALA C 670 16.84 -5.12 28.93
CA ALA C 670 17.92 -4.82 27.97
C ALA C 670 17.33 -4.15 26.72
N ILE C 671 16.32 -4.78 26.11
CA ILE C 671 15.57 -4.25 24.93
C ILE C 671 14.30 -3.56 25.45
N VAL C 672 14.34 -2.22 25.56
CA VAL C 672 13.31 -1.38 26.21
C VAL C 672 11.95 -1.55 25.49
N GLU C 673 11.95 -1.77 24.18
CA GLU C 673 10.72 -1.83 23.36
C GLU C 673 9.95 -3.13 23.64
N LEU C 674 10.64 -4.21 24.05
CA LEU C 674 10.02 -5.55 24.26
C LEU C 674 9.13 -5.55 25.51
N GLY C 675 9.49 -4.79 26.56
CA GLY C 675 8.80 -4.84 27.85
C GLY C 675 8.95 -3.57 28.66
N THR C 676 7.96 -3.28 29.52
CA THR C 676 7.91 -2.12 30.45
C THR C 676 9.04 -2.24 31.48
N ALA C 677 9.13 -3.40 32.14
CA ALA C 677 10.01 -3.67 33.29
C ALA C 677 10.80 -4.97 33.06
N THR C 678 11.86 -5.16 33.84
CA THR C 678 12.66 -6.41 33.91
C THR C 678 11.80 -7.53 34.48
N GLY C 679 12.34 -8.76 34.50
CA GLY C 679 11.66 -9.95 35.02
C GLY C 679 10.82 -10.62 33.95
N PHE C 680 9.63 -11.11 34.32
CA PHE C 680 8.74 -11.91 33.45
C PHE C 680 7.37 -11.22 33.31
N ASP C 681 6.61 -11.63 32.29
CA ASP C 681 5.30 -11.04 31.91
C ASP C 681 4.29 -12.18 31.71
N PHE C 682 3.58 -12.55 32.77
CA PHE C 682 2.67 -13.72 32.85
C PHE C 682 1.24 -13.26 32.56
N GLU C 683 0.47 -14.10 31.86
CA GLU C 683 -0.97 -13.86 31.54
C GLU C 683 -1.80 -15.01 32.13
N LEU C 684 -2.59 -14.72 33.16
CA LEU C 684 -3.59 -15.67 33.72
C LEU C 684 -4.87 -15.54 32.89
N ILE C 685 -5.40 -16.66 32.37
CA ILE C 685 -6.47 -16.65 31.33
C ILE C 685 -7.65 -17.51 31.80
N ASP C 686 -8.87 -17.00 31.58
CA ASP C 686 -10.16 -17.70 31.82
C ASP C 686 -10.56 -18.43 30.54
N GLN C 687 -10.37 -19.76 30.50
CA GLN C 687 -10.51 -20.60 29.28
C GLN C 687 -11.72 -21.54 29.40
N ALA C 688 -12.59 -21.33 30.39
CA ALA C 688 -13.78 -22.19 30.65
C ALA C 688 -15.03 -21.35 30.98
N GLY C 689 -15.01 -20.05 30.67
CA GLY C 689 -16.12 -19.12 30.96
C GLY C 689 -16.43 -19.04 32.45
N LEU C 690 -15.40 -19.04 33.30
CA LEU C 690 -15.53 -19.00 34.78
C LEU C 690 -16.11 -17.66 35.24
N GLY C 691 -15.72 -16.56 34.57
CA GLY C 691 -16.18 -15.18 34.88
C GLY C 691 -15.11 -14.38 35.61
N HIS C 692 -15.39 -13.10 35.89
CA HIS C 692 -14.43 -12.13 36.48
C HIS C 692 -14.11 -12.49 37.94
N GLU C 693 -15.14 -12.80 38.74
CA GLU C 693 -15.00 -13.09 40.20
C GLU C 693 -14.05 -14.29 40.38
N LYS C 694 -14.31 -15.39 39.67
CA LYS C 694 -13.54 -16.66 39.81
C LYS C 694 -12.10 -16.48 39.33
N LEU C 695 -11.89 -15.64 38.30
CA LEU C 695 -10.54 -15.35 37.74
C LEU C 695 -9.75 -14.49 38.74
N THR C 696 -10.42 -13.60 39.48
CA THR C 696 -9.83 -12.78 40.57
C THR C 696 -9.34 -13.71 41.69
N GLN C 697 -10.15 -14.69 42.09
CA GLN C 697 -9.84 -15.68 43.15
C GLN C 697 -8.61 -16.50 42.76
N ALA C 698 -8.58 -17.00 41.52
CA ALA C 698 -7.45 -17.79 40.95
C ALA C 698 -6.18 -16.93 40.93
N ARG C 699 -6.30 -15.65 40.54
CA ARG C 699 -5.16 -14.69 40.53
C ARG C 699 -4.59 -14.57 41.95
N ASN C 700 -5.46 -14.35 42.94
CA ASN C 700 -5.09 -14.20 44.38
C ASN C 700 -4.44 -15.49 44.88
N GLN C 701 -5.02 -16.64 44.54
CA GLN C 701 -4.53 -18.00 44.92
C GLN C 701 -3.10 -18.19 44.40
N LEU C 702 -2.82 -17.73 43.17
CA LEU C 702 -1.47 -17.82 42.53
C LEU C 702 -0.51 -16.86 43.24
N LEU C 703 -0.92 -15.62 43.48
CA LEU C 703 -0.10 -14.55 44.13
C LEU C 703 0.25 -14.97 45.56
N ALA C 704 -0.70 -15.57 46.28
CA ALA C 704 -0.55 -16.07 47.66
C ALA C 704 0.48 -17.21 47.70
N GLU C 705 0.43 -18.10 46.71
CA GLU C 705 1.38 -19.24 46.55
C GLU C 705 2.76 -18.72 46.15
N ALA C 706 2.83 -17.68 45.32
CA ALA C 706 4.07 -17.04 44.82
C ALA C 706 4.81 -16.38 45.99
N ALA C 707 4.08 -15.82 46.95
CA ALA C 707 4.61 -15.15 48.16
C ALA C 707 5.33 -16.16 49.07
N LYS C 708 4.95 -17.44 49.01
CA LYS C 708 5.55 -18.53 49.83
C LYS C 708 6.94 -18.94 49.29
N HIS C 709 7.34 -18.42 48.12
CA HIS C 709 8.67 -18.65 47.50
C HIS C 709 9.41 -17.33 47.31
N PRO C 710 9.82 -16.65 48.41
CA PRO C 710 10.62 -15.43 48.28
C PRO C 710 12.05 -15.69 47.79
N ASP C 711 12.52 -16.94 47.88
CA ASP C 711 13.87 -17.38 47.46
C ASP C 711 13.95 -17.43 45.92
N MET C 712 12.81 -17.54 45.23
CA MET C 712 12.72 -17.67 43.76
C MET C 712 12.08 -16.44 43.12
N LEU C 713 10.95 -15.96 43.66
CA LEU C 713 10.13 -14.85 43.08
C LEU C 713 10.13 -13.65 44.02
N THR C 714 10.29 -12.44 43.47
CA THR C 714 10.13 -11.14 44.18
C THR C 714 9.36 -10.16 43.30
N SER C 715 8.77 -9.13 43.91
CA SER C 715 7.98 -8.05 43.28
C SER C 715 6.95 -8.64 42.30
N VAL C 716 6.33 -9.76 42.68
CA VAL C 716 5.21 -10.38 41.91
C VAL C 716 3.95 -9.55 42.19
N ARG C 717 3.46 -8.82 41.18
CA ARG C 717 2.27 -7.94 41.32
C ARG C 717 1.42 -8.04 40.06
N PRO C 718 0.09 -7.83 40.17
CA PRO C 718 -0.78 -7.73 38.99
C PRO C 718 -0.56 -6.38 38.31
N ASN C 719 -0.67 -6.33 36.98
CA ASN C 719 -0.61 -5.08 36.19
C ASN C 719 -2.04 -4.66 35.86
N GLY C 720 -2.87 -4.50 36.89
CA GLY C 720 -4.31 -4.18 36.75
C GLY C 720 -4.90 -3.62 38.02
N LEU C 721 -6.19 -3.26 37.98
CA LEU C 721 -6.90 -2.53 39.06
C LEU C 721 -7.87 -3.48 39.76
N GLU C 722 -8.12 -3.24 41.05
CA GLU C 722 -9.11 -4.00 41.86
C GLU C 722 -10.51 -3.45 41.57
N ASP C 723 -11.54 -4.26 41.82
CA ASP C 723 -12.96 -3.88 41.64
C ASP C 723 -13.23 -2.62 42.47
N THR C 724 -13.93 -1.64 41.88
CA THR C 724 -14.22 -0.32 42.48
C THR C 724 -15.71 -0.24 42.84
N PRO C 725 -16.07 0.50 43.92
CA PRO C 725 -17.47 0.77 44.22
C PRO C 725 -18.04 1.75 43.18
N GLN C 726 -19.27 1.49 42.73
CA GLN C 726 -19.99 2.30 41.72
C GLN C 726 -21.27 2.84 42.34
N PHE C 727 -21.55 4.14 42.12
CA PHE C 727 -22.76 4.85 42.61
C PHE C 727 -23.85 4.78 41.53
N LYS C 728 -24.76 3.82 41.65
CA LYS C 728 -25.83 3.53 40.66
C LYS C 728 -27.05 4.43 40.95
N ILE C 729 -27.32 5.38 40.06
CA ILE C 729 -28.56 6.23 40.08
C ILE C 729 -29.63 5.56 39.21
N ASP C 730 -30.83 5.38 39.76
CA ASP C 730 -32.02 4.83 39.06
C ASP C 730 -33.03 5.95 38.85
N ILE C 731 -33.23 6.36 37.59
CA ILE C 731 -34.24 7.39 37.20
C ILE C 731 -35.59 6.70 37.01
N ASP C 732 -36.60 7.12 37.78
CA ASP C 732 -38.01 6.64 37.69
C ASP C 732 -38.73 7.47 36.61
N GLN C 733 -38.82 6.93 35.39
CA GLN C 733 -39.32 7.67 34.19
C GLN C 733 -40.84 7.90 34.32
N GLU C 734 -41.56 6.96 34.93
CA GLU C 734 -43.02 7.05 35.19
C GLU C 734 -43.30 8.23 36.14
N LYS C 735 -42.48 8.38 37.18
CA LYS C 735 -42.57 9.45 38.20
C LYS C 735 -42.13 10.79 37.58
N ALA C 736 -41.15 10.74 36.67
CA ALA C 736 -40.61 11.91 35.93
C ALA C 736 -41.68 12.44 34.96
N GLN C 737 -42.29 11.56 34.16
CA GLN C 737 -43.35 11.92 33.18
C GLN C 737 -44.57 12.48 33.92
N ALA C 738 -44.87 11.95 35.11
CA ALA C 738 -46.00 12.37 35.98
C ALA C 738 -45.81 13.84 36.39
N LEU C 739 -44.58 14.24 36.74
CA LEU C 739 -44.24 15.62 37.19
C LEU C 739 -44.01 16.55 35.98
N GLY C 740 -43.92 15.98 34.78
CA GLY C 740 -43.88 16.73 33.50
C GLY C 740 -42.48 17.19 33.16
N VAL C 741 -41.47 16.36 33.42
CA VAL C 741 -40.02 16.62 33.11
C VAL C 741 -39.54 15.56 32.14
N SER C 742 -38.99 15.97 30.99
CA SER C 742 -38.44 15.08 29.93
C SER C 742 -37.16 14.42 30.43
N ILE C 743 -36.94 13.14 30.10
CA ILE C 743 -35.77 12.34 30.58
C ILE C 743 -34.52 12.77 29.81
N ASN C 744 -34.67 13.51 28.70
CA ASN C 744 -33.54 14.13 27.95
C ASN C 744 -32.94 15.25 28.81
N ASP C 745 -33.79 16.07 29.44
CA ASP C 745 -33.37 17.19 30.32
C ASP C 745 -32.74 16.63 31.60
N ILE C 746 -33.22 15.47 32.08
CA ILE C 746 -32.67 14.79 33.28
C ILE C 746 -31.26 14.26 32.94
N ASN C 747 -31.13 13.52 31.84
CA ASN C 747 -29.86 12.87 31.39
C ASN C 747 -28.78 13.93 31.17
N THR C 748 -29.11 15.03 30.50
CA THR C 748 -28.15 16.14 30.16
C THR C 748 -27.76 16.88 31.44
N THR C 749 -28.69 17.10 32.37
CA THR C 749 -28.42 17.80 33.65
C THR C 749 -27.43 16.96 34.46
N LEU C 750 -27.75 15.67 34.67
CA LEU C 750 -26.91 14.73 35.45
C LEU C 750 -25.54 14.59 34.79
N GLY C 751 -25.51 14.36 33.47
CA GLY C 751 -24.29 14.18 32.67
C GLY C 751 -23.41 15.43 32.68
N ALA C 752 -23.99 16.59 32.37
CA ALA C 752 -23.28 17.88 32.27
C ALA C 752 -22.68 18.25 33.63
N ALA C 753 -23.47 18.11 34.70
CA ALA C 753 -23.11 18.55 36.07
C ALA C 753 -21.96 17.70 36.63
N TRP C 754 -22.11 16.37 36.62
CA TRP C 754 -21.25 15.41 37.35
C TRP C 754 -20.07 14.94 36.49
N GLY C 755 -20.31 14.72 35.19
CA GLY C 755 -19.31 14.20 34.25
C GLY C 755 -18.60 15.30 33.47
N GLY C 756 -19.25 16.46 33.33
CA GLY C 756 -18.85 17.51 32.37
C GLY C 756 -19.44 17.22 31.01
N SER C 757 -19.51 18.25 30.16
CA SER C 757 -20.12 18.15 28.80
C SER C 757 -19.37 19.07 27.82
N TYR C 758 -18.75 18.47 26.80
CA TYR C 758 -18.14 19.16 25.63
C TYR C 758 -19.28 19.72 24.77
N VAL C 759 -19.39 21.05 24.71
CA VAL C 759 -20.49 21.78 24.01
C VAL C 759 -20.08 22.03 22.56
N ASN C 760 -18.96 22.74 22.37
CA ASN C 760 -18.42 23.12 21.04
C ASN C 760 -17.01 23.70 21.26
N ASP C 761 -16.37 24.17 20.18
CA ASP C 761 -15.01 24.77 20.22
C ASP C 761 -15.11 26.29 20.38
N PHE C 762 -13.98 26.92 20.73
CA PHE C 762 -13.77 28.39 20.74
C PHE C 762 -12.33 28.64 20.30
N ILE C 763 -11.94 29.91 20.13
CA ILE C 763 -10.58 30.30 19.66
C ILE C 763 -9.83 30.98 20.82
N ASP C 764 -8.79 30.31 21.33
CA ASP C 764 -7.89 30.85 22.38
C ASP C 764 -6.58 31.29 21.73
N ARG C 765 -6.46 32.59 21.44
CA ARG C 765 -5.24 33.23 20.87
C ARG C 765 -4.81 32.49 19.61
N GLY C 766 -5.73 32.38 18.63
CA GLY C 766 -5.47 31.88 17.27
C GLY C 766 -5.69 30.38 17.12
N ARG C 767 -5.82 29.65 18.24
CA ARG C 767 -5.88 28.17 18.24
C ARG C 767 -7.28 27.69 18.69
N VAL C 768 -7.81 26.68 18.00
CA VAL C 768 -9.11 26.02 18.34
C VAL C 768 -8.90 25.21 19.61
N LYS C 769 -9.75 25.44 20.62
CA LYS C 769 -9.78 24.66 21.88
C LYS C 769 -11.25 24.38 22.24
N LYS C 770 -11.46 23.51 23.22
CA LYS C 770 -12.81 22.99 23.58
C LYS C 770 -13.49 23.96 24.55
N VAL C 771 -14.81 23.82 24.69
CA VAL C 771 -15.65 24.51 25.70
C VAL C 771 -16.37 23.43 26.52
N TYR C 772 -16.09 23.36 27.82
CA TYR C 772 -16.73 22.42 28.76
C TYR C 772 -17.65 23.18 29.72
N VAL C 773 -18.87 22.69 29.90
CA VAL C 773 -19.75 23.04 31.05
C VAL C 773 -19.71 21.86 32.02
N MET C 774 -19.68 22.17 33.32
CA MET C 774 -19.65 21.18 34.42
C MET C 774 -20.11 21.88 35.70
N SER C 775 -20.51 21.11 36.71
CA SER C 775 -20.78 21.63 38.07
C SER C 775 -19.47 22.12 38.69
N GLU C 776 -19.53 23.19 39.46
CA GLU C 776 -18.42 23.63 40.35
C GLU C 776 -18.15 22.50 41.36
N ALA C 777 -16.88 22.29 41.73
CA ALA C 777 -16.40 21.13 42.51
C ALA C 777 -17.33 20.83 43.69
N LYS C 778 -17.73 21.85 44.46
CA LYS C 778 -18.38 21.67 45.78
C LYS C 778 -19.80 21.08 45.64
N TYR C 779 -20.42 21.13 44.45
CA TYR C 779 -21.80 20.62 44.23
C TYR C 779 -21.79 19.24 43.56
N ARG C 780 -20.64 18.57 43.44
CA ARG C 780 -20.54 17.22 42.81
C ARG C 780 -19.54 16.34 43.56
N MET C 781 -19.42 16.50 44.88
CA MET C 781 -18.48 15.73 45.75
C MET C 781 -19.21 14.57 46.44
N LEU C 782 -20.42 14.79 46.95
CA LEU C 782 -21.11 13.85 47.88
C LEU C 782 -22.37 13.26 47.23
N PRO C 783 -22.75 12.02 47.60
CA PRO C 783 -23.99 11.39 47.14
C PRO C 783 -25.27 12.22 47.32
N ASP C 784 -25.34 13.05 48.38
CA ASP C 784 -26.57 13.81 48.75
C ASP C 784 -26.66 15.09 47.89
N ASP C 785 -25.57 15.48 47.21
CA ASP C 785 -25.53 16.65 46.31
C ASP C 785 -26.33 16.38 45.03
N ILE C 786 -26.73 15.13 44.77
CA ILE C 786 -27.57 14.73 43.60
C ILE C 786 -28.89 15.53 43.64
N GLY C 787 -29.54 15.56 44.81
CA GLY C 787 -30.87 16.18 45.03
C GLY C 787 -30.84 17.70 44.98
N ASP C 788 -29.65 18.32 44.95
CA ASP C 788 -29.48 19.80 44.86
C ASP C 788 -29.73 20.28 43.42
N TRP C 789 -29.82 19.38 42.44
CA TRP C 789 -29.99 19.71 41.00
C TRP C 789 -31.48 19.70 40.63
N TYR C 790 -31.92 20.77 39.97
CA TYR C 790 -33.33 20.98 39.56
C TYR C 790 -33.41 20.96 38.03
N VAL C 791 -34.45 20.28 37.51
CA VAL C 791 -34.85 20.25 36.08
C VAL C 791 -36.18 21.00 35.96
N ARG C 792 -36.34 21.84 34.93
CA ARG C 792 -37.59 22.59 34.67
C ARG C 792 -38.61 21.65 34.03
N ALA C 793 -39.83 21.60 34.60
CA ALA C 793 -40.99 20.85 34.08
C ALA C 793 -41.70 21.67 33.00
N ALA C 794 -42.49 21.00 32.15
CA ALA C 794 -43.22 21.60 31.02
C ALA C 794 -44.15 22.73 31.52
N ASP C 795 -44.79 22.53 32.67
CA ASP C 795 -45.71 23.52 33.30
C ASP C 795 -44.91 24.77 33.70
N GLY C 796 -43.71 24.60 34.25
CA GLY C 796 -42.79 25.71 34.60
C GLY C 796 -42.06 25.54 35.92
N GLN C 797 -42.53 24.64 36.79
CA GLN C 797 -41.94 24.38 38.13
C GLN C 797 -40.60 23.65 37.99
N MET C 798 -39.67 23.96 38.90
CA MET C 798 -38.33 23.30 39.02
C MET C 798 -38.46 22.10 39.95
N VAL C 799 -38.12 20.90 39.45
CA VAL C 799 -38.27 19.60 40.19
C VAL C 799 -36.89 19.12 40.60
N PRO C 800 -36.62 18.92 41.91
CA PRO C 800 -35.33 18.37 42.35
C PRO C 800 -35.20 16.89 41.97
N PHE C 801 -33.96 16.43 41.76
CA PHE C 801 -33.61 15.03 41.38
C PHE C 801 -34.21 14.04 42.38
N SER C 802 -34.26 14.40 43.67
CA SER C 802 -34.79 13.58 44.79
C SER C 802 -36.26 13.20 44.54
N ALA C 803 -36.99 13.99 43.74
CA ALA C 803 -38.42 13.79 43.45
C ALA C 803 -38.65 12.63 42.47
N PHE C 804 -37.64 12.25 41.67
CA PHE C 804 -37.79 11.22 40.60
C PHE C 804 -36.57 10.28 40.51
N SER C 805 -35.74 10.18 41.54
CA SER C 805 -34.48 9.38 41.51
C SER C 805 -34.21 8.72 42.87
N SER C 806 -33.54 7.56 42.83
CA SER C 806 -32.99 6.83 44.00
C SER C 806 -31.62 6.28 43.63
N SER C 807 -30.75 6.04 44.62
CA SER C 807 -29.34 5.62 44.44
C SER C 807 -29.07 4.33 45.21
N ARG C 808 -27.96 3.66 44.88
CA ARG C 808 -27.42 2.50 45.62
C ARG C 808 -25.98 2.24 45.17
N TRP C 809 -25.22 1.53 46.00
CA TRP C 809 -23.81 1.14 45.74
C TRP C 809 -23.78 -0.29 45.19
N GLU C 810 -23.21 -0.46 43.99
CA GLU C 810 -22.83 -1.80 43.44
C GLU C 810 -21.34 -1.75 43.11
N TYR C 811 -20.77 -2.89 42.74
CA TYR C 811 -19.30 -3.09 42.53
C TYR C 811 -19.06 -3.66 41.13
N GLY C 812 -17.98 -3.21 40.50
CA GLY C 812 -17.57 -3.63 39.15
C GLY C 812 -16.11 -3.30 38.88
N SER C 813 -15.52 -3.91 37.85
CA SER C 813 -14.11 -3.72 37.44
C SER C 813 -13.97 -2.36 36.76
N PRO C 814 -12.96 -1.54 37.14
CA PRO C 814 -12.60 -0.35 36.36
C PRO C 814 -11.60 -0.60 35.22
N ARG C 815 -11.18 -1.86 35.02
N ARG C 815 -11.19 -1.86 35.02
CA ARG C 815 -10.24 -2.27 33.94
CA ARG C 815 -10.24 -2.27 33.94
C ARG C 815 -10.33 -3.79 33.74
C ARG C 815 -10.33 -3.79 33.74
N LEU C 816 -11.05 -4.22 32.69
CA LEU C 816 -11.14 -5.64 32.28
C LEU C 816 -10.09 -5.87 31.18
N GLU C 817 -9.21 -6.87 31.36
CA GLU C 817 -8.17 -7.24 30.36
C GLU C 817 -8.65 -8.48 29.60
N ARG C 818 -8.08 -8.70 28.42
CA ARG C 818 -8.30 -9.91 27.57
C ARG C 818 -6.98 -10.27 26.89
N TYR C 819 -6.71 -11.56 26.72
CA TYR C 819 -5.52 -12.10 26.02
C TYR C 819 -5.98 -13.17 25.02
N ASN C 820 -5.68 -12.97 23.73
CA ASN C 820 -6.07 -13.86 22.61
C ASN C 820 -7.57 -14.14 22.69
N GLY C 821 -8.38 -13.11 22.95
CA GLY C 821 -9.85 -13.15 22.88
C GLY C 821 -10.52 -13.44 24.21
N LEU C 822 -9.81 -14.07 25.16
CA LEU C 822 -10.39 -14.58 26.43
C LEU C 822 -10.07 -13.63 27.59
N PRO C 823 -10.95 -13.54 28.61
CA PRO C 823 -10.68 -12.75 29.82
C PRO C 823 -9.37 -13.16 30.48
N SER C 824 -8.51 -12.18 30.79
CA SER C 824 -7.13 -12.40 31.30
C SER C 824 -6.80 -11.42 32.42
N MET C 825 -5.70 -11.68 33.13
CA MET C 825 -5.09 -10.79 34.14
C MET C 825 -3.58 -10.90 34.06
N GLU C 826 -2.92 -9.84 33.59
CA GLU C 826 -1.44 -9.75 33.45
C GLU C 826 -0.83 -9.69 34.85
N ILE C 827 0.19 -10.52 35.09
CA ILE C 827 0.99 -10.54 36.36
C ILE C 827 2.45 -10.32 35.98
N LEU C 828 3.07 -9.26 36.50
CA LEU C 828 4.52 -8.98 36.35
C LEU C 828 5.24 -9.52 37.58
N GLY C 829 6.55 -9.72 37.48
CA GLY C 829 7.38 -10.24 38.57
C GLY C 829 8.83 -10.38 38.17
N GLN C 830 9.71 -10.57 39.15
CA GLN C 830 11.17 -10.71 38.98
C GLN C 830 11.62 -12.04 39.60
N ALA C 831 12.72 -12.60 39.08
CA ALA C 831 13.49 -13.67 39.75
C ALA C 831 14.22 -13.04 40.94
N ALA C 832 14.26 -13.72 42.08
CA ALA C 832 14.94 -13.25 43.32
C ALA C 832 16.43 -13.17 43.06
N PRO C 833 17.19 -12.36 43.82
CA PRO C 833 18.64 -12.26 43.64
C PRO C 833 19.31 -13.64 43.67
N GLY C 834 20.18 -13.92 42.70
CA GLY C 834 20.90 -15.20 42.55
C GLY C 834 20.23 -16.13 41.55
N LYS C 835 18.91 -15.98 41.34
CA LYS C 835 18.11 -16.81 40.39
C LYS C 835 18.02 -16.13 39.03
N SER C 836 17.56 -16.86 38.02
CA SER C 836 17.36 -16.41 36.62
C SER C 836 15.87 -16.34 36.30
N THR C 837 15.49 -15.54 35.29
CA THR C 837 14.10 -15.41 34.79
C THR C 837 13.58 -16.79 34.36
N GLY C 838 14.46 -17.64 33.82
CA GLY C 838 14.13 -19.02 33.40
C GLY C 838 13.65 -19.86 34.57
N GLU C 839 14.37 -19.79 35.70
CA GLU C 839 14.01 -20.48 36.97
C GLU C 839 12.67 -19.92 37.48
N ALA C 840 12.52 -18.60 37.48
CA ALA C 840 11.29 -17.88 37.91
C ALA C 840 10.10 -18.34 37.06
N MET C 841 10.28 -18.40 35.73
CA MET C 841 9.24 -18.84 34.77
C MET C 841 8.83 -20.29 35.08
N GLU C 842 9.82 -21.16 35.36
CA GLU C 842 9.63 -22.60 35.66
C GLU C 842 8.69 -22.77 36.87
N LEU C 843 8.95 -22.07 37.97
CA LEU C 843 8.16 -22.15 39.22
C LEU C 843 6.75 -21.57 38.98
N MET C 844 6.66 -20.44 38.28
CA MET C 844 5.36 -19.77 37.96
C MET C 844 4.46 -20.76 37.19
N GLU C 845 5.05 -21.55 36.28
CA GLU C 845 4.32 -22.58 35.47
C GLU C 845 3.83 -23.71 36.37
N GLN C 846 4.69 -24.17 37.30
CA GLN C 846 4.34 -25.22 38.32
C GLN C 846 3.15 -24.74 39.15
N LEU C 847 3.25 -23.54 39.73
CA LEU C 847 2.21 -22.95 40.61
C LEU C 847 0.89 -22.81 39.83
N ALA C 848 0.97 -22.43 38.55
CA ALA C 848 -0.20 -22.19 37.66
C ALA C 848 -0.96 -23.50 37.41
N SER C 849 -0.29 -24.64 37.46
CA SER C 849 -0.87 -26.00 37.22
C SER C 849 -1.75 -26.43 38.39
N LYS C 850 -1.61 -25.80 39.57
CA LYS C 850 -2.39 -26.11 40.80
C LYS C 850 -3.72 -25.34 40.82
N LEU C 851 -3.94 -24.42 39.87
CA LEU C 851 -5.12 -23.52 39.85
C LEU C 851 -6.34 -24.31 39.39
N PRO C 852 -7.58 -23.82 39.67
CA PRO C 852 -8.80 -24.51 39.26
C PRO C 852 -8.87 -24.82 37.77
N THR C 853 -9.49 -25.94 37.39
CA THR C 853 -9.71 -26.35 35.99
C THR C 853 -10.50 -25.25 35.28
N GLY C 854 -10.05 -24.85 34.08
CA GLY C 854 -10.60 -23.71 33.33
C GLY C 854 -9.66 -22.52 33.32
N VAL C 855 -8.82 -22.39 34.35
CA VAL C 855 -7.78 -21.32 34.46
C VAL C 855 -6.49 -21.83 33.80
N GLY C 856 -6.26 -21.40 32.55
CA GLY C 856 -4.98 -21.60 31.84
C GLY C 856 -4.09 -20.37 32.01
N TYR C 857 -2.95 -20.35 31.32
CA TYR C 857 -1.98 -19.23 31.35
C TYR C 857 -1.19 -19.17 30.04
N ASP C 858 -0.42 -18.11 29.86
CA ASP C 858 0.48 -17.91 28.69
C ASP C 858 1.54 -16.87 29.04
N TRP C 859 2.72 -16.97 28.41
CA TRP C 859 3.80 -15.95 28.48
C TRP C 859 3.64 -14.99 27.30
N THR C 860 3.80 -13.68 27.55
CA THR C 860 3.67 -12.60 26.55
C THR C 860 4.92 -11.72 26.58
N GLY C 861 5.05 -10.83 25.59
CA GLY C 861 6.13 -9.83 25.50
C GLY C 861 7.51 -10.45 25.64
N MET C 862 8.25 -10.03 26.66
CA MET C 862 9.68 -10.40 26.90
C MET C 862 9.78 -11.91 27.18
N SER C 863 8.86 -12.45 27.98
CA SER C 863 8.85 -13.88 28.40
C SER C 863 8.49 -14.78 27.21
N TYR C 864 7.61 -14.33 26.31
CA TYR C 864 7.25 -15.05 25.07
C TYR C 864 8.51 -15.31 24.24
N GLN C 865 9.35 -14.28 24.07
CA GLN C 865 10.62 -14.31 23.30
C GLN C 865 11.63 -15.25 23.98
N GLU C 866 11.68 -15.20 25.32
CA GLU C 866 12.61 -16.00 26.16
C GLU C 866 12.27 -17.50 26.01
N ARG C 867 10.99 -17.84 26.12
CA ARG C 867 10.46 -19.22 25.92
C ARG C 867 10.87 -19.70 24.52
N LEU C 868 10.62 -18.87 23.51
CA LEU C 868 10.88 -19.16 22.07
C LEU C 868 12.38 -19.41 21.87
N SER C 869 13.23 -18.49 22.37
CA SER C 869 14.71 -18.53 22.26
C SER C 869 15.27 -19.87 22.76
N GLY C 870 14.74 -20.37 23.88
CA GLY C 870 15.18 -21.61 24.55
C GLY C 870 14.65 -22.85 23.87
N ASN C 871 13.43 -22.78 23.29
CA ASN C 871 12.77 -23.91 22.59
C ASN C 871 13.53 -24.23 21.30
N GLN C 872 14.04 -23.21 20.59
CA GLN C 872 14.58 -23.36 19.21
C GLN C 872 16.10 -23.61 19.22
N ALA C 873 16.78 -23.48 20.37
CA ALA C 873 18.25 -23.60 20.49
C ALA C 873 18.72 -25.02 20.15
N PRO C 874 18.13 -26.09 20.73
CA PRO C 874 18.46 -27.46 20.34
C PRO C 874 18.54 -27.71 18.82
N SER C 875 17.53 -27.26 18.08
CA SER C 875 17.44 -27.36 16.59
C SER C 875 18.60 -26.59 15.94
N LEU C 876 18.89 -25.39 16.46
CA LEU C 876 19.96 -24.49 15.95
C LEU C 876 21.33 -25.17 16.08
N TYR C 877 21.62 -25.79 17.23
CA TYR C 877 22.90 -26.51 17.49
C TYR C 877 22.98 -27.73 16.55
N ALA C 878 21.89 -28.50 16.47
CA ALA C 878 21.79 -29.72 15.63
C ALA C 878 22.15 -29.39 14.17
N ILE C 879 21.43 -28.44 13.55
CA ILE C 879 21.61 -28.09 12.10
C ILE C 879 22.99 -27.44 11.90
N SER C 880 23.48 -26.68 12.88
CA SER C 880 24.81 -26.02 12.82
C SER C 880 25.92 -27.09 12.78
N LEU C 881 25.80 -28.14 13.60
CA LEU C 881 26.78 -29.26 13.67
C LEU C 881 26.79 -30.03 12.34
N ILE C 882 25.61 -30.37 11.82
CA ILE C 882 25.43 -31.16 10.56
C ILE C 882 25.99 -30.34 9.39
N VAL C 883 25.71 -29.04 9.32
CA VAL C 883 26.19 -28.14 8.23
C VAL C 883 27.73 -28.12 8.26
N VAL C 884 28.32 -27.96 9.45
CA VAL C 884 29.81 -27.92 9.63
C VAL C 884 30.40 -29.27 9.22
N PHE C 885 29.72 -30.38 9.56
CA PHE C 885 30.11 -31.76 9.20
C PHE C 885 30.15 -31.92 7.68
N LEU C 886 29.01 -31.64 7.03
CA LEU C 886 28.81 -31.83 5.56
C LEU C 886 29.78 -30.92 4.78
N CYS C 887 30.03 -29.71 5.28
CA CYS C 887 30.98 -28.72 4.68
C CYS C 887 32.41 -29.26 4.72
N LEU C 888 32.80 -29.94 5.81
CA LEU C 888 34.13 -30.56 5.97
C LEU C 888 34.24 -31.77 5.05
N ALA C 889 33.18 -32.59 4.97
CA ALA C 889 33.11 -33.82 4.14
C ALA C 889 33.28 -33.45 2.67
N ALA C 890 32.57 -32.42 2.20
CA ALA C 890 32.63 -31.91 0.81
C ALA C 890 34.01 -31.33 0.51
N LEU C 891 34.61 -30.61 1.47
CA LEU C 891 35.89 -29.87 1.27
C LEU C 891 37.06 -30.85 1.15
N TYR C 892 37.13 -31.84 2.05
CA TYR C 892 38.28 -32.76 2.22
C TYR C 892 37.97 -34.14 1.64
N GLU C 893 36.84 -34.28 0.93
CA GLU C 893 36.45 -35.54 0.22
C GLU C 893 36.65 -36.72 1.18
N SER C 894 36.05 -36.63 2.38
CA SER C 894 36.25 -37.60 3.49
C SER C 894 35.01 -37.67 4.38
N TRP C 895 34.85 -38.81 5.07
CA TRP C 895 33.93 -38.99 6.22
C TRP C 895 34.74 -39.06 7.52
N SER C 896 36.01 -39.51 7.44
CA SER C 896 36.91 -39.73 8.59
C SER C 896 37.47 -38.41 9.12
N ILE C 897 37.78 -37.45 8.23
CA ILE C 897 38.33 -36.11 8.63
C ILE C 897 37.23 -35.32 9.34
N PRO C 898 36.00 -35.22 8.79
CA PRO C 898 34.86 -34.71 9.55
C PRO C 898 34.67 -35.35 10.94
N PHE C 899 34.46 -36.67 11.04
CA PHE C 899 34.19 -37.38 12.31
CA PHE C 899 34.18 -37.35 12.32
C PHE C 899 35.33 -37.10 13.30
N SER C 900 36.57 -37.09 12.81
CA SER C 900 37.80 -36.78 13.59
C SER C 900 37.70 -35.37 14.19
N VAL C 901 37.25 -34.40 13.39
CA VAL C 901 37.14 -32.96 13.78
C VAL C 901 35.96 -32.79 14.75
N MET C 902 34.76 -33.22 14.35
CA MET C 902 33.49 -32.95 15.10
C MET C 902 33.54 -33.49 16.53
N LEU C 903 34.37 -34.51 16.81
CA LEU C 903 34.56 -35.08 18.17
C LEU C 903 35.21 -34.04 19.11
N VAL C 904 35.84 -32.99 18.56
CA VAL C 904 36.54 -31.93 19.35
C VAL C 904 35.51 -31.02 20.03
N VAL C 905 34.29 -30.92 19.49
CA VAL C 905 33.28 -29.89 19.89
C VAL C 905 33.06 -29.93 21.40
N PRO C 906 32.76 -31.08 22.04
CA PRO C 906 32.63 -31.14 23.50
C PRO C 906 33.81 -30.56 24.30
N LEU C 907 35.04 -30.70 23.82
CA LEU C 907 36.25 -30.14 24.49
C LEU C 907 36.09 -28.63 24.64
N GLY C 908 35.56 -27.97 23.61
CA GLY C 908 35.27 -26.52 23.62
C GLY C 908 34.06 -26.19 24.47
N VAL C 909 32.95 -26.92 24.27
CA VAL C 909 31.64 -26.63 24.90
C VAL C 909 31.77 -26.66 26.43
N ILE C 910 32.51 -27.62 26.99
CA ILE C 910 32.62 -27.79 28.47
C ILE C 910 33.30 -26.55 29.07
N GLY C 911 34.29 -25.98 28.36
CA GLY C 911 34.99 -24.76 28.78
C GLY C 911 34.06 -23.56 28.87
N ALA C 912 33.14 -23.43 27.90
CA ALA C 912 32.12 -22.36 27.85
C ALA C 912 31.17 -22.51 29.05
N LEU C 913 30.65 -23.73 29.27
CA LEU C 913 29.75 -24.05 30.41
C LEU C 913 30.48 -23.83 31.75
N LEU C 914 31.78 -24.18 31.82
CA LEU C 914 32.60 -23.99 33.05
C LEU C 914 32.70 -22.49 33.35
N ALA C 915 33.18 -21.69 32.38
CA ALA C 915 33.41 -20.24 32.50
C ALA C 915 32.11 -19.52 32.86
N ALA C 916 30.99 -19.90 32.23
CA ALA C 916 29.65 -19.33 32.51
C ALA C 916 29.22 -19.70 33.94
N THR C 917 29.41 -20.96 34.33
CA THR C 917 28.97 -21.52 35.65
C THR C 917 29.74 -20.84 36.79
N PHE C 918 31.05 -20.64 36.66
CA PHE C 918 31.92 -20.10 37.74
C PHE C 918 31.90 -18.57 37.73
N ARG C 919 31.58 -17.93 36.60
CA ARG C 919 31.43 -16.45 36.52
C ARG C 919 30.00 -16.06 36.93
N GLY C 920 29.10 -17.04 37.03
CA GLY C 920 27.73 -16.87 37.55
C GLY C 920 26.78 -16.34 36.48
N LEU C 921 27.08 -16.58 35.21
CA LEU C 921 26.24 -16.17 34.05
C LEU C 921 25.23 -17.28 33.75
N THR C 922 24.32 -17.03 32.82
CA THR C 922 23.17 -17.91 32.48
C THR C 922 23.26 -18.34 31.01
N ASN C 923 22.50 -19.37 30.64
CA ASN C 923 22.30 -19.81 29.23
C ASN C 923 21.36 -18.80 28.55
N ASP C 924 21.92 -17.69 28.06
CA ASP C 924 21.15 -16.57 27.43
C ASP C 924 21.46 -16.52 25.93
N VAL C 925 20.88 -15.54 25.22
CA VAL C 925 21.02 -15.38 23.74
C VAL C 925 22.50 -15.26 23.38
N TYR C 926 23.28 -14.50 24.17
CA TYR C 926 24.72 -14.25 23.93
C TYR C 926 25.51 -15.56 24.11
N PHE C 927 25.11 -16.40 25.05
CA PHE C 927 25.74 -17.73 25.31
C PHE C 927 25.49 -18.65 24.12
N GLN C 928 24.26 -18.67 23.60
CA GLN C 928 23.86 -19.46 22.41
C GLN C 928 24.77 -19.12 21.22
N VAL C 929 25.00 -17.82 20.99
CA VAL C 929 25.93 -17.30 19.95
C VAL C 929 27.34 -17.77 20.31
N GLY C 930 27.66 -17.77 21.61
CA GLY C 930 28.97 -18.22 22.14
C GLY C 930 29.22 -19.70 21.89
N LEU C 931 28.22 -20.55 22.07
CA LEU C 931 28.32 -22.02 21.88
C LEU C 931 28.51 -22.33 20.39
N LEU C 932 27.79 -21.62 19.51
CA LEU C 932 27.96 -21.72 18.03
C LEU C 932 29.38 -21.30 17.67
N THR C 933 29.85 -20.16 18.18
CA THR C 933 31.24 -19.67 17.99
C THR C 933 32.23 -20.75 18.46
N THR C 934 31.93 -21.39 19.60
CA THR C 934 32.80 -22.41 20.25
C THR C 934 32.94 -23.63 19.33
N ILE C 935 31.85 -24.05 18.67
CA ILE C 935 31.86 -25.19 17.70
C ILE C 935 32.90 -24.87 16.60
N GLY C 936 32.87 -23.65 16.07
CA GLY C 936 33.83 -23.16 15.06
C GLY C 936 35.25 -23.14 15.59
N LEU C 937 35.46 -22.56 16.78
CA LEU C 937 36.79 -22.42 17.43
C LEU C 937 37.42 -23.81 17.62
N SER C 938 36.63 -24.77 18.10
CA SER C 938 37.05 -26.17 18.38
C SER C 938 37.49 -26.83 17.07
N ALA C 939 36.64 -26.76 16.04
CA ALA C 939 36.87 -27.35 14.70
C ALA C 939 38.09 -26.70 14.06
N LYS C 940 38.26 -25.39 14.23
CA LYS C 940 39.43 -24.61 13.75
C LYS C 940 40.72 -25.31 14.21
N ASN C 941 40.88 -25.49 15.52
CA ASN C 941 42.09 -26.10 16.14
C ASN C 941 42.24 -27.54 15.68
N ALA C 942 41.14 -28.30 15.61
CA ALA C 942 41.12 -29.72 15.18
C ALA C 942 41.62 -29.83 13.73
N ILE C 943 41.16 -28.94 12.85
CA ILE C 943 41.52 -28.91 11.39
C ILE C 943 43.04 -28.74 11.26
N LEU C 944 43.66 -27.87 12.06
CA LEU C 944 45.10 -27.53 11.94
C LEU C 944 45.97 -28.77 12.22
N ILE C 945 45.47 -29.75 12.99
CA ILE C 945 46.17 -31.05 13.23
C ILE C 945 45.70 -32.08 12.18
N VAL C 946 44.39 -32.33 12.09
CA VAL C 946 43.78 -33.47 11.33
C VAL C 946 44.07 -33.30 9.83
N GLU C 947 43.77 -32.13 9.26
CA GLU C 947 43.95 -31.85 7.80
C GLU C 947 45.42 -32.09 7.42
N PHE C 948 46.35 -31.58 8.22
CA PHE C 948 47.81 -31.59 7.93
C PHE C 948 48.37 -33.01 8.10
N ALA C 949 47.84 -33.78 9.07
CA ALA C 949 48.23 -35.19 9.30
C ALA C 949 47.85 -36.03 8.07
N LYS C 950 46.58 -35.98 7.67
CA LYS C 950 46.03 -36.65 6.46
C LYS C 950 46.87 -36.25 5.24
N ASP C 951 47.27 -34.98 5.15
CA ASP C 951 48.03 -34.40 4.01
C ASP C 951 49.43 -35.03 3.97
N LEU C 952 50.12 -35.12 5.12
CA LEU C 952 51.48 -35.72 5.24
C LEU C 952 51.44 -37.19 4.82
N MET C 953 50.38 -37.92 5.20
CA MET C 953 50.19 -39.37 4.87
C MET C 953 50.11 -39.53 3.35
N ASP C 954 49.31 -38.69 2.68
CA ASP C 954 49.02 -38.78 1.22
C ASP C 954 50.23 -38.32 0.41
N LYS C 955 50.66 -37.06 0.60
CA LYS C 955 51.70 -36.39 -0.22
C LYS C 955 53.08 -37.01 0.03
N GLU C 956 53.44 -37.27 1.29
CA GLU C 956 54.82 -37.68 1.69
C GLU C 956 54.85 -39.13 2.15
N GLY C 957 53.80 -39.92 1.85
CA GLY C 957 53.73 -41.37 2.08
C GLY C 957 54.23 -41.80 3.44
N LYS C 958 53.81 -41.08 4.50
CA LYS C 958 54.19 -41.34 5.92
C LYS C 958 53.10 -42.18 6.59
N GLY C 959 53.49 -42.94 7.63
CA GLY C 959 52.57 -43.74 8.46
C GLY C 959 51.63 -42.85 9.26
N LEU C 960 50.59 -43.45 9.85
CA LEU C 960 49.54 -42.74 10.63
C LEU C 960 50.16 -42.02 11.82
N ILE C 961 50.92 -42.74 12.65
CA ILE C 961 51.52 -42.23 13.92
C ILE C 961 52.60 -41.19 13.59
N GLU C 962 53.46 -41.46 12.60
CA GLU C 962 54.57 -40.55 12.20
C GLU C 962 53.98 -39.24 11.65
N ALA C 963 52.92 -39.32 10.86
CA ALA C 963 52.23 -38.16 10.23
C ALA C 963 51.59 -37.30 11.33
N THR C 964 50.85 -37.92 12.25
CA THR C 964 50.15 -37.25 13.38
C THR C 964 51.16 -36.50 14.25
N LEU C 965 52.27 -37.15 14.59
CA LEU C 965 53.34 -36.58 15.47
C LEU C 965 54.04 -35.43 14.75
N ASP C 966 54.30 -35.58 13.45
CA ASP C 966 54.89 -34.52 12.60
C ASP C 966 53.90 -33.35 12.51
N ALA C 967 52.60 -33.64 12.36
CA ALA C 967 51.52 -32.64 12.24
C ALA C 967 51.46 -31.77 13.49
N VAL C 968 51.38 -32.38 14.68
CA VAL C 968 51.23 -31.66 15.99
C VAL C 968 52.51 -30.87 16.29
N ARG C 969 53.69 -31.41 15.95
CA ARG C 969 55.00 -30.75 16.18
C ARG C 969 55.03 -29.42 15.41
N MET C 970 54.68 -29.46 14.13
CA MET C 970 54.78 -28.29 13.19
C MET C 970 53.64 -27.30 13.44
N ARG C 971 52.53 -27.72 14.06
CA ARG C 971 51.28 -26.92 14.16
C ARG C 971 51.04 -26.38 15.58
N LEU C 972 51.76 -26.85 16.60
CA LEU C 972 51.58 -26.34 17.99
C LEU C 972 51.68 -24.82 18.00
N ARG C 973 52.75 -24.26 17.41
CA ARG C 973 53.05 -22.80 17.45
C ARG C 973 51.90 -22.00 16.86
N PRO C 974 51.47 -22.23 15.60
CA PRO C 974 50.32 -21.49 15.04
C PRO C 974 49.01 -21.70 15.80
N ILE C 975 48.74 -22.91 16.29
CA ILE C 975 47.51 -23.25 17.06
C ILE C 975 47.46 -22.37 18.32
N LEU C 976 48.53 -22.37 19.12
CA LEU C 976 48.60 -21.60 20.40
C LEU C 976 48.61 -20.10 20.09
N MET C 977 49.31 -19.70 19.02
CA MET C 977 49.45 -18.28 18.61
C MET C 977 48.08 -17.71 18.24
N THR C 978 47.34 -18.40 17.37
CA THR C 978 46.01 -17.97 16.86
C THR C 978 44.94 -18.14 17.95
N SER C 979 45.07 -19.15 18.82
CA SER C 979 44.13 -19.42 19.93
C SER C 979 44.25 -18.34 21.00
N LEU C 980 45.49 -17.93 21.32
CA LEU C 980 45.77 -16.89 22.32
C LEU C 980 45.30 -15.52 21.79
N ALA C 981 45.36 -15.32 20.46
CA ALA C 981 44.89 -14.08 19.79
C ALA C 981 43.40 -13.88 20.07
N PHE C 982 42.59 -14.94 19.97
CA PHE C 982 41.14 -14.91 20.28
C PHE C 982 40.95 -14.67 21.78
N ILE C 983 41.60 -15.48 22.62
CA ILE C 983 41.42 -15.48 24.11
C ILE C 983 41.68 -14.06 24.64
N LEU C 984 42.76 -13.40 24.19
CA LEU C 984 43.12 -12.02 24.62
C LEU C 984 42.30 -10.99 23.83
N GLY C 985 41.84 -11.35 22.64
CA GLY C 985 40.95 -10.52 21.81
C GLY C 985 39.61 -10.26 22.47
N VAL C 986 39.03 -11.27 23.14
CA VAL C 986 37.71 -11.20 23.82
C VAL C 986 37.91 -10.86 25.31
N MET C 987 39.16 -10.75 25.77
CA MET C 987 39.51 -10.38 27.18
C MET C 987 38.78 -9.10 27.57
N PRO C 988 38.88 -7.98 26.81
CA PRO C 988 38.23 -6.73 27.19
C PRO C 988 36.71 -6.82 27.36
N LEU C 989 36.02 -7.70 26.63
CA LEU C 989 34.58 -8.01 26.83
C LEU C 989 34.40 -8.61 28.23
N VAL C 990 35.25 -9.58 28.58
CA VAL C 990 35.15 -10.41 29.82
C VAL C 990 35.38 -9.51 31.06
N ILE C 991 36.32 -8.56 31.00
CA ILE C 991 36.73 -7.73 32.18
C ILE C 991 36.01 -6.37 32.17
N SER C 992 35.17 -6.09 31.17
CA SER C 992 34.39 -4.84 31.03
C SER C 992 33.51 -4.64 32.27
N THR C 993 33.48 -3.43 32.82
CA THR C 993 32.62 -3.02 33.97
C THR C 993 31.90 -1.69 33.66
N GLY C 994 32.03 -1.19 32.43
CA GLY C 994 31.39 0.08 32.00
C GLY C 994 29.89 -0.09 31.78
N ALA C 995 29.24 0.94 31.23
CA ALA C 995 27.82 0.89 30.83
C ALA C 995 27.66 -0.16 29.72
N GLY C 996 26.67 -1.04 29.85
CA GLY C 996 26.38 -2.11 28.88
C GLY C 996 27.30 -3.30 29.03
N SER C 997 27.97 -3.44 30.18
CA SER C 997 28.94 -4.53 30.48
C SER C 997 28.20 -5.85 30.73
N GLY C 998 26.90 -5.79 31.05
CA GLY C 998 26.03 -6.97 31.12
C GLY C 998 26.16 -7.81 29.86
N ALA C 999 26.01 -7.17 28.69
CA ALA C 999 26.07 -7.80 27.36
C ALA C 999 27.53 -8.16 27.00
N GLN C 1000 28.50 -7.31 27.34
CA GLN C 1000 29.95 -7.56 27.03
C GLN C 1000 30.39 -8.83 27.74
N ASN C 1001 30.14 -8.93 29.05
CA ASN C 1001 30.50 -10.09 29.91
C ASN C 1001 29.80 -11.35 29.37
N ALA C 1002 28.56 -11.22 28.90
CA ALA C 1002 27.73 -12.33 28.37
C ALA C 1002 28.38 -12.91 27.10
N VAL C 1003 28.85 -12.05 26.19
CA VAL C 1003 29.38 -12.46 24.85
C VAL C 1003 30.77 -13.09 25.03
N GLY C 1004 31.64 -12.45 25.82
CA GLY C 1004 33.06 -12.79 25.93
C GLY C 1004 33.33 -14.03 26.76
N THR C 1005 32.63 -14.19 27.89
CA THR C 1005 32.96 -15.18 28.96
C THR C 1005 32.92 -16.62 28.40
N GLY C 1006 31.79 -17.01 27.80
CA GLY C 1006 31.57 -18.36 27.25
C GLY C 1006 32.61 -18.74 26.22
N VAL C 1007 32.87 -17.88 25.24
CA VAL C 1007 33.80 -18.16 24.09
C VAL C 1007 35.24 -18.17 24.57
N MET C 1008 35.58 -17.40 25.61
CA MET C 1008 36.96 -17.37 26.19
C MET C 1008 37.24 -18.72 26.85
N GLY C 1009 36.38 -19.15 27.76
CA GLY C 1009 36.41 -20.50 28.36
C GLY C 1009 36.34 -21.58 27.30
N GLY C 1010 35.52 -21.34 26.27
CA GLY C 1010 35.40 -22.22 25.09
C GLY C 1010 36.74 -22.47 24.43
N MET C 1011 37.48 -21.40 24.12
CA MET C 1011 38.76 -21.47 23.36
C MET C 1011 39.87 -22.03 24.26
N VAL C 1012 39.86 -21.68 25.55
CA VAL C 1012 40.87 -22.17 26.55
C VAL C 1012 40.87 -23.70 26.51
N THR C 1013 39.72 -24.34 26.74
CA THR C 1013 39.58 -25.82 26.77
C THR C 1013 39.73 -26.38 25.35
N ALA C 1014 39.28 -25.65 24.32
CA ALA C 1014 39.35 -26.06 22.90
C ALA C 1014 40.79 -25.96 22.37
N THR C 1015 41.72 -25.40 23.15
CA THR C 1015 43.17 -25.36 22.85
C THR C 1015 43.90 -26.37 23.74
N VAL C 1016 43.82 -26.19 25.06
CA VAL C 1016 44.56 -27.00 26.07
C VAL C 1016 44.19 -28.49 25.89
N LEU C 1017 42.90 -28.83 25.82
CA LEU C 1017 42.44 -30.24 25.72
C LEU C 1017 42.62 -30.77 24.29
N ALA C 1018 42.43 -29.94 23.25
CA ALA C 1018 42.38 -30.38 21.84
C ALA C 1018 43.76 -30.88 21.37
N ILE C 1019 44.84 -30.18 21.72
CA ILE C 1019 46.22 -30.50 21.25
C ILE C 1019 46.66 -31.89 21.75
N PHE C 1020 46.00 -32.43 22.78
CA PHE C 1020 46.24 -33.81 23.31
C PHE C 1020 45.21 -34.79 22.76
N PHE C 1021 43.93 -34.39 22.61
CA PHE C 1021 42.80 -35.30 22.31
C PHE C 1021 42.56 -35.44 20.81
N VAL C 1022 42.89 -34.43 19.99
CA VAL C 1022 42.66 -34.45 18.51
C VAL C 1022 43.50 -35.55 17.87
N PRO C 1023 44.80 -35.69 18.20
CA PRO C 1023 45.60 -36.83 17.72
C PRO C 1023 44.97 -38.19 18.03
N VAL C 1024 44.38 -38.34 19.22
CA VAL C 1024 43.69 -39.59 19.66
C VAL C 1024 42.49 -39.84 18.74
N PHE C 1025 41.66 -38.82 18.52
CA PHE C 1025 40.45 -38.89 17.65
C PHE C 1025 40.87 -39.37 16.25
N PHE C 1026 41.86 -38.71 15.65
CA PHE C 1026 42.35 -38.99 14.27
C PHE C 1026 42.88 -40.42 14.18
N VAL C 1027 43.74 -40.82 15.11
CA VAL C 1027 44.45 -42.14 15.11
C VAL C 1027 43.44 -43.27 15.38
N VAL C 1028 42.47 -43.06 16.28
CA VAL C 1028 41.40 -44.05 16.61
C VAL C 1028 40.46 -44.19 15.40
N VAL C 1029 40.05 -43.07 14.80
CA VAL C 1029 39.05 -43.03 13.69
C VAL C 1029 39.68 -43.62 12.42
N ARG C 1030 40.95 -43.33 12.15
CA ARG C 1030 41.67 -43.82 10.94
C ARG C 1030 41.91 -45.33 11.06
N ARG C 1031 42.33 -45.82 12.24
CA ARG C 1031 42.58 -47.26 12.53
C ARG C 1031 41.27 -48.06 12.46
N ARG C 1032 40.17 -47.48 12.93
CA ARG C 1032 38.84 -48.14 13.02
C ARG C 1032 38.13 -48.08 11.66
N PHE C 1033 38.37 -47.02 10.87
CA PHE C 1033 37.74 -46.79 9.53
C PHE C 1033 38.84 -46.50 8.49
N SER C 1034 39.32 -47.56 7.82
CA SER C 1034 40.40 -47.51 6.80
C SER C 1034 39.96 -46.68 5.59
N GLY D 11 -54.33 -20.03 -13.48
CA GLY D 11 -55.34 -21.13 -13.50
C GLY D 11 -54.94 -22.25 -14.45
N SER D 12 -55.24 -22.08 -15.74
CA SER D 12 -54.95 -23.05 -16.83
C SER D 12 -53.48 -22.94 -17.28
N ASP D 13 -53.04 -23.86 -18.14
CA ASP D 13 -51.64 -23.94 -18.65
C ASP D 13 -51.42 -22.85 -19.70
N LEU D 14 -52.29 -22.77 -20.72
CA LEU D 14 -52.18 -21.81 -21.86
C LEU D 14 -52.48 -20.38 -21.39
N GLY D 15 -53.26 -20.23 -20.30
CA GLY D 15 -53.57 -18.93 -19.70
C GLY D 15 -52.32 -18.19 -19.27
N LYS D 16 -51.39 -18.89 -18.59
CA LYS D 16 -50.09 -18.35 -18.12
C LYS D 16 -49.27 -17.91 -19.34
N LYS D 17 -49.22 -18.75 -20.38
CA LYS D 17 -48.43 -18.53 -21.61
C LYS D 17 -48.97 -17.32 -22.38
N LEU D 18 -50.29 -17.10 -22.35
CA LEU D 18 -50.94 -15.94 -23.03
C LEU D 18 -50.60 -14.66 -22.26
N LEU D 19 -50.59 -14.71 -20.92
CA LEU D 19 -50.20 -13.56 -20.05
C LEU D 19 -48.76 -13.14 -20.40
N GLU D 20 -47.84 -14.11 -20.46
CA GLU D 20 -46.40 -13.88 -20.77
C GLU D 20 -46.25 -13.34 -22.20
N ALA D 21 -46.93 -13.95 -23.17
CA ALA D 21 -46.82 -13.63 -24.61
C ALA D 21 -47.43 -12.26 -24.91
N ALA D 22 -48.54 -11.90 -24.25
CA ALA D 22 -49.23 -10.60 -24.40
C ALA D 22 -48.31 -9.47 -23.91
N ARG D 23 -47.67 -9.68 -22.76
CA ARG D 23 -46.71 -8.74 -22.13
C ARG D 23 -45.53 -8.50 -23.08
N ALA D 24 -44.90 -9.58 -23.56
CA ALA D 24 -43.65 -9.56 -24.37
C ALA D 24 -43.93 -9.05 -25.79
N GLY D 25 -45.19 -9.10 -26.24
CA GLY D 25 -45.60 -8.60 -27.58
C GLY D 25 -45.28 -9.60 -28.69
N ARG D 26 -45.17 -10.89 -28.34
CA ARG D 26 -44.93 -11.99 -29.33
C ARG D 26 -46.25 -12.28 -30.06
N ASP D 27 -46.49 -11.56 -31.15
CA ASP D 27 -47.78 -11.57 -31.91
C ASP D 27 -48.06 -13.00 -32.42
N ASP D 28 -47.07 -13.66 -33.00
CA ASP D 28 -47.22 -14.98 -33.68
C ASP D 28 -47.55 -16.06 -32.63
N GLU D 29 -47.04 -15.94 -31.39
CA GLU D 29 -47.33 -16.91 -30.31
C GLU D 29 -48.76 -16.70 -29.81
N VAL D 30 -49.20 -15.44 -29.67
CA VAL D 30 -50.59 -15.08 -29.25
C VAL D 30 -51.56 -15.67 -30.30
N ARG D 31 -51.27 -15.45 -31.58
CA ARG D 31 -52.07 -15.93 -32.74
C ARG D 31 -52.32 -17.45 -32.60
N ILE D 32 -51.28 -18.22 -32.27
CA ILE D 32 -51.34 -19.69 -32.07
C ILE D 32 -52.17 -20.00 -30.82
N LEU D 33 -51.94 -19.26 -29.73
CA LEU D 33 -52.64 -19.46 -28.42
C LEU D 33 -54.14 -19.17 -28.59
N MET D 34 -54.51 -18.20 -29.43
CA MET D 34 -55.92 -17.86 -29.73
C MET D 34 -56.56 -19.04 -30.50
N ALA D 35 -55.80 -19.68 -31.39
CA ALA D 35 -56.23 -20.87 -32.17
C ALA D 35 -56.47 -22.06 -31.23
N ASN D 36 -55.62 -22.24 -30.21
CA ASN D 36 -55.63 -23.41 -29.29
C ASN D 36 -56.53 -23.14 -28.08
N GLY D 37 -57.28 -22.03 -28.08
CA GLY D 37 -58.30 -21.72 -27.06
C GLY D 37 -57.70 -21.37 -25.71
N ALA D 38 -56.64 -20.56 -25.69
CA ALA D 38 -56.02 -20.00 -24.48
C ALA D 38 -56.98 -18.98 -23.85
N ASP D 39 -57.13 -19.01 -22.52
CA ASP D 39 -58.14 -18.23 -21.76
C ASP D 39 -57.78 -16.74 -21.82
N VAL D 40 -58.57 -15.95 -22.56
CA VAL D 40 -58.38 -14.48 -22.74
C VAL D 40 -58.68 -13.74 -21.43
N ASN D 41 -59.36 -14.39 -20.48
CA ASN D 41 -59.77 -13.79 -19.18
C ASN D 41 -58.94 -14.41 -18.04
N ALA D 42 -57.76 -14.96 -18.35
CA ALA D 42 -56.73 -15.35 -17.35
C ALA D 42 -56.17 -14.07 -16.73
N ALA D 43 -55.72 -14.10 -15.46
CA ALA D 43 -55.28 -12.89 -14.73
C ALA D 43 -54.13 -13.20 -13.75
N ASP D 44 -53.31 -12.18 -13.47
CA ASP D 44 -52.20 -12.18 -12.48
C ASP D 44 -52.76 -12.34 -11.07
N VAL D 45 -51.87 -12.31 -10.06
CA VAL D 45 -52.24 -12.17 -8.62
C VAL D 45 -52.86 -10.77 -8.43
N VAL D 46 -52.46 -9.80 -9.24
CA VAL D 46 -52.92 -8.38 -9.19
C VAL D 46 -54.20 -8.19 -10.01
N GLY D 47 -54.56 -9.16 -10.86
CA GLY D 47 -55.84 -9.17 -11.60
C GLY D 47 -55.70 -8.56 -12.99
N TRP D 48 -54.52 -8.66 -13.60
CA TRP D 48 -54.22 -8.15 -14.97
C TRP D 48 -54.48 -9.24 -16.00
N THR D 49 -55.46 -9.02 -16.88
CA THR D 49 -55.73 -9.86 -18.09
C THR D 49 -54.66 -9.60 -19.14
N PRO D 50 -54.48 -10.49 -20.12
CA PRO D 50 -53.63 -10.20 -21.28
C PRO D 50 -53.91 -8.84 -21.94
N LEU D 51 -55.15 -8.38 -21.93
CA LEU D 51 -55.54 -7.06 -22.53
C LEU D 51 -54.90 -5.93 -21.71
N HIS D 52 -54.91 -6.03 -20.38
CA HIS D 52 -54.17 -5.10 -19.47
C HIS D 52 -52.71 -5.01 -19.90
N LEU D 53 -52.03 -6.16 -19.93
CA LEU D 53 -50.57 -6.29 -20.21
C LEU D 53 -50.25 -5.73 -21.59
N ALA D 54 -51.05 -6.06 -22.61
CA ALA D 54 -50.87 -5.58 -24.01
C ALA D 54 -51.08 -4.07 -24.06
N ALA D 55 -52.07 -3.55 -23.31
CA ALA D 55 -52.41 -2.11 -23.24
C ALA D 55 -51.28 -1.34 -22.52
N TYR D 56 -50.72 -1.92 -21.45
CA TYR D 56 -49.66 -1.32 -20.62
C TYR D 56 -48.37 -1.17 -21.43
N TRP D 57 -47.91 -2.27 -22.05
CA TRP D 57 -46.62 -2.36 -22.78
C TRP D 57 -46.78 -1.90 -24.23
N GLY D 58 -47.98 -1.48 -24.63
CA GLY D 58 -48.23 -0.69 -25.87
C GLY D 58 -48.31 -1.54 -27.13
N HIS D 59 -48.52 -2.85 -27.01
CA HIS D 59 -48.57 -3.80 -28.16
C HIS D 59 -49.95 -3.76 -28.82
N LEU D 60 -50.07 -2.99 -29.92
CA LEU D 60 -51.36 -2.65 -30.58
C LEU D 60 -52.00 -3.91 -31.20
N GLU D 61 -51.23 -4.66 -32.01
CA GLU D 61 -51.72 -5.86 -32.75
C GLU D 61 -52.48 -6.76 -31.78
N ILE D 62 -51.86 -7.10 -30.64
CA ILE D 62 -52.40 -8.08 -29.64
C ILE D 62 -53.69 -7.53 -29.03
N VAL D 63 -53.77 -6.22 -28.75
CA VAL D 63 -55.00 -5.58 -28.21
C VAL D 63 -56.17 -5.89 -29.16
N GLU D 64 -55.97 -5.67 -30.46
CA GLU D 64 -56.99 -5.92 -31.51
C GLU D 64 -57.35 -7.41 -31.54
N VAL D 65 -56.34 -8.30 -31.52
CA VAL D 65 -56.51 -9.78 -31.62
C VAL D 65 -57.32 -10.28 -30.40
N LEU D 66 -56.96 -9.85 -29.19
CA LEU D 66 -57.62 -10.28 -27.92
C LEU D 66 -59.09 -9.87 -27.93
N LEU D 67 -59.41 -8.69 -28.45
CA LEU D 67 -60.80 -8.13 -28.49
C LEU D 67 -61.66 -8.96 -29.46
N LYS D 68 -61.10 -9.34 -30.62
CA LYS D 68 -61.75 -10.23 -31.61
C LYS D 68 -62.05 -11.59 -30.98
N ASN D 69 -61.21 -12.03 -30.03
CA ASN D 69 -61.35 -13.32 -29.30
C ASN D 69 -62.08 -13.10 -27.97
N GLY D 70 -62.99 -12.11 -27.90
CA GLY D 70 -63.96 -11.92 -26.80
C GLY D 70 -63.28 -11.68 -25.46
N ALA D 71 -62.22 -10.86 -25.45
CA ALA D 71 -61.58 -10.36 -24.21
C ALA D 71 -62.45 -9.25 -23.61
N ASP D 72 -62.59 -9.23 -22.29
CA ASP D 72 -63.37 -8.20 -21.55
C ASP D 72 -62.61 -6.87 -21.63
N VAL D 73 -63.16 -5.91 -22.39
CA VAL D 73 -62.54 -4.57 -22.64
C VAL D 73 -62.56 -3.75 -21.35
N ASN D 74 -63.48 -4.04 -20.43
CA ASN D 74 -63.67 -3.31 -19.15
C ASN D 74 -63.35 -4.21 -17.96
N ALA D 75 -62.49 -5.23 -18.14
CA ALA D 75 -61.94 -6.06 -17.04
C ALA D 75 -61.14 -5.13 -16.11
N TYR D 76 -61.32 -5.28 -14.79
CA TYR D 76 -60.63 -4.42 -13.79
C TYR D 76 -59.72 -5.29 -12.90
N ASP D 77 -58.59 -4.72 -12.48
CA ASP D 77 -57.59 -5.34 -11.59
C ASP D 77 -58.08 -5.20 -10.13
N THR D 78 -57.29 -5.66 -9.16
CA THR D 78 -57.68 -5.73 -7.73
C THR D 78 -57.84 -4.32 -7.14
N LEU D 79 -57.37 -3.27 -7.82
CA LEU D 79 -57.51 -1.85 -7.38
C LEU D 79 -58.43 -1.08 -8.33
N GLY D 80 -59.11 -1.76 -9.26
CA GLY D 80 -60.24 -1.21 -10.05
C GLY D 80 -59.81 -0.54 -11.35
N SER D 81 -58.58 -0.79 -11.82
CA SER D 81 -58.00 -0.17 -13.04
C SER D 81 -58.33 -1.02 -14.28
N THR D 82 -58.86 -0.39 -15.33
CA THR D 82 -59.20 -1.02 -16.63
C THR D 82 -58.04 -0.86 -17.60
N PRO D 83 -57.96 -1.68 -18.68
CA PRO D 83 -56.95 -1.49 -19.73
C PRO D 83 -56.90 -0.06 -20.32
N LEU D 84 -58.04 0.64 -20.35
CA LEU D 84 -58.11 2.04 -20.87
C LEU D 84 -57.30 2.96 -19.95
N HIS D 85 -57.41 2.79 -18.63
CA HIS D 85 -56.59 3.50 -17.61
C HIS D 85 -55.12 3.41 -18.00
N LEU D 86 -54.62 2.17 -18.18
CA LEU D 86 -53.18 1.87 -18.47
C LEU D 86 -52.79 2.54 -19.79
N ALA D 87 -53.57 2.33 -20.85
CA ALA D 87 -53.30 2.85 -22.21
C ALA D 87 -53.30 4.39 -22.20
N ALA D 88 -54.28 5.00 -21.52
CA ALA D 88 -54.47 6.47 -21.44
C ALA D 88 -53.35 7.10 -20.59
N HIS D 89 -52.88 6.38 -19.56
CA HIS D 89 -51.83 6.84 -18.62
C HIS D 89 -50.46 6.81 -19.31
N PHE D 90 -50.20 5.78 -20.13
CA PHE D 90 -48.86 5.50 -20.73
C PHE D 90 -48.83 5.88 -22.21
N GLY D 91 -49.74 6.76 -22.64
CA GLY D 91 -49.64 7.51 -23.91
C GLY D 91 -49.67 6.61 -25.14
N HIS D 92 -50.52 5.58 -25.15
CA HIS D 92 -50.72 4.66 -26.30
C HIS D 92 -52.01 5.06 -27.04
N LEU D 93 -51.91 6.07 -27.90
CA LEU D 93 -53.08 6.72 -28.58
C LEU D 93 -53.87 5.69 -29.39
N GLU D 94 -53.18 4.88 -30.20
CA GLU D 94 -53.82 3.87 -31.10
C GLU D 94 -54.67 2.91 -30.26
N ILE D 95 -54.13 2.38 -29.16
CA ILE D 95 -54.81 1.40 -28.27
C ILE D 95 -56.02 2.05 -27.61
N VAL D 96 -55.87 3.30 -27.13
CA VAL D 96 -56.98 4.08 -26.49
C VAL D 96 -58.17 4.12 -27.47
N GLU D 97 -57.90 4.47 -28.73
CA GLU D 97 -58.93 4.56 -29.82
C GLU D 97 -59.57 3.18 -30.03
N VAL D 98 -58.76 2.13 -30.15
CA VAL D 98 -59.22 0.73 -30.41
C VAL D 98 -60.12 0.27 -29.26
N LEU D 99 -59.66 0.45 -28.00
CA LEU D 99 -60.43 0.05 -26.79
C LEU D 99 -61.78 0.77 -26.78
N LEU D 100 -61.80 2.07 -27.08
CA LEU D 100 -63.02 2.91 -27.04
C LEU D 100 -64.03 2.42 -28.09
N LYS D 101 -63.55 1.98 -29.26
CA LYS D 101 -64.39 1.47 -30.38
C LYS D 101 -65.01 0.12 -30.00
N ASN D 102 -64.35 -0.67 -29.16
CA ASN D 102 -64.83 -2.01 -28.70
C ASN D 102 -65.58 -1.87 -27.36
N GLY D 103 -65.98 -0.64 -26.99
CA GLY D 103 -66.98 -0.37 -25.94
C GLY D 103 -66.36 -0.16 -24.57
N ALA D 104 -65.14 0.36 -24.50
CA ALA D 104 -64.42 0.66 -23.24
C ALA D 104 -65.12 1.82 -22.51
N ASP D 105 -65.40 1.65 -21.22
CA ASP D 105 -66.06 2.67 -20.36
C ASP D 105 -65.08 3.84 -20.17
N VAL D 106 -65.36 4.97 -20.83
CA VAL D 106 -64.47 6.16 -20.87
C VAL D 106 -64.47 6.85 -19.50
N ASN D 107 -65.51 6.63 -18.68
CA ASN D 107 -65.69 7.25 -17.35
C ASN D 107 -65.46 6.22 -16.23
N ALA D 108 -64.83 5.08 -16.55
CA ALA D 108 -64.51 4.00 -15.58
C ALA D 108 -63.66 4.59 -14.44
N LYS D 109 -64.03 4.31 -13.19
CA LYS D 109 -63.30 4.78 -11.98
C LYS D 109 -62.58 3.58 -11.34
N ASP D 110 -61.31 3.75 -10.97
CA ASP D 110 -60.58 2.79 -10.10
C ASP D 110 -61.04 3.03 -8.66
N ASP D 111 -60.47 2.31 -7.69
CA ASP D 111 -60.88 2.37 -6.26
C ASP D 111 -60.58 3.75 -5.67
N ASN D 112 -59.79 4.59 -6.37
CA ASN D 112 -59.41 5.96 -5.94
C ASN D 112 -60.31 7.01 -6.59
N GLY D 113 -61.19 6.60 -7.52
CA GLY D 113 -62.06 7.51 -8.29
C GLY D 113 -61.32 8.15 -9.45
N ILE D 114 -60.20 7.57 -9.87
CA ILE D 114 -59.30 8.11 -10.93
C ILE D 114 -59.75 7.57 -12.28
N THR D 115 -60.22 8.45 -13.17
CA THR D 115 -60.68 8.12 -14.54
C THR D 115 -59.48 8.04 -15.48
N PRO D 116 -59.63 7.41 -16.67
CA PRO D 116 -58.62 7.50 -17.72
C PRO D 116 -58.26 8.94 -18.13
N LEU D 117 -59.23 9.87 -18.04
CA LEU D 117 -59.02 11.31 -18.35
C LEU D 117 -58.00 11.90 -17.35
N HIS D 118 -58.20 11.65 -16.05
CA HIS D 118 -57.30 12.11 -14.96
C HIS D 118 -55.85 11.70 -15.25
N LEU D 119 -55.64 10.42 -15.57
CA LEU D 119 -54.30 9.83 -15.82
C LEU D 119 -53.69 10.47 -17.07
N ALA D 120 -54.45 10.53 -18.17
CA ALA D 120 -54.02 11.12 -19.46
C ALA D 120 -53.63 12.60 -19.26
N ALA D 121 -54.44 13.34 -18.49
CA ALA D 121 -54.19 14.76 -18.13
C ALA D 121 -52.89 14.89 -17.34
N ASN D 122 -52.61 13.94 -16.43
CA ASN D 122 -51.48 14.01 -15.47
C ASN D 122 -50.15 13.87 -16.22
N ARG D 123 -50.05 12.94 -17.17
CA ARG D 123 -48.84 12.72 -18.00
C ARG D 123 -48.87 13.66 -19.22
N GLY D 124 -49.97 14.41 -19.40
CA GLY D 124 -50.07 15.55 -20.33
C GLY D 124 -50.18 15.11 -21.78
N HIS D 125 -50.81 13.96 -22.04
CA HIS D 125 -51.03 13.42 -23.42
C HIS D 125 -52.21 14.16 -24.07
N LEU D 126 -51.92 15.14 -24.91
CA LEU D 126 -52.93 16.08 -25.50
C LEU D 126 -53.88 15.31 -26.42
N GLU D 127 -53.34 14.48 -27.33
CA GLU D 127 -54.11 13.73 -28.35
C GLU D 127 -55.12 12.81 -27.64
N ILE D 128 -54.67 12.08 -26.61
CA ILE D 128 -55.48 11.06 -25.88
C ILE D 128 -56.61 11.75 -25.10
N VAL D 129 -56.36 12.92 -24.50
CA VAL D 129 -57.39 13.69 -23.75
C VAL D 129 -58.53 14.05 -24.72
N GLU D 130 -58.19 14.52 -25.93
CA GLU D 130 -59.18 14.93 -26.97
C GLU D 130 -60.02 13.72 -27.40
N VAL D 131 -59.38 12.57 -27.64
CA VAL D 131 -60.04 11.30 -28.04
C VAL D 131 -61.04 10.87 -26.96
N LEU D 132 -60.61 10.86 -25.70
CA LEU D 132 -61.46 10.50 -24.53
C LEU D 132 -62.67 11.45 -24.47
N LEU D 133 -62.44 12.75 -24.68
CA LEU D 133 -63.50 13.79 -24.67
C LEU D 133 -64.48 13.55 -25.83
N LYS D 134 -63.97 13.16 -27.00
CA LYS D 134 -64.79 12.87 -28.21
C LYS D 134 -65.76 11.72 -27.92
N TYR D 135 -65.30 10.69 -27.19
CA TYR D 135 -66.12 9.50 -26.81
C TYR D 135 -66.88 9.75 -25.52
N GLY D 136 -66.97 11.02 -25.07
CA GLY D 136 -67.90 11.47 -24.01
C GLY D 136 -67.31 11.30 -22.62
N ALA D 137 -66.05 11.68 -22.42
CA ALA D 137 -65.37 11.68 -21.10
C ALA D 137 -65.96 12.81 -20.24
N ASP D 138 -66.32 12.49 -18.99
CA ASP D 138 -66.85 13.47 -18.00
C ASP D 138 -65.69 14.34 -17.51
N VAL D 139 -65.59 15.57 -18.04
CA VAL D 139 -64.52 16.55 -17.70
C VAL D 139 -64.63 16.95 -16.22
N ASN D 140 -65.85 16.94 -15.66
CA ASN D 140 -66.15 17.42 -14.29
C ASN D 140 -66.04 16.27 -13.27
N ALA D 141 -65.64 15.06 -13.70
CA ALA D 141 -65.46 13.89 -12.82
C ALA D 141 -64.36 14.19 -11.79
N GLN D 142 -64.64 13.90 -10.51
CA GLN D 142 -63.71 14.11 -9.37
C GLN D 142 -63.20 12.76 -8.87
N ASP D 143 -61.95 12.73 -8.40
CA ASP D 143 -61.36 11.57 -7.67
C ASP D 143 -61.73 11.73 -6.18
N LYS D 144 -61.20 10.85 -5.33
CA LYS D 144 -61.49 10.82 -3.87
C LYS D 144 -61.04 12.13 -3.19
N PHE D 145 -60.18 12.93 -3.83
CA PHE D 145 -59.67 14.23 -3.30
C PHE D 145 -60.39 15.40 -3.96
N GLY D 146 -61.49 15.14 -4.68
CA GLY D 146 -62.34 16.16 -5.32
C GLY D 146 -61.65 16.85 -6.49
N LYS D 147 -60.63 16.21 -7.07
CA LYS D 147 -59.75 16.81 -8.12
C LYS D 147 -60.24 16.39 -9.51
N THR D 148 -60.42 17.37 -10.40
CA THR D 148 -60.77 17.18 -11.83
C THR D 148 -59.49 17.05 -12.65
N ALA D 149 -59.62 16.77 -13.95
CA ALA D 149 -58.51 16.78 -14.93
C ALA D 149 -57.99 18.21 -15.09
N PHE D 150 -58.89 19.20 -15.01
CA PHE D 150 -58.57 20.64 -15.05
C PHE D 150 -57.67 21.00 -13.85
N ASP D 151 -58.03 20.51 -12.66
CA ASP D 151 -57.28 20.76 -11.39
C ASP D 151 -55.85 20.21 -11.55
N ILE D 152 -55.70 19.05 -12.21
CA ILE D 152 -54.39 18.40 -12.47
C ILE D 152 -53.57 19.28 -13.43
N SER D 153 -54.20 19.82 -14.47
CA SER D 153 -53.54 20.62 -15.54
C SER D 153 -52.99 21.94 -14.97
N ILE D 154 -53.76 22.64 -14.12
CA ILE D 154 -53.34 23.94 -13.51
C ILE D 154 -52.21 23.69 -12.49
N ASN D 155 -52.29 22.61 -11.71
CA ASN D 155 -51.28 22.25 -10.67
C ASN D 155 -49.98 21.81 -11.36
N ASN D 156 -50.08 21.12 -12.51
CA ASN D 156 -48.93 20.70 -13.34
C ASN D 156 -48.41 21.87 -14.18
N GLY D 157 -49.24 22.92 -14.37
CA GLY D 157 -48.89 24.15 -15.10
C GLY D 157 -48.92 23.94 -16.61
N ASN D 158 -49.75 23.01 -17.09
CA ASN D 158 -49.94 22.69 -18.53
C ASN D 158 -51.01 23.63 -19.09
N GLU D 159 -50.60 24.66 -19.84
CA GLU D 159 -51.50 25.71 -20.42
C GLU D 159 -52.30 25.11 -21.57
N ASP D 160 -51.64 24.39 -22.48
CA ASP D 160 -52.23 23.76 -23.70
C ASP D 160 -53.37 22.82 -23.27
N LEU D 161 -53.15 22.00 -22.25
CA LEU D 161 -54.12 21.03 -21.69
C LEU D 161 -55.28 21.78 -21.02
N ALA D 162 -54.97 22.82 -20.23
CA ALA D 162 -55.92 23.62 -19.44
C ALA D 162 -56.97 24.29 -20.36
N GLU D 163 -56.57 24.64 -21.59
CA GLU D 163 -57.47 25.24 -22.62
C GLU D 163 -58.57 24.24 -22.98
N ILE D 164 -58.20 22.98 -23.22
CA ILE D 164 -59.10 21.92 -23.77
C ILE D 164 -60.15 21.53 -22.71
N LEU D 165 -59.81 21.61 -21.41
CA LEU D 165 -60.64 21.04 -20.30
C LEU D 165 -61.55 22.10 -19.66
N GLN D 166 -61.64 23.31 -20.23
CA GLN D 166 -62.48 24.42 -19.69
C GLN D 166 -63.89 24.31 -20.28
N ASP E 13 -9.11 57.25 -11.05
CA ASP E 13 -7.82 56.63 -11.45
C ASP E 13 -6.68 57.22 -10.59
N LEU E 14 -6.55 58.54 -10.57
CA LEU E 14 -5.57 59.27 -9.72
C LEU E 14 -5.99 59.17 -8.25
N GLY E 15 -7.29 59.37 -7.97
CA GLY E 15 -7.90 59.26 -6.64
C GLY E 15 -7.91 57.83 -6.12
N LYS E 16 -7.88 56.84 -7.02
CA LYS E 16 -7.83 55.40 -6.68
C LYS E 16 -6.41 55.03 -6.21
N LYS E 17 -5.38 55.61 -6.84
CA LYS E 17 -3.96 55.41 -6.49
C LYS E 17 -3.68 56.04 -5.11
N LEU E 18 -4.44 57.07 -4.74
CA LEU E 18 -4.37 57.72 -3.40
C LEU E 18 -4.94 56.78 -2.34
N LEU E 19 -6.07 56.13 -2.62
CA LEU E 19 -6.76 55.18 -1.70
C LEU E 19 -5.78 54.07 -1.30
N GLU E 20 -5.11 53.46 -2.29
CA GLU E 20 -4.10 52.38 -2.09
C GLU E 20 -2.97 52.87 -1.18
N ALA E 21 -2.48 54.10 -1.42
CA ALA E 21 -1.33 54.73 -0.72
C ALA E 21 -1.71 55.08 0.72
N ALA E 22 -2.92 55.60 0.93
CA ALA E 22 -3.47 55.96 2.26
C ALA E 22 -3.60 54.71 3.13
N ARG E 23 -4.00 53.58 2.54
CA ARG E 23 -4.13 52.26 3.21
C ARG E 23 -2.73 51.71 3.53
N ALA E 24 -1.84 51.68 2.54
CA ALA E 24 -0.50 51.05 2.62
C ALA E 24 0.44 51.86 3.51
N GLY E 25 0.08 53.10 3.86
CA GLY E 25 0.82 53.95 4.82
C GLY E 25 2.06 54.59 4.19
N ARG E 26 2.10 54.70 2.86
CA ARG E 26 3.19 55.37 2.11
C ARG E 26 3.04 56.89 2.26
N ASP E 27 3.87 57.51 3.12
CA ASP E 27 3.80 58.95 3.48
C ASP E 27 4.20 59.81 2.27
N ASP E 28 5.22 59.37 1.52
CA ASP E 28 5.74 60.10 0.32
C ASP E 28 4.65 60.15 -0.76
N GLU E 29 4.10 58.99 -1.15
CA GLU E 29 3.14 58.85 -2.29
C GLU E 29 1.90 59.70 -2.05
N VAL E 30 1.39 59.77 -0.80
CA VAL E 30 0.17 60.55 -0.45
C VAL E 30 0.43 62.04 -0.74
N ARG E 31 1.56 62.58 -0.26
CA ARG E 31 1.96 64.00 -0.44
C ARG E 31 2.25 64.28 -1.92
N ILE E 32 2.94 63.37 -2.61
CA ILE E 32 3.38 63.54 -4.03
C ILE E 32 2.15 63.45 -4.96
N LEU E 33 1.19 62.57 -4.67
CA LEU E 33 -0.07 62.43 -5.47
C LEU E 33 -0.98 63.64 -5.21
N MET E 34 -0.89 64.25 -4.02
CA MET E 34 -1.71 65.43 -3.62
C MET E 34 -1.23 66.65 -4.42
N ALA E 35 0.08 66.77 -4.65
CA ALA E 35 0.71 67.84 -5.45
C ALA E 35 0.16 67.85 -6.87
N ASN E 36 -0.22 66.67 -7.41
CA ASN E 36 -0.74 66.50 -8.79
C ASN E 36 -2.28 66.50 -8.79
N GLY E 37 -2.91 67.15 -7.80
CA GLY E 37 -4.35 67.45 -7.77
C GLY E 37 -5.22 66.21 -7.65
N ALA E 38 -4.82 65.25 -6.80
CA ALA E 38 -5.58 64.01 -6.51
C ALA E 38 -6.76 64.33 -5.60
N ASP E 39 -7.94 63.75 -5.91
CA ASP E 39 -9.21 63.93 -5.15
C ASP E 39 -9.01 63.37 -3.74
N VAL E 40 -9.03 64.24 -2.73
CA VAL E 40 -8.84 63.88 -1.28
C VAL E 40 -10.05 63.07 -0.78
N ASN E 41 -11.22 63.24 -1.40
CA ASN E 41 -12.49 62.58 -0.99
C ASN E 41 -12.91 61.54 -2.04
N ALA E 42 -11.95 60.87 -2.68
CA ALA E 42 -12.17 59.74 -3.61
C ALA E 42 -12.71 58.55 -2.81
N ALA E 43 -13.83 57.96 -3.25
CA ALA E 43 -14.53 56.85 -2.56
C ALA E 43 -14.24 55.52 -3.28
N ASP E 44 -13.93 54.47 -2.52
CA ASP E 44 -13.80 53.08 -3.03
C ASP E 44 -15.21 52.49 -3.15
N VAL E 45 -15.33 51.18 -3.43
CA VAL E 45 -16.61 50.49 -3.74
C VAL E 45 -17.56 50.58 -2.55
N VAL E 46 -17.04 50.50 -1.31
CA VAL E 46 -17.85 50.47 -0.05
C VAL E 46 -18.08 51.89 0.46
N GLY E 47 -17.40 52.89 -0.12
CA GLY E 47 -17.58 54.32 0.20
C GLY E 47 -16.55 54.82 1.21
N TRP E 48 -15.34 54.26 1.19
CA TRP E 48 -14.23 54.62 2.11
C TRP E 48 -13.30 55.62 1.42
N THR E 49 -13.23 56.84 1.97
CA THR E 49 -12.24 57.88 1.62
C THR E 49 -10.86 57.44 2.11
N PRO E 50 -9.76 58.05 1.61
CA PRO E 50 -8.44 57.86 2.20
C PRO E 50 -8.40 58.09 3.71
N LEU E 51 -9.25 58.99 4.22
CA LEU E 51 -9.32 59.34 5.67
C LEU E 51 -9.92 58.18 6.47
N HIS E 52 -10.84 57.41 5.86
CA HIS E 52 -11.37 56.13 6.43
C HIS E 52 -10.22 55.11 6.58
N LEU E 53 -9.43 54.95 5.52
CA LEU E 53 -8.33 53.93 5.44
C LEU E 53 -7.21 54.29 6.43
N ALA E 54 -6.79 55.56 6.46
CA ALA E 54 -5.73 56.06 7.38
C ALA E 54 -6.19 55.91 8.84
N ALA E 55 -7.47 56.16 9.11
CA ALA E 55 -8.08 56.05 10.46
C ALA E 55 -8.16 54.57 10.89
N TYR E 56 -8.51 53.68 9.94
CA TYR E 56 -8.71 52.23 10.18
C TYR E 56 -7.37 51.55 10.45
N TRP E 57 -6.41 51.70 9.53
CA TRP E 57 -5.08 51.03 9.57
C TRP E 57 -4.13 51.77 10.52
N GLY E 58 -4.53 52.95 11.01
CA GLY E 58 -3.84 53.68 12.11
C GLY E 58 -2.63 54.48 11.63
N HIS E 59 -2.72 55.11 10.45
CA HIS E 59 -1.65 55.94 9.84
C HIS E 59 -1.87 57.40 10.22
N LEU E 60 -1.31 57.83 11.37
CA LEU E 60 -1.50 59.17 11.97
C LEU E 60 -0.95 60.27 11.05
N GLU E 61 0.25 60.05 10.48
CA GLU E 61 0.94 61.04 9.62
C GLU E 61 0.03 61.42 8.44
N ILE E 62 -0.59 60.42 7.81
CA ILE E 62 -1.41 60.57 6.56
C ILE E 62 -2.77 61.20 6.91
N VAL E 63 -3.30 60.95 8.11
CA VAL E 63 -4.58 61.59 8.59
C VAL E 63 -4.38 63.11 8.61
N GLU E 64 -3.23 63.59 9.12
CA GLU E 64 -2.90 65.03 9.26
C GLU E 64 -2.66 65.63 7.87
N VAL E 65 -1.92 64.93 7.00
CA VAL E 65 -1.60 65.39 5.61
C VAL E 65 -2.89 65.47 4.78
N LEU E 66 -3.83 64.55 4.99
CA LEU E 66 -5.13 64.51 4.25
C LEU E 66 -6.02 65.66 4.73
N LEU E 67 -6.13 65.87 6.05
CA LEU E 67 -6.95 66.94 6.67
C LEU E 67 -6.41 68.32 6.26
N LYS E 68 -5.08 68.46 6.19
CA LYS E 68 -4.36 69.68 5.75
C LYS E 68 -4.85 70.10 4.36
N ASN E 69 -5.11 69.11 3.48
CA ASN E 69 -5.53 69.32 2.07
C ASN E 69 -7.06 69.24 1.96
N GLY E 70 -7.77 69.59 3.03
CA GLY E 70 -9.24 69.77 3.03
C GLY E 70 -10.00 68.49 2.76
N ALA E 71 -9.60 67.38 3.41
CA ALA E 71 -10.32 66.09 3.39
C ALA E 71 -11.61 66.22 4.20
N ASP E 72 -12.72 65.67 3.70
CA ASP E 72 -14.05 65.70 4.37
C ASP E 72 -13.96 64.84 5.64
N VAL E 73 -13.92 65.49 6.81
CA VAL E 73 -13.68 64.86 8.14
C VAL E 73 -14.92 64.07 8.57
N ASN E 74 -16.09 64.40 8.01
CA ASN E 74 -17.38 63.69 8.26
C ASN E 74 -17.90 63.08 6.95
N ALA E 75 -16.99 62.60 6.09
CA ALA E 75 -17.31 61.66 4.99
C ALA E 75 -17.83 60.37 5.62
N TYR E 76 -18.92 59.81 5.08
CA TYR E 76 -19.54 58.55 5.58
C TYR E 76 -19.62 57.53 4.43
N ASP E 77 -19.37 56.26 4.75
CA ASP E 77 -19.42 55.11 3.81
C ASP E 77 -20.89 54.73 3.59
N THR E 78 -21.14 53.70 2.78
CA THR E 78 -22.50 53.27 2.33
C THR E 78 -23.35 52.79 3.52
N LEU E 79 -22.77 52.61 4.71
CA LEU E 79 -23.51 52.22 5.94
C LEU E 79 -23.44 53.32 7.02
N GLY E 80 -22.90 54.50 6.68
CA GLY E 80 -22.99 55.71 7.52
C GLY E 80 -21.83 55.89 8.49
N SER E 81 -20.80 55.06 8.41
CA SER E 81 -19.63 55.08 9.33
C SER E 81 -18.61 56.13 8.85
N THR E 82 -18.08 56.92 9.79
CA THR E 82 -17.10 58.02 9.55
C THR E 82 -15.72 57.58 10.00
N PRO E 83 -14.64 58.30 9.58
CA PRO E 83 -13.28 58.01 10.08
C PRO E 83 -13.17 58.03 11.62
N LEU E 84 -13.95 58.87 12.30
CA LEU E 84 -13.97 58.94 13.79
C LEU E 84 -14.51 57.62 14.36
N HIS E 85 -15.54 57.03 13.74
CA HIS E 85 -16.09 55.69 14.09
C HIS E 85 -14.97 54.66 14.07
N LEU E 86 -14.14 54.67 13.03
CA LEU E 86 -13.07 53.67 12.81
C LEU E 86 -11.92 53.88 13.81
N ALA E 87 -11.48 55.13 13.99
CA ALA E 87 -10.40 55.52 14.93
C ALA E 87 -10.79 55.14 16.36
N ALA E 88 -12.02 55.48 16.78
CA ALA E 88 -12.55 55.23 18.14
C ALA E 88 -12.66 53.73 18.41
N HIS E 89 -13.02 52.94 17.40
CA HIS E 89 -13.30 51.49 17.52
C HIS E 89 -12.00 50.69 17.63
N PHE E 90 -10.98 51.04 16.83
CA PHE E 90 -9.68 50.30 16.74
C PHE E 90 -8.61 50.99 17.58
N GLY E 91 -9.01 51.84 18.53
CA GLY E 91 -8.18 52.29 19.66
C GLY E 91 -7.04 53.21 19.27
N HIS E 92 -7.12 53.88 18.11
CA HIS E 92 -6.09 54.85 17.63
C HIS E 92 -6.34 56.23 18.28
N LEU E 93 -5.79 56.43 19.49
CA LEU E 93 -6.05 57.60 20.37
C LEU E 93 -5.68 58.90 19.66
N GLU E 94 -4.44 59.00 19.17
CA GLU E 94 -3.87 60.22 18.53
C GLU E 94 -4.75 60.66 17.35
N ILE E 95 -5.26 59.71 16.57
CA ILE E 95 -6.09 59.97 15.35
C ILE E 95 -7.46 60.50 15.77
N VAL E 96 -8.04 59.99 16.88
CA VAL E 96 -9.34 60.48 17.42
C VAL E 96 -9.19 61.97 17.76
N GLU E 97 -8.10 62.34 18.45
CA GLU E 97 -7.79 63.75 18.85
C GLU E 97 -7.65 64.62 17.60
N VAL E 98 -6.79 64.21 16.65
CA VAL E 98 -6.49 64.96 15.40
C VAL E 98 -7.80 65.19 14.62
N LEU E 99 -8.66 64.16 14.51
CA LEU E 99 -9.96 64.24 13.80
C LEU E 99 -10.90 65.21 14.53
N LEU E 100 -10.99 65.10 15.86
CA LEU E 100 -11.88 65.94 16.70
C LEU E 100 -11.39 67.41 16.67
N LYS E 101 -10.07 67.62 16.58
CA LYS E 101 -9.46 68.98 16.45
C LYS E 101 -9.88 69.60 15.10
N ASN E 102 -10.01 68.78 14.05
CA ASN E 102 -10.37 69.24 12.67
C ASN E 102 -11.90 69.22 12.50
N GLY E 103 -12.66 69.21 13.60
CA GLY E 103 -14.11 69.50 13.62
C GLY E 103 -14.95 68.29 13.25
N ALA E 104 -14.53 67.08 13.64
CA ALA E 104 -15.26 65.82 13.42
C ALA E 104 -16.49 65.79 14.33
N ASP E 105 -17.62 65.30 13.82
CA ASP E 105 -18.90 65.16 14.58
C ASP E 105 -18.72 64.03 15.58
N VAL E 106 -18.57 64.38 16.87
CA VAL E 106 -18.36 63.42 18.00
C VAL E 106 -19.61 62.56 18.19
N ASN E 107 -20.80 63.11 17.86
CA ASN E 107 -22.11 62.43 17.99
C ASN E 107 -22.62 61.96 16.63
N ALA E 108 -21.71 61.63 15.70
CA ALA E 108 -22.04 61.05 14.38
C ALA E 108 -22.65 59.65 14.59
N LYS E 109 -23.67 59.31 13.81
CA LYS E 109 -24.33 57.97 13.85
C LYS E 109 -24.22 57.32 12.47
N ASP E 110 -23.93 56.01 12.46
CA ASP E 110 -24.08 55.14 11.26
C ASP E 110 -25.56 54.73 11.16
N ASP E 111 -25.92 53.97 10.12
CA ASP E 111 -27.32 53.58 9.81
C ASP E 111 -27.95 52.83 11.00
N ASN E 112 -27.11 52.27 11.89
CA ASN E 112 -27.55 51.45 13.05
C ASN E 112 -27.85 52.36 14.26
N GLY E 113 -27.42 53.62 14.22
CA GLY E 113 -27.51 54.57 15.35
C GLY E 113 -26.30 54.46 16.27
N ILE E 114 -25.26 53.76 15.83
CA ILE E 114 -24.01 53.51 16.62
C ILE E 114 -23.09 54.73 16.47
N THR E 115 -22.66 55.30 17.60
CA THR E 115 -21.77 56.49 17.67
C THR E 115 -20.34 56.06 18.00
N PRO E 116 -19.32 56.91 17.76
CA PRO E 116 -17.94 56.59 18.15
C PRO E 116 -17.77 56.25 19.63
N LEU E 117 -18.63 56.81 20.51
CA LEU E 117 -18.61 56.50 21.96
C LEU E 117 -19.04 55.04 22.17
N HIS E 118 -20.12 54.62 21.52
CA HIS E 118 -20.64 53.21 21.54
C HIS E 118 -19.49 52.24 21.22
N LEU E 119 -18.72 52.52 20.17
CA LEU E 119 -17.65 51.64 19.65
C LEU E 119 -16.47 51.62 20.64
N ALA E 120 -15.96 52.80 21.00
CA ALA E 120 -14.85 52.97 21.97
C ALA E 120 -15.21 52.25 23.29
N ALA E 121 -16.41 52.50 23.81
CA ALA E 121 -16.93 51.89 25.05
C ALA E 121 -16.93 50.36 24.93
N ASN E 122 -17.46 49.85 23.82
CA ASN E 122 -17.64 48.39 23.55
C ASN E 122 -16.28 47.69 23.51
N ARG E 123 -15.24 48.37 23.00
CA ARG E 123 -13.88 47.79 22.80
C ARG E 123 -12.97 48.17 23.97
N GLY E 124 -13.52 48.82 25.00
CA GLY E 124 -12.87 49.02 26.32
C GLY E 124 -11.78 50.07 26.31
N HIS E 125 -11.71 50.92 25.28
CA HIS E 125 -10.68 51.98 25.13
C HIS E 125 -11.04 53.17 26.04
N LEU E 126 -10.52 53.17 27.26
CA LEU E 126 -10.88 54.12 28.35
C LEU E 126 -10.36 55.52 28.01
N GLU E 127 -9.12 55.62 27.50
CA GLU E 127 -8.44 56.91 27.18
C GLU E 127 -9.20 57.65 26.09
N ILE E 128 -9.73 56.93 25.10
CA ILE E 128 -10.49 57.52 23.94
C ILE E 128 -11.89 57.93 24.41
N VAL E 129 -12.56 57.10 25.23
CA VAL E 129 -13.90 57.40 25.81
C VAL E 129 -13.84 58.78 26.47
N GLU E 130 -12.79 59.05 27.25
CA GLU E 130 -12.60 60.32 28.01
C GLU E 130 -12.43 61.49 27.04
N VAL E 131 -11.68 61.31 25.94
CA VAL E 131 -11.45 62.37 24.91
C VAL E 131 -12.77 62.69 24.21
N LEU E 132 -13.54 61.67 23.80
CA LEU E 132 -14.85 61.84 23.12
C LEU E 132 -15.80 62.61 24.04
N LEU E 133 -15.83 62.27 25.34
CA LEU E 133 -16.65 62.95 26.38
C LEU E 133 -16.21 64.41 26.50
N LYS E 134 -14.90 64.66 26.52
CA LYS E 134 -14.27 66.01 26.65
C LYS E 134 -14.72 66.90 25.47
N TYR E 135 -14.80 66.34 24.26
CA TYR E 135 -15.19 67.06 23.01
C TYR E 135 -16.71 67.10 22.85
N GLY E 136 -17.46 66.57 23.82
CA GLY E 136 -18.91 66.79 23.98
C GLY E 136 -19.75 65.64 23.43
N ALA E 137 -19.38 64.40 23.73
CA ALA E 137 -20.11 63.17 23.33
C ALA E 137 -21.38 63.03 24.20
N ASP E 138 -22.51 62.69 23.58
CA ASP E 138 -23.82 62.50 24.23
C ASP E 138 -23.86 61.10 24.86
N VAL E 139 -23.59 61.00 26.16
CA VAL E 139 -23.61 59.72 26.95
C VAL E 139 -24.96 59.03 26.78
N ASN E 140 -26.06 59.79 26.76
CA ASN E 140 -27.46 59.27 26.79
C ASN E 140 -27.92 58.85 25.38
N ALA E 141 -27.12 59.10 24.34
CA ALA E 141 -27.41 58.74 22.94
C ALA E 141 -27.63 57.21 22.84
N GLN E 142 -28.61 56.80 22.04
CA GLN E 142 -29.02 55.38 21.85
C GLN E 142 -28.72 54.93 20.41
N ASP E 143 -28.48 53.63 20.23
CA ASP E 143 -28.49 52.95 18.91
C ASP E 143 -29.92 52.45 18.65
N LYS E 144 -30.14 51.69 17.57
CA LYS E 144 -31.48 51.21 17.13
C LYS E 144 -32.11 50.28 18.17
N PHE E 145 -31.32 49.67 19.07
CA PHE E 145 -31.80 48.72 20.10
C PHE E 145 -32.00 49.44 21.45
N GLY E 146 -31.71 50.74 21.53
CA GLY E 146 -31.93 51.58 22.72
C GLY E 146 -30.84 51.42 23.76
N LYS E 147 -29.60 51.17 23.33
CA LYS E 147 -28.43 50.93 24.22
C LYS E 147 -27.55 52.18 24.28
N THR E 148 -27.21 52.63 25.48
CA THR E 148 -26.20 53.69 25.76
C THR E 148 -24.84 53.04 25.96
N ALA E 149 -23.76 53.83 26.00
CA ALA E 149 -22.38 53.39 26.27
C ALA E 149 -22.31 52.78 27.68
N PHE E 150 -23.13 53.28 28.62
CA PHE E 150 -23.24 52.76 30.00
C PHE E 150 -23.81 51.33 29.96
N ASP E 151 -24.86 51.09 29.17
CA ASP E 151 -25.50 49.77 29.00
C ASP E 151 -24.46 48.76 28.49
N ILE E 152 -23.65 49.18 27.50
CA ILE E 152 -22.58 48.36 26.86
C ILE E 152 -21.54 47.96 27.91
N SER E 153 -21.07 48.94 28.71
CA SER E 153 -20.03 48.75 29.76
C SER E 153 -20.54 47.80 30.85
N ILE E 154 -21.81 47.93 31.26
CA ILE E 154 -22.47 47.04 32.27
C ILE E 154 -22.49 45.61 31.72
N ASN E 155 -22.99 45.42 30.48
CA ASN E 155 -23.13 44.10 29.81
C ASN E 155 -21.74 43.48 29.62
N ASN E 156 -20.75 44.28 29.21
CA ASN E 156 -19.35 43.83 28.97
C ASN E 156 -18.62 43.64 30.31
N GLY E 157 -19.18 44.18 31.40
CA GLY E 157 -18.65 44.02 32.77
C GLY E 157 -17.38 44.82 32.99
N ASN E 158 -17.34 46.05 32.48
CA ASN E 158 -16.18 46.99 32.59
C ASN E 158 -16.52 48.05 33.64
N GLU E 159 -16.11 47.85 34.89
CA GLU E 159 -16.42 48.72 36.05
C GLU E 159 -15.57 50.00 35.97
N ASP E 160 -14.33 49.91 35.45
CA ASP E 160 -13.44 51.07 35.17
C ASP E 160 -14.14 52.04 34.20
N LEU E 161 -14.84 51.51 33.20
CA LEU E 161 -15.55 52.29 32.15
C LEU E 161 -16.91 52.77 32.67
N ALA E 162 -17.61 51.91 33.43
CA ALA E 162 -18.98 52.15 33.96
C ALA E 162 -18.97 53.38 34.89
N GLU E 163 -17.93 53.52 35.72
CA GLU E 163 -17.82 54.62 36.72
C GLU E 163 -17.47 55.94 36.02
N ILE E 164 -16.76 55.89 34.88
CA ILE E 164 -16.43 57.10 34.06
C ILE E 164 -17.71 57.63 33.40
N LEU E 165 -18.58 56.74 32.91
CA LEU E 165 -19.86 57.09 32.24
C LEU E 165 -20.98 57.25 33.27
N GLN E 166 -20.74 56.84 34.53
CA GLN E 166 -21.65 57.01 35.69
C GLN E 166 -22.94 56.20 35.46
C1B LMT F . 2.89 -1.32 -27.61
C2B LMT F . 2.39 -2.61 -26.96
C3B LMT F . 2.79 -3.82 -27.80
C4B LMT F . 2.25 -3.65 -29.22
C5B LMT F . 2.67 -2.31 -29.82
C6B LMT F . 1.99 -2.07 -31.16
O1B LMT F . 4.32 -1.28 -27.59
O2B LMT F . 2.92 -2.74 -25.63
O3B LMT F . 2.27 -5.02 -27.22
O4' LMT F . 2.73 -4.71 -30.05
O5B LMT F . 2.38 -1.21 -28.94
O6B LMT F . 2.78 -2.59 -32.22
C1' LMT F . 7.23 1.71 -27.37
C2' LMT F . 6.00 1.91 -26.49
C3' LMT F . 5.21 0.62 -26.35
C4' LMT F . 4.89 0.03 -27.73
C5' LMT F . 6.16 -0.04 -28.58
C6' LMT F . 5.84 -0.52 -30.00
O1' LMT F . 7.93 2.97 -27.46
O2' LMT F . 6.40 2.37 -25.19
O3' LMT F . 4.01 0.89 -25.62
O5' LMT F . 6.80 1.24 -28.64
O6' LMT F . 6.74 0.03 -30.97
C1 LMT F . 8.86 3.10 -28.54
C2 LMT F . 10.07 2.19 -28.35
C3 LMT F . 10.96 2.68 -27.21
C4 LMT F . 12.03 3.64 -27.71
C5 LMT F . 13.41 2.99 -27.75
C6 LMT F . 13.61 2.09 -28.98
C7 LMT F . 15.09 2.04 -29.36
C8 LMT F . 15.48 0.74 -30.04
C9 LMT F . 17.00 0.53 -30.02
C10 LMT F . 17.54 0.25 -31.41
C11 LMT F . 18.99 -0.18 -31.35
C12 LMT F . 19.57 -0.32 -32.75
C1B LMT G . 49.09 -11.00 -17.50
C2B LMT G . 49.00 -12.50 -17.79
C3B LMT G . 50.35 -13.07 -18.20
C4B LMT G . 51.18 -12.01 -18.93
C5B LMT G . 51.44 -10.80 -18.03
C6B LMT G . 51.59 -9.51 -18.84
O1B LMT G . 48.14 -10.64 -16.50
O2B LMT G . 48.52 -13.20 -16.63
O3B LMT G . 50.16 -14.21 -19.05
O4' LMT G . 52.42 -12.56 -19.37
O5B LMT G . 50.39 -10.64 -17.06
O6B LMT G . 51.88 -8.42 -17.97
C1' LMT G . 45.35 -7.78 -15.64
C2' LMT G . 45.27 -8.30 -17.07
C3' LMT G . 46.12 -9.57 -17.19
C4' LMT G . 47.53 -9.35 -16.68
C5' LMT G . 47.59 -8.59 -15.35
C6' LMT G . 49.02 -8.13 -15.04
O1' LMT G . 44.51 -6.63 -15.49
O2' LMT G . 43.91 -8.57 -17.41
O3' LMT G . 46.16 -10.00 -18.56
O5' LMT G . 46.72 -7.45 -15.37
O6' LMT G . 49.19 -7.90 -13.63
C1 LMT G . 43.32 -6.86 -14.74
C2 LMT G . 42.58 -5.55 -14.53
C3 LMT G . 42.85 -4.91 -13.18
C4 LMT G . 41.57 -4.72 -12.37
C5 LMT G . 41.88 -4.40 -10.91
C6 LMT G . 40.62 -4.12 -10.12
C7 LMT G . 40.45 -5.12 -8.97
C8 LMT G . 39.11 -4.95 -8.28
C9 LMT G . 38.91 -5.94 -7.13
C10 LMT G . 37.97 -5.39 -6.07
C11 LMT G . 37.39 -6.49 -5.20
C12 LMT G . 36.38 -5.93 -4.23
C1B LMT H . 1.52 -8.15 -27.19
C2B LMT H . 0.06 -8.31 -27.64
C3B LMT H . -0.08 -8.90 -29.04
C4B LMT H . 0.87 -8.25 -30.03
C5B LMT H . 2.29 -8.30 -29.48
C6B LMT H . 3.32 -7.71 -30.44
O1B LMT H . 2.06 -9.41 -26.79
O2B LMT H . -0.64 -9.14 -26.71
O3B LMT H . -1.43 -8.73 -29.49
O4' LMT H . 0.80 -8.93 -31.28
O5B LMT H . 2.32 -7.57 -28.24
O6B LMT H . 4.11 -8.76 -31.02
C1' LMT H . 4.82 -10.95 -24.05
C2' LMT H . 3.45 -10.58 -23.47
C3' LMT H . 2.43 -10.23 -24.54
C4' LMT H . 2.98 -9.37 -25.69
C5' LMT H . 4.35 -9.87 -26.13
C6' LMT H . 4.96 -8.94 -27.18
O1' LMT H . 5.80 -11.00 -23.01
O2' LMT H . 2.95 -11.67 -22.69
O3' LMT H . 1.34 -9.51 -23.94
O5' LMT H . 5.22 -9.96 -25.00
O6' LMT H . 6.39 -9.04 -27.18
C1 LMT H . 6.08 -12.31 -22.51
C2 LMT H . 7.11 -13.04 -23.39
C3 LMT H . 8.50 -13.09 -22.75
C4 LMT H . 8.59 -14.14 -21.64
C5 LMT H . 8.95 -15.53 -22.18
C6 LMT H . 10.45 -15.75 -22.28
C7 LMT H . 10.85 -17.15 -21.83
C8 LMT H . 12.14 -17.60 -22.49
C9 LMT H . 12.64 -18.92 -21.93
C10 LMT H . 14.16 -19.05 -22.10
C11 LMT H . 14.66 -20.42 -21.67
C12 LMT H . 16.10 -20.63 -22.07
C1B LMT I . 62.50 18.37 -35.18
C2B LMT I . 63.54 17.40 -35.76
C3B LMT I . 64.17 16.57 -34.66
C4B LMT I . 64.76 17.49 -33.61
C5B LMT I . 63.65 18.37 -33.05
C6B LMT I . 64.16 19.31 -31.95
O1B LMT I . 61.36 17.63 -34.71
O2B LMT I . 62.92 16.54 -36.74
O3B LMT I . 65.19 15.71 -35.21
O4' LMT I . 65.38 16.73 -32.57
O5B LMT I . 63.07 19.14 -34.12
O6B LMT I . 65.26 20.11 -32.41
C1' LMT I . 57.19 18.03 -34.94
C2' LMT I . 57.94 17.81 -36.26
C3' LMT I . 59.33 17.26 -36.00
C4' LMT I . 60.08 18.19 -35.05
C5' LMT I . 59.27 18.39 -33.76
C6' LMT I . 59.97 19.40 -32.85
O1' LMT I . 55.92 18.64 -35.23
O2' LMT I . 57.21 16.90 -37.09
O3' LMT I . 60.06 17.15 -37.24
O5' LMT I . 57.95 18.88 -34.08
O6' LMT I . 59.13 19.80 -31.77
C1 LMT I . 54.91 18.37 -34.26
C2 LMT I . 53.67 19.21 -34.57
C3 LMT I . 52.37 18.52 -34.16
C4 LMT I . 52.17 18.53 -32.65
C5 LMT I . 50.94 19.32 -32.22
C6 LMT I . 51.05 19.74 -30.76
C7 LMT I . 49.79 20.47 -30.27
C8 LMT I . 49.80 21.95 -30.67
C9 LMT I . 48.38 22.45 -30.94
C10 LMT I . 47.94 22.15 -32.37
C11 LMT I . 46.50 22.56 -32.62
C12 LMT I . 45.53 21.45 -32.23
C1 D12 J . 27.41 -1.67 -10.67
C2 D12 J . 26.59 -0.43 -10.42
C3 D12 J . 25.83 -0.51 -9.10
C4 D12 J . 25.56 0.87 -8.51
C5 D12 J . 24.34 0.87 -7.60
C6 D12 J . 24.36 2.06 -6.64
C7 D12 J . 23.01 2.29 -5.95
C8 D12 J . 22.95 3.69 -5.36
C9 D12 J . 21.93 3.81 -4.23
C10 D12 J . 22.13 5.11 -3.44
C11 D12 J . 23.01 4.88 -2.21
C12 D12 J . 23.38 6.17 -1.52
N1 DDQ K . 27.74 -18.41 -40.53
O1 DDQ K . 27.11 -19.42 -40.15
CM1 DDQ K . 28.57 -18.79 -41.69
CM2 DDQ K . 28.64 -17.96 -39.46
C1 DDQ K . 26.82 -17.33 -40.93
C2 DDQ K . 25.57 -17.25 -40.05
C3 DDQ K . 24.82 -15.92 -40.19
C4 DDQ K . 23.63 -15.88 -39.26
C5 DDQ K . 22.82 -14.59 -39.38
C6 DDQ K . 21.70 -14.55 -38.34
C7 DDQ K . 20.98 -13.20 -38.32
C8 DDQ K . 20.22 -12.99 -37.02
C9 DDQ K . 18.98 -12.13 -37.22
C10 DDQ K . 18.23 -11.93 -35.91
C1 GOL L . -6.61 35.74 15.39
O1 GOL L . -7.63 34.76 15.39
C2 GOL L . -6.82 36.76 14.28
O2 GOL L . -6.01 36.43 13.16
C3 GOL L . -6.53 38.18 14.73
O3 GOL L . -6.63 39.11 13.65
C1 GOL M . -14.77 18.20 -2.82
O1 GOL M . -15.48 18.90 -1.81
C2 GOL M . -13.32 18.66 -2.92
O2 GOL M . -12.63 17.90 -3.91
C3 GOL M . -13.19 20.14 -3.22
O3 GOL M . -13.09 20.93 -2.05
C1 GOL N . -20.66 32.43 -3.54
O1 GOL N . -21.77 32.43 -4.42
C2 GOL N . -20.48 31.10 -2.83
O2 GOL N . -21.60 30.86 -1.98
C3 GOL N . -20.31 29.94 -3.80
O3 GOL N . -19.20 30.13 -4.67
C1 HEX O . 51.42 14.63 -39.01
C2 HEX O . 50.58 13.39 -38.83
C3 HEX O . 49.28 13.43 -39.61
C4 HEX O . 48.42 12.20 -39.45
C5 HEX O . 47.02 12.35 -40.00
C6 HEX O . 46.40 11.07 -40.52
C1B LMT P . 11.92 -53.54 -47.51
C2B LMT P . 13.26 -53.92 -48.18
C3B LMT P . 13.94 -52.68 -48.75
C4B LMT P . 13.00 -51.98 -49.73
C5B LMT P . 11.62 -51.76 -49.13
C6B LMT P . 10.64 -51.30 -50.21
O1B LMT P . 12.11 -52.66 -46.40
O2B LMT P . 14.11 -54.58 -47.24
O3B LMT P . 15.15 -53.02 -49.41
O4' LMT P . 13.58 -50.72 -50.10
O5B LMT P . 11.09 -52.93 -48.50
O6B LMT P . 10.87 -49.93 -50.51
C1' LMT P . 10.03 -52.10 -42.78
C2' LMT P . 10.44 -53.53 -43.15
C3' LMT P . 11.56 -53.49 -44.18
C4' LMT P . 11.08 -52.72 -45.41
C5' LMT P . 10.66 -51.32 -44.97
C6' LMT P . 10.18 -50.49 -46.17
O1' LMT P . 8.96 -52.15 -41.84
O2' LMT P . 10.84 -54.25 -41.98
O3' LMT P . 11.95 -54.82 -44.53
O5' LMT P . 9.64 -51.40 -43.97
O6' LMT P . 9.13 -49.57 -45.80
C1 LMT P . 8.52 -50.87 -41.37
C2 LMT P . 7.88 -50.99 -39.99
C3 LMT P . 7.76 -49.65 -39.28
C4 LMT P . 6.65 -48.77 -39.88
C5 LMT P . 6.34 -47.56 -39.00
C6 LMT P . 4.86 -47.49 -38.60
C7 LMT P . 4.52 -48.53 -37.53
C8 LMT P . 3.11 -48.32 -36.95
C9 LMT P . 2.03 -48.93 -37.83
C10 LMT P . 1.78 -50.40 -37.51
C11 LMT P . 0.68 -50.98 -38.40
C12 LMT P . 1.25 -51.50 -39.71
C1B LMT Q . 2.10 -31.83 9.99
C2B LMT Q . 3.11 -30.74 10.36
C3B LMT Q . 4.40 -31.36 10.88
C4B LMT Q . 4.12 -32.34 12.01
C5B LMT Q . 3.05 -33.35 11.62
C6B LMT Q . 2.63 -34.20 12.82
O1B LMT Q . 2.56 -32.57 8.85
O2B LMT Q . 3.39 -29.92 9.23
O3B LMT Q . 5.27 -30.31 11.33
O4' LMT Q . 5.32 -33.02 12.36
O5B LMT Q . 1.88 -32.70 11.10
O6B LMT Q . 3.72 -35.00 13.27
C1' LMT Q . 2.26 -32.88 4.84
C2' LMT Q . 1.48 -31.69 5.40
C3' LMT Q . 1.85 -31.41 6.85
C4' LMT Q . 1.63 -32.63 7.75
C5' LMT Q . 1.80 -33.96 7.01
C6' LMT Q . 0.46 -34.58 6.61
O1' LMT Q . 1.45 -33.55 3.86
O2' LMT Q . 1.79 -30.52 4.62
O3' LMT Q . 1.05 -30.31 7.32
O5' LMT Q . 2.66 -33.82 5.86
O6' LMT Q . -0.06 -35.36 7.68
C1 LMT Q . 2.22 -34.31 2.92
C2 LMT Q . 2.63 -33.42 1.75
C3 LMT Q . 2.72 -34.19 0.43
C4 LMT Q . 3.95 -35.07 0.33
C5 LMT Q . 4.18 -35.50 -1.11
C6 LMT Q . 5.05 -36.75 -1.25
C7 LMT Q . 6.52 -36.48 -1.03
C8 LMT Q . 7.37 -37.39 -1.93
C9 LMT Q . 8.80 -37.50 -1.41
C10 LMT Q . 9.60 -38.53 -2.21
C11 LMT Q . 9.95 -39.75 -1.36
C12 LMT Q . 11.11 -39.46 -0.44
C1B LMT R . 6.23 -19.72 3.74
C2B LMT R . 5.26 -20.35 4.73
C3B LMT R . 3.80 -20.08 4.37
C4B LMT R . 3.68 -19.01 3.30
C5B LMT R . 4.50 -19.36 2.06
C6B LMT R . 4.68 -18.15 1.15
O1B LMT R . 7.53 -20.28 3.96
O2B LMT R . 5.49 -21.77 4.79
O3B LMT R . 3.08 -19.68 5.55
O4' LMT R . 2.30 -18.85 2.93
O5B LMT R . 5.78 -19.93 2.39
O6B LMT R . 5.44 -17.12 1.81
C1' LMT R . 11.31 -19.53 2.31
C2' LMT R . 10.23 -18.51 1.93
C3' LMT R . 8.95 -18.66 2.78
C4' LMT R . 8.53 -20.13 2.96
C5' LMT R . 9.74 -20.99 3.36
C6' LMT R . 9.33 -22.45 3.54
O1' LMT R . 12.33 -19.48 1.30
O2' LMT R . 10.73 -17.19 2.08
O3' LMT R . 7.93 -17.92 2.13
O5' LMT R . 10.76 -20.85 2.38
O6' LMT R . 10.46 -23.33 3.48
C1 LMT R . 13.55 -18.83 1.69
C2 LMT R . 14.51 -19.85 2.30
C3 LMT R . 15.21 -20.69 1.23
C4 LMT R . 14.25 -21.66 0.54
C5 LMT R . 14.96 -22.92 0.04
C6 LMT R . 15.71 -22.64 -1.27
C7 LMT R . 16.79 -23.69 -1.52
C8 LMT R . 16.64 -24.33 -2.89
C9 LMT R . 17.65 -25.46 -3.07
C10 LMT R . 17.32 -26.30 -4.30
C11 LMT R . 18.37 -27.39 -4.50
C12 LMT R . 19.48 -26.94 -5.42
C1 FUA S . 8.17 -36.02 5.07
C2 FUA S . 9.41 -35.19 5.42
C3 FUA S . 10.61 -36.05 5.75
C4 FUA S . 10.85 -37.20 4.77
C5 FUA S . 9.54 -38.01 4.59
C6 FUA S . 9.76 -39.33 3.84
C7 FUA S . 8.47 -40.01 3.38
C8 FUA S . 7.18 -39.48 4.01
C9 FUA S . 7.11 -37.95 3.69
C10 FUA S . 8.40 -37.10 4.00
C11 FUA S . 5.74 -37.31 4.10
C12 FUA S . 4.52 -38.08 3.57
C13 FUA S . 4.59 -39.58 3.93
C14 FUA S . 5.91 -40.17 3.36
C15 FUA S . 5.68 -41.66 3.69
C16 FUA S . 4.21 -41.90 3.39
C17 FUA S . 3.57 -40.52 3.31
C18 FUA S . 12.08 -38.03 5.17
C19 FUA S . 8.87 -36.39 2.71
C20 FUA S . 7.24 -39.77 5.54
C21 FUA S . 5.93 -40.08 1.81
C22 FUA S . 2.28 -40.31 2.86
C23 FUA S . 1.64 -38.94 2.80
C24 FUA S . 0.98 -38.56 4.12
C25 FUA S . -0.26 -37.73 3.95
C26 FUA S . -1.49 -38.13 3.68
C27 FUA S . -1.88 -39.59 3.55
C28 FUA S . -2.62 -37.18 3.47
C29 FUA S . 1.53 -41.36 2.44
C31 FUA S . 3.95 -44.04 2.34
C32 FUA S . 5.06 -44.74 3.05
O1 FUA S . 5.59 -37.20 5.51
O2 FUA S . 4.18 -42.72 2.19
O3 FUA S . 2.96 -44.57 1.92
O4 FUA S . 0.88 -41.24 1.41
O5 FUA S . 1.46 -42.37 3.15
O6 FUA S . 10.43 -36.53 7.09
C1 PTY T . 40.11 -29.12 -2.21
C2 PTY T . 41.37 -33.42 -2.31
C3 PTY T . 41.66 -34.04 -0.96
O4 PTY T . 40.25 -28.90 -3.63
C5 PTY T . 41.77 -29.47 -0.33
C6 PTY T . 41.37 -28.61 -1.53
O7 PTY T . 41.15 -27.23 -1.12
C8 PTY T . 41.48 -26.26 -1.97
O10 PTY T . 42.59 -25.78 -2.01
C11 PTY T . 40.36 -25.82 -2.89
C12 PTY T . 39.91 -24.41 -2.64
C13 PTY T . 38.64 -24.06 -3.41
C14 PTY T . 37.36 -24.40 -2.66
C15 PTY T . 36.95 -23.39 -1.62
C16 PTY T . 35.72 -22.58 -1.95
C17 PTY T . 34.45 -23.06 -1.31
C18 PTY T . 33.28 -22.13 -1.45
C19 PTY T . 32.00 -22.62 -0.81
C20 PTY T . 31.05 -21.53 -0.40
C21 PTY T . 29.63 -22.00 -0.17
C22 PTY T . 28.72 -21.85 -1.37
C23 PTY T . 27.25 -21.94 -1.06
C24 PTY T . 26.34 -21.75 -2.24
C25 PTY T . 26.27 -20.34 -2.76
C26 PTY T . 24.89 -19.87 -3.15
C27 PTY T . 24.80 -18.41 -3.55
C28 PTY T . 23.43 -17.97 -4.01
C29 PTY T . 23.35 -16.50 -4.33
C30 PTY T . 39.64 -29.77 -4.42
C31 PTY T . 38.34 -29.22 -4.96
O30 PTY T . 40.08 -30.86 -4.67
C32 PTY T . 37.17 -29.43 -4.04
C33 PTY T . 36.49 -28.14 -3.62
C34 PTY T . 35.66 -28.27 -2.37
C35 PTY T . 34.66 -27.15 -2.15
C36 PTY T . 33.86 -27.32 -0.87
C37 PTY T . 32.56 -26.55 -0.82
C38 PTY T . 31.57 -27.11 0.17
C39 PTY T . 30.35 -26.25 0.40
C40 PTY T . 29.11 -27.03 0.78
C41 PTY T . 28.25 -27.44 -0.39
C42 PTY T . 27.26 -26.39 -0.86
C43 PTY T . 26.40 -26.79 -2.03
C44 PTY T . 26.98 -26.38 -3.37
P1 PTY T . 42.73 -31.89 0.19
O11 PTY T . 41.59 -33.02 0.09
O12 PTY T . 42.70 -31.33 1.59
O13 PTY T . 44.01 -32.46 -0.36
O14 PTY T . 42.22 -30.77 -0.83
N1 PTY T . 40.72 -34.35 -3.23
C1 D12 U . 23.78 -20.41 -44.28
C2 D12 U . 22.87 -19.27 -43.82
C3 D12 U . 22.37 -19.52 -42.40
C4 D12 U . 21.42 -18.41 -41.94
C5 D12 U . 20.33 -18.94 -41.00
C6 D12 U . 19.93 -17.91 -39.94
C7 D12 U . 18.77 -18.41 -39.08
C8 D12 U . 18.54 -17.48 -37.88
C9 D12 U . 17.17 -17.67 -37.26
C10 D12 U . 16.84 -16.55 -36.26
C11 D12 U . 15.39 -16.60 -35.81
C12 D12 U . 14.99 -15.36 -35.04
O21 DDR V . -1.73 -25.98 -25.24
C21 DDR V . -0.58 -26.36 -25.13
C22 DDR V . -0.11 -27.54 -25.95
C23 DDR V . 0.10 -27.14 -27.40
C24 DDR V . 0.17 -28.34 -28.33
C25 DDR V . 1.57 -28.60 -28.86
C26 DDR V . 1.99 -27.56 -29.91
C27 DDR V . 2.36 -28.21 -31.25
C28 DDR V . 1.11 -28.50 -32.08
C29 DDR V . 1.42 -29.47 -33.22
C30 DDR V . 2.36 -28.87 -34.24
O52 DDR V . 0.34 -25.68 -24.22
C52 DDR V . 0.14 -24.27 -24.11
C53 DDR V . -0.85 -23.96 -23.00
O53 DDR V . -1.66 -22.84 -23.36
C51 DDR V . 1.49 -23.59 -23.84
O51 DDR V . 2.06 -23.14 -25.06
C1 DDR V . 3.47 -22.79 -25.14
O1 DDR V . 4.03 -22.30 -24.17
C2 DDR V . 4.23 -23.05 -26.42
C3 DDR V . 4.62 -24.52 -26.50
C4 DDR V . 5.12 -24.89 -27.90
C5 DDR V . 5.64 -26.32 -27.93
C6 DDR V . 5.96 -26.77 -29.36
C7 DDR V . 7.45 -26.73 -29.66
C8 DDR V . 8.16 -28.02 -29.29
C9 DDR V . 9.49 -28.12 -30.02
C10 DDR V . 10.30 -29.31 -29.54
N1 DDQ W . 29.53 -28.78 -26.54
O1 DDQ W . 30.00 -28.84 -27.70
CM1 DDQ W . 29.99 -27.51 -25.95
CM2 DDQ W . 30.07 -29.92 -25.77
C1 DDQ W . 28.05 -28.84 -26.64
C2 DDQ W . 27.30 -28.56 -25.34
C3 DDQ W . 26.76 -27.13 -25.24
C4 DDQ W . 25.24 -27.09 -25.05
C5 DDQ W . 24.71 -25.68 -25.19
C6 DDQ W . 23.20 -25.61 -25.06
C7 DDQ W . 22.63 -24.31 -25.64
C8 DDQ W . 22.93 -23.09 -24.76
C9 DDQ W . 22.15 -21.86 -25.23
C10 DDQ W . 22.32 -20.69 -24.29
N1 DDQ X . 1.56 -11.57 -15.42
O1 DDQ X . 1.92 -10.53 -16.02
CM1 DDQ X . 1.32 -12.64 -16.40
CM2 DDQ X . 0.32 -11.30 -14.68
C1 DDQ X . 2.61 -11.97 -14.44
C2 DDQ X . 3.97 -12.28 -15.08
C3 DDQ X . 5.06 -12.33 -14.02
C4 DDQ X . 6.08 -13.43 -14.29
C5 DDQ X . 5.55 -14.83 -13.94
C6 DDQ X . 6.61 -15.70 -13.26
C7 DDQ X . 7.66 -16.21 -14.26
C8 DDQ X . 8.67 -17.12 -13.55
C9 DDQ X . 9.49 -17.94 -14.55
C10 DDQ X . 10.12 -19.14 -13.88
C1 OCT Y . 35.99 -28.31 -13.73
C2 OCT Y . 35.59 -27.80 -12.37
C3 OCT Y . 34.12 -27.96 -12.08
C4 OCT Y . 33.68 -27.47 -10.71
C5 OCT Y . 32.18 -27.58 -10.47
C6 OCT Y . 31.73 -27.21 -9.09
C7 OCT Y . 30.24 -27.36 -8.86
C8 OCT Y . 29.77 -27.01 -7.47
C1 OCT Z . 8.93 -56.03 -40.08
C2 OCT Z . 9.22 -55.00 -39.01
C3 OCT Z . 10.19 -55.47 -37.96
C4 OCT Z . 10.50 -54.46 -36.88
C5 OCT Z . 10.95 -55.05 -35.56
C6 OCT Z . 11.58 -54.07 -34.60
C7 OCT Z . 11.14 -54.22 -33.16
C8 OCT Z . 11.74 -53.20 -32.22
CL CL AA . 24.23 -57.43 -8.09
S SO4 BA . -27.04 2.43 18.90
O1 SO4 BA . -27.28 1.27 19.73
O2 SO4 BA . -27.42 2.13 17.55
O3 SO4 BA . -27.82 3.52 19.39
O4 SO4 BA . -25.64 2.76 18.95
S SO4 CA . -34.86 5.27 -15.41
O1 SO4 CA . -35.34 3.98 -15.84
O2 SO4 CA . -33.42 5.27 -15.42
O3 SO4 CA . -35.36 6.28 -16.29
O4 SO4 CA . -35.34 5.52 -14.07
C1 GOL DA . -12.87 1.07 -14.22
O1 GOL DA . -14.27 1.09 -13.98
C2 GOL DA . -12.49 1.87 -15.45
O2 GOL DA . -11.19 1.47 -15.91
C3 GOL DA . -13.50 1.73 -16.57
O3 GOL DA . -14.67 2.47 -16.31
C1 D10 EA . 17.03 -21.74 -40.96
C2 D10 EA . 17.53 -21.95 -42.37
C3 D10 EA . 18.41 -23.18 -42.53
C4 D10 EA . 19.66 -22.96 -43.35
C5 D10 EA . 20.56 -24.17 -43.42
C6 D10 EA . 21.97 -23.88 -43.86
C7 D10 EA . 22.79 -25.12 -44.16
C8 D10 EA . 24.27 -24.86 -44.33
C9 D10 EA . 24.66 -24.31 -45.68
C10 D10 EA . 25.31 -25.31 -46.61
C1B LMT FA . 53.96 -42.50 29.28
C2B LMT FA . 55.23 -42.99 28.61
C3B LMT FA . 54.89 -43.78 27.35
C4B LMT FA . 53.95 -44.93 27.70
C5B LMT FA . 52.74 -44.44 28.49
C6B LMT FA . 51.93 -45.62 29.01
O1B LMT FA . 53.27 -41.59 28.41
O2B LMT FA . 56.07 -41.88 28.29
O3B LMT FA . 56.09 -44.31 26.74
O4' LMT FA . 53.53 -45.55 26.48
O5B LMT FA . 53.13 -43.63 29.61
O6B LMT FA . 51.36 -46.33 27.91
C1' LMT FA . 51.15 -37.99 28.94
C2' LMT FA . 52.63 -37.99 29.28
C3' LMT FA . 53.35 -39.19 28.66
C4' LMT FA . 52.64 -40.48 29.05
C5' LMT FA . 51.17 -40.40 28.65
C6' LMT FA . 50.43 -41.67 29.05
O1' LMT FA . 50.50 -36.96 29.69
O2' LMT FA . 53.25 -36.78 28.85
O3' LMT FA . 54.72 -39.23 29.07
O5' LMT FA . 50.56 -39.25 29.27
O6' LMT FA . 49.06 -41.41 29.35
C1 LMT FA . 49.85 -35.91 28.97
C2 LMT FA . 48.38 -35.84 29.37
C3 LMT FA . 47.84 -34.41 29.44
C4 LMT FA . 46.33 -34.38 29.27
C5 LMT FA . 45.66 -33.28 30.09
C6 LMT FA . 44.13 -33.40 30.03
C7 LMT FA . 43.59 -34.49 30.96
C8 LMT FA . 42.50 -33.97 31.89
C9 LMT FA . 41.13 -33.91 31.20
C10 LMT FA . 40.12 -34.85 31.87
C11 LMT FA . 39.60 -34.30 33.19
C12 LMT FA . 38.25 -34.89 33.54
C1B LMT GA . 11.22 -23.93 16.70
C2B LMT GA . 10.50 -25.27 16.94
C3B LMT GA . 9.02 -25.07 17.25
C4B LMT GA . 8.90 -24.14 18.43
C5B LMT GA . 9.54 -22.80 18.10
C6B LMT GA . 9.48 -21.89 19.32
O1B LMT GA . 10.92 -23.43 15.38
O2B LMT GA . 10.64 -26.11 15.79
O3B LMT GA . 8.41 -26.33 17.55
O4' LMT GA . 7.52 -23.96 18.77
O5B LMT GA . 10.91 -22.95 17.70
O6B LMT GA . 8.30 -21.08 19.29
C1' LMT GA . 13.16 -22.94 11.83
C2' LMT GA . 13.50 -24.15 12.70
C3' LMT GA . 12.43 -24.44 13.75
C4' LMT GA . 12.07 -23.18 14.55
C5' LMT GA . 11.78 -21.99 13.61
C6' LMT GA . 11.65 -20.70 14.42
O1' LMT GA . 14.28 -22.58 11.02
O2' LMT GA . 13.68 -25.32 11.90
O3' LMT GA . 12.92 -25.45 14.63
O5' LMT GA . 12.83 -21.81 12.65
O6' LMT GA . 10.65 -19.85 13.83
C1 LMT GA . 14.38 -23.22 9.73
C2 LMT GA . 15.73 -23.92 9.60
C3 LMT GA . 16.73 -23.12 8.77
C4 LMT GA . 17.97 -23.95 8.45
C5 LMT GA . 18.90 -23.24 7.46
C6 LMT GA . 20.00 -24.18 6.96
C7 LMT GA . 20.89 -23.49 5.93
C8 LMT GA . 21.98 -24.44 5.43
C9 LMT GA . 22.85 -23.79 4.35
C10 LMT GA . 24.20 -24.49 4.22
C11 LMT GA . 25.09 -23.85 3.15
C12 LMT GA . 26.47 -23.55 3.67
C1B LMT HA . 66.66 -13.53 30.49
C2B LMT HA . 67.15 -14.87 31.03
C3B LMT HA . 68.48 -15.33 30.43
C4B LMT HA . 68.83 -14.56 29.16
C5B LMT HA . 68.81 -13.06 29.38
C6B LMT HA . 68.71 -12.34 28.04
O1B LMT HA . 65.74 -12.93 31.42
O2B LMT HA . 67.30 -14.80 32.46
O3B LMT HA . 68.42 -16.73 30.13
O4' LMT HA . 70.15 -14.94 28.72
O5B LMT HA . 67.75 -12.62 30.26
O6B LMT HA . 69.45 -11.12 28.07
C1' LMT HA . 61.68 -13.49 32.54
C2' LMT HA . 62.67 -14.60 32.86
C3' LMT HA . 64.12 -14.12 32.80
C4' LMT HA . 64.40 -13.44 31.46
C5' LMT HA . 63.38 -12.30 31.31
C6' LMT HA . 63.56 -11.53 30.01
O1' LMT HA . 60.38 -14.08 32.41
O2' LMT HA . 62.42 -15.13 34.16
O3' LMT HA . 64.98 -15.25 33.00
O5' LMT HA . 62.05 -12.82 31.33
O6' LMT HA . 64.85 -10.90 29.96
C1 LMT HA . 59.29 -13.16 32.37
C2 LMT HA . 58.01 -13.83 32.88
C3 LMT HA . 57.25 -14.57 31.77
C4 LMT HA . 56.37 -13.65 30.93
C5 LMT HA . 55.10 -14.32 30.43
C6 LMT HA . 55.36 -15.40 29.38
C7 LMT HA . 54.22 -15.53 28.38
C8 LMT HA . 54.05 -16.96 27.87
C9 LMT HA . 52.91 -17.06 26.84
C10 LMT HA . 52.36 -18.48 26.72
C11 LMT HA . 53.11 -19.29 25.65
C12 LMT HA . 52.79 -20.77 25.77
C1 PTY IA . 35.02 -44.29 2.57
C2 PTY IA . 41.04 -43.35 2.38
C3 PTY IA . 40.11 -42.20 2.65
O4 PTY IA . 33.84 -43.90 1.83
C5 PTY IA . 36.20 -43.68 4.71
C6 PTY IA . 34.87 -43.88 4.02
O7 PTY IA . 34.12 -44.91 4.74
C8 PTY IA . 33.38 -44.54 5.80
O10 PTY IA . 33.88 -44.24 6.85
C11 PTY IA . 31.90 -44.57 5.53
C12 PTY IA . 31.09 -43.88 6.58
C13 PTY IA . 29.67 -43.54 6.12
C14 PTY IA . 29.39 -42.05 6.03
C15 PTY IA . 27.95 -41.66 6.26
C16 PTY IA . 27.71 -40.17 6.36
C17 PTY IA . 26.29 -39.77 6.69
C18 PTY IA . 26.12 -38.32 7.04
C19 PTY IA . 24.75 -37.98 7.57
C20 PTY IA . 24.36 -36.53 7.40
C21 PTY IA . 23.36 -36.02 8.41
C22 PTY IA . 22.02 -36.72 8.37
C23 PTY IA . 20.82 -35.80 8.49
C24 PTY IA . 20.27 -35.66 9.89
C25 PTY IA . 19.10 -34.69 10.00
C26 PTY IA . 18.74 -34.27 11.40
C27 PTY IA . 18.09 -32.90 11.49
C28 PTY IA . 17.60 -32.52 12.86
C29 PTY IA . 17.53 -31.02 13.09
C30 PTY IA . 33.91 -43.95 0.49
C31 PTY IA . 32.85 -43.10 -0.16
O30 PTY IA . 34.74 -44.58 -0.10
C32 PTY IA . 31.76 -43.90 -0.80
C33 PTY IA . 30.45 -43.14 -0.91
C34 PTY IA . 29.71 -42.97 0.40
C35 PTY IA . 28.47 -43.83 0.55
C36 PTY IA . 27.68 -43.58 1.81
C37 PTY IA . 26.89 -42.29 1.82
C38 PTY IA . 25.44 -42.45 2.22
C39 PTY IA . 24.75 -41.16 2.61
C40 PTY IA . 23.26 -41.26 2.75
C41 PTY IA . 22.68 -40.45 3.89
C42 PTY IA . 21.22 -40.14 3.76
C43 PTY IA . 20.65 -39.35 4.92
C44 PTY IA . 19.54 -38.39 4.54
P1 PTY IA . 38.26 -42.03 4.55
O11 PTY IA . 38.85 -42.69 3.20
O12 PTY IA . 38.78 -42.81 5.72
O13 PTY IA . 38.45 -40.54 4.47
O14 PTY IA . 36.68 -42.34 4.44
N1 PTY IA . 42.31 -42.91 1.82
C1 D12 JA . 53.20 -25.13 25.82
C2 D12 JA . 53.08 -26.58 25.41
C3 D12 JA . 52.54 -27.46 26.52
C4 D12 JA . 53.55 -28.49 27.03
C5 D12 JA . 52.85 -29.78 27.48
C6 D12 JA . 53.69 -30.56 28.49
C7 D12 JA . 53.21 -32.01 28.59
C8 D12 JA . 53.42 -32.61 29.98
C9 D12 JA . 54.76 -33.35 30.10
C10 D12 JA . 55.01 -33.83 31.53
C11 D12 JA . 54.32 -35.16 31.81
C12 D12 JA . 55.26 -36.36 31.70
C01 C14 KA . 47.07 2.20 2.41
C02 C14 KA . 48.09 2.27 1.31
C03 C14 KA . 49.09 1.13 1.30
C04 C14 KA . 50.42 1.48 0.64
C05 C14 KA . 51.18 0.28 0.12
C06 C14 KA . 52.67 0.51 -0.01
C07 C14 KA . 53.45 -0.67 -0.55
C08 C14 KA . 54.80 -0.88 0.12
C09 C14 KA . 55.60 -2.03 -0.45
C10 C14 KA . 56.94 -2.21 0.24
C11 C14 KA . 57.79 -3.31 -0.35
C12 C14 KA . 59.16 -3.44 0.28
C13 C14 KA . 60.27 -3.81 -0.67
C14 C14 KA . 61.65 -3.74 -0.07
N1 DDQ LA . 17.30 -8.37 7.75
O1 DDQ LA . 17.88 -7.34 7.35
CM1 DDQ LA . 15.96 -8.46 7.14
CM2 DDQ LA . 17.12 -8.28 9.21
C1 DDQ LA . 18.10 -9.57 7.42
C2 DDQ LA . 18.70 -9.53 6.01
C3 DDQ LA . 19.06 -10.94 5.55
C4 DDQ LA . 20.28 -10.95 4.62
C5 DDQ LA . 21.61 -10.95 5.37
C6 DDQ LA . 21.90 -12.27 6.11
C7 DDQ LA . 23.18 -12.93 5.61
C8 DDQ LA . 23.62 -14.08 6.51
C9 DDQ LA . 23.87 -15.38 5.74
C10 DDQ LA . 25.22 -15.36 5.05
N1 DDQ MA . 44.45 -17.03 -11.74
O1 DDQ MA . 45.50 -16.79 -11.11
CM1 DDQ MA . 43.66 -18.04 -11.02
CM2 DDQ MA . 44.82 -17.57 -13.06
C1 DDQ MA . 43.69 -15.78 -11.94
C2 DDQ MA . 43.31 -15.08 -10.63
C3 DDQ MA . 42.76 -13.69 -10.89
C4 DDQ MA . 42.56 -12.90 -9.60
C5 DDQ MA . 41.10 -12.86 -9.16
C6 DDQ MA . 40.97 -12.30 -7.74
C7 DDQ MA . 39.71 -11.45 -7.57
C8 DDQ MA . 39.34 -11.34 -6.10
C9 DDQ MA . 38.40 -10.17 -5.85
C10 DDQ MA . 37.66 -10.34 -4.54
N1 DDQ NA . 13.51 -15.44 7.78
O1 DDQ NA . 12.71 -14.70 7.19
CM1 DDQ NA . 13.56 -16.75 7.11
CM2 DDQ NA . 13.02 -15.64 9.15
C1 DDQ NA . 14.85 -14.82 7.83
C2 DDQ NA . 15.25 -14.14 6.51
C3 DDQ NA . 16.76 -14.07 6.35
C4 DDQ NA . 17.33 -15.36 5.73
C5 DDQ NA . 18.78 -15.20 5.30
C6 DDQ NA . 18.91 -14.98 3.80
C7 DDQ NA . 20.37 -14.84 3.36
C8 DDQ NA . 20.49 -14.37 1.91
C9 DDQ NA . 21.78 -13.59 1.68
C10 DDQ NA . 22.24 -13.68 0.24
C1 OCT OA . 26.16 -27.76 21.46
C2 OCT OA . 25.63 -27.72 22.87
C3 OCT OA . 24.71 -28.86 23.22
C4 OCT OA . 24.92 -29.46 24.60
C5 OCT OA . 23.77 -30.31 25.09
C6 OCT OA . 24.18 -31.52 25.89
C7 OCT OA . 23.09 -32.55 26.08
C8 OCT OA . 21.89 -32.07 26.89
CL CL PA . -18.42 -12.01 34.05
CL CL QA . -22.54 46.84 -7.12
CL CL RA . -14.15 37.84 -1.39
CL CL SA . 4.11 -2.24 36.98
C1 GOL TA . -14.77 16.42 30.59
O1 GOL TA . -16.09 16.02 30.94
C2 GOL TA . -13.76 15.99 31.62
O2 GOL TA . -12.48 15.88 31.00
C3 GOL TA . -13.66 16.92 32.81
O3 GOL TA . -14.80 17.76 32.91
OH2 ETE UA . 33.35 -14.63 40.33
C12 ETE UA . 32.33 -14.43 41.29
C22 ETE UA . 31.18 -13.63 40.76
OH3 ETE UA . 30.01 -14.44 40.66
C13 ETE UA . 28.32 -15.61 41.87
C23 ETE UA . 29.21 -14.40 41.84
OH4 ETE UA . 29.11 -16.80 41.90
C14 ETE UA . 27.49 -18.56 41.98
C24 ETE UA . 28.57 -17.83 42.72
OH5 ETE UA . 27.98 -19.82 41.51
C15 ETE UA . 27.44 -22.01 40.75
C25 ETE UA . 27.02 -20.87 41.61
OH6 ETE UA . 28.43 -22.80 41.41
C26 ETE UA . 29.76 -22.53 41.02
C1 HEX VA . 31.85 4.97 14.33
C2 HEX VA . 32.33 3.66 14.90
C3 HEX VA . 33.41 2.99 14.11
C4 HEX VA . 34.39 2.16 14.92
C5 HEX VA . 35.55 1.60 14.14
C6 HEX VA . 36.79 1.31 14.98
C1 GOL WA . -7.03 49.26 -2.30
O1 GOL WA . -5.78 49.21 -1.63
C2 GOL WA . -8.11 49.88 -1.43
O2 GOL WA . -8.40 49.02 -0.34
C3 GOL WA . -9.37 50.19 -2.21
O3 GOL WA . -10.51 50.25 -1.34
#